data_7Q9P
#
_entry.id   7Q9P
#
_cell.length_a   1.00
_cell.length_b   1.00
_cell.length_c   1.00
_cell.angle_alpha   90.00
_cell.angle_beta   90.00
_cell.angle_gamma   90.00
#
_symmetry.space_group_name_H-M   'P 1'
#
loop_
_entity.id
_entity.type
_entity.pdbx_description
1 polymer 'Spike glycoprotein'
2 polymer 'Beta-06 heavy chain'
3 polymer 'Beta-06 light chain'
4 branched 2-acetamido-2-deoxy-beta-D-glucopyranose-(1-4)-2-acetamido-2-deoxy-beta-D-glucopyranose
5 non-polymer 2-acetamido-2-deoxy-beta-D-glucopyranose
#
loop_
_entity_poly.entity_id
_entity_poly.type
_entity_poly.pdbx_seq_one_letter_code
_entity_poly.pdbx_strand_id
1 'polypeptide(L)'
;MFVFLVLLPLVSSQCVNFTTRTQLPPAYTNSFTRGVYYPDKVFRSSVLHSTQDLFLPFFSNVTWFHAIHVSGTNGTKRFA
NPVLPFNDGVYFASTEKSNIIRGWIFGTTLDSKTQSLLIVNNATNVVIKVCEFQFCNDPFLGVYYHKNNKSWMESEFRVY
SSANNCTFEYVSQPFLMDLEGKQGNFKNLREFVFKNIDGYFKIYSKHTPINLVRGLPQGFSALEPLVDLPIGINITRFQT
LHISYLTPGDSSSGWTAGAAAYYVGYLQPRTFLLKYNENGTITDAVDCALDPLSETKCTLKSFTVEKGIYQTSNFRVQPT
ESIVRFPNITNLCPFGEVFNATRFASVYAWNRKRISNCVADYSVLYNSASFSTFKCYGVSPTKLNDLCFTNVYADSFVIR
GDEVRQIAPGQTGNIADYNYKLPDDFTGCVIAWNSNNLDSKVGGNYNYLYRLFRKSNLKPFERDISTEIYQAGSTPCNGV
KGFNCYFPLQSYGFQPTYGVGYQPYRVVVLSFELLHAPATVCGPKKSTNLVKNKCVNFNFNGLTGTGVLTESNKKFLPFQ
QFGRDIADTTDAVRDPQTLEILDITPCSFGGVSVITPGTNTSNQVAVLYQGVNCTEVPVAIHADQLTPTWRVYSTGSNVF
QTRAGCLIGAEHVNNSYECDIPIGAGICASYQTQTNSPGSASSVASQSIIAYTMSLGVENSVAYSNNSIAIPTNFTISVT
TEILPVSMTKTSVDCTMYICGDSTECSNLLLQYGSFCTQLNRALTGIAVEQDKNTQEVFAQVKQIYKTPPIKDFGGFNFS
QILPDPSKPSKRSFIEDLLFNKVTLADAGFIKQYGDCLGDIAARDLICAQKFNGLTVLPPLLTDEMIAQYTSALLAGTIT
SGWTFGAGAALQIPFAMQMAYRFNGIGVTQNVLYENQKLIANQFNSAIGKIQDSLSSTASALGKLQDVVNQNAQALNTLV
KQLSSNFGAISSVLNDILSRLDPPEAEVQIDRLITGRLQSLQTYVTQQLIRAAEIRASANLAATKMSECVLGQSKRVDFC
GKGYHLMSFPQSAPHGVVFLHVTYVPAQEKNFTTAPAICHDGKAHFPREGVFVSNGTHWFVTQRNFYEPQIITTDNTFVS
GNCDVVIGIVNNTVYDPLQPELDSFKEELDKYFKNHTSPDVDLGDISGINASVVNIQKEIDRLNEVAKNLNESLIDLQEL
GKYEQGSGYIPEAPRDGQAYVRKDGEWVLLSTFLGRSLEVLFQGPGHHHHHHHHGSAWSHPQFEKGGGSGGGSGGSAWSH
PQFEK
;
B,C,A
2 'polypeptide(L)'
;EVQLVESGPGLVKPSETLSLTCTVSGGSISSSSHYWGWIRQPPGKGLEWIGSIYYSESAYYNPSLKSRVTMSIDTSKNQF
SLKLNSVTAADTAVYYCARVTEPRWTSCYFDYWGQGTLVTVSSASTKGPSVFPLAPSSKSTSGGTAALGCLVKDYFPEPV
TVSWNSGALTSGVHTFPAVLQSSGLYSLSSVVTVPSSSLGTQTYICNVNHKPSNTKVDKKVEPKSCDK
;
H,E,J
3 'polypeptide(L)'
;EIVMTQSPATLSLSPGERATLSCRTSQSVTSYLAWYQQRPGQAPRLLIYDASDRATGIPARFSGSGSGTDFTLTISNLEP
EDFAVYYCQLRSNWPPITFGQGTRLETKRTVAAPSVFIFPPSDEQLKSGTASVVCLLNNFYPREAKVQWKVDNALQSGNS
QESVTEQDSKDSTYSLSSTLTLSKADYEKHKVYACEVTHQGLSSPVTKSFNRGEC
;
L,F,K
#
# COMPACT_ATOMS: atom_id res chain seq x y z
N SER A 13 7.36 -52.05 29.56
CA SER A 13 7.95 -53.29 30.06
C SER A 13 9.00 -52.99 31.13
N GLN A 14 9.62 -54.04 31.66
CA GLN A 14 10.64 -53.91 32.69
C GLN A 14 12.01 -53.82 32.02
N CYS A 15 12.77 -52.80 32.40
CA CYS A 15 14.09 -52.59 31.81
C CYS A 15 15.03 -53.73 32.17
N VAL A 16 15.91 -54.07 31.22
CA VAL A 16 16.96 -55.04 31.44
C VAL A 16 18.25 -54.29 31.79
N ASN A 17 18.84 -54.63 32.93
CA ASN A 17 20.00 -53.92 33.45
C ASN A 17 21.27 -54.67 33.06
N PHE A 18 22.23 -53.94 32.52
CA PHE A 18 23.53 -54.50 32.14
C PHE A 18 24.58 -53.91 33.06
N THR A 19 25.33 -54.77 33.74
CA THR A 19 26.35 -54.30 34.67
C THR A 19 27.43 -53.50 33.96
N THR A 20 27.85 -53.97 32.80
CA THR A 20 28.89 -53.32 32.02
C THR A 20 28.27 -52.57 30.85
N ARG A 21 28.56 -51.29 30.74
CA ARG A 21 28.07 -50.44 29.66
C ARG A 21 29.25 -49.78 28.96
N THR A 22 29.19 -49.73 27.64
CA THR A 22 30.28 -49.16 26.85
C THR A 22 29.70 -48.62 25.55
N GLN A 23 30.47 -47.75 24.91
CA GLN A 23 30.06 -47.16 23.64
C GLN A 23 31.30 -46.94 22.78
N LEU A 24 31.19 -47.30 21.51
CA LEU A 24 32.33 -47.16 20.61
C LEU A 24 32.61 -45.67 20.34
N PRO A 25 33.87 -45.31 20.11
CA PRO A 25 34.17 -43.92 19.83
C PRO A 25 33.53 -43.48 18.53
N PRO A 26 33.18 -42.19 18.40
CA PRO A 26 32.63 -41.70 17.14
C PRO A 26 33.67 -41.64 16.05
N ALA A 27 33.20 -41.62 14.81
CA ALA A 27 34.06 -41.43 13.66
C ALA A 27 33.44 -40.38 12.75
N TYR A 28 34.23 -39.87 11.80
CA TYR A 28 33.79 -38.79 10.93
C TYR A 28 33.99 -39.17 9.47
N THR A 29 33.17 -38.56 8.61
CA THR A 29 33.22 -38.85 7.19
C THR A 29 32.74 -37.61 6.42
N ASN A 30 33.04 -37.60 5.12
CA ASN A 30 32.60 -36.53 4.23
C ASN A 30 31.25 -36.90 3.64
N SER A 31 30.27 -36.01 3.79
CA SER A 31 28.90 -36.34 3.43
C SER A 31 28.71 -36.55 1.93
N PHE A 32 29.64 -36.08 1.10
CA PHE A 32 29.48 -36.13 -0.36
C PHE A 32 28.26 -35.28 -0.69
N THR A 33 27.26 -35.80 -1.40
CA THR A 33 26.13 -35.02 -1.91
C THR A 33 24.80 -35.69 -1.58
N ARG A 34 24.60 -36.06 -0.31
CA ARG A 34 23.37 -36.71 0.12
C ARG A 34 22.62 -35.86 1.14
N GLY A 35 21.38 -36.27 1.40
CA GLY A 35 20.51 -35.55 2.30
C GLY A 35 19.43 -34.72 1.64
N VAL A 36 19.26 -34.81 0.32
CA VAL A 36 18.27 -34.02 -0.39
C VAL A 36 16.93 -34.74 -0.34
N TYR A 37 15.88 -33.98 -0.03
CA TYR A 37 14.53 -34.51 0.08
C TYR A 37 13.57 -33.53 -0.59
N TYR A 38 12.42 -34.04 -0.98
CA TYR A 38 11.43 -33.20 -1.65
C TYR A 38 10.86 -32.19 -0.66
N PRO A 39 11.17 -30.90 -0.78
CA PRO A 39 10.68 -29.94 0.23
C PRO A 39 9.17 -29.86 0.29
N ASP A 40 8.50 -29.99 -0.85
CA ASP A 40 7.06 -29.79 -0.93
C ASP A 40 6.46 -30.91 -1.78
N LYS A 41 5.15 -31.05 -1.66
CA LYS A 41 4.40 -32.05 -2.42
C LYS A 41 3.99 -31.57 -3.80
N VAL A 42 4.64 -30.53 -4.31
CA VAL A 42 4.34 -30.03 -5.65
C VAL A 42 4.98 -30.94 -6.68
N PHE A 43 4.37 -31.00 -7.87
CA PHE A 43 4.94 -31.68 -9.01
C PHE A 43 5.49 -30.65 -9.98
N ARG A 44 6.79 -30.72 -10.24
CA ARG A 44 7.47 -29.83 -11.15
C ARG A 44 8.20 -30.66 -12.17
N SER A 45 8.09 -30.30 -13.45
CA SER A 45 8.63 -31.11 -14.53
C SER A 45 9.72 -30.33 -15.25
N SER A 46 10.87 -30.98 -15.42
CA SER A 46 11.98 -30.46 -16.24
C SER A 46 12.18 -28.97 -15.99
N VAL A 47 12.46 -28.65 -14.72
CA VAL A 47 12.59 -27.26 -14.30
C VAL A 47 13.56 -27.20 -13.13
N LEU A 48 14.22 -26.06 -12.99
CA LEU A 48 15.12 -25.80 -11.87
C LEU A 48 14.40 -24.89 -10.88
N HIS A 49 14.23 -25.37 -9.66
CA HIS A 49 13.55 -24.63 -8.61
C HIS A 49 14.53 -24.29 -7.51
N SER A 50 14.57 -23.03 -7.13
CA SER A 50 15.46 -22.54 -6.07
C SER A 50 14.63 -22.45 -4.80
N THR A 51 14.91 -23.33 -3.85
CA THR A 51 14.18 -23.40 -2.59
C THR A 51 15.13 -23.20 -1.42
N GLN A 52 14.71 -22.39 -0.45
CA GLN A 52 15.46 -22.15 0.77
C GLN A 52 14.79 -22.93 1.89
N ASP A 53 15.52 -23.86 2.49
CA ASP A 53 14.96 -24.71 3.54
C ASP A 53 16.10 -25.42 4.27
N LEU A 54 15.73 -26.26 5.23
CA LEU A 54 16.71 -26.97 6.05
C LEU A 54 17.23 -28.17 5.27
N PHE A 55 18.49 -28.10 4.83
CA PHE A 55 19.12 -29.13 4.04
C PHE A 55 20.44 -29.52 4.67
N LEU A 56 20.82 -30.77 4.48
CA LEU A 56 22.15 -31.22 4.90
C LEU A 56 23.16 -30.62 3.93
N PRO A 57 23.99 -29.67 4.36
CA PRO A 57 24.93 -29.05 3.41
C PRO A 57 25.85 -30.10 2.80
N PHE A 58 26.16 -29.90 1.53
CA PHE A 58 26.98 -30.86 0.80
C PHE A 58 28.38 -30.94 1.41
N PHE A 59 28.95 -32.14 1.35
CA PHE A 59 30.32 -32.37 1.82
C PHE A 59 30.45 -31.98 3.29
N SER A 60 29.38 -32.19 4.05
CA SER A 60 29.39 -31.88 5.47
C SER A 60 30.10 -32.98 6.24
N ASN A 61 30.50 -32.64 7.47
CA ASN A 61 31.18 -33.58 8.35
C ASN A 61 30.11 -34.43 9.04
N VAL A 62 29.95 -35.66 8.57
CA VAL A 62 28.91 -36.57 9.08
C VAL A 62 29.54 -37.47 10.13
N THR A 63 28.93 -37.51 11.31
CA THR A 63 29.44 -38.31 12.42
C THR A 63 28.78 -39.67 12.39
N TRP A 64 29.58 -40.73 12.27
CA TRP A 64 29.05 -42.07 12.12
C TRP A 64 29.66 -43.01 13.15
N PHE A 65 28.91 -44.07 13.43
CA PHE A 65 29.24 -45.04 14.44
C PHE A 65 28.82 -46.41 13.93
N HIS A 66 29.12 -47.44 14.71
CA HIS A 66 28.72 -48.80 14.38
C HIS A 66 27.62 -49.27 15.33
N LYS A 77 29.48 -57.77 27.46
CA LYS A 77 29.60 -56.32 27.42
C LYS A 77 28.45 -55.70 26.63
N ARG A 78 27.73 -54.78 27.25
CA ARG A 78 26.60 -54.12 26.62
C ARG A 78 27.09 -52.84 25.95
N PHE A 79 27.08 -52.82 24.63
CA PHE A 79 27.45 -51.64 23.86
C PHE A 79 26.16 -50.86 23.57
N ALA A 80 25.97 -49.77 24.28
CA ALA A 80 24.75 -48.98 24.20
C ALA A 80 24.96 -47.78 23.28
N ASN A 81 23.96 -47.51 22.44
CA ASN A 81 24.05 -46.39 21.52
C ASN A 81 24.00 -45.07 22.30
N PRO A 82 24.64 -44.02 21.78
CA PRO A 82 24.66 -42.75 22.51
C PRO A 82 23.55 -41.81 22.13
N VAL A 83 23.17 -40.97 23.09
CA VAL A 83 22.22 -39.90 22.81
C VAL A 83 22.92 -38.82 22.00
N LEU A 84 22.20 -38.26 21.03
CA LEU A 84 22.77 -37.29 20.11
C LEU A 84 21.92 -36.03 20.06
N PRO A 85 22.52 -34.88 19.77
CA PRO A 85 21.73 -33.66 19.59
C PRO A 85 20.84 -33.77 18.35
N PHE A 86 19.76 -33.00 18.38
CA PHE A 86 18.81 -32.94 17.27
C PHE A 86 18.90 -31.64 16.48
N ASN A 87 19.02 -30.50 17.16
CA ASN A 87 19.14 -29.20 16.51
C ASN A 87 17.89 -29.00 15.64
N ASP A 88 18.03 -28.70 14.35
CA ASP A 88 16.89 -28.40 13.50
C ASP A 88 16.35 -29.63 12.79
N GLY A 89 16.89 -30.81 13.07
CA GLY A 89 16.55 -32.00 12.31
C GLY A 89 17.80 -32.76 11.98
N VAL A 90 17.68 -34.01 11.55
CA VAL A 90 18.85 -34.85 11.32
C VAL A 90 18.62 -35.74 10.11
N TYR A 91 19.67 -35.90 9.31
CA TYR A 91 19.74 -36.87 8.23
C TYR A 91 20.46 -38.09 8.79
N PHE A 92 19.72 -39.18 8.98
CA PHE A 92 20.20 -40.40 9.62
C PHE A 92 20.23 -41.51 8.57
N ALA A 93 21.43 -42.00 8.26
CA ALA A 93 21.61 -43.07 7.28
C ALA A 93 22.09 -44.33 7.98
N SER A 94 21.72 -45.47 7.42
CA SER A 94 22.11 -46.76 7.97
C SER A 94 22.44 -47.73 6.85
N THR A 95 23.63 -48.31 6.90
CA THR A 95 24.05 -49.34 5.96
C THR A 95 24.11 -50.68 6.70
N GLU A 96 23.42 -51.67 6.17
CA GLU A 96 23.35 -52.97 6.82
C GLU A 96 22.75 -53.99 5.88
N LYS A 97 22.94 -55.27 6.20
CA LYS A 97 22.33 -56.34 5.42
C LYS A 97 20.92 -56.63 5.92
N SER A 98 20.80 -56.98 7.20
CA SER A 98 19.50 -57.16 7.84
C SER A 98 19.09 -55.86 8.52
N ASN A 99 17.80 -55.76 8.82
CA ASN A 99 17.26 -54.55 9.42
C ASN A 99 17.65 -54.45 10.89
N ILE A 100 18.94 -54.19 11.15
CA ILE A 100 19.42 -54.11 12.52
C ILE A 100 18.82 -52.89 13.23
N ILE A 101 18.87 -51.73 12.59
CA ILE A 101 18.32 -50.52 13.18
C ILE A 101 16.80 -50.60 13.13
N ARG A 102 16.15 -50.27 14.24
CA ARG A 102 14.71 -50.49 14.34
C ARG A 102 13.94 -49.23 14.72
N GLY A 103 14.50 -48.38 15.57
CA GLY A 103 13.72 -47.25 16.04
C GLY A 103 14.56 -46.12 16.58
N TRP A 104 13.86 -45.05 16.92
CA TRP A 104 14.45 -43.84 17.47
C TRP A 104 13.60 -43.34 18.63
N ILE A 105 14.20 -42.53 19.49
CA ILE A 105 13.52 -41.89 20.60
C ILE A 105 13.90 -40.41 20.58
N PHE A 106 12.90 -39.54 20.71
CA PHE A 106 13.10 -38.10 20.63
C PHE A 106 12.49 -37.44 21.85
N GLY A 107 13.06 -36.30 22.22
CA GLY A 107 12.53 -35.51 23.32
C GLY A 107 13.53 -34.47 23.77
N THR A 108 13.26 -33.88 24.93
CA THR A 108 14.15 -32.93 25.55
C THR A 108 14.85 -33.52 26.77
N THR A 109 14.08 -34.10 27.69
CA THR A 109 14.64 -34.78 28.85
C THR A 109 14.63 -36.28 28.71
N LEU A 110 13.86 -36.83 27.78
CA LEU A 110 13.77 -38.27 27.57
C LEU A 110 13.38 -38.99 28.86
N ASP A 111 12.47 -38.37 29.62
CA ASP A 111 11.99 -38.92 30.87
C ASP A 111 10.50 -38.62 30.99
N SER A 112 9.90 -39.09 32.09
CA SER A 112 8.48 -38.86 32.33
C SER A 112 8.18 -37.41 32.64
N LYS A 113 9.19 -36.58 32.90
CA LYS A 113 8.94 -35.17 33.19
C LYS A 113 8.35 -34.44 31.99
N THR A 114 8.85 -34.74 30.79
CA THR A 114 8.42 -34.06 29.58
C THR A 114 7.95 -35.09 28.55
N GLN A 115 7.08 -34.63 27.67
CA GLN A 115 6.58 -35.50 26.61
C GLN A 115 7.72 -35.93 25.71
N SER A 116 7.75 -37.22 25.40
CA SER A 116 8.78 -37.80 24.55
C SER A 116 8.13 -38.69 23.51
N LEU A 117 8.75 -38.74 22.34
CA LEU A 117 8.27 -39.53 21.22
C LEU A 117 9.14 -40.76 21.05
N LEU A 118 8.50 -41.84 20.61
CA LEU A 118 9.17 -43.11 20.34
C LEU A 118 8.67 -43.64 19.01
N ILE A 119 9.59 -43.87 18.08
CA ILE A 119 9.28 -44.47 16.79
C ILE A 119 10.00 -45.80 16.71
N VAL A 120 9.35 -46.80 16.12
CA VAL A 120 9.96 -48.11 15.95
C VAL A 120 9.27 -48.80 14.79
N ASN A 121 10.00 -49.67 14.10
CA ASN A 121 9.46 -50.51 13.04
C ASN A 121 9.78 -51.95 13.42
N ASN A 122 8.89 -52.56 14.20
CA ASN A 122 9.09 -53.92 14.66
C ASN A 122 8.78 -54.90 13.53
N ALA A 123 8.84 -56.20 13.86
CA ALA A 123 8.52 -57.22 12.87
C ALA A 123 7.08 -57.10 12.39
N THR A 124 6.16 -56.69 13.26
CA THR A 124 4.75 -56.63 12.91
C THR A 124 4.43 -55.37 12.11
N ASN A 125 4.66 -54.20 12.70
CA ASN A 125 4.24 -52.94 12.11
C ASN A 125 5.06 -51.81 12.69
N VAL A 126 4.74 -50.59 12.27
CA VAL A 126 5.43 -49.39 12.73
C VAL A 126 4.61 -48.76 13.86
N VAL A 127 5.28 -48.46 14.97
CA VAL A 127 4.66 -47.89 16.16
C VAL A 127 5.27 -46.52 16.42
N ILE A 128 4.41 -45.51 16.57
CA ILE A 128 4.82 -44.15 16.88
C ILE A 128 3.98 -43.67 18.04
N LYS A 129 4.61 -43.39 19.16
CA LYS A 129 3.89 -43.04 20.38
C LYS A 129 4.52 -41.83 21.03
N VAL A 130 3.71 -40.81 21.30
CA VAL A 130 4.13 -39.61 22.00
C VAL A 130 3.49 -39.65 23.37
N CYS A 131 4.31 -39.90 24.39
CA CYS A 131 3.83 -40.04 25.76
C CYS A 131 4.94 -39.63 26.70
N GLU A 132 4.60 -39.51 27.98
CA GLU A 132 5.59 -39.19 29.01
C GLU A 132 6.36 -40.47 29.37
N PHE A 133 7.12 -40.95 28.39
CA PHE A 133 7.84 -42.20 28.54
C PHE A 133 8.96 -42.07 29.56
N GLN A 134 9.31 -43.21 30.17
CA GLN A 134 10.48 -43.32 31.03
C GLN A 134 11.40 -44.34 30.36
N PHE A 135 12.26 -43.83 29.46
CA PHE A 135 13.11 -44.70 28.67
C PHE A 135 14.09 -45.47 29.56
N CYS A 136 14.36 -46.71 29.18
CA CYS A 136 15.34 -47.52 29.89
C CYS A 136 16.75 -47.00 29.61
N ASN A 137 17.65 -47.31 30.55
CA ASN A 137 19.05 -46.91 30.39
C ASN A 137 19.65 -47.56 29.15
N ASP A 138 19.37 -48.85 28.93
CA ASP A 138 19.86 -49.59 27.77
C ASP A 138 18.66 -50.24 27.10
N PRO A 139 17.94 -49.51 26.25
CA PRO A 139 16.80 -50.10 25.56
C PRO A 139 17.21 -51.37 24.82
N PHE A 140 16.41 -52.41 24.96
CA PHE A 140 16.77 -53.74 24.47
C PHE A 140 15.66 -54.30 23.60
N LEU A 141 16.03 -54.74 22.41
CA LEU A 141 15.15 -55.48 21.52
C LEU A 141 15.83 -56.80 21.20
N GLY A 142 15.27 -57.89 21.70
CA GLY A 142 15.89 -59.19 21.58
C GLY A 142 15.07 -60.19 20.80
N VAL A 143 15.71 -60.91 19.88
CA VAL A 143 15.06 -61.92 19.07
C VAL A 143 15.83 -63.23 19.24
N TYR A 144 15.14 -64.33 19.00
CA TYR A 144 15.73 -65.66 19.09
C TYR A 144 15.38 -66.43 17.82
N TYR A 145 16.29 -67.33 17.43
CA TYR A 145 16.10 -68.13 16.24
C TYR A 145 15.24 -69.34 16.59
N HIS A 146 14.09 -69.47 15.92
CA HIS A 146 13.20 -70.60 16.14
C HIS A 146 13.68 -71.74 15.25
N LYS A 147 14.43 -72.68 15.85
CA LYS A 147 15.02 -73.76 15.06
C LYS A 147 13.94 -74.62 14.42
N ASN A 148 12.87 -74.92 15.15
CA ASN A 148 11.79 -75.71 14.58
C ASN A 148 11.14 -75.00 13.39
N ASN A 149 10.90 -73.70 13.53
CA ASN A 149 10.33 -72.90 12.44
C ASN A 149 11.40 -72.35 11.50
N LYS A 150 12.68 -72.49 11.84
CA LYS A 150 13.76 -72.00 11.00
C LYS A 150 13.58 -70.53 10.64
N SER A 151 13.15 -69.74 11.64
CA SER A 151 12.91 -68.32 11.43
C SER A 151 13.10 -67.59 12.74
N TRP A 152 13.72 -66.41 12.68
CA TRP A 152 13.89 -65.59 13.86
C TRP A 152 12.54 -64.99 14.27
N MET A 153 12.33 -64.89 15.57
CA MET A 153 11.10 -64.35 16.12
C MET A 153 11.44 -63.46 17.31
N GLU A 154 11.07 -62.19 17.23
CA GLU A 154 11.35 -61.26 18.33
C GLU A 154 10.56 -61.67 19.57
N SER A 155 11.24 -61.64 20.71
CA SER A 155 10.61 -62.06 21.97
C SER A 155 10.97 -61.18 23.16
N GLU A 156 11.73 -60.11 22.98
CA GLU A 156 12.12 -59.25 24.10
C GLU A 156 12.01 -57.79 23.67
N PHE A 157 11.28 -57.00 24.45
CA PHE A 157 11.12 -55.58 24.20
C PHE A 157 11.13 -54.86 25.55
N ARG A 158 12.28 -54.27 25.91
CA ARG A 158 12.44 -53.56 27.17
C ARG A 158 13.10 -52.22 26.86
N VAL A 159 12.29 -51.23 26.52
CA VAL A 159 12.77 -49.93 26.08
C VAL A 159 12.46 -48.84 27.10
N TYR A 160 11.22 -48.81 27.58
CA TYR A 160 10.78 -47.82 28.55
C TYR A 160 10.21 -48.51 29.78
N SER A 161 10.54 -47.98 30.96
CA SER A 161 9.97 -48.52 32.18
C SER A 161 8.49 -48.18 32.30
N SER A 162 8.09 -46.99 31.87
CA SER A 162 6.72 -46.54 32.06
C SER A 162 6.32 -45.63 30.91
N ALA A 163 5.01 -45.49 30.73
CA ALA A 163 4.46 -44.63 29.69
C ALA A 163 3.11 -44.13 30.19
N ASN A 164 3.02 -42.84 30.49
CA ASN A 164 1.82 -42.24 31.06
C ASN A 164 1.47 -40.96 30.33
N ASN A 165 0.20 -40.59 30.40
CA ASN A 165 -0.30 -39.37 29.76
C ASN A 165 0.06 -39.35 28.27
N CYS A 166 -0.25 -40.46 27.60
CA CYS A 166 0.03 -40.55 26.18
C CYS A 166 -0.68 -39.44 25.43
N THR A 167 0.07 -38.76 24.55
CA THR A 167 -0.47 -37.67 23.77
C THR A 167 -0.76 -38.06 22.33
N PHE A 168 -0.09 -39.08 21.80
CA PHE A 168 -0.35 -39.51 20.43
C PHE A 168 0.01 -40.97 20.27
N GLU A 169 -0.70 -41.64 19.38
CA GLU A 169 -0.41 -43.03 19.04
C GLU A 169 -0.73 -43.25 17.56
N TYR A 170 0.11 -44.04 16.90
CA TYR A 170 -0.10 -44.41 15.51
C TYR A 170 0.57 -45.75 15.25
N VAL A 171 -0.19 -46.69 14.71
CA VAL A 171 0.32 -48.02 14.38
C VAL A 171 0.03 -48.26 12.90
N SER A 172 1.07 -48.59 12.14
CA SER A 172 0.89 -48.94 10.74
C SER A 172 0.36 -50.37 10.63
N GLN A 173 -0.06 -50.72 9.42
CA GLN A 173 -0.56 -52.07 9.15
C GLN A 173 0.56 -53.09 9.31
N PHE A 186 25.95 -57.34 -1.10
CA PHE A 186 24.63 -56.75 -1.27
C PHE A 186 24.08 -56.25 0.06
N LYS A 187 24.30 -54.96 0.32
CA LYS A 187 23.78 -54.31 1.52
C LYS A 187 22.66 -53.37 1.15
N ASN A 188 21.96 -52.87 2.17
CA ASN A 188 20.89 -51.91 2.03
C ASN A 188 21.29 -50.63 2.74
N LEU A 189 21.07 -49.51 2.06
CA LEU A 189 21.23 -48.18 2.63
C LEU A 189 19.85 -47.59 2.83
N ARG A 190 19.51 -47.29 4.08
CA ARG A 190 18.25 -46.66 4.44
C ARG A 190 18.56 -45.26 4.97
N GLU A 191 18.15 -44.25 4.23
CA GLU A 191 18.34 -42.85 4.61
C GLU A 191 17.02 -42.30 5.13
N PHE A 192 17.10 -41.48 6.16
CA PHE A 192 15.93 -40.87 6.77
C PHE A 192 16.24 -39.42 7.08
N VAL A 193 15.21 -38.58 7.05
CA VAL A 193 15.32 -37.18 7.44
C VAL A 193 14.23 -36.89 8.44
N PHE A 194 14.62 -36.35 9.58
CA PHE A 194 13.70 -36.04 10.68
C PHE A 194 13.75 -34.54 10.92
N LYS A 195 12.62 -33.86 10.66
CA LYS A 195 12.57 -32.41 10.75
C LYS A 195 11.33 -31.98 11.53
N ASN A 196 11.54 -31.34 12.68
CA ASN A 196 10.44 -30.89 13.53
C ASN A 196 10.29 -29.38 13.32
N ILE A 197 9.32 -29.00 12.50
CA ILE A 197 9.05 -27.61 12.16
C ILE A 197 7.56 -27.35 12.29
N ASP A 198 7.21 -26.24 12.97
CA ASP A 198 5.82 -25.81 13.10
C ASP A 198 4.96 -26.91 13.72
N GLY A 199 5.49 -27.57 14.74
CA GLY A 199 4.75 -28.63 15.41
C GLY A 199 4.55 -29.85 14.57
N TYR A 200 5.16 -29.91 13.39
CA TYR A 200 5.08 -31.06 12.50
C TYR A 200 6.43 -31.74 12.45
N PHE A 201 6.48 -33.00 12.84
CA PHE A 201 7.66 -33.82 12.70
C PHE A 201 7.51 -34.57 11.38
N LYS A 202 8.31 -34.17 10.41
CA LYS A 202 8.24 -34.71 9.07
C LYS A 202 9.39 -35.70 8.91
N ILE A 203 9.04 -36.91 8.47
CA ILE A 203 10.00 -37.97 8.23
C ILE A 203 9.99 -38.24 6.73
N TYR A 204 11.14 -38.03 6.10
CA TYR A 204 11.36 -38.48 4.74
C TYR A 204 12.24 -39.72 4.79
N SER A 205 12.08 -40.60 3.80
CA SER A 205 12.85 -41.83 3.81
C SER A 205 13.21 -42.22 2.37
N LYS A 206 14.26 -43.01 2.27
CA LYS A 206 14.74 -43.53 0.99
C LYS A 206 15.47 -44.83 1.26
N HIS A 207 15.24 -45.82 0.40
CA HIS A 207 15.85 -47.14 0.53
C HIS A 207 16.54 -47.49 -0.77
N THR A 208 17.80 -47.90 -0.68
CA THR A 208 18.59 -48.21 -1.87
C THR A 208 19.39 -49.48 -1.63
N PRO A 209 19.65 -50.25 -2.69
CA PRO A 209 20.63 -51.34 -2.57
C PRO A 209 22.05 -50.84 -2.83
N ILE A 210 22.90 -50.91 -1.80
CA ILE A 210 24.27 -50.43 -1.89
C ILE A 210 25.20 -51.63 -1.81
N ASN A 211 26.09 -51.76 -2.79
CA ASN A 211 27.06 -52.85 -2.81
C ASN A 211 28.37 -52.49 -2.12
N LEU A 212 28.57 -51.23 -1.77
CA LEU A 212 29.77 -50.84 -1.05
C LEU A 212 29.82 -51.55 0.30
N VAL A 213 31.03 -51.97 0.69
CA VAL A 213 31.18 -52.72 1.92
C VAL A 213 31.34 -51.81 3.15
N ARG A 214 31.91 -50.62 2.98
CA ARG A 214 32.13 -49.73 4.10
C ARG A 214 32.19 -48.30 3.59
N GLY A 215 31.77 -47.37 4.46
CA GLY A 215 31.79 -45.96 4.13
C GLY A 215 30.47 -45.48 3.56
N LEU A 216 30.24 -44.18 3.70
CA LEU A 216 29.02 -43.58 3.19
C LEU A 216 29.12 -43.42 1.68
N PRO A 217 28.15 -43.92 0.92
CA PRO A 217 28.29 -43.91 -0.55
C PRO A 217 28.32 -42.50 -1.11
N GLN A 218 28.98 -42.37 -2.25
CA GLN A 218 29.05 -41.11 -2.98
C GLN A 218 28.07 -41.16 -4.14
N GLY A 219 27.10 -40.26 -4.13
CA GLY A 219 26.05 -40.24 -5.13
C GLY A 219 24.90 -39.37 -4.68
N PHE A 220 23.88 -39.32 -5.54
CA PHE A 220 22.69 -38.51 -5.29
C PHE A 220 21.47 -39.41 -5.16
N SER A 221 20.58 -39.06 -4.24
CA SER A 221 19.32 -39.76 -4.08
C SER A 221 18.36 -38.88 -3.29
N ALA A 222 17.19 -38.62 -3.86
CA ALA A 222 16.19 -37.77 -3.23
C ALA A 222 15.39 -38.58 -2.21
N LEU A 223 15.13 -37.97 -1.06
CA LEU A 223 14.38 -38.62 0.01
C LEU A 223 12.92 -38.19 -0.07
N GLU A 224 12.07 -39.11 -0.51
CA GLU A 224 10.65 -38.80 -0.59
C GLU A 224 10.08 -38.65 0.82
N PRO A 225 9.04 -37.84 0.98
CA PRO A 225 8.36 -37.78 2.28
C PRO A 225 7.83 -39.15 2.64
N LEU A 226 7.96 -39.50 3.92
CA LEU A 226 7.38 -40.73 4.44
C LEU A 226 6.12 -40.46 5.26
N VAL A 227 6.18 -39.51 6.19
CA VAL A 227 4.97 -39.12 6.92
C VAL A 227 5.20 -37.83 7.69
N ASP A 228 4.18 -36.99 7.77
CA ASP A 228 4.23 -35.79 8.59
C ASP A 228 3.28 -36.00 9.75
N LEU A 229 3.80 -35.87 10.96
CA LEU A 229 3.05 -36.10 12.17
C LEU A 229 3.00 -34.82 12.98
N PRO A 230 1.83 -34.20 13.14
CA PRO A 230 1.75 -32.98 13.94
C PRO A 230 1.80 -33.28 15.44
N ILE A 231 2.94 -33.82 15.88
CA ILE A 231 3.11 -34.16 17.28
C ILE A 231 3.11 -32.89 18.13
N GLY A 232 3.74 -31.83 17.62
CA GLY A 232 3.76 -30.57 18.35
C GLY A 232 4.48 -30.65 19.68
N ILE A 233 5.66 -31.26 19.69
CA ILE A 233 6.49 -31.33 20.88
C ILE A 233 7.87 -30.76 20.52
N ASN A 234 8.58 -30.31 21.56
CA ASN A 234 9.92 -29.79 21.39
C ASN A 234 10.94 -30.93 21.48
N ILE A 235 11.89 -30.94 20.56
CA ILE A 235 12.90 -31.99 20.49
C ILE A 235 14.28 -31.34 20.47
N THR A 236 15.18 -31.86 21.30
CA THR A 236 16.56 -31.40 21.34
C THR A 236 17.58 -32.53 21.30
N ARG A 237 17.16 -33.77 21.49
CA ARG A 237 18.07 -34.91 21.46
C ARG A 237 17.31 -36.14 21.00
N PHE A 238 18.06 -37.15 20.58
CA PHE A 238 17.47 -38.41 20.18
C PHE A 238 18.52 -39.50 20.24
N GLN A 239 18.07 -40.75 20.25
CA GLN A 239 18.96 -41.89 20.30
C GLN A 239 18.41 -42.99 19.39
N THR A 240 19.32 -43.78 18.83
CA THR A 240 18.96 -44.86 17.92
C THR A 240 18.75 -46.16 18.70
N LEU A 241 17.94 -47.03 18.13
CA LEU A 241 17.61 -48.33 18.74
C LEU A 241 17.99 -49.44 17.79
N HIS A 242 18.66 -50.47 18.31
CA HIS A 242 19.14 -51.60 17.53
C HIS A 242 18.51 -52.88 18.05
N ILE A 243 18.53 -53.89 17.19
CA ILE A 243 17.98 -55.21 17.51
C ILE A 243 19.09 -56.08 18.05
N SER A 244 18.76 -56.95 19.00
CA SER A 244 19.71 -57.87 19.61
C SER A 244 19.36 -59.29 19.19
N TYR A 245 20.34 -60.00 18.64
CA TYR A 245 20.17 -61.39 18.20
C TYR A 245 20.65 -62.32 19.31
N LEU A 246 19.69 -62.98 19.97
CA LEU A 246 20.02 -63.92 21.04
C LEU A 246 20.51 -65.25 20.47
N ALA A 260 25.92 -53.32 11.29
CA ALA A 260 25.36 -52.12 10.69
C ALA A 260 26.20 -50.90 11.06
N ALA A 261 26.29 -49.95 10.13
CA ALA A 261 27.00 -48.70 10.34
C ALA A 261 26.05 -47.55 10.07
N TYR A 262 25.90 -46.65 11.05
CA TYR A 262 24.92 -45.58 10.93
C TYR A 262 25.60 -44.23 11.07
N TYR A 263 25.22 -43.33 10.17
CA TYR A 263 25.79 -42.00 10.05
C TYR A 263 24.71 -40.96 10.37
N VAL A 264 25.13 -39.84 10.95
CA VAL A 264 24.22 -38.76 11.34
C VAL A 264 24.81 -37.44 10.86
N GLY A 265 23.97 -36.64 10.20
CA GLY A 265 24.32 -35.28 9.85
C GLY A 265 23.22 -34.32 10.25
N TYR A 266 23.61 -33.06 10.39
CA TYR A 266 22.69 -32.03 10.85
C TYR A 266 22.36 -31.06 9.73
N LEU A 267 21.07 -30.79 9.54
CA LEU A 267 20.63 -29.87 8.52
C LEU A 267 20.92 -28.43 8.91
N GLN A 268 20.99 -27.57 7.90
CA GLN A 268 21.22 -26.16 8.08
C GLN A 268 20.32 -25.40 7.11
N PRO A 269 19.95 -24.16 7.44
CA PRO A 269 19.17 -23.36 6.48
C PRO A 269 20.00 -23.01 5.25
N ARG A 270 19.65 -23.59 4.11
CA ARG A 270 20.44 -23.46 2.89
C ARG A 270 19.50 -23.25 1.71
N THR A 271 20.04 -22.62 0.68
CA THR A 271 19.36 -22.45 -0.59
C THR A 271 19.85 -23.52 -1.56
N PHE A 272 18.92 -24.20 -2.21
CA PHE A 272 19.22 -25.32 -3.07
C PHE A 272 18.50 -25.19 -4.40
N LEU A 273 19.23 -25.47 -5.46
CA LEU A 273 18.67 -25.51 -6.81
C LEU A 273 18.41 -26.98 -7.14
N LEU A 274 17.13 -27.34 -7.25
CA LEU A 274 16.72 -28.70 -7.52
C LEU A 274 16.25 -28.82 -8.96
N LYS A 275 16.76 -29.84 -9.65
CA LYS A 275 16.55 -30.01 -11.09
C LYS A 275 15.54 -31.13 -11.28
N TYR A 276 14.26 -30.77 -11.27
CA TYR A 276 13.21 -31.77 -11.44
C TYR A 276 13.13 -32.19 -12.90
N ASN A 277 13.17 -33.50 -13.13
CA ASN A 277 13.19 -34.04 -14.48
C ASN A 277 11.76 -34.12 -15.02
N GLU A 278 11.59 -34.81 -16.15
CA GLU A 278 10.26 -34.90 -16.75
C GLU A 278 9.27 -35.57 -15.81
N ASN A 279 9.67 -36.67 -15.18
CA ASN A 279 8.75 -37.43 -14.35
C ASN A 279 8.52 -36.81 -12.98
N GLY A 280 9.21 -35.72 -12.66
CA GLY A 280 9.09 -35.09 -11.35
C GLY A 280 10.14 -35.53 -10.36
N THR A 281 11.10 -36.33 -10.77
CA THR A 281 12.16 -36.77 -9.88
C THR A 281 13.25 -35.71 -9.79
N ILE A 282 13.79 -35.53 -8.59
CA ILE A 282 14.89 -34.59 -8.37
C ILE A 282 16.16 -35.28 -8.85
N THR A 283 16.56 -34.97 -10.09
CA THR A 283 17.74 -35.63 -10.66
C THR A 283 19.02 -35.19 -9.97
N ASP A 284 19.15 -33.90 -9.69
CA ASP A 284 20.39 -33.37 -9.13
C ASP A 284 20.08 -32.10 -8.35
N ALA A 285 21.01 -31.71 -7.50
CA ALA A 285 20.85 -30.53 -6.67
C ALA A 285 22.15 -29.75 -6.63
N VAL A 286 22.03 -28.43 -6.43
CA VAL A 286 23.18 -27.54 -6.29
C VAL A 286 23.01 -26.74 -5.01
N ASP A 287 24.08 -26.69 -4.21
CA ASP A 287 24.10 -25.97 -2.94
C ASP A 287 24.75 -24.61 -3.19
N CYS A 288 23.97 -23.54 -3.07
CA CYS A 288 24.46 -22.23 -3.46
C CYS A 288 25.70 -21.83 -2.66
N ALA A 289 25.67 -22.04 -1.35
CA ALA A 289 26.73 -21.54 -0.49
C ALA A 289 27.95 -22.45 -0.43
N LEU A 290 27.93 -23.60 -1.11
CA LEU A 290 29.06 -24.50 -1.03
C LEU A 290 30.33 -23.86 -1.59
N ASP A 291 30.22 -23.22 -2.74
CA ASP A 291 31.37 -22.63 -3.42
C ASP A 291 30.88 -21.52 -4.34
N PRO A 292 31.78 -20.63 -4.77
CA PRO A 292 31.35 -19.59 -5.71
C PRO A 292 30.76 -20.13 -6.99
N LEU A 293 31.25 -21.28 -7.47
CA LEU A 293 30.65 -21.85 -8.67
C LEU A 293 29.18 -22.19 -8.44
N SER A 294 28.87 -22.80 -7.31
CA SER A 294 27.48 -23.12 -7.03
C SER A 294 26.66 -21.85 -6.82
N GLU A 295 27.28 -20.80 -6.27
CA GLU A 295 26.60 -19.53 -6.17
C GLU A 295 26.22 -19.01 -7.55
N THR A 296 27.15 -19.10 -8.51
CA THR A 296 26.84 -18.70 -9.88
C THR A 296 25.70 -19.53 -10.44
N LYS A 297 25.77 -20.85 -10.24
CA LYS A 297 24.71 -21.71 -10.77
C LYS A 297 23.36 -21.31 -10.20
N CYS A 298 23.31 -21.03 -8.90
CA CYS A 298 22.05 -20.61 -8.29
C CYS A 298 21.58 -19.27 -8.86
N THR A 299 22.50 -18.32 -9.01
CA THR A 299 22.11 -17.01 -9.52
C THR A 299 21.57 -17.12 -10.94
N LEU A 300 22.26 -17.87 -11.79
CA LEU A 300 21.79 -18.04 -13.16
C LEU A 300 20.58 -18.95 -13.25
N LYS A 301 20.17 -19.56 -12.14
CA LYS A 301 19.06 -20.50 -12.14
C LYS A 301 19.32 -21.61 -13.15
N SER A 302 20.55 -22.10 -13.18
CA SER A 302 20.94 -23.09 -14.18
C SER A 302 21.91 -24.08 -13.57
N PHE A 303 21.95 -25.27 -14.15
CA PHE A 303 22.99 -26.23 -13.90
C PHE A 303 24.17 -26.07 -14.83
N THR A 304 24.22 -24.98 -15.56
CA THR A 304 25.32 -24.71 -16.48
C THR A 304 25.53 -23.22 -16.49
N VAL A 305 26.69 -22.79 -16.02
CA VAL A 305 27.08 -21.39 -16.00
C VAL A 305 28.07 -21.20 -17.14
N GLU A 306 27.72 -20.35 -18.09
CA GLU A 306 28.58 -20.12 -19.23
C GLU A 306 29.71 -19.17 -18.86
N LYS A 307 30.77 -19.22 -19.67
CA LYS A 307 31.95 -18.40 -19.38
C LYS A 307 31.56 -16.93 -19.36
N GLY A 308 31.90 -16.25 -18.28
CA GLY A 308 31.62 -14.83 -18.14
C GLY A 308 31.72 -14.41 -16.69
N ILE A 309 31.36 -13.15 -16.46
CA ILE A 309 31.38 -12.54 -15.13
C ILE A 309 29.95 -12.15 -14.79
N TYR A 310 29.47 -12.63 -13.65
CA TYR A 310 28.08 -12.48 -13.25
C TYR A 310 28.03 -11.79 -11.90
N GLN A 311 27.50 -10.58 -11.87
CA GLN A 311 27.27 -9.92 -10.59
C GLN A 311 26.39 -10.81 -9.74
N THR A 312 26.95 -11.33 -8.65
CA THR A 312 26.25 -12.28 -7.79
C THR A 312 25.69 -11.61 -6.54
N SER A 313 26.55 -11.02 -5.71
CA SER A 313 26.17 -10.53 -4.39
C SER A 313 26.67 -9.11 -4.18
N ASN A 314 26.55 -8.64 -2.95
CA ASN A 314 27.05 -7.33 -2.54
C ASN A 314 27.78 -7.49 -1.22
N PHE A 315 29.07 -7.20 -1.21
CA PHE A 315 29.90 -7.36 -0.03
C PHE A 315 29.97 -6.06 0.77
N ARG A 316 29.78 -6.19 2.07
CA ARG A 316 29.87 -5.12 3.04
C ARG A 316 30.81 -5.56 4.14
N VAL A 317 31.16 -4.59 4.97
CA VAL A 317 31.97 -4.83 6.15
C VAL A 317 30.98 -3.75 6.58
N GLN A 318 30.35 -3.93 7.75
CA GLN A 318 29.14 -3.21 8.13
C GLN A 318 29.86 -2.94 9.44
N PRO A 319 29.97 -1.66 9.81
CA PRO A 319 31.07 -1.21 10.70
C PRO A 319 31.24 -2.11 11.91
N THR A 320 32.51 -2.27 12.32
CA THR A 320 32.84 -3.12 13.46
C THR A 320 32.34 -2.54 14.77
N GLU A 321 32.29 -1.22 14.89
CA GLU A 321 31.95 -0.59 16.15
C GLU A 321 31.39 0.81 15.90
N SER A 322 30.83 1.39 16.95
CA SER A 322 30.28 2.73 16.95
C SER A 322 31.12 3.64 17.83
N ILE A 323 31.29 4.89 17.42
CA ILE A 323 32.09 5.86 18.15
C ILE A 323 31.24 7.10 18.40
N VAL A 324 31.26 7.59 19.64
CA VAL A 324 30.51 8.78 20.04
C VAL A 324 31.49 9.80 20.57
N ARG A 325 31.39 11.03 20.07
CA ARG A 325 32.23 12.14 20.50
C ARG A 325 31.36 13.38 20.70
N PHE A 326 31.39 13.94 21.89
CA PHE A 326 30.59 15.09 22.27
C PHE A 326 31.49 16.09 22.98
N PRO A 327 31.08 17.36 23.03
CA PRO A 327 31.84 18.34 23.81
C PRO A 327 31.97 17.88 25.26
N ASN A 328 33.14 17.40 25.72
CA ASN A 328 33.24 16.99 27.10
C ASN A 328 32.89 18.16 28.01
N ILE A 329 31.85 17.96 28.83
CA ILE A 329 31.32 18.94 29.78
C ILE A 329 30.74 20.10 28.95
N THR A 330 29.47 20.44 29.19
CA THR A 330 28.90 21.70 28.77
C THR A 330 28.71 22.62 29.97
N ASN A 331 28.17 22.09 31.06
CA ASN A 331 28.13 22.80 32.33
C ASN A 331 27.68 21.84 33.41
N LEU A 332 28.20 22.05 34.62
CA LEU A 332 27.88 21.18 35.75
C LEU A 332 26.55 21.59 36.37
N CYS A 333 25.60 20.66 36.38
CA CYS A 333 24.36 20.91 37.09
C CYS A 333 24.64 20.92 38.59
N PRO A 334 24.26 21.97 39.31
CA PRO A 334 24.66 22.08 40.73
C PRO A 334 23.77 21.27 41.67
N PHE A 335 23.95 19.95 41.63
CA PHE A 335 23.21 19.08 42.56
C PHE A 335 23.81 19.12 43.96
N GLY A 336 25.12 19.31 44.07
CA GLY A 336 25.74 19.36 45.38
C GLY A 336 25.21 20.51 46.22
N GLU A 337 24.91 21.63 45.57
CA GLU A 337 24.38 22.79 46.30
C GLU A 337 23.07 22.45 47.01
N VAL A 338 22.33 21.47 46.50
CA VAL A 338 21.07 21.07 47.12
C VAL A 338 21.28 19.94 48.12
N PHE A 339 21.91 18.85 47.69
CA PHE A 339 22.10 17.71 48.58
C PHE A 339 23.04 18.04 49.73
N ASN A 340 24.13 18.76 49.45
CA ASN A 340 25.14 19.07 50.45
C ASN A 340 24.88 20.39 51.16
N ALA A 341 23.71 20.99 50.97
CA ALA A 341 23.38 22.20 51.69
C ALA A 341 23.42 21.95 53.20
N THR A 342 24.09 22.83 53.93
CA THR A 342 24.23 22.64 55.36
C THR A 342 22.89 22.72 56.09
N ARG A 343 21.98 23.55 55.59
CA ARG A 343 20.67 23.75 56.21
C ARG A 343 19.58 23.57 55.16
N PHE A 344 18.54 22.86 55.54
CA PHE A 344 17.39 22.61 54.68
C PHE A 344 16.20 23.46 55.13
N ALA A 345 15.29 23.69 54.20
CA ALA A 345 14.11 24.50 54.47
C ALA A 345 12.98 23.65 55.03
N SER A 346 12.04 24.31 55.69
CA SER A 346 10.88 23.63 56.24
C SER A 346 10.04 23.03 55.12
N VAL A 347 9.31 21.95 55.46
CA VAL A 347 8.50 21.27 54.46
C VAL A 347 7.43 22.20 53.89
N TYR A 348 6.80 23.00 54.76
CA TYR A 348 5.82 23.96 54.27
C TYR A 348 6.47 25.01 53.38
N ALA A 349 7.74 25.30 53.62
CA ALA A 349 8.52 26.26 52.83
C ALA A 349 9.62 25.54 52.07
N TRP A 350 9.29 24.37 51.53
CA TRP A 350 10.26 23.55 50.80
C TRP A 350 10.96 24.37 49.73
N ASN A 351 12.28 24.31 49.72
CA ASN A 351 13.06 25.04 48.73
C ASN A 351 13.00 24.35 47.38
N ARG A 352 13.03 25.15 46.31
CA ARG A 352 13.10 24.63 44.95
C ARG A 352 14.24 25.30 44.21
N LYS A 353 15.02 24.50 43.49
CA LYS A 353 16.08 24.98 42.64
C LYS A 353 15.81 24.53 41.20
N ARG A 354 15.88 25.47 40.28
CA ARG A 354 15.70 25.18 38.86
C ARG A 354 17.07 24.95 38.23
N ILE A 355 17.21 23.82 37.54
CA ILE A 355 18.46 23.43 36.90
C ILE A 355 18.21 23.38 35.40
N SER A 356 19.01 24.12 34.64
CA SER A 356 18.88 24.18 33.20
C SER A 356 20.24 24.52 32.60
N ASN A 357 20.44 24.08 31.36
CA ASN A 357 21.64 24.40 30.60
C ASN A 357 22.89 23.91 31.35
N CYS A 358 22.94 22.60 31.55
CA CYS A 358 24.05 21.97 32.24
C CYS A 358 23.97 20.47 32.02
N VAL A 359 25.08 19.79 32.29
CA VAL A 359 25.14 18.34 32.19
C VAL A 359 24.98 17.77 33.59
N ALA A 360 23.88 17.03 33.80
CA ALA A 360 23.61 16.43 35.09
C ALA A 360 24.43 15.14 35.23
N ASP A 361 24.94 14.91 36.44
CA ASP A 361 25.75 13.74 36.75
C ASP A 361 24.95 12.85 37.71
N TYR A 362 24.16 11.95 37.15
CA TYR A 362 23.26 11.14 37.96
C TYR A 362 23.97 10.01 38.69
N SER A 363 24.95 9.37 38.04
CA SER A 363 25.63 8.23 38.66
C SER A 363 26.42 8.64 39.90
N VAL A 364 27.25 9.68 39.76
CA VAL A 364 28.02 10.15 40.91
C VAL A 364 27.11 10.73 41.98
N LEU A 365 26.01 11.37 41.56
CA LEU A 365 25.04 11.90 42.52
C LEU A 365 24.42 10.78 43.36
N TYR A 366 24.05 9.68 42.71
CA TYR A 366 23.42 8.56 43.39
C TYR A 366 24.43 7.65 44.09
N ASN A 367 25.72 7.81 43.81
CA ASN A 367 26.76 7.02 44.46
C ASN A 367 27.59 7.85 45.42
N SER A 368 27.13 9.05 45.78
CA SER A 368 27.88 9.93 46.69
C SER A 368 27.62 9.58 48.15
N ALA A 369 26.39 9.75 48.60
CA ALA A 369 26.00 9.55 49.99
C ALA A 369 25.11 8.33 50.12
N SER A 370 24.78 7.99 51.37
CA SER A 370 23.92 6.86 51.69
C SER A 370 22.49 7.38 51.88
N PHE A 371 21.57 6.89 51.07
CA PHE A 371 20.18 7.32 51.09
C PHE A 371 19.31 6.23 51.70
N SER A 372 18.52 6.59 52.70
CA SER A 372 17.61 5.64 53.33
C SER A 372 16.37 5.38 52.49
N THR A 373 16.11 6.21 51.49
CA THR A 373 14.95 6.04 50.61
C THR A 373 15.32 6.57 49.24
N PHE A 374 15.03 5.80 48.20
CA PHE A 374 15.35 6.20 46.82
C PHE A 374 14.33 5.51 45.92
N LYS A 375 13.31 6.26 45.51
CA LYS A 375 12.22 5.71 44.70
C LYS A 375 11.97 6.62 43.51
N CYS A 376 12.00 6.05 42.30
CA CYS A 376 11.74 6.79 41.08
C CYS A 376 10.46 6.30 40.44
N TYR A 377 9.70 7.23 39.86
CA TYR A 377 8.42 6.95 39.22
C TYR A 377 8.45 7.52 37.81
N GLY A 378 8.09 6.70 36.84
CA GLY A 378 8.07 7.13 35.46
C GLY A 378 9.43 7.22 34.80
N VAL A 379 10.50 6.87 35.51
CA VAL A 379 11.84 6.88 34.94
C VAL A 379 12.77 6.10 35.85
N SER A 380 13.72 5.38 35.27
CA SER A 380 14.65 4.62 36.08
C SER A 380 15.86 5.47 36.45
N PRO A 381 16.49 5.22 37.60
CA PRO A 381 17.67 6.03 37.96
C PRO A 381 18.79 5.95 36.95
N THR A 382 19.00 4.78 36.34
CA THR A 382 20.12 4.61 35.42
C THR A 382 19.83 5.17 34.02
N LYS A 383 18.56 5.26 33.63
CA LYS A 383 18.23 5.76 32.30
C LYS A 383 18.37 7.27 32.20
N LEU A 384 18.39 7.98 33.33
CA LEU A 384 18.54 9.43 33.29
C LEU A 384 19.85 9.85 32.62
N ASN A 385 20.84 8.95 32.56
CA ASN A 385 22.09 9.28 31.91
C ASN A 385 21.93 9.48 30.41
N ASP A 386 20.86 8.94 29.82
CA ASP A 386 20.64 9.03 28.38
C ASP A 386 19.53 10.00 28.01
N LEU A 387 18.82 10.57 28.99
CA LEU A 387 17.67 11.41 28.72
C LEU A 387 18.03 12.88 28.81
N CYS A 388 17.36 13.69 28.00
CA CYS A 388 17.46 15.15 28.05
C CYS A 388 16.09 15.73 28.37
N PHE A 389 16.10 16.84 29.11
CA PHE A 389 14.86 17.47 29.54
C PHE A 389 14.99 18.98 29.40
N THR A 390 13.83 19.64 29.25
CA THR A 390 13.83 21.10 29.16
C THR A 390 14.36 21.72 30.45
N ASN A 391 13.93 21.20 31.61
CA ASN A 391 14.37 21.73 32.89
C ASN A 391 14.33 20.63 33.93
N VAL A 392 15.01 20.87 35.05
CA VAL A 392 14.94 19.99 36.20
C VAL A 392 14.62 20.84 37.42
N TYR A 393 13.91 20.24 38.37
CA TYR A 393 13.55 20.90 39.62
C TYR A 393 14.02 20.04 40.79
N ALA A 394 14.84 20.62 41.65
CA ALA A 394 15.31 19.96 42.87
C ALA A 394 14.60 20.60 44.05
N ASP A 395 13.65 19.87 44.63
CA ASP A 395 12.88 20.35 45.77
C ASP A 395 13.44 19.71 47.04
N SER A 396 13.97 20.55 47.93
CA SER A 396 14.65 20.08 49.14
C SER A 396 13.87 20.55 50.36
N PHE A 397 13.75 19.66 51.34
CA PHE A 397 13.08 20.01 52.59
C PHE A 397 13.41 18.94 53.63
N VAL A 398 12.83 19.09 54.82
CA VAL A 398 13.03 18.18 55.93
C VAL A 398 11.66 17.82 56.52
N ILE A 399 11.46 16.54 56.82
CA ILE A 399 10.20 16.03 57.35
C ILE A 399 10.51 14.99 58.42
N ARG A 400 9.46 14.39 58.97
CA ARG A 400 9.60 13.26 59.87
C ARG A 400 9.92 12.00 59.07
N GLY A 401 10.50 11.02 59.78
CA GLY A 401 10.75 9.73 59.15
C GLY A 401 9.47 9.05 58.73
N ASP A 402 8.47 9.03 59.62
CA ASP A 402 7.19 8.43 59.28
C ASP A 402 6.49 9.17 58.14
N GLU A 403 6.81 10.45 57.94
CA GLU A 403 6.21 11.24 56.87
C GLU A 403 6.91 11.07 55.54
N VAL A 404 8.02 10.33 55.49
CA VAL A 404 8.71 10.09 54.23
C VAL A 404 7.83 9.34 53.25
N ARG A 405 7.00 8.42 53.77
CA ARG A 405 6.10 7.65 52.91
C ARG A 405 5.11 8.55 52.17
N GLN A 406 4.79 9.71 52.72
CA GLN A 406 3.84 10.61 52.05
C GLN A 406 4.45 11.26 50.81
N ILE A 407 5.76 11.18 50.62
CA ILE A 407 6.42 11.80 49.47
C ILE A 407 6.44 10.74 48.37
N ALA A 408 5.34 10.65 47.64
CA ALA A 408 5.21 9.72 46.52
C ALA A 408 3.90 10.02 45.80
N PRO A 409 3.76 9.58 44.56
CA PRO A 409 2.52 9.85 43.83
C PRO A 409 1.31 9.24 44.53
N GLY A 410 0.18 9.95 44.45
CA GLY A 410 -1.06 9.42 45.00
C GLY A 410 -1.07 9.26 46.50
N GLN A 411 -0.25 10.01 47.22
CA GLN A 411 -0.19 9.91 48.67
C GLN A 411 -1.01 11.02 49.31
N THR A 412 -1.49 10.75 50.52
CA THR A 412 -2.30 11.71 51.26
C THR A 412 -1.78 11.77 52.70
N GLY A 413 -2.06 12.90 53.35
CA GLY A 413 -1.60 13.13 54.71
C GLY A 413 -1.30 14.59 54.94
N ASN A 414 -0.85 14.94 56.15
CA ASN A 414 -0.57 16.33 56.47
C ASN A 414 0.49 16.90 55.53
N ILE A 415 1.60 16.18 55.37
CA ILE A 415 2.66 16.64 54.49
C ILE A 415 2.20 16.64 53.04
N ALA A 416 1.53 15.56 52.62
CA ALA A 416 1.07 15.46 51.24
C ALA A 416 0.02 16.53 50.93
N ASP A 417 -0.86 16.81 51.88
CA ASP A 417 -2.01 17.68 51.62
C ASP A 417 -1.71 19.16 51.81
N TYR A 418 -1.00 19.53 52.87
CA TYR A 418 -0.86 20.93 53.24
C TYR A 418 0.56 21.48 53.14
N ASN A 419 1.56 20.62 52.97
CA ASN A 419 2.96 21.06 52.93
C ASN A 419 3.59 20.87 51.57
N TYR A 420 3.50 19.67 51.00
CA TYR A 420 4.13 19.37 49.72
C TYR A 420 3.37 18.24 49.06
N LYS A 421 2.86 18.48 47.86
CA LYS A 421 2.04 17.53 47.13
C LYS A 421 2.69 17.19 45.80
N LEU A 422 2.72 15.89 45.48
CA LEU A 422 3.22 15.41 44.20
C LEU A 422 2.05 14.99 43.30
N PRO A 423 2.16 15.19 41.99
CA PRO A 423 1.10 14.74 41.09
C PRO A 423 1.05 13.21 41.00
N ASP A 424 -0.15 12.70 40.69
CA ASP A 424 -0.31 11.26 40.57
C ASP A 424 0.54 10.68 39.44
N ASP A 425 0.74 11.45 38.38
CA ASP A 425 1.58 11.04 37.25
C ASP A 425 2.99 11.61 37.36
N PHE A 426 3.49 11.74 38.58
CA PHE A 426 4.81 12.34 38.80
C PHE A 426 5.88 11.53 38.09
N THR A 427 6.74 12.23 37.36
CA THR A 427 7.85 11.63 36.63
C THR A 427 9.15 12.17 37.21
N GLY A 428 9.78 11.39 38.09
CA GLY A 428 11.00 11.83 38.73
C GLY A 428 11.33 10.93 39.90
N CYS A 429 12.33 11.36 40.67
CA CYS A 429 12.86 10.55 41.75
C CYS A 429 12.72 11.28 43.09
N VAL A 430 12.57 10.49 44.15
CA VAL A 430 12.53 10.98 45.52
C VAL A 430 13.64 10.28 46.29
N ILE A 431 14.49 11.07 46.94
CA ILE A 431 15.58 10.57 47.76
C ILE A 431 15.43 11.17 49.15
N ALA A 432 15.61 10.35 50.17
CA ALA A 432 15.51 10.80 51.54
C ALA A 432 16.57 10.12 52.38
N TRP A 433 17.18 10.88 53.28
CA TRP A 433 18.20 10.33 54.17
C TRP A 433 18.05 10.95 55.55
N ASN A 434 18.28 10.12 56.58
CA ASN A 434 18.20 10.61 57.95
C ASN A 434 19.23 11.70 58.19
N SER A 435 18.81 12.77 58.87
CA SER A 435 19.67 13.89 59.21
C SER A 435 19.61 14.17 60.71
N ASN A 436 19.52 13.11 61.52
CA ASN A 436 19.47 13.30 62.96
C ASN A 436 20.73 14.00 63.46
N ASN A 437 21.89 13.60 62.95
CA ASN A 437 23.15 14.23 63.34
C ASN A 437 23.29 15.66 62.83
N LEU A 438 22.43 16.08 61.90
CA LEU A 438 22.49 17.41 61.32
C LEU A 438 21.35 18.32 61.71
N ASP A 439 20.17 17.76 62.00
CA ASP A 439 18.96 18.55 62.20
C ASP A 439 18.35 18.34 63.58
N SER A 440 19.11 17.83 64.55
CA SER A 440 18.60 17.59 65.89
C SER A 440 19.41 18.41 66.90
N LYS A 441 18.71 19.11 67.78
CA LYS A 441 19.32 19.85 68.87
C LYS A 441 19.02 19.16 70.19
N VAL A 442 19.99 19.23 71.11
CA VAL A 442 19.80 18.59 72.42
C VAL A 442 18.66 19.27 73.17
N GLY A 443 18.59 20.60 73.14
CA GLY A 443 17.51 21.30 73.79
C GLY A 443 16.22 21.36 72.99
N GLY A 444 16.25 20.92 71.74
CA GLY A 444 15.07 20.97 70.88
C GLY A 444 15.29 21.86 69.69
N ASN A 445 15.27 21.27 68.48
CA ASN A 445 15.45 22.02 67.25
C ASN A 445 14.07 22.44 66.76
N TYR A 446 13.72 23.70 66.99
CA TYR A 446 12.42 24.24 66.59
C TYR A 446 12.50 25.00 65.28
N ASN A 447 13.65 24.95 64.59
CA ASN A 447 13.81 25.72 63.36
C ASN A 447 13.06 25.12 62.18
N TYR A 448 12.81 23.81 62.21
CA TYR A 448 12.08 23.15 61.14
C TYR A 448 10.60 23.14 61.46
N LEU A 449 9.79 23.57 60.50
CA LEU A 449 8.35 23.70 60.68
C LEU A 449 7.62 22.96 59.58
N TYR A 450 6.31 22.80 59.78
CA TYR A 450 5.44 22.20 58.78
C TYR A 450 4.04 22.75 58.98
N ARG A 451 3.27 22.81 57.89
CA ARG A 451 1.91 23.31 57.96
C ARG A 451 1.00 22.23 58.51
N LEU A 452 0.13 22.62 59.44
CA LEU A 452 -0.77 21.69 60.11
C LEU A 452 -2.24 21.92 59.78
N PHE A 453 -2.63 23.14 59.42
CA PHE A 453 -4.02 23.46 59.10
C PHE A 453 -4.07 24.18 57.76
N ARG A 454 -5.11 23.89 56.99
CA ARG A 454 -5.32 24.56 55.71
C ARG A 454 -6.75 24.31 55.28
N LYS A 455 -7.31 25.26 54.52
CA LYS A 455 -8.69 25.13 54.07
C LYS A 455 -8.85 24.00 53.07
N SER A 456 -7.83 23.73 52.26
CA SER A 456 -7.91 22.72 51.22
C SER A 456 -6.54 22.12 51.00
N ASN A 457 -6.53 20.94 50.39
CA ASN A 457 -5.28 20.25 50.10
C ASN A 457 -4.49 20.97 49.02
N LEU A 458 -3.18 20.82 49.06
CA LEU A 458 -2.32 21.49 48.10
C LEU A 458 -2.40 20.83 46.72
N LYS A 459 -2.38 21.65 45.68
CA LYS A 459 -2.27 21.17 44.32
C LYS A 459 -0.83 20.73 44.08
N PRO A 460 -0.59 19.94 43.03
CA PRO A 460 0.79 19.47 42.77
C PRO A 460 1.75 20.63 42.63
N PHE A 461 2.90 20.51 43.30
CA PHE A 461 3.98 21.50 43.23
C PHE A 461 3.51 22.88 43.65
N GLU A 462 2.53 22.94 44.54
CA GLU A 462 2.08 24.21 45.11
C GLU A 462 2.74 24.44 46.46
N ARG A 463 3.24 25.66 46.65
CA ARG A 463 3.89 26.05 47.89
C ARG A 463 3.03 27.11 48.58
N ASP A 464 2.74 26.89 49.86
CA ASP A 464 1.97 27.83 50.67
C ASP A 464 2.81 28.23 51.87
N ILE A 465 3.14 29.51 51.97
CA ILE A 465 3.95 30.05 53.06
C ILE A 465 3.20 31.07 53.88
N SER A 466 1.88 31.19 53.67
CA SER A 466 1.09 32.15 54.43
C SER A 466 1.05 31.78 55.91
N THR A 467 1.02 32.81 56.75
CA THR A 467 1.00 32.63 58.20
C THR A 467 -0.28 33.22 58.81
N GLU A 468 -1.36 33.23 58.03
CA GLU A 468 -2.63 33.76 58.51
C GLU A 468 -3.31 32.76 59.43
N ILE A 469 -3.90 33.27 60.52
CA ILE A 469 -4.54 32.40 61.49
C ILE A 469 -5.63 31.59 60.81
N TYR A 470 -5.67 30.30 61.12
CA TYR A 470 -6.63 29.38 60.53
C TYR A 470 -7.87 29.33 61.42
N GLN A 471 -9.01 29.71 60.85
CA GLN A 471 -10.28 29.70 61.56
C GLN A 471 -10.90 28.32 61.47
N ALA A 472 -11.10 27.68 62.64
CA ALA A 472 -11.71 26.36 62.71
C ALA A 472 -13.02 26.38 63.48
N GLY A 473 -13.61 27.57 63.67
CA GLY A 473 -14.81 27.69 64.48
C GLY A 473 -15.73 28.75 63.94
N SER A 474 -16.89 28.89 64.59
CA SER A 474 -17.88 29.87 64.18
C SER A 474 -17.30 31.28 64.21
N THR A 475 -16.85 31.71 65.39
CA THR A 475 -16.32 33.06 65.52
C THR A 475 -15.05 33.20 64.68
N PRO A 476 -14.93 34.22 63.84
CA PRO A 476 -13.72 34.40 63.05
C PRO A 476 -12.55 34.87 63.90
N CYS A 477 -11.36 34.71 63.35
CA CYS A 477 -10.11 35.08 64.02
C CYS A 477 -9.54 36.31 63.34
N ASN A 478 -9.41 37.39 64.09
CA ASN A 478 -8.83 38.64 63.57
C ASN A 478 -7.33 38.69 63.85
N GLY A 479 -6.61 37.64 63.45
CA GLY A 479 -5.18 37.59 63.67
C GLY A 479 -4.76 37.19 65.06
N VAL A 480 -5.70 36.78 65.92
CA VAL A 480 -5.43 36.43 67.30
C VAL A 480 -5.88 34.99 67.53
N LYS A 481 -5.05 34.22 68.24
CA LYS A 481 -5.38 32.84 68.56
C LYS A 481 -6.43 32.79 69.66
N GLY A 482 -6.93 31.60 69.91
CA GLY A 482 -7.95 31.40 70.92
C GLY A 482 -8.84 30.23 70.54
N PHE A 483 -10.11 30.34 70.93
CA PHE A 483 -11.08 29.30 70.65
C PHE A 483 -11.19 29.05 69.15
N ASN A 484 -10.77 27.86 68.71
CA ASN A 484 -10.83 27.49 67.29
C ASN A 484 -10.10 28.53 66.43
N CYS A 485 -8.92 28.94 66.89
CA CYS A 485 -8.08 29.89 66.15
C CYS A 485 -6.62 29.49 66.40
N TYR A 486 -6.05 28.75 65.47
CA TYR A 486 -4.72 28.18 65.61
C TYR A 486 -3.78 28.73 64.54
N PHE A 487 -2.50 28.80 64.90
CA PHE A 487 -1.47 29.20 63.94
C PHE A 487 -1.29 28.08 62.91
N PRO A 488 -1.20 28.41 61.62
CA PRO A 488 -1.15 27.35 60.60
C PRO A 488 0.13 26.53 60.59
N LEU A 489 1.18 26.96 61.29
CA LEU A 489 2.47 26.28 61.26
C LEU A 489 2.77 25.68 62.63
N GLN A 490 3.43 24.52 62.63
CA GLN A 490 3.86 23.86 63.85
C GLN A 490 5.30 23.40 63.68
N SER A 491 5.99 23.21 64.80
CA SER A 491 7.41 22.92 64.79
C SER A 491 7.67 21.46 65.14
N TYR A 492 8.68 20.88 64.48
CA TYR A 492 9.14 19.55 64.82
C TYR A 492 9.96 19.57 66.10
N GLY A 493 9.97 18.44 66.81
CA GLY A 493 10.84 18.32 67.96
C GLY A 493 12.30 18.19 67.57
N PHE A 494 12.60 17.18 66.73
CA PHE A 494 13.95 16.98 66.22
C PHE A 494 15.00 17.01 67.33
N GLN A 495 14.94 16.04 68.24
CA GLN A 495 15.97 15.84 69.24
C GLN A 495 16.50 14.43 69.09
N PRO A 496 17.75 14.17 69.48
CA PRO A 496 18.36 12.86 69.20
C PRO A 496 17.71 11.70 69.93
N THR A 497 16.89 11.95 70.96
CA THR A 497 16.32 10.89 71.77
C THR A 497 14.98 10.39 71.23
N TYR A 498 14.66 10.69 69.99
CA TYR A 498 13.41 10.24 69.40
C TYR A 498 13.59 8.87 68.74
N GLY A 499 12.45 8.25 68.41
CA GLY A 499 12.47 7.08 67.57
C GLY A 499 12.73 7.44 66.12
N VAL A 500 13.04 6.41 65.32
CA VAL A 500 13.40 6.65 63.93
C VAL A 500 12.26 7.33 63.19
N GLY A 501 11.02 7.02 63.56
CA GLY A 501 9.87 7.64 62.90
C GLY A 501 9.75 9.12 63.16
N TYR A 502 10.37 9.63 64.22
CA TYR A 502 10.29 11.04 64.58
C TYR A 502 11.59 11.80 64.30
N GLN A 503 12.65 11.11 63.92
CA GLN A 503 13.91 11.78 63.64
C GLN A 503 13.82 12.53 62.32
N PRO A 504 14.60 13.60 62.15
CA PRO A 504 14.53 14.38 60.91
C PRO A 504 15.06 13.59 59.72
N TYR A 505 14.40 13.77 58.58
CA TYR A 505 14.84 13.20 57.32
C TYR A 505 14.87 14.30 56.28
N ARG A 506 16.00 14.43 55.59
CA ARG A 506 16.16 15.39 54.49
C ARG A 506 15.73 14.71 53.21
N VAL A 507 14.80 15.34 52.49
CA VAL A 507 14.21 14.80 51.28
C VAL A 507 14.52 15.75 50.13
N VAL A 508 15.03 15.18 49.04
CA VAL A 508 15.25 15.89 47.78
C VAL A 508 14.47 15.18 46.70
N VAL A 509 13.64 15.92 45.98
CA VAL A 509 12.82 15.39 44.90
C VAL A 509 13.31 16.01 43.60
N LEU A 510 13.70 15.16 42.66
CA LEU A 510 14.15 15.58 41.34
C LEU A 510 13.00 15.36 40.36
N SER A 511 12.48 16.45 39.82
CA SER A 511 11.42 16.43 38.82
C SER A 511 12.00 16.86 37.47
N PHE A 512 11.49 16.27 36.41
CA PHE A 512 12.02 16.51 35.06
C PHE A 512 10.93 17.15 34.21
N GLU A 513 11.07 18.44 33.95
CA GLU A 513 10.12 19.19 33.15
C GLU A 513 10.52 19.05 31.69
N LEU A 514 9.70 18.32 30.92
CA LEU A 514 9.95 18.06 29.50
C LEU A 514 8.85 18.75 28.71
N LEU A 515 9.16 19.91 28.14
CA LEU A 515 8.21 20.70 27.37
C LEU A 515 8.50 20.54 25.87
N HIS A 516 7.63 21.15 25.06
CA HIS A 516 7.86 21.20 23.62
C HIS A 516 8.80 22.34 23.27
N ALA A 517 9.94 22.37 23.95
CA ALA A 517 10.98 23.37 23.71
C ALA A 517 12.32 22.66 23.74
N PRO A 518 13.33 23.22 23.08
CA PRO A 518 14.64 22.56 23.06
C PRO A 518 15.14 22.27 24.46
N ALA A 519 15.66 21.07 24.65
CA ALA A 519 16.12 20.67 25.97
C ALA A 519 17.40 21.41 26.35
N THR A 520 17.60 21.55 27.65
CA THR A 520 18.77 22.23 28.18
C THR A 520 19.58 21.40 29.17
N VAL A 521 19.05 20.28 29.64
CA VAL A 521 19.74 19.41 30.59
C VAL A 521 19.81 18.01 30.01
N CYS A 522 20.98 17.39 30.07
CA CYS A 522 21.16 16.01 29.64
C CYS A 522 22.04 15.27 30.64
N GLY A 523 21.90 13.94 30.66
CA GLY A 523 22.70 13.12 31.54
C GLY A 523 24.15 13.10 31.12
N PRO A 524 25.00 12.45 31.93
CA PRO A 524 26.44 12.46 31.61
C PRO A 524 26.72 12.26 30.13
N LYS A 525 27.39 13.24 29.51
CA LYS A 525 27.83 13.10 28.13
C LYS A 525 28.71 11.86 28.02
N LYS A 526 28.41 11.05 27.01
CA LYS A 526 29.13 9.81 26.77
C LYS A 526 29.85 9.96 25.43
N SER A 527 31.17 10.15 25.50
CA SER A 527 32.02 10.22 24.33
C SER A 527 33.04 9.10 24.42
N THR A 528 33.04 8.22 23.44
CA THR A 528 33.98 7.10 23.42
C THR A 528 35.30 7.53 22.80
N ASN A 529 36.31 6.67 22.97
CA ASN A 529 37.61 6.94 22.38
C ASN A 529 37.49 6.97 20.85
N LEU A 530 38.28 7.85 20.24
CA LEU A 530 38.26 7.99 18.79
C LEU A 530 38.92 6.80 18.13
N VAL A 531 38.38 6.39 16.99
CA VAL A 531 38.93 5.30 16.18
C VAL A 531 39.11 5.82 14.77
N LYS A 532 40.24 5.47 14.15
CA LYS A 532 40.57 5.96 12.83
C LYS A 532 40.96 4.79 11.94
N ASN A 533 40.79 5.01 10.63
CA ASN A 533 41.18 4.03 9.63
C ASN A 533 40.43 2.70 9.83
N LYS A 534 39.13 2.82 10.06
CA LYS A 534 38.27 1.65 10.15
C LYS A 534 36.81 2.06 10.06
N CYS A 535 36.03 1.33 9.25
CA CYS A 535 34.62 1.65 9.08
C CYS A 535 33.89 1.51 10.42
N VAL A 536 33.44 2.64 10.97
CA VAL A 536 32.77 2.67 12.26
C VAL A 536 31.52 3.54 12.14
N ASN A 537 30.63 3.35 13.11
CA ASN A 537 29.42 4.17 13.23
C ASN A 537 29.76 5.33 14.17
N PHE A 538 30.06 6.48 13.57
CA PHE A 538 30.46 7.65 14.31
C PHE A 538 29.26 8.53 14.64
N ASN A 539 29.39 9.31 15.71
CA ASN A 539 28.40 10.31 16.07
C ASN A 539 29.13 11.50 16.67
N PHE A 540 28.99 12.66 16.04
CA PHE A 540 29.63 13.89 16.48
C PHE A 540 28.55 14.91 16.81
N ASN A 541 28.34 15.16 18.09
CA ASN A 541 27.42 16.20 18.55
C ASN A 541 26.03 15.98 17.96
N GLY A 542 25.58 14.73 17.95
CA GLY A 542 24.29 14.36 17.42
C GLY A 542 24.28 14.05 15.94
N LEU A 543 25.31 14.45 15.20
CA LEU A 543 25.42 14.12 13.79
C LEU A 543 25.89 12.68 13.69
N THR A 544 24.99 11.78 13.36
CA THR A 544 25.30 10.37 13.23
C THR A 544 25.71 10.06 11.80
N GLY A 545 26.52 9.03 11.64
CA GLY A 545 26.90 8.58 10.32
C GLY A 545 27.76 7.34 10.42
N THR A 546 28.08 6.77 9.26
CA THR A 546 28.88 5.55 9.19
C THR A 546 29.94 5.73 8.13
N GLY A 547 31.19 5.48 8.50
CA GLY A 547 32.29 5.73 7.57
C GLY A 547 33.62 5.49 8.23
N VAL A 548 34.67 5.83 7.49
CA VAL A 548 36.05 5.71 7.95
C VAL A 548 36.55 7.11 8.29
N LEU A 549 36.97 7.29 9.55
CA LEU A 549 37.50 8.56 10.02
C LEU A 549 39.02 8.53 9.91
N THR A 550 39.57 9.52 9.22
CA THR A 550 41.00 9.61 9.00
C THR A 550 41.48 11.02 9.31
N GLU A 551 42.78 11.14 9.59
CA GLU A 551 43.35 12.45 9.82
C GLU A 551 43.26 13.28 8.55
N SER A 552 42.90 14.56 8.69
CA SER A 552 42.62 15.43 7.56
C SER A 552 43.58 16.60 7.53
N ASN A 553 43.90 17.05 6.33
CA ASN A 553 44.72 18.24 6.11
C ASN A 553 43.88 19.47 5.85
N LYS A 554 42.55 19.36 5.90
CA LYS A 554 41.69 20.48 5.60
C LYS A 554 41.80 21.57 6.65
N LYS A 555 41.78 22.83 6.21
CA LYS A 555 41.96 23.98 7.08
C LYS A 555 40.60 24.53 7.47
N PHE A 556 39.95 23.86 8.40
CA PHE A 556 38.66 24.30 8.88
C PHE A 556 38.78 25.67 9.55
N LEU A 557 37.79 26.51 9.34
CA LEU A 557 37.74 27.77 10.04
C LEU A 557 37.34 27.54 11.49
N PRO A 558 37.75 28.43 12.40
CA PRO A 558 37.54 28.15 13.83
C PRO A 558 36.08 27.91 14.19
N PHE A 559 35.16 28.64 13.59
CA PHE A 559 33.76 28.56 13.92
C PHE A 559 33.05 27.39 13.26
N GLN A 560 33.66 26.76 12.28
CA GLN A 560 33.00 25.75 11.48
C GLN A 560 33.16 24.37 12.10
N GLN A 561 32.07 23.59 12.06
CA GLN A 561 32.03 22.29 12.70
C GLN A 561 31.92 21.11 11.73
N PHE A 562 31.44 21.34 10.51
CA PHE A 562 31.22 20.26 9.57
C PHE A 562 31.71 20.68 8.18
N GLY A 563 31.99 19.67 7.36
CA GLY A 563 32.41 19.91 5.99
C GLY A 563 31.66 19.03 5.01
N ARG A 564 30.92 19.65 4.10
CA ARG A 564 30.09 18.95 3.13
C ARG A 564 30.63 19.18 1.72
N ASP A 565 29.90 18.69 0.74
CA ASP A 565 30.37 18.68 -0.64
C ASP A 565 29.20 18.98 -1.56
N ILE A 566 29.41 18.75 -2.86
CA ILE A 566 28.33 18.96 -3.83
C ILE A 566 27.12 18.13 -3.43
N ALA A 567 27.35 16.89 -3.01
CA ALA A 567 26.28 16.05 -2.52
C ALA A 567 25.71 16.54 -1.20
N ASP A 568 26.37 17.49 -0.55
CA ASP A 568 25.98 17.99 0.76
C ASP A 568 26.12 16.94 1.84
N THR A 569 26.76 15.81 1.53
CA THR A 569 27.02 14.81 2.55
C THR A 569 28.23 15.22 3.37
N THR A 570 28.20 14.84 4.65
CA THR A 570 29.26 15.23 5.58
C THR A 570 30.59 14.66 5.11
N ASP A 571 31.45 15.50 4.55
CA ASP A 571 32.75 15.06 4.07
C ASP A 571 33.84 15.18 5.12
N ALA A 572 33.69 16.09 6.08
CA ALA A 572 34.68 16.27 7.12
C ALA A 572 33.96 16.69 8.39
N VAL A 573 34.62 16.43 9.53
CA VAL A 573 34.07 16.74 10.84
C VAL A 573 35.19 17.29 11.72
N ARG A 574 34.79 17.83 12.86
CA ARG A 574 35.72 18.33 13.87
C ARG A 574 35.41 17.62 15.17
N ASP A 575 36.44 17.06 15.79
CA ASP A 575 36.23 16.39 17.06
C ASP A 575 35.81 17.41 18.09
N PRO A 576 34.65 17.26 18.74
CA PRO A 576 34.21 18.27 19.70
C PRO A 576 35.19 18.48 20.84
N GLN A 577 35.83 17.40 21.30
CA GLN A 577 36.72 17.51 22.45
C GLN A 577 38.07 18.09 22.06
N THR A 578 38.81 17.41 21.20
CA THR A 578 40.06 17.92 20.66
C THR A 578 39.77 18.52 19.28
N LEU A 579 40.11 19.79 19.12
CA LEU A 579 39.77 20.53 17.90
C LEU A 579 40.69 20.11 16.76
N GLU A 580 40.45 18.91 16.26
CA GLU A 580 41.16 18.38 15.10
C GLU A 580 40.16 17.93 14.05
N ILE A 581 40.50 18.18 12.81
CA ILE A 581 39.62 17.88 11.69
C ILE A 581 39.86 16.44 11.24
N LEU A 582 38.76 15.76 10.90
CA LEU A 582 38.80 14.37 10.48
C LEU A 582 38.03 14.24 9.16
N ASP A 583 38.68 13.63 8.17
CA ASP A 583 38.02 13.34 6.90
C ASP A 583 37.22 12.05 7.02
N ILE A 584 36.01 12.09 6.47
CA ILE A 584 35.10 10.95 6.48
C ILE A 584 35.11 10.34 5.08
N THR A 585 35.36 9.04 5.01
CA THR A 585 35.28 8.31 3.77
C THR A 585 34.14 7.32 3.83
N PRO A 586 33.43 7.07 2.73
CA PRO A 586 32.35 6.08 2.77
C PRO A 586 32.88 4.71 3.19
N CYS A 587 32.10 4.02 4.01
CA CYS A 587 32.50 2.68 4.43
C CYS A 587 32.68 1.79 3.20
N SER A 588 33.53 0.77 3.36
CA SER A 588 33.98 -0.02 2.23
C SER A 588 32.91 -1.04 1.88
N PHE A 589 32.42 -0.98 0.65
CA PHE A 589 31.52 -2.01 0.16
C PHE A 589 31.55 -2.02 -1.35
N GLY A 590 31.00 -3.07 -1.92
CA GLY A 590 30.93 -3.14 -3.37
C GLY A 590 30.36 -4.46 -3.84
N GLY A 591 30.02 -4.46 -5.13
CA GLY A 591 29.45 -5.67 -5.71
C GLY A 591 30.44 -6.82 -5.62
N VAL A 592 29.90 -8.03 -5.70
CA VAL A 592 30.70 -9.24 -5.70
C VAL A 592 30.27 -10.06 -6.89
N SER A 593 31.17 -10.23 -7.84
CA SER A 593 30.90 -11.01 -9.05
C SER A 593 31.86 -12.19 -9.12
N VAL A 594 31.59 -13.07 -10.09
CA VAL A 594 32.28 -14.36 -10.20
C VAL A 594 32.80 -14.52 -11.61
N ILE A 595 34.11 -14.45 -11.77
CA ILE A 595 34.75 -14.79 -13.05
C ILE A 595 34.81 -16.31 -13.11
N THR A 596 33.97 -16.91 -13.93
CA THR A 596 33.87 -18.36 -14.01
C THR A 596 33.94 -18.80 -15.46
N PRO A 597 34.93 -19.61 -15.85
CA PRO A 597 34.84 -20.28 -17.15
C PRO A 597 33.70 -21.28 -17.12
N GLY A 598 33.17 -21.59 -18.30
CA GLY A 598 32.05 -22.49 -18.41
C GLY A 598 32.14 -23.70 -17.50
N THR A 599 31.09 -23.96 -16.72
CA THR A 599 31.09 -25.14 -15.85
C THR A 599 31.39 -26.38 -16.65
N ASN A 600 30.91 -26.44 -17.89
CA ASN A 600 31.28 -27.53 -18.79
C ASN A 600 32.79 -27.61 -18.98
N THR A 601 33.47 -26.47 -18.86
CA THR A 601 34.92 -26.43 -19.03
C THR A 601 35.67 -26.74 -17.73
N SER A 602 35.25 -26.13 -16.64
CA SER A 602 35.96 -26.31 -15.37
C SER A 602 35.05 -25.84 -14.24
N ASN A 603 35.37 -26.31 -13.04
CA ASN A 603 34.65 -25.89 -11.84
C ASN A 603 35.40 -24.83 -11.05
N GLN A 604 36.61 -24.44 -11.46
CA GLN A 604 37.36 -23.42 -10.76
C GLN A 604 36.94 -22.02 -11.20
N VAL A 605 36.71 -21.12 -10.23
CA VAL A 605 36.31 -19.75 -10.50
C VAL A 605 37.07 -18.80 -9.57
N ALA A 606 37.07 -17.53 -9.95
CA ALA A 606 37.63 -16.46 -9.15
C ALA A 606 36.52 -15.47 -8.75
N VAL A 607 36.77 -14.74 -7.66
CA VAL A 607 35.77 -13.85 -7.06
C VAL A 607 36.32 -12.43 -7.07
N LEU A 608 35.50 -11.50 -7.55
CA LEU A 608 35.87 -10.09 -7.64
C LEU A 608 35.00 -9.28 -6.69
N TYR A 609 35.64 -8.54 -5.79
CA TYR A 609 34.97 -7.53 -4.97
C TYR A 609 35.25 -6.18 -5.58
N GLN A 610 34.20 -5.50 -6.04
CA GLN A 610 34.30 -4.30 -6.84
C GLN A 610 34.59 -3.09 -5.97
N GLY A 611 35.66 -2.35 -6.31
CA GLY A 611 35.90 -1.10 -5.65
C GLY A 611 36.21 -1.23 -4.17
N VAL A 612 36.88 -2.30 -3.78
CA VAL A 612 37.29 -2.51 -2.39
C VAL A 612 38.77 -2.89 -2.39
N ASN A 613 39.54 -2.24 -1.53
CA ASN A 613 40.95 -2.55 -1.40
C ASN A 613 41.13 -4.00 -0.97
N CYS A 614 42.27 -4.58 -1.30
CA CYS A 614 42.54 -5.94 -0.88
C CYS A 614 43.00 -5.97 0.58
N THR A 615 42.24 -5.33 1.46
CA THR A 615 42.58 -5.32 2.88
C THR A 615 41.36 -5.62 3.73
N GLU A 616 40.18 -5.24 3.27
CA GLU A 616 38.96 -5.47 4.02
C GLU A 616 38.36 -6.85 3.77
N VAL A 617 38.87 -7.59 2.79
CA VAL A 617 38.32 -8.90 2.47
C VAL A 617 38.75 -9.87 3.57
N PRO A 618 37.92 -10.84 3.96
CA PRO A 618 38.35 -11.79 4.99
C PRO A 618 39.64 -12.52 4.62
N VAL A 619 39.69 -13.11 3.44
CA VAL A 619 40.87 -13.83 3.00
C VAL A 619 40.68 -14.32 1.56
N ASN A 638 47.32 -15.52 -4.31
CA ASN A 638 46.08 -15.61 -5.08
C ASN A 638 45.16 -14.44 -4.79
N VAL A 639 45.75 -13.28 -4.49
CA VAL A 639 45.02 -12.04 -4.34
C VAL A 639 45.69 -11.01 -5.24
N PHE A 640 44.89 -10.32 -6.04
CA PHE A 640 45.40 -9.32 -6.97
C PHE A 640 44.59 -8.04 -6.79
N GLN A 641 45.27 -6.91 -6.65
CA GLN A 641 44.63 -5.64 -6.37
C GLN A 641 44.69 -4.78 -7.63
N THR A 642 43.59 -4.75 -8.37
CA THR A 642 43.47 -3.92 -9.56
C THR A 642 42.54 -2.74 -9.26
N ARG A 643 42.54 -1.77 -10.17
CA ARG A 643 41.70 -0.60 -9.97
C ARG A 643 40.22 -1.00 -9.92
N ALA A 644 39.84 -2.05 -10.64
CA ALA A 644 38.47 -2.52 -10.56
C ALA A 644 38.12 -2.96 -9.15
N GLY A 645 39.08 -3.53 -8.43
CA GLY A 645 38.83 -3.99 -7.08
C GLY A 645 39.83 -5.07 -6.69
N CYS A 646 39.34 -6.00 -5.87
CA CYS A 646 40.15 -7.12 -5.38
C CYS A 646 39.71 -8.42 -6.06
N LEU A 647 40.64 -9.09 -6.72
CA LEU A 647 40.38 -10.34 -7.44
C LEU A 647 41.09 -11.49 -6.72
N ILE A 648 40.31 -12.48 -6.29
CA ILE A 648 40.81 -13.59 -5.48
C ILE A 648 40.56 -14.88 -6.24
N GLY A 649 41.58 -15.70 -6.37
CA GLY A 649 41.49 -16.90 -7.16
C GLY A 649 41.98 -16.74 -8.58
N ALA A 650 42.60 -15.60 -8.89
CA ALA A 650 43.18 -15.36 -10.19
C ALA A 650 44.68 -15.18 -10.03
N GLU A 651 45.45 -15.83 -10.89
CA GLU A 651 46.90 -15.71 -10.88
C GLU A 651 47.30 -14.61 -11.85
N HIS A 652 47.83 -13.51 -11.32
CA HIS A 652 48.26 -12.41 -12.18
C HIS A 652 49.32 -12.90 -13.16
N VAL A 653 49.17 -12.53 -14.42
CA VAL A 653 50.10 -12.91 -15.48
C VAL A 653 50.62 -11.64 -16.14
N ASN A 654 51.94 -11.54 -16.26
CA ASN A 654 52.52 -10.43 -17.00
C ASN A 654 52.20 -10.52 -18.48
N ASN A 655 52.16 -11.74 -19.02
CA ASN A 655 51.85 -11.91 -20.43
C ASN A 655 50.48 -11.36 -20.74
N SER A 656 50.35 -10.75 -21.92
CA SER A 656 49.12 -10.08 -22.34
C SER A 656 48.50 -10.87 -23.49
N TYR A 657 47.22 -11.21 -23.33
CA TYR A 657 46.45 -11.89 -24.35
C TYR A 657 45.21 -11.08 -24.66
N GLU A 658 44.41 -11.56 -25.61
CA GLU A 658 43.16 -10.91 -25.92
C GLU A 658 42.20 -11.03 -24.73
N CYS A 659 41.33 -10.04 -24.61
CA CYS A 659 40.36 -10.05 -23.52
C CYS A 659 39.38 -11.21 -23.71
N ASP A 660 39.16 -11.97 -22.65
CA ASP A 660 38.21 -13.07 -22.66
C ASP A 660 37.01 -12.81 -21.76
N ILE A 661 37.25 -12.52 -20.49
CA ILE A 661 36.19 -12.21 -19.55
C ILE A 661 36.52 -10.86 -18.92
N PRO A 662 35.98 -9.77 -19.44
CA PRO A 662 36.43 -8.45 -18.98
C PRO A 662 36.07 -8.19 -17.52
N ILE A 663 37.08 -8.11 -16.66
CA ILE A 663 36.85 -7.73 -15.27
C ILE A 663 36.69 -6.22 -15.15
N GLY A 664 37.55 -5.47 -15.81
CA GLY A 664 37.48 -4.02 -15.80
C GLY A 664 38.85 -3.38 -15.64
N ALA A 665 38.87 -2.08 -15.89
CA ALA A 665 40.11 -1.31 -15.79
C ALA A 665 41.20 -1.88 -16.69
N GLY A 666 40.80 -2.41 -17.85
CA GLY A 666 41.74 -2.99 -18.78
C GLY A 666 42.18 -4.39 -18.42
N ILE A 667 41.64 -4.95 -17.34
CA ILE A 667 42.03 -6.27 -16.85
C ILE A 667 40.96 -7.26 -17.26
N CYS A 668 41.39 -8.34 -17.92
CA CYS A 668 40.50 -9.42 -18.33
C CYS A 668 41.10 -10.74 -17.86
N ALA A 669 40.23 -11.69 -17.53
CA ALA A 669 40.63 -12.97 -16.96
C ALA A 669 40.24 -14.10 -17.90
N SER A 670 41.16 -15.04 -18.09
CA SER A 670 40.95 -16.20 -18.96
C SER A 670 41.40 -17.46 -18.23
N TYR A 671 40.71 -18.55 -18.50
CA TYR A 671 41.05 -19.85 -17.90
C TYR A 671 42.03 -20.56 -18.84
N GLN A 672 43.26 -20.73 -18.39
CA GLN A 672 44.31 -21.27 -19.23
C GLN A 672 45.35 -21.95 -18.35
N THR A 673 46.23 -22.73 -18.99
CA THR A 673 47.29 -23.44 -18.29
C THR A 673 48.17 -22.48 -17.49
N SER A 686 45.91 -28.51 -13.81
CA SER A 686 46.98 -27.52 -13.83
C SER A 686 46.46 -26.17 -14.28
N GLN A 687 45.47 -26.20 -15.18
CA GLN A 687 44.90 -24.96 -15.69
C GLN A 687 44.24 -24.18 -14.57
N SER A 688 44.37 -22.86 -14.62
CA SER A 688 43.82 -21.96 -13.62
C SER A 688 43.35 -20.68 -14.30
N ILE A 689 42.76 -19.80 -13.51
CA ILE A 689 42.24 -18.54 -14.01
C ILE A 689 43.32 -17.48 -13.86
N ILE A 690 43.71 -16.86 -14.97
CA ILE A 690 44.78 -15.87 -15.02
C ILE A 690 44.18 -14.56 -15.49
N ALA A 691 44.40 -13.49 -14.72
CA ALA A 691 43.95 -12.15 -15.09
C ALA A 691 45.15 -11.35 -15.58
N TYR A 692 44.97 -10.65 -16.69
CA TYR A 692 46.06 -9.92 -17.31
C TYR A 692 45.50 -8.66 -17.95
N THR A 693 46.40 -7.71 -18.16
CA THR A 693 46.08 -6.51 -18.94
C THR A 693 45.81 -6.92 -20.38
N MET A 694 44.55 -6.78 -20.79
CA MET A 694 44.13 -7.27 -22.09
C MET A 694 44.93 -6.61 -23.20
N SER A 695 45.29 -7.41 -24.18
CA SER A 695 45.96 -6.93 -25.38
C SER A 695 44.92 -6.41 -26.34
N LEU A 696 45.20 -5.26 -26.93
CA LEU A 696 44.30 -4.65 -27.90
C LEU A 696 44.63 -5.14 -29.31
N GLY A 697 43.77 -5.99 -29.85
CA GLY A 697 43.94 -6.47 -31.20
C GLY A 697 45.36 -6.97 -31.47
N VAL A 698 45.68 -7.11 -32.74
CA VAL A 698 47.03 -7.38 -33.18
C VAL A 698 47.60 -6.11 -33.78
N GLU A 699 48.78 -5.73 -33.32
CA GLU A 699 49.45 -4.59 -33.92
C GLU A 699 49.85 -4.90 -35.37
N ASN A 700 49.73 -3.90 -36.22
CA ASN A 700 50.02 -4.08 -37.64
C ASN A 700 50.47 -2.72 -38.20
N SER A 701 51.78 -2.55 -38.31
CA SER A 701 52.34 -1.32 -38.84
C SER A 701 52.23 -1.37 -40.36
N VAL A 702 51.39 -0.51 -40.93
CA VAL A 702 51.27 -0.46 -42.37
C VAL A 702 52.58 0.06 -42.94
N ALA A 703 53.11 -0.65 -43.92
CA ALA A 703 54.36 -0.26 -44.56
C ALA A 703 54.14 0.95 -45.45
N TYR A 704 53.82 2.10 -44.85
CA TYR A 704 53.49 3.27 -45.65
C TYR A 704 54.75 3.93 -46.19
N SER A 705 54.68 4.29 -47.46
CA SER A 705 55.71 5.11 -48.09
C SER A 705 55.03 5.92 -49.18
N ASN A 706 55.68 7.01 -49.56
CA ASN A 706 55.05 7.94 -50.49
C ASN A 706 54.95 7.38 -51.90
N ASN A 707 55.54 6.22 -52.18
CA ASN A 707 55.54 5.68 -53.54
C ASN A 707 55.27 4.19 -53.51
N SER A 708 54.38 3.74 -52.64
CA SER A 708 54.09 2.32 -52.51
C SER A 708 52.58 2.13 -52.41
N ILE A 709 52.04 1.30 -53.30
CA ILE A 709 50.62 0.98 -53.29
C ILE A 709 50.49 -0.54 -53.25
N ALA A 710 49.65 -1.03 -52.35
CA ALA A 710 49.37 -2.46 -52.24
C ALA A 710 48.02 -2.73 -52.89
N ILE A 711 48.04 -3.49 -53.98
CA ILE A 711 46.81 -3.77 -54.73
C ILE A 711 46.41 -5.22 -54.49
N PRO A 712 45.12 -5.51 -54.33
CA PRO A 712 44.70 -6.90 -54.14
C PRO A 712 44.65 -7.62 -55.47
N THR A 713 45.31 -8.77 -55.52
CA THR A 713 45.26 -9.63 -56.70
C THR A 713 44.20 -10.72 -56.58
N ASN A 714 43.53 -10.83 -55.43
CA ASN A 714 42.59 -11.92 -55.20
C ASN A 714 41.55 -11.47 -54.17
N PHE A 715 40.40 -12.12 -54.21
CA PHE A 715 39.25 -11.69 -53.42
C PHE A 715 38.56 -12.90 -52.83
N THR A 716 37.51 -12.62 -52.07
CA THR A 716 36.66 -13.65 -51.51
C THR A 716 35.24 -13.11 -51.39
N ILE A 717 34.26 -13.96 -51.68
CA ILE A 717 32.86 -13.63 -51.48
C ILE A 717 32.46 -14.16 -50.12
N SER A 718 32.39 -13.28 -49.13
CA SER A 718 32.06 -13.66 -47.77
C SER A 718 30.58 -13.36 -47.54
N VAL A 719 29.86 -14.36 -47.05
CA VAL A 719 28.45 -14.19 -46.71
C VAL A 719 28.36 -14.16 -45.18
N THR A 720 28.05 -12.99 -44.65
CA THR A 720 27.98 -12.74 -43.22
C THR A 720 26.52 -12.73 -42.75
N THR A 721 26.33 -12.65 -41.45
CA THR A 721 25.00 -12.68 -40.85
C THR A 721 24.77 -11.47 -39.96
N GLU A 722 23.61 -10.83 -40.13
CA GLU A 722 23.23 -9.61 -39.40
C GLU A 722 21.80 -9.80 -38.94
N ILE A 723 21.54 -9.72 -37.64
CA ILE A 723 20.27 -10.15 -37.08
C ILE A 723 19.59 -8.97 -36.40
N LEU A 724 18.33 -8.69 -36.78
CA LEU A 724 17.61 -7.55 -36.23
C LEU A 724 16.25 -7.97 -35.70
N PRO A 725 15.89 -7.65 -34.46
CA PRO A 725 14.48 -7.73 -34.08
C PRO A 725 13.67 -6.79 -34.94
N VAL A 726 12.48 -7.23 -35.34
CA VAL A 726 11.58 -6.42 -36.16
C VAL A 726 10.32 -6.05 -35.41
N SER A 727 9.79 -6.95 -34.60
CA SER A 727 8.59 -6.67 -33.84
C SER A 727 8.61 -7.54 -32.60
N MET A 728 7.73 -7.20 -31.67
CA MET A 728 7.60 -7.95 -30.43
C MET A 728 6.19 -8.48 -30.31
N THR A 729 6.00 -9.33 -29.32
CA THR A 729 4.69 -9.87 -29.04
C THR A 729 3.71 -8.74 -28.76
N LYS A 730 2.54 -8.80 -29.38
CA LYS A 730 1.50 -7.79 -29.20
C LYS A 730 0.71 -8.16 -27.97
N THR A 731 1.00 -7.51 -26.85
CA THR A 731 0.43 -7.87 -25.57
C THR A 731 -0.63 -6.85 -25.18
N SER A 732 -1.78 -7.32 -24.76
CA SER A 732 -2.82 -6.47 -24.21
C SER A 732 -3.17 -6.92 -22.81
N VAL A 733 -3.58 -5.97 -21.97
CA VAL A 733 -3.90 -6.24 -20.58
C VAL A 733 -5.27 -5.66 -20.28
N ASP A 734 -6.20 -6.52 -19.85
CA ASP A 734 -7.50 -6.07 -19.37
C ASP A 734 -7.30 -5.48 -17.99
N CYS A 735 -7.11 -4.15 -17.96
CA CYS A 735 -6.71 -3.49 -16.73
C CYS A 735 -7.60 -3.89 -15.57
N THR A 736 -8.92 -3.85 -15.77
CA THR A 736 -9.82 -4.18 -14.67
C THR A 736 -9.56 -5.58 -14.14
N MET A 737 -9.54 -6.57 -15.03
CA MET A 737 -9.38 -7.95 -14.58
C MET A 737 -8.03 -8.14 -13.91
N TYR A 738 -6.98 -7.61 -14.52
CA TYR A 738 -5.66 -7.73 -13.92
C TYR A 738 -5.66 -7.14 -12.52
N ILE A 739 -6.13 -5.92 -12.40
CA ILE A 739 -6.18 -5.29 -11.08
C ILE A 739 -7.26 -5.91 -10.22
N CYS A 740 -8.44 -6.11 -10.77
CA CYS A 740 -9.62 -6.48 -10.00
C CYS A 740 -10.28 -7.71 -10.58
N GLY A 741 -9.49 -8.75 -10.81
CA GLY A 741 -10.04 -9.97 -11.34
C GLY A 741 -11.21 -10.46 -10.52
N ASP A 742 -12.41 -10.30 -11.08
CA ASP A 742 -13.63 -10.86 -10.50
C ASP A 742 -13.85 -10.39 -9.06
N SER A 743 -13.76 -9.07 -8.86
CA SER A 743 -14.09 -8.46 -7.58
C SER A 743 -14.89 -7.20 -7.83
N THR A 744 -16.15 -7.20 -7.39
CA THR A 744 -17.01 -6.05 -7.62
C THR A 744 -16.57 -4.86 -6.76
N GLU A 745 -16.31 -5.10 -5.47
CA GLU A 745 -15.86 -4.02 -4.61
C GLU A 745 -14.54 -3.45 -5.11
N CYS A 746 -13.63 -4.32 -5.55
CA CYS A 746 -12.37 -3.86 -6.11
C CYS A 746 -12.61 -3.01 -7.34
N SER A 747 -13.52 -3.42 -8.22
CA SER A 747 -13.80 -2.65 -9.41
C SER A 747 -14.35 -1.27 -9.04
N ASN A 748 -15.26 -1.23 -8.06
CA ASN A 748 -15.81 0.05 -7.64
C ASN A 748 -14.72 0.96 -7.09
N LEU A 749 -13.84 0.43 -6.24
CA LEU A 749 -12.74 1.23 -5.72
C LEU A 749 -11.86 1.73 -6.86
N LEU A 750 -11.61 0.87 -7.85
CA LEU A 750 -10.77 1.25 -8.97
C LEU A 750 -11.40 2.34 -9.80
N LEU A 751 -12.72 2.37 -9.89
CA LEU A 751 -13.37 3.39 -10.69
C LEU A 751 -12.96 4.78 -10.26
N GLN A 752 -12.66 4.96 -8.97
CA GLN A 752 -12.27 6.28 -8.49
C GLN A 752 -10.99 6.78 -9.16
N TYR A 753 -10.12 5.88 -9.59
CA TYR A 753 -8.87 6.27 -10.22
C TYR A 753 -9.06 6.69 -11.66
N GLY A 754 -10.27 7.08 -12.03
CA GLY A 754 -10.45 7.72 -13.31
C GLY A 754 -10.13 6.79 -14.45
N SER A 755 -9.47 7.35 -15.46
CA SER A 755 -9.30 6.70 -16.74
C SER A 755 -7.95 6.02 -16.88
N PHE A 756 -7.34 5.61 -15.77
CA PHE A 756 -6.04 4.95 -15.85
C PHE A 756 -6.10 3.75 -16.79
N CYS A 757 -7.07 2.87 -16.55
CA CYS A 757 -7.17 1.67 -17.35
C CYS A 757 -7.29 2.00 -18.82
N THR A 758 -8.13 2.98 -19.16
CA THR A 758 -8.35 3.31 -20.55
C THR A 758 -7.06 3.77 -21.21
N GLN A 759 -6.29 4.62 -20.54
CA GLN A 759 -5.07 5.11 -21.15
C GLN A 759 -4.04 3.99 -21.28
N LEU A 760 -3.94 3.12 -20.28
CA LEU A 760 -3.00 2.01 -20.39
C LEU A 760 -3.36 1.14 -21.58
N ASN A 761 -4.65 0.81 -21.73
CA ASN A 761 -5.07 -0.01 -22.85
C ASN A 761 -4.79 0.69 -24.17
N ARG A 762 -5.03 2.00 -24.21
CA ARG A 762 -4.73 2.75 -25.43
C ARG A 762 -3.26 2.65 -25.76
N ALA A 763 -2.40 2.79 -24.75
CA ALA A 763 -0.97 2.73 -25.00
C ALA A 763 -0.56 1.37 -25.55
N LEU A 764 -1.04 0.30 -24.91
CA LEU A 764 -0.68 -1.03 -25.37
C LEU A 764 -1.19 -1.26 -26.79
N THR A 765 -2.41 -0.80 -27.06
CA THR A 765 -2.96 -0.98 -28.39
C THR A 765 -2.13 -0.24 -29.42
N GLY A 766 -1.70 0.97 -29.08
CA GLY A 766 -0.78 1.68 -29.96
C GLY A 766 0.49 0.88 -30.16
N ILE A 767 0.98 0.24 -29.11
CA ILE A 767 2.18 -0.57 -29.25
C ILE A 767 1.94 -1.68 -30.26
N ALA A 768 0.81 -2.35 -30.14
CA ALA A 768 0.52 -3.46 -31.04
C ALA A 768 0.40 -2.97 -32.47
N VAL A 769 -0.32 -1.87 -32.67
CA VAL A 769 -0.48 -1.32 -34.01
C VAL A 769 0.89 -0.94 -34.57
N GLU A 770 1.74 -0.40 -33.70
CA GLU A 770 3.08 -0.05 -34.12
C GLU A 770 3.85 -1.28 -34.56
N GLN A 771 3.72 -2.38 -33.81
CA GLN A 771 4.41 -3.60 -34.20
C GLN A 771 3.94 -4.06 -35.57
N ASP A 772 2.63 -4.01 -35.78
CA ASP A 772 2.10 -4.46 -37.06
C ASP A 772 2.60 -3.59 -38.19
N LYS A 773 2.61 -2.28 -37.98
CA LYS A 773 3.15 -1.37 -38.99
C LYS A 773 4.62 -1.64 -39.24
N ASN A 774 5.36 -1.96 -38.18
CA ASN A 774 6.78 -2.26 -38.33
C ASN A 774 6.96 -3.49 -39.22
N THR A 775 6.18 -4.53 -38.94
CA THR A 775 6.25 -5.72 -39.78
C THR A 775 5.94 -5.35 -41.22
N GLN A 776 4.88 -4.57 -41.43
CA GLN A 776 4.49 -4.19 -42.77
C GLN A 776 5.62 -3.48 -43.49
N GLU A 777 6.18 -2.46 -42.86
CA GLU A 777 7.23 -1.68 -43.48
C GLU A 777 8.44 -2.54 -43.77
N VAL A 778 8.81 -3.40 -42.81
CA VAL A 778 10.02 -4.18 -42.98
C VAL A 778 9.86 -5.19 -44.11
N PHE A 779 8.69 -5.83 -44.19
CA PHE A 779 8.43 -6.82 -45.23
C PHE A 779 7.53 -6.30 -46.35
N ALA A 780 6.40 -5.68 -46.00
CA ALA A 780 5.46 -5.29 -47.03
C ALA A 780 6.02 -4.12 -47.82
N GLN A 781 7.13 -4.34 -48.52
CA GLN A 781 7.70 -3.36 -49.41
C GLN A 781 7.57 -3.75 -50.86
N VAL A 782 7.18 -4.97 -51.15
CA VAL A 782 7.07 -5.47 -52.51
C VAL A 782 5.60 -5.42 -52.92
N LYS A 783 5.33 -4.75 -54.05
CA LYS A 783 3.97 -4.58 -54.52
C LYS A 783 3.33 -5.93 -54.86
N GLN A 784 4.04 -6.79 -55.55
CA GLN A 784 3.52 -8.05 -56.06
C GLN A 784 4.10 -9.22 -55.28
N ILE A 785 3.87 -10.43 -55.78
CA ILE A 785 4.47 -11.64 -55.24
C ILE A 785 5.13 -12.37 -56.42
N TYR A 786 6.39 -12.06 -56.67
CA TYR A 786 7.14 -12.80 -57.67
C TYR A 786 7.48 -14.18 -57.15
N LYS A 787 7.53 -15.16 -58.05
CA LYS A 787 8.00 -16.50 -57.71
C LYS A 787 9.05 -16.91 -58.74
N THR A 788 10.16 -17.45 -58.25
CA THR A 788 11.24 -17.81 -59.13
C THR A 788 10.78 -18.94 -60.06
N PRO A 789 11.28 -18.98 -61.30
CA PRO A 789 10.92 -20.08 -62.20
C PRO A 789 11.51 -21.40 -61.71
N PRO A 790 10.92 -22.54 -62.11
CA PRO A 790 11.47 -23.83 -61.66
C PRO A 790 12.90 -24.08 -62.10
N ILE A 791 13.31 -23.58 -63.26
CA ILE A 791 14.65 -23.83 -63.77
C ILE A 791 15.63 -22.94 -63.01
N LYS A 792 16.63 -23.56 -62.40
CA LYS A 792 17.66 -22.82 -61.66
C LYS A 792 18.93 -22.70 -62.51
N ASP A 793 18.82 -21.96 -63.62
CA ASP A 793 19.96 -21.70 -64.50
C ASP A 793 20.52 -20.32 -64.14
N PHE A 794 21.18 -20.27 -62.98
CA PHE A 794 21.58 -19.01 -62.35
C PHE A 794 23.07 -18.72 -62.51
N GLY A 795 23.64 -19.07 -63.66
CA GLY A 795 25.06 -18.83 -63.83
C GLY A 795 25.92 -19.57 -62.85
N GLY A 796 25.38 -20.61 -62.20
CA GLY A 796 26.11 -21.43 -61.26
C GLY A 796 25.71 -21.24 -59.81
N PHE A 797 25.15 -20.08 -59.47
CA PHE A 797 24.89 -19.78 -58.07
C PHE A 797 23.77 -20.69 -57.55
N ASN A 798 23.94 -21.18 -56.34
CA ASN A 798 23.02 -22.14 -55.73
C ASN A 798 22.25 -21.47 -54.62
N PHE A 799 20.99 -21.18 -54.87
CA PHE A 799 20.11 -20.59 -53.87
C PHE A 799 19.19 -21.61 -53.22
N SER A 800 19.40 -22.90 -53.52
CA SER A 800 18.44 -23.91 -53.11
C SER A 800 18.17 -23.87 -51.61
N GLN A 801 19.16 -23.44 -50.83
CA GLN A 801 19.02 -23.43 -49.39
C GLN A 801 18.37 -22.15 -48.87
N ILE A 802 18.19 -21.16 -49.74
CA ILE A 802 17.52 -19.93 -49.33
C ILE A 802 16.16 -19.76 -49.98
N LEU A 803 15.90 -20.38 -51.13
CA LEU A 803 14.58 -20.32 -51.72
C LEU A 803 13.61 -21.20 -50.92
N PRO A 804 12.32 -20.90 -50.98
CA PRO A 804 11.36 -21.68 -50.20
C PRO A 804 11.33 -23.13 -50.65
N ASP A 805 11.02 -24.01 -49.71
CA ASP A 805 11.01 -25.44 -50.00
C ASP A 805 9.59 -25.90 -50.28
N PRO A 806 9.29 -26.38 -51.50
CA PRO A 806 7.94 -26.92 -51.74
C PRO A 806 7.60 -28.09 -50.83
N SER A 807 8.59 -28.91 -50.46
CA SER A 807 8.30 -30.08 -49.63
C SER A 807 7.74 -29.66 -48.29
N LYS A 808 8.29 -28.63 -47.69
CA LYS A 808 7.77 -28.13 -46.42
C LYS A 808 6.35 -27.63 -46.62
N PRO A 809 5.42 -27.94 -45.72
CA PRO A 809 4.05 -27.40 -45.90
C PRO A 809 4.04 -25.88 -45.95
N SER A 810 4.89 -25.23 -45.15
CA SER A 810 5.06 -23.79 -45.25
C SER A 810 6.04 -23.46 -46.37
N LYS A 811 5.85 -22.29 -46.96
CA LYS A 811 6.71 -21.84 -48.05
C LYS A 811 8.02 -21.31 -47.47
N ARG A 812 8.66 -22.11 -46.62
CA ARG A 812 9.77 -21.66 -45.80
C ARG A 812 11.06 -22.25 -46.35
N SER A 813 12.08 -21.42 -46.51
CA SER A 813 13.37 -21.89 -46.96
C SER A 813 14.04 -22.70 -45.86
N PHE A 814 15.10 -23.40 -46.23
CA PHE A 814 15.78 -24.28 -45.29
C PHE A 814 16.37 -23.49 -44.13
N ILE A 815 17.07 -22.40 -44.44
CA ILE A 815 17.71 -21.61 -43.39
C ILE A 815 16.67 -21.04 -42.44
N GLU A 816 15.54 -20.59 -42.98
CA GLU A 816 14.49 -20.05 -42.12
C GLU A 816 13.92 -21.14 -41.23
N ASP A 817 13.78 -22.35 -41.76
CA ASP A 817 13.37 -23.45 -40.90
C ASP A 817 14.35 -23.61 -39.77
N LEU A 818 15.64 -23.55 -40.07
CA LEU A 818 16.64 -23.66 -39.01
C LEU A 818 16.43 -22.55 -37.99
N LEU A 819 16.29 -21.32 -38.46
CA LEU A 819 16.19 -20.18 -37.55
C LEU A 819 14.98 -20.33 -36.65
N PHE A 820 13.85 -20.75 -37.22
CA PHE A 820 12.65 -20.95 -36.43
C PHE A 820 12.86 -22.06 -35.42
N ASN A 821 13.59 -23.11 -35.81
CA ASN A 821 13.86 -24.19 -34.87
C ASN A 821 14.71 -23.71 -33.71
N LYS A 822 15.74 -22.91 -33.98
CA LYS A 822 16.64 -22.48 -32.93
C LYS A 822 15.92 -21.60 -31.93
N VAL A 823 15.37 -20.48 -32.40
CA VAL A 823 14.73 -19.51 -31.52
C VAL A 823 13.51 -20.16 -30.89
N THR A 824 13.32 -19.93 -29.59
CA THR A 824 12.20 -20.50 -28.86
C THR A 824 11.24 -19.43 -28.39
N PHE A 852 -2.65 -15.01 -18.68
CA PHE A 852 -3.84 -15.64 -18.11
C PHE A 852 -4.30 -14.91 -16.85
N ASN A 853 -4.00 -13.63 -16.79
CA ASN A 853 -4.49 -12.74 -15.73
C ASN A 853 -4.96 -11.43 -16.33
N GLY A 854 -5.78 -11.54 -17.37
CA GLY A 854 -6.06 -10.41 -18.23
C GLY A 854 -4.99 -10.17 -19.26
N LEU A 855 -3.95 -10.99 -19.27
CA LEU A 855 -2.80 -10.81 -20.16
C LEU A 855 -3.05 -11.66 -21.40
N THR A 856 -3.41 -11.00 -22.48
CA THR A 856 -3.73 -11.66 -23.73
C THR A 856 -2.66 -11.34 -24.77
N VAL A 857 -2.38 -12.33 -25.61
CA VAL A 857 -1.37 -12.22 -26.65
C VAL A 857 -2.13 -12.15 -27.96
N LEU A 858 -2.25 -10.96 -28.51
CA LEU A 858 -2.93 -10.78 -29.78
C LEU A 858 -2.07 -11.35 -30.90
N PRO A 859 -2.59 -12.25 -31.72
CA PRO A 859 -1.78 -12.82 -32.78
C PRO A 859 -1.36 -11.74 -33.76
N PRO A 860 -0.21 -11.90 -34.39
CA PRO A 860 0.22 -10.91 -35.39
C PRO A 860 -0.71 -10.91 -36.58
N LEU A 861 -0.84 -9.74 -37.20
CA LEU A 861 -1.67 -9.63 -38.39
C LEU A 861 -1.14 -10.51 -39.51
N LEU A 862 0.16 -10.48 -39.75
CA LEU A 862 0.77 -11.26 -40.81
C LEU A 862 1.24 -12.58 -40.23
N THR A 863 0.64 -13.68 -40.71
CA THR A 863 1.06 -14.99 -40.26
C THR A 863 2.49 -15.26 -40.69
N ASP A 864 3.18 -16.11 -39.92
CA ASP A 864 4.52 -16.47 -40.29
C ASP A 864 4.55 -16.99 -41.72
N GLU A 865 3.49 -17.67 -42.15
CA GLU A 865 3.39 -18.06 -43.54
C GLU A 865 3.48 -16.85 -44.45
N MET A 866 2.76 -15.79 -44.11
CA MET A 866 2.74 -14.61 -44.97
C MET A 866 4.09 -13.91 -44.95
N ILE A 867 4.78 -13.92 -43.81
CA ILE A 867 6.12 -13.36 -43.77
C ILE A 867 7.04 -14.17 -44.68
N ALA A 868 6.94 -15.50 -44.61
CA ALA A 868 7.75 -16.31 -45.48
C ALA A 868 7.46 -15.98 -46.93
N GLN A 869 6.20 -15.74 -47.25
CA GLN A 869 5.85 -15.38 -48.62
C GLN A 869 6.49 -14.07 -49.03
N TYR A 870 6.38 -13.05 -48.17
CA TYR A 870 7.01 -11.78 -48.48
C TYR A 870 8.50 -11.97 -48.75
N THR A 871 9.15 -12.72 -47.87
CA THR A 871 10.57 -12.94 -48.00
C THR A 871 10.90 -13.65 -49.30
N SER A 872 10.13 -14.68 -49.62
CA SER A 872 10.40 -15.44 -50.83
C SER A 872 10.25 -14.56 -52.05
N ALA A 873 9.21 -13.72 -52.06
CA ALA A 873 9.02 -12.84 -53.20
C ALA A 873 10.19 -11.89 -53.33
N LEU A 874 10.65 -11.35 -52.22
CA LEU A 874 11.80 -10.47 -52.28
C LEU A 874 12.99 -11.20 -52.85
N LEU A 875 13.19 -12.44 -52.41
CA LEU A 875 14.29 -13.24 -52.92
C LEU A 875 14.19 -13.41 -54.43
N ALA A 876 13.03 -13.82 -54.89
CA ALA A 876 12.87 -14.11 -56.31
C ALA A 876 13.05 -12.86 -57.14
N GLY A 877 12.45 -11.75 -56.71
CA GLY A 877 12.60 -10.53 -57.44
C GLY A 877 14.06 -10.10 -57.53
N THR A 878 14.77 -10.21 -56.41
CA THR A 878 16.18 -9.85 -56.42
C THR A 878 16.96 -10.74 -57.37
N ILE A 879 16.69 -12.05 -57.32
CA ILE A 879 17.50 -13.01 -58.07
C ILE A 879 17.21 -12.89 -59.56
N THR A 880 15.96 -12.67 -59.93
CA THR A 880 15.55 -12.71 -61.32
C THR A 880 15.52 -11.35 -61.98
N SER A 881 15.56 -10.28 -61.20
CA SER A 881 15.40 -8.94 -61.72
C SER A 881 16.36 -7.94 -61.10
N GLY A 882 17.19 -8.34 -60.14
CA GLY A 882 18.09 -7.40 -59.52
C GLY A 882 17.34 -6.36 -58.72
N TRP A 883 17.92 -5.16 -58.65
CA TRP A 883 17.35 -4.06 -57.89
C TRP A 883 16.15 -3.44 -58.57
N THR A 884 15.90 -3.79 -59.83
CA THR A 884 14.95 -3.03 -60.64
C THR A 884 13.54 -3.11 -60.06
N PHE A 885 13.12 -4.29 -59.63
CA PHE A 885 11.75 -4.43 -59.14
C PHE A 885 11.44 -3.45 -58.03
N GLY A 886 12.46 -3.05 -57.26
CA GLY A 886 12.21 -2.11 -56.18
C GLY A 886 11.76 -0.76 -56.68
N ALA A 887 12.36 -0.29 -57.78
CA ALA A 887 11.99 1.02 -58.33
C ALA A 887 10.65 0.94 -59.04
N GLY A 888 10.54 0.06 -60.03
CA GLY A 888 9.30 -0.10 -60.76
C GLY A 888 8.98 -1.55 -61.05
N ALA A 889 8.69 -1.86 -62.31
CA ALA A 889 8.41 -3.23 -62.72
C ALA A 889 9.66 -4.09 -62.61
N ALA A 890 9.49 -5.34 -62.21
CA ALA A 890 10.60 -6.27 -62.17
C ALA A 890 10.97 -6.67 -63.58
N LEU A 891 12.16 -6.29 -64.00
CA LEU A 891 12.66 -6.59 -65.33
C LEU A 891 13.62 -7.77 -65.21
N GLN A 892 13.28 -8.88 -65.87
CA GLN A 892 14.15 -10.04 -65.81
C GLN A 892 15.53 -9.71 -66.38
N ILE A 893 16.55 -10.36 -65.83
CA ILE A 893 17.92 -10.20 -66.29
C ILE A 893 18.73 -11.40 -65.83
N PRO A 894 19.65 -11.93 -66.64
CA PRO A 894 20.46 -13.06 -66.18
C PRO A 894 21.23 -12.70 -64.92
N PHE A 895 21.19 -13.60 -63.94
CA PHE A 895 21.79 -13.30 -62.65
C PHE A 895 23.28 -13.05 -62.76
N ALA A 896 23.93 -13.71 -63.72
CA ALA A 896 25.34 -13.42 -63.95
C ALA A 896 25.53 -11.97 -64.36
N MET A 897 24.66 -11.46 -65.23
CA MET A 897 24.73 -10.05 -65.58
C MET A 897 24.38 -9.17 -64.40
N GLN A 898 23.48 -9.64 -63.52
CA GLN A 898 23.20 -8.90 -62.29
C GLN A 898 24.46 -8.75 -61.45
N MET A 899 25.21 -9.84 -61.30
CA MET A 899 26.44 -9.77 -60.54
C MET A 899 27.48 -8.92 -61.25
N ALA A 900 27.47 -8.90 -62.57
CA ALA A 900 28.37 -8.01 -63.29
C ALA A 900 28.07 -6.55 -62.95
N TYR A 901 26.77 -6.20 -62.95
CA TYR A 901 26.41 -4.85 -62.55
C TYR A 901 26.84 -4.57 -61.12
N ARG A 902 26.67 -5.55 -60.22
CA ARG A 902 27.05 -5.32 -58.84
C ARG A 902 28.56 -5.18 -58.68
N PHE A 903 29.34 -5.89 -59.49
CA PHE A 903 30.78 -5.73 -59.47
C PHE A 903 31.19 -4.34 -59.96
N ASN A 904 30.53 -3.86 -61.01
CA ASN A 904 30.68 -2.45 -61.37
C ASN A 904 30.31 -1.56 -60.19
N GLY A 905 29.33 -1.98 -59.39
CA GLY A 905 28.81 -1.13 -58.33
C GLY A 905 29.83 -0.79 -57.27
N ILE A 906 30.70 -1.74 -56.92
CA ILE A 906 31.74 -1.51 -55.94
C ILE A 906 33.06 -1.10 -56.59
N GLY A 907 33.00 -0.68 -57.86
CA GLY A 907 34.20 -0.28 -58.57
C GLY A 907 34.99 -1.41 -59.18
N VAL A 908 34.39 -2.59 -59.35
CA VAL A 908 35.08 -3.73 -59.94
C VAL A 908 34.58 -3.93 -61.36
N THR A 909 35.50 -3.94 -62.32
CA THR A 909 35.14 -4.10 -63.72
C THR A 909 34.38 -5.41 -63.91
N GLN A 910 33.38 -5.39 -64.80
CA GLN A 910 32.48 -6.53 -64.91
C GLN A 910 33.19 -7.80 -65.37
N ASN A 911 34.18 -7.67 -66.26
CA ASN A 911 34.84 -8.86 -66.77
C ASN A 911 35.45 -9.69 -65.65
N VAL A 912 35.94 -9.03 -64.59
CA VAL A 912 36.47 -9.75 -63.44
C VAL A 912 35.49 -10.82 -62.99
N LEU A 913 34.22 -10.45 -62.89
CA LEU A 913 33.19 -11.43 -62.57
C LEU A 913 33.17 -12.55 -63.60
N TYR A 914 32.94 -12.18 -64.87
CA TYR A 914 32.78 -13.19 -65.91
C TYR A 914 33.95 -14.15 -65.95
N GLU A 915 35.17 -13.61 -66.06
CA GLU A 915 36.35 -14.44 -66.22
C GLU A 915 36.58 -15.33 -65.02
N ASN A 916 35.96 -15.04 -63.88
CA ASN A 916 36.07 -15.87 -62.70
C ASN A 916 34.69 -16.31 -62.22
N GLN A 917 33.68 -16.21 -63.07
CA GLN A 917 32.31 -16.50 -62.67
C GLN A 917 32.23 -17.78 -61.87
N LYS A 918 32.66 -18.90 -62.47
CA LYS A 918 32.56 -20.19 -61.79
C LYS A 918 33.18 -20.11 -60.41
N LEU A 919 34.41 -19.61 -60.32
CA LEU A 919 35.07 -19.50 -59.03
C LEU A 919 34.18 -18.76 -58.06
N ILE A 920 33.74 -17.56 -58.46
CA ILE A 920 32.86 -16.78 -57.62
C ILE A 920 31.70 -17.67 -57.15
N ALA A 921 31.03 -18.30 -58.11
CA ALA A 921 29.90 -19.14 -57.77
C ALA A 921 30.26 -20.10 -56.64
N ASN A 922 31.33 -20.87 -56.82
CA ASN A 922 31.69 -21.86 -55.81
C ASN A 922 31.81 -21.21 -54.45
N GLN A 923 32.61 -20.13 -54.37
CA GLN A 923 32.79 -19.48 -53.08
C GLN A 923 31.44 -19.17 -52.47
N PHE A 924 30.56 -18.53 -53.26
CA PHE A 924 29.25 -18.21 -52.74
C PHE A 924 28.58 -19.45 -52.19
N ASN A 925 28.52 -20.49 -53.01
CA ASN A 925 27.95 -21.75 -52.53
C ASN A 925 28.62 -22.14 -51.23
N SER A 926 29.96 -22.19 -51.26
CA SER A 926 30.69 -22.53 -50.06
C SER A 926 30.26 -21.62 -48.92
N ALA A 927 30.32 -20.32 -49.14
CA ALA A 927 29.92 -19.39 -48.10
C ALA A 927 28.55 -19.75 -47.60
N ILE A 928 27.59 -19.88 -48.53
CA ILE A 928 26.22 -20.14 -48.11
C ILE A 928 26.18 -21.38 -47.24
N GLY A 929 26.84 -22.45 -47.70
CA GLY A 929 26.84 -23.66 -46.91
C GLY A 929 27.34 -23.40 -45.50
N LYS A 930 28.46 -22.71 -45.39
CA LYS A 930 29.04 -22.44 -44.08
C LYS A 930 28.03 -21.77 -43.18
N ILE A 931 27.26 -20.82 -43.72
CA ILE A 931 26.26 -20.14 -42.90
C ILE A 931 25.40 -21.16 -42.19
N GLN A 932 24.86 -22.10 -42.97
CA GLN A 932 24.02 -23.14 -42.38
C GLN A 932 24.75 -23.79 -41.22
N ASP A 933 25.99 -24.22 -41.46
CA ASP A 933 26.76 -24.86 -40.42
C ASP A 933 26.80 -23.99 -39.18
N SER A 934 27.19 -22.72 -39.35
CA SER A 934 27.21 -21.83 -38.21
C SER A 934 25.86 -21.81 -37.53
N LEU A 935 24.80 -21.57 -38.31
CA LEU A 935 23.47 -21.59 -37.73
C LEU A 935 23.17 -22.95 -37.14
N SER A 936 23.53 -24.01 -37.85
CA SER A 936 23.28 -25.35 -37.35
C SER A 936 24.05 -25.58 -36.06
N SER A 937 25.24 -24.98 -35.94
CA SER A 937 26.14 -25.29 -34.85
C SER A 937 25.88 -24.39 -33.64
N THR A 938 26.06 -23.09 -33.80
CA THR A 938 26.02 -22.15 -32.69
C THR A 938 24.72 -21.34 -32.74
N ALA A 939 24.04 -21.27 -31.61
CA ALA A 939 22.83 -20.47 -31.46
C ALA A 939 23.09 -19.12 -30.81
N SER A 940 24.32 -18.82 -30.42
CA SER A 940 24.63 -17.53 -29.84
C SER A 940 24.38 -16.40 -30.81
N ALA A 941 24.41 -16.67 -32.11
CA ALA A 941 24.12 -15.63 -33.09
C ALA A 941 22.71 -15.08 -32.90
N LEU A 942 21.74 -15.97 -32.68
CA LEU A 942 20.34 -15.58 -32.54
C LEU A 942 20.04 -14.89 -31.23
N GLY A 943 21.04 -14.64 -30.40
CA GLY A 943 20.78 -14.07 -29.10
C GLY A 943 19.96 -12.80 -29.19
N LYS A 944 20.36 -11.88 -30.07
CA LYS A 944 19.61 -10.64 -30.24
C LYS A 944 18.11 -10.92 -30.26
N LEU A 945 17.68 -11.85 -31.12
CA LEU A 945 16.27 -12.21 -31.17
C LEU A 945 15.84 -12.89 -29.89
N GLN A 946 16.52 -13.97 -29.54
CA GLN A 946 16.18 -14.68 -28.32
C GLN A 946 16.13 -13.72 -27.15
N ASP A 947 17.18 -12.94 -26.99
CA ASP A 947 17.21 -11.88 -26.00
C ASP A 947 15.86 -11.17 -25.92
N VAL A 948 15.44 -10.55 -27.03
CA VAL A 948 14.19 -9.81 -27.03
C VAL A 948 13.10 -10.64 -26.40
N VAL A 949 12.87 -11.83 -26.97
CA VAL A 949 11.79 -12.69 -26.49
C VAL A 949 11.85 -12.78 -24.98
N ASN A 950 13.01 -13.17 -24.46
CA ASN A 950 13.15 -13.37 -23.03
C ASN A 950 12.69 -12.12 -22.28
N GLN A 951 13.24 -10.96 -22.66
CA GLN A 951 12.79 -9.71 -22.05
C GLN A 951 11.28 -9.67 -21.97
N ASN A 952 10.63 -9.75 -23.12
CA ASN A 952 9.18 -9.68 -23.13
C ASN A 952 8.62 -10.73 -22.20
N ALA A 953 9.02 -11.99 -22.41
CA ALA A 953 8.57 -13.05 -21.53
C ALA A 953 8.86 -12.67 -20.09
N GLN A 954 10.10 -12.28 -19.84
CA GLN A 954 10.49 -11.91 -18.48
C GLN A 954 9.50 -10.92 -17.92
N ALA A 955 9.22 -9.85 -18.67
CA ALA A 955 8.33 -8.83 -18.15
C ALA A 955 7.04 -9.45 -17.67
N LEU A 956 6.39 -10.23 -18.54
CA LEU A 956 5.11 -10.80 -18.18
C LEU A 956 5.20 -11.54 -16.86
N ASN A 957 6.22 -12.40 -16.73
CA ASN A 957 6.35 -13.16 -15.50
C ASN A 957 6.39 -12.21 -14.31
N THR A 958 7.26 -11.20 -14.38
CA THR A 958 7.31 -10.21 -13.31
C THR A 958 5.91 -9.69 -13.04
N LEU A 959 5.24 -9.25 -14.10
CA LEU A 959 3.89 -8.74 -13.93
C LEU A 959 3.06 -9.74 -13.16
N VAL A 960 3.05 -10.99 -13.61
CA VAL A 960 2.23 -12.00 -12.95
C VAL A 960 2.65 -12.15 -11.51
N LYS A 961 3.96 -12.20 -11.26
CA LYS A 961 4.43 -12.40 -9.89
C LYS A 961 4.02 -11.25 -9.00
N GLN A 962 3.86 -10.06 -9.56
CA GLN A 962 3.43 -8.96 -8.71
C GLN A 962 2.07 -9.23 -8.10
N LEU A 963 1.26 -10.07 -8.74
CA LEU A 963 -0.04 -10.39 -8.18
C LEU A 963 0.07 -11.18 -6.88
N SER A 964 1.26 -11.66 -6.56
CA SER A 964 1.52 -12.45 -5.36
C SER A 964 2.15 -11.60 -4.26
N SER A 965 1.98 -10.29 -4.33
CA SER A 965 2.65 -9.37 -3.42
C SER A 965 1.64 -8.64 -2.54
N ASN A 966 2.00 -8.45 -1.28
CA ASN A 966 1.11 -7.78 -0.35
C ASN A 966 1.09 -6.27 -0.57
N PHE A 967 2.23 -5.67 -0.86
CA PHE A 967 2.35 -4.23 -0.95
C PHE A 967 1.92 -3.53 0.33
N GLY A 968 1.97 -4.23 1.45
CA GLY A 968 1.49 -3.72 2.71
C GLY A 968 0.14 -4.24 3.13
N ALA A 969 -0.61 -4.87 2.22
CA ALA A 969 -1.91 -5.42 2.56
C ALA A 969 -1.74 -6.67 3.42
N ILE A 970 -2.80 -6.98 4.17
CA ILE A 970 -2.76 -8.16 5.04
C ILE A 970 -2.51 -9.41 4.21
N SER A 971 -3.05 -9.46 2.99
CA SER A 971 -2.90 -10.61 2.11
C SER A 971 -2.69 -10.13 0.70
N SER A 972 -2.28 -11.05 -0.17
CA SER A 972 -2.14 -10.78 -1.59
C SER A 972 -3.31 -11.29 -2.41
N VAL A 973 -4.38 -11.76 -1.77
CA VAL A 973 -5.56 -12.26 -2.46
C VAL A 973 -6.75 -11.39 -2.05
N LEU A 974 -7.43 -10.82 -3.04
CA LEU A 974 -8.60 -9.99 -2.75
C LEU A 974 -9.70 -10.80 -2.09
N ASN A 975 -9.95 -12.02 -2.60
CA ASN A 975 -11.05 -12.81 -2.09
C ASN A 975 -10.87 -13.11 -0.60
N ASP A 976 -9.65 -13.40 -0.18
CA ASP A 976 -9.39 -13.67 1.23
C ASP A 976 -9.72 -12.45 2.07
N ILE A 977 -9.29 -11.27 1.63
CA ILE A 977 -9.57 -10.05 2.38
C ILE A 977 -11.07 -9.82 2.47
N LEU A 978 -11.77 -9.96 1.35
CA LEU A 978 -13.22 -9.77 1.36
C LEU A 978 -13.89 -10.75 2.31
N SER A 979 -13.47 -12.02 2.26
CA SER A 979 -14.10 -13.04 3.08
C SER A 979 -13.78 -12.86 4.56
N ARG A 980 -12.63 -12.28 4.88
CA ARG A 980 -12.18 -12.18 6.25
C ARG A 980 -12.43 -10.82 6.88
N LEU A 981 -12.76 -9.80 6.09
CA LEU A 981 -12.98 -8.46 6.62
C LEU A 981 -14.24 -7.86 5.99
N ASP A 982 -14.91 -7.02 6.78
CA ASP A 982 -16.06 -6.30 6.27
C ASP A 982 -15.60 -5.23 5.28
N PRO A 983 -16.48 -4.78 4.39
CA PRO A 983 -16.08 -3.81 3.36
C PRO A 983 -15.46 -2.57 3.98
N PRO A 984 -16.02 -2.03 5.06
CA PRO A 984 -15.38 -0.86 5.68
C PRO A 984 -13.95 -1.14 6.10
N GLU A 985 -13.68 -2.35 6.59
CA GLU A 985 -12.31 -2.71 6.95
C GLU A 985 -11.53 -3.19 5.73
N ALA A 986 -12.16 -4.01 4.89
CA ALA A 986 -11.46 -4.59 3.74
C ALA A 986 -10.96 -3.50 2.81
N GLU A 987 -11.79 -2.49 2.53
CA GLU A 987 -11.43 -1.48 1.56
C GLU A 987 -10.11 -0.82 1.90
N VAL A 988 -9.78 -0.68 3.19
CA VAL A 988 -8.54 -0.01 3.55
C VAL A 988 -7.36 -0.72 2.91
N GLN A 989 -7.29 -2.05 3.07
CA GLN A 989 -6.19 -2.81 2.49
C GLN A 989 -6.36 -2.98 0.99
N ILE A 990 -7.60 -3.08 0.53
CA ILE A 990 -7.84 -3.21 -0.90
C ILE A 990 -7.32 -1.99 -1.63
N ASP A 991 -7.36 -0.83 -0.97
CA ASP A 991 -6.81 0.38 -1.58
C ASP A 991 -5.32 0.21 -1.83
N ARG A 992 -4.59 -0.29 -0.82
CA ARG A 992 -3.17 -0.53 -1.01
C ARG A 992 -2.93 -1.54 -2.12
N LEU A 993 -3.71 -2.62 -2.13
CA LEU A 993 -3.53 -3.62 -3.17
C LEU A 993 -3.75 -3.04 -4.55
N ILE A 994 -4.82 -2.28 -4.71
CA ILE A 994 -5.14 -1.68 -6.00
C ILE A 994 -4.03 -0.72 -6.40
N THR A 995 -3.58 0.11 -5.46
CA THR A 995 -2.54 1.07 -5.79
C THR A 995 -1.28 0.36 -6.23
N GLY A 996 -0.88 -0.67 -5.49
CA GLY A 996 0.34 -1.37 -5.84
C GLY A 996 0.25 -2.05 -7.19
N ARG A 997 -0.87 -2.73 -7.44
CA ARG A 997 -1.01 -3.42 -8.71
C ARG A 997 -1.07 -2.42 -9.85
N LEU A 998 -1.75 -1.30 -9.66
CA LEU A 998 -1.83 -0.29 -10.69
C LEU A 998 -0.46 0.28 -10.99
N GLN A 999 0.34 0.55 -9.96
CA GLN A 999 1.68 1.05 -10.17
C GLN A 999 2.50 0.02 -10.93
N SER A 1000 2.35 -1.26 -10.56
CA SER A 1000 3.03 -2.30 -11.29
C SER A 1000 2.65 -2.26 -12.75
N LEU A 1001 1.35 -2.10 -13.02
CA LEU A 1001 0.88 -2.05 -14.40
C LEU A 1001 1.49 -0.87 -15.13
N GLN A 1002 1.51 0.30 -14.49
CA GLN A 1002 2.07 1.47 -15.16
C GLN A 1002 3.54 1.24 -15.46
N THR A 1003 4.27 0.65 -14.52
CA THR A 1003 5.67 0.34 -14.77
C THR A 1003 5.81 -0.57 -15.97
N TYR A 1004 4.99 -1.62 -16.01
CA TYR A 1004 5.04 -2.51 -17.15
C TYR A 1004 4.80 -1.77 -18.44
N VAL A 1005 3.79 -0.91 -18.44
CA VAL A 1005 3.42 -0.21 -19.66
C VAL A 1005 4.53 0.72 -20.10
N THR A 1006 5.15 1.41 -19.15
CA THR A 1006 6.22 2.33 -19.49
C THR A 1006 7.40 1.58 -20.08
N GLN A 1007 7.83 0.50 -19.43
CA GLN A 1007 8.97 -0.24 -19.95
C GLN A 1007 8.65 -0.87 -21.30
N GLN A 1008 7.41 -1.34 -21.46
CA GLN A 1008 7.01 -1.87 -22.76
C GLN A 1008 7.10 -0.77 -23.81
N LEU A 1009 6.66 0.43 -23.46
CA LEU A 1009 6.75 1.54 -24.41
C LEU A 1009 8.20 1.80 -24.78
N ILE A 1010 9.07 1.80 -23.79
CA ILE A 1010 10.48 2.10 -24.06
C ILE A 1010 11.06 1.03 -24.97
N ARG A 1011 10.82 -0.23 -24.63
CA ARG A 1011 11.29 -1.31 -25.46
C ARG A 1011 10.67 -1.24 -26.84
N ALA A 1012 9.44 -0.74 -26.93
CA ALA A 1012 8.78 -0.60 -28.22
C ALA A 1012 9.44 0.49 -29.04
N ALA A 1013 9.84 1.58 -28.41
CA ALA A 1013 10.58 2.60 -29.14
C ALA A 1013 11.89 2.02 -29.65
N GLU A 1014 12.57 1.25 -28.81
CA GLU A 1014 13.81 0.61 -29.25
C GLU A 1014 13.54 -0.31 -30.43
N ILE A 1015 12.49 -1.11 -30.32
CA ILE A 1015 12.18 -2.06 -31.38
C ILE A 1015 11.79 -1.33 -32.64
N ARG A 1016 11.11 -0.20 -32.52
CA ARG A 1016 10.74 0.57 -33.70
C ARG A 1016 11.98 1.14 -34.37
N ALA A 1017 12.93 1.62 -33.58
CA ALA A 1017 14.19 2.07 -34.17
C ALA A 1017 14.84 0.91 -34.91
N SER A 1018 14.85 -0.26 -34.28
CA SER A 1018 15.44 -1.41 -34.93
C SER A 1018 14.72 -1.73 -36.22
N ALA A 1019 13.39 -1.64 -36.23
CA ALA A 1019 12.64 -2.02 -37.41
C ALA A 1019 12.82 -1.00 -38.51
N ASN A 1020 12.94 0.27 -38.15
CA ASN A 1020 13.26 1.28 -39.15
C ASN A 1020 14.60 0.97 -39.79
N LEU A 1021 15.57 0.61 -38.96
CA LEU A 1021 16.87 0.21 -39.51
C LEU A 1021 16.70 -0.99 -40.43
N ALA A 1022 15.87 -1.94 -40.03
CA ALA A 1022 15.69 -3.14 -40.83
C ALA A 1022 15.04 -2.81 -42.16
N ALA A 1023 14.01 -1.98 -42.14
CA ALA A 1023 13.36 -1.58 -43.38
C ALA A 1023 14.34 -0.83 -44.25
N THR A 1024 15.18 -0.01 -43.63
CA THR A 1024 16.17 0.73 -44.40
C THR A 1024 17.13 -0.23 -45.08
N LYS A 1025 17.58 -1.26 -44.37
CA LYS A 1025 18.48 -2.22 -45.00
C LYS A 1025 17.77 -2.99 -46.09
N MET A 1026 16.52 -3.35 -45.85
CA MET A 1026 15.75 -4.04 -46.87
C MET A 1026 15.68 -3.21 -48.14
N SER A 1027 15.40 -1.92 -48.00
CA SER A 1027 15.34 -1.04 -49.16
C SER A 1027 16.72 -0.87 -49.80
N GLU A 1028 17.75 -0.69 -48.98
CA GLU A 1028 19.08 -0.33 -49.43
C GLU A 1028 19.99 -1.54 -49.58
N CYS A 1029 19.90 -2.49 -48.66
CA CYS A 1029 20.67 -3.72 -48.83
C CYS A 1029 19.98 -4.66 -49.81
N VAL A 1030 18.66 -4.80 -49.72
CA VAL A 1030 17.98 -5.82 -50.50
C VAL A 1030 17.52 -5.25 -51.84
N LEU A 1031 16.74 -4.18 -51.83
CA LEU A 1031 16.23 -3.67 -53.09
C LEU A 1031 17.29 -2.95 -53.92
N GLY A 1032 18.51 -2.82 -53.41
CA GLY A 1032 19.59 -2.25 -54.17
C GLY A 1032 20.93 -2.61 -53.55
N GLN A 1033 21.97 -1.96 -54.07
CA GLN A 1033 23.34 -2.20 -53.61
C GLN A 1033 23.80 -0.93 -52.90
N SER A 1034 24.07 -1.05 -51.60
CA SER A 1034 24.35 0.12 -50.77
C SER A 1034 25.81 0.49 -50.88
N LYS A 1035 26.08 1.67 -51.45
CA LYS A 1035 27.43 2.20 -51.48
C LYS A 1035 27.93 2.54 -50.09
N ARG A 1036 27.05 2.60 -49.10
CA ARG A 1036 27.46 2.93 -47.76
C ARG A 1036 28.40 1.88 -47.23
N VAL A 1037 29.37 2.30 -46.44
CA VAL A 1037 30.37 1.39 -45.89
C VAL A 1037 29.84 0.80 -44.60
N ASP A 1038 29.92 -0.52 -44.47
CA ASP A 1038 29.62 -1.24 -43.25
C ASP A 1038 28.16 -1.08 -42.81
N PHE A 1039 27.28 -0.70 -43.72
CA PHE A 1039 25.86 -0.68 -43.43
C PHE A 1039 25.21 -2.04 -43.71
N CYS A 1040 25.64 -2.73 -44.78
CA CYS A 1040 25.04 -3.99 -45.17
C CYS A 1040 26.08 -5.10 -45.05
N GLY A 1041 26.79 -5.14 -43.93
CA GLY A 1041 27.84 -6.11 -43.70
C GLY A 1041 29.20 -5.58 -44.10
N LYS A 1042 30.23 -6.12 -43.46
CA LYS A 1042 31.56 -5.55 -43.64
C LYS A 1042 32.01 -5.70 -45.07
N GLY A 1043 32.71 -4.68 -45.56
CA GLY A 1043 33.28 -4.72 -46.89
C GLY A 1043 32.35 -4.13 -47.93
N TYR A 1044 32.90 -3.96 -49.14
CA TYR A 1044 32.08 -3.55 -50.26
C TYR A 1044 30.94 -4.54 -50.40
N HIS A 1045 29.71 -4.03 -50.42
CA HIS A 1045 28.53 -4.90 -50.34
C HIS A 1045 28.07 -5.25 -51.75
N LEU A 1046 27.98 -6.56 -52.03
CA LEU A 1046 27.49 -7.03 -53.32
C LEU A 1046 25.97 -7.14 -53.33
N MET A 1047 25.41 -7.84 -52.35
CA MET A 1047 23.96 -8.01 -52.29
C MET A 1047 23.60 -8.56 -50.93
N SER A 1048 22.33 -8.91 -50.77
CA SER A 1048 21.85 -9.40 -49.50
C SER A 1048 20.68 -10.35 -49.74
N PHE A 1049 20.40 -11.18 -48.75
CA PHE A 1049 19.24 -12.06 -48.79
C PHE A 1049 18.56 -12.08 -47.43
N PRO A 1050 17.29 -11.67 -47.35
CA PRO A 1050 16.60 -11.68 -46.07
C PRO A 1050 16.04 -13.05 -45.76
N GLN A 1051 15.79 -13.28 -44.48
CA GLN A 1051 15.12 -14.49 -44.04
C GLN A 1051 14.25 -14.14 -42.85
N SER A 1052 12.96 -14.44 -42.98
CA SER A 1052 12.04 -14.31 -41.87
C SER A 1052 12.53 -15.12 -40.68
N ALA A 1053 12.07 -14.73 -39.50
CA ALA A 1053 12.43 -15.41 -38.27
C ALA A 1053 11.41 -15.01 -37.22
N PRO A 1054 11.26 -15.79 -36.19
CA PRO A 1054 10.27 -15.43 -35.17
C PRO A 1054 10.49 -14.03 -34.67
N HIS A 1055 9.55 -13.15 -34.95
CA HIS A 1055 9.58 -11.79 -34.44
C HIS A 1055 10.77 -10.99 -34.95
N GLY A 1056 11.32 -11.35 -36.10
CA GLY A 1056 12.48 -10.61 -36.56
C GLY A 1056 13.02 -11.09 -37.89
N VAL A 1057 14.11 -10.47 -38.32
CA VAL A 1057 14.67 -10.73 -39.64
C VAL A 1057 16.15 -11.02 -39.52
N VAL A 1058 16.67 -11.71 -40.53
CA VAL A 1058 18.09 -12.00 -40.63
C VAL A 1058 18.55 -11.64 -42.03
N PHE A 1059 19.56 -10.79 -42.13
CA PHE A 1059 20.15 -10.40 -43.40
C PHE A 1059 21.44 -11.19 -43.61
N LEU A 1060 21.45 -12.01 -44.65
CA LEU A 1060 22.67 -12.67 -45.11
C LEU A 1060 23.35 -11.73 -46.10
N HIS A 1061 24.48 -11.18 -45.70
CA HIS A 1061 25.14 -10.13 -46.48
C HIS A 1061 26.22 -10.73 -47.36
N VAL A 1062 26.05 -10.61 -48.67
CA VAL A 1062 27.06 -11.01 -49.65
C VAL A 1062 27.97 -9.82 -49.91
N THR A 1063 29.22 -9.90 -49.41
CA THR A 1063 30.20 -8.85 -49.58
C THR A 1063 31.46 -9.39 -50.24
N TYR A 1064 32.14 -8.49 -50.92
CA TYR A 1064 33.40 -8.77 -51.59
C TYR A 1064 34.50 -8.25 -50.69
N VAL A 1065 35.46 -9.11 -50.37
CA VAL A 1065 36.58 -8.73 -49.53
C VAL A 1065 37.86 -9.03 -50.31
N PRO A 1066 38.64 -8.01 -50.70
CA PRO A 1066 39.94 -8.31 -51.31
C PRO A 1066 40.80 -9.13 -50.35
N ALA A 1067 41.54 -10.08 -50.92
CA ALA A 1067 42.20 -11.11 -50.14
C ALA A 1067 43.72 -11.02 -50.20
N GLN A 1068 44.31 -11.02 -51.40
CA GLN A 1068 45.75 -11.20 -51.59
C GLN A 1068 46.37 -9.89 -52.07
N GLU A 1069 47.23 -9.30 -51.24
CA GLU A 1069 47.80 -7.99 -51.49
C GLU A 1069 49.22 -8.10 -52.02
N LYS A 1070 49.53 -7.31 -53.05
CA LYS A 1070 50.88 -7.24 -53.61
C LYS A 1070 51.38 -5.81 -53.60
N ASN A 1071 52.63 -5.65 -53.21
CA ASN A 1071 53.29 -4.35 -53.25
C ASN A 1071 53.58 -3.93 -54.68
N PHE A 1072 53.54 -2.62 -54.92
CA PHE A 1072 53.92 -2.06 -56.20
C PHE A 1072 54.39 -0.63 -56.00
N THR A 1073 55.19 -0.16 -56.95
CA THR A 1073 55.61 1.23 -56.98
C THR A 1073 54.59 2.03 -57.78
N THR A 1074 54.14 3.13 -57.21
CA THR A 1074 53.06 3.92 -57.77
C THR A 1074 53.50 5.35 -57.99
N ALA A 1075 53.07 5.93 -59.11
CA ALA A 1075 53.37 7.31 -59.46
C ALA A 1075 52.08 8.04 -59.84
N PRO A 1076 51.81 9.18 -59.20
CA PRO A 1076 50.50 9.82 -59.41
C PRO A 1076 50.22 10.15 -60.87
N ALA A 1077 51.25 10.37 -61.67
CA ALA A 1077 51.06 10.70 -63.07
C ALA A 1077 52.24 10.18 -63.86
N ILE A 1078 52.30 10.54 -65.15
CA ILE A 1078 53.37 10.12 -66.05
C ILE A 1078 53.59 11.21 -67.08
N CYS A 1079 54.85 11.37 -67.48
CA CYS A 1079 55.25 12.32 -68.52
C CYS A 1079 55.73 11.54 -69.74
N HIS A 1080 55.15 11.83 -70.89
CA HIS A 1080 55.55 11.21 -72.15
C HIS A 1080 56.18 12.22 -73.10
N ASP A 1081 55.52 13.35 -73.32
CA ASP A 1081 56.03 14.44 -74.14
C ASP A 1081 56.05 15.74 -73.34
N GLY A 1082 56.41 15.64 -72.05
CA GLY A 1082 56.35 16.77 -71.15
C GLY A 1082 54.99 17.00 -70.51
N LYS A 1083 53.95 16.34 -71.01
CA LYS A 1083 52.61 16.48 -70.46
C LYS A 1083 52.41 15.40 -69.41
N ALA A 1084 51.95 15.81 -68.23
CA ALA A 1084 51.65 14.85 -67.18
C ALA A 1084 50.41 14.06 -67.55
N HIS A 1085 50.46 12.75 -67.38
CA HIS A 1085 49.35 11.86 -67.68
C HIS A 1085 48.81 11.27 -66.39
N PHE A 1086 47.50 11.37 -66.21
CA PHE A 1086 46.81 10.79 -65.07
C PHE A 1086 45.80 9.76 -65.54
N PRO A 1087 45.54 8.72 -64.74
CA PRO A 1087 44.67 7.64 -65.20
C PRO A 1087 43.20 8.06 -65.18
N ARG A 1088 42.51 7.82 -66.29
CA ARG A 1088 41.07 8.06 -66.31
C ARG A 1088 40.40 7.32 -65.17
N GLU A 1089 40.55 6.00 -65.14
CA GLU A 1089 39.97 5.17 -64.09
C GLU A 1089 41.00 4.10 -63.75
N GLY A 1090 41.70 4.27 -62.63
CA GLY A 1090 42.68 3.32 -62.19
C GLY A 1090 43.88 4.04 -61.62
N VAL A 1091 44.96 3.27 -61.43
CA VAL A 1091 46.16 3.76 -60.75
C VAL A 1091 47.37 3.22 -61.47
N PHE A 1092 48.40 4.07 -61.58
CA PHE A 1092 49.69 3.67 -62.10
C PHE A 1092 50.41 2.82 -61.07
N VAL A 1093 50.92 1.67 -61.49
CA VAL A 1093 51.72 0.81 -60.63
C VAL A 1093 52.89 0.29 -61.44
N SER A 1094 53.90 -0.22 -60.73
CA SER A 1094 55.05 -0.79 -61.40
C SER A 1094 55.46 -2.06 -60.68
N ASN A 1095 55.79 -3.09 -61.45
CA ASN A 1095 56.34 -4.32 -60.91
C ASN A 1095 57.86 -4.27 -60.80
N GLY A 1096 58.45 -3.09 -60.95
CA GLY A 1096 59.88 -2.93 -60.83
C GLY A 1096 60.51 -2.30 -62.06
N THR A 1097 60.03 -2.68 -63.23
CA THR A 1097 60.57 -2.16 -64.49
C THR A 1097 59.51 -1.56 -65.40
N HIS A 1098 58.30 -2.10 -65.41
CA HIS A 1098 57.25 -1.65 -66.31
C HIS A 1098 56.10 -1.03 -65.53
N TRP A 1099 55.50 -0.01 -66.12
CA TRP A 1099 54.37 0.71 -65.52
C TRP A 1099 53.09 0.25 -66.20
N PHE A 1100 52.09 -0.06 -65.39
CA PHE A 1100 50.78 -0.46 -65.87
C PHE A 1100 49.72 0.39 -65.20
N VAL A 1101 48.57 0.48 -65.84
CA VAL A 1101 47.44 1.25 -65.33
C VAL A 1101 46.40 0.22 -64.92
N THR A 1102 46.31 -0.05 -63.62
CA THR A 1102 45.47 -1.10 -63.09
C THR A 1102 44.40 -0.53 -62.17
N GLN A 1103 43.19 -1.09 -62.26
CA GLN A 1103 42.12 -0.66 -61.38
C GLN A 1103 42.54 -0.81 -59.92
N ARG A 1104 41.95 0.03 -59.07
CA ARG A 1104 42.44 0.17 -57.71
C ARG A 1104 42.12 -1.05 -56.85
N ASN A 1105 40.96 -1.65 -57.00
CA ASN A 1105 40.52 -2.70 -56.09
C ASN A 1105 40.75 -4.11 -56.61
N PHE A 1106 41.42 -4.26 -57.75
CA PHE A 1106 41.84 -5.59 -58.22
C PHE A 1106 43.05 -5.43 -59.11
N TYR A 1107 44.09 -6.20 -58.86
CA TYR A 1107 45.29 -6.09 -59.67
C TYR A 1107 45.01 -6.66 -61.05
N GLU A 1108 44.72 -5.78 -62.01
CA GLU A 1108 44.66 -6.14 -63.42
C GLU A 1108 45.49 -5.12 -64.19
N PRO A 1109 46.81 -5.29 -64.20
CA PRO A 1109 47.66 -4.33 -64.91
C PRO A 1109 47.34 -4.27 -66.38
N GLN A 1110 47.46 -3.07 -66.95
CA GLN A 1110 47.25 -2.86 -68.36
C GLN A 1110 48.28 -1.88 -68.89
N ILE A 1111 48.59 -2.01 -70.18
CA ILE A 1111 49.49 -1.06 -70.82
C ILE A 1111 48.89 0.34 -70.67
N ILE A 1112 49.77 1.31 -70.46
CA ILE A 1112 49.35 2.70 -70.28
C ILE A 1112 49.25 3.31 -71.67
N THR A 1113 48.02 3.42 -72.17
CA THR A 1113 47.76 4.00 -73.47
C THR A 1113 46.96 5.28 -73.30
N THR A 1114 46.92 6.08 -74.36
CA THR A 1114 46.15 7.30 -74.31
C THR A 1114 44.69 7.04 -73.99
N ASP A 1115 44.20 5.84 -74.30
CA ASP A 1115 42.84 5.48 -73.93
C ASP A 1115 42.69 5.43 -72.42
N ASN A 1116 43.70 4.89 -71.73
CA ASN A 1116 43.64 4.77 -70.28
C ASN A 1116 43.88 6.07 -69.55
N THR A 1117 44.57 7.02 -70.17
CA THR A 1117 45.10 8.18 -69.46
C THR A 1117 44.64 9.46 -70.15
N PHE A 1118 44.63 10.54 -69.37
CA PHE A 1118 44.33 11.87 -69.87
C PHE A 1118 45.39 12.85 -69.38
N VAL A 1119 45.66 13.85 -70.19
CA VAL A 1119 46.70 14.85 -69.89
C VAL A 1119 46.06 16.07 -69.25
N SER A 1120 46.79 16.67 -68.32
CA SER A 1120 46.34 17.93 -67.70
C SER A 1120 47.58 18.65 -67.21
N GLY A 1121 48.00 19.69 -67.95
CA GLY A 1121 49.17 20.46 -67.59
C GLY A 1121 50.47 19.79 -68.00
N ASN A 1122 51.57 20.47 -67.69
CA ASN A 1122 52.90 19.96 -67.91
C ASN A 1122 53.34 19.18 -66.67
N CYS A 1123 54.62 18.82 -66.63
CA CYS A 1123 55.14 17.98 -65.56
C CYS A 1123 56.00 18.73 -64.56
N ASP A 1124 55.96 20.06 -64.57
CA ASP A 1124 56.74 20.87 -63.63
C ASP A 1124 55.99 21.18 -62.35
N VAL A 1125 54.77 20.69 -62.19
CA VAL A 1125 53.93 21.01 -61.05
C VAL A 1125 53.76 19.80 -60.13
N VAL A 1126 53.60 18.61 -60.71
CA VAL A 1126 53.27 17.43 -59.92
C VAL A 1126 54.45 17.02 -59.06
N ILE A 1127 54.15 16.31 -57.97
CA ILE A 1127 55.15 15.78 -57.05
C ILE A 1127 55.08 14.26 -57.10
N GLY A 1128 56.23 13.62 -57.34
CA GLY A 1128 56.31 12.18 -57.45
C GLY A 1128 56.03 11.65 -58.84
N ILE A 1129 55.64 12.52 -59.78
CA ILE A 1129 55.43 12.09 -61.14
C ILE A 1129 56.71 11.42 -61.66
N VAL A 1130 56.56 10.63 -62.71
CA VAL A 1130 57.67 9.86 -63.26
C VAL A 1130 57.64 9.93 -64.78
N ASN A 1131 58.71 9.44 -65.39
CA ASN A 1131 58.84 9.38 -66.83
C ASN A 1131 58.50 7.97 -67.31
N ASN A 1132 57.79 7.88 -68.43
CA ASN A 1132 57.46 6.60 -69.02
C ASN A 1132 56.81 6.81 -70.38
N THR A 1133 56.98 5.82 -71.25
CA THR A 1133 56.35 5.86 -72.56
C THR A 1133 54.85 5.60 -72.42
N VAL A 1134 54.05 6.40 -73.13
CA VAL A 1134 52.61 6.23 -73.17
C VAL A 1134 52.26 5.77 -74.59
N TYR A 1135 51.92 4.50 -74.73
CA TYR A 1135 51.67 3.92 -76.04
C TYR A 1135 50.47 4.58 -76.70
N ASP A 1136 50.57 4.82 -78.01
CA ASP A 1136 49.51 5.41 -78.80
C ASP A 1136 48.94 4.36 -79.74
N PRO A 1137 47.68 3.94 -79.57
CA PRO A 1137 47.12 2.94 -80.50
C PRO A 1137 47.11 3.40 -81.95
N LEU A 1138 46.95 4.70 -82.19
CA LEU A 1138 46.81 5.20 -83.55
C LEU A 1138 48.13 5.23 -84.31
N GLN A 1139 49.26 5.30 -83.61
CA GLN A 1139 50.54 5.39 -84.29
C GLN A 1139 50.82 4.18 -85.17
N PRO A 1140 50.72 2.94 -84.69
CA PRO A 1140 50.93 1.80 -85.60
C PRO A 1140 49.96 1.77 -86.75
N GLU A 1141 48.71 2.16 -86.51
CA GLU A 1141 47.71 2.17 -87.57
C GLU A 1141 48.09 3.15 -88.67
N LEU A 1142 48.55 4.35 -88.28
CA LEU A 1142 49.01 5.31 -89.28
C LEU A 1142 50.28 4.83 -89.97
N ASP A 1143 51.14 4.10 -89.25
CA ASP A 1143 52.36 3.60 -89.85
C ASP A 1143 52.05 2.66 -91.02
N SER A 1144 51.06 1.80 -90.85
CA SER A 1144 50.65 0.89 -91.92
C SER A 1144 49.48 1.46 -92.69
N SER B 13 19.01 49.72 39.32
CA SER B 13 19.45 50.97 39.93
C SER B 13 18.34 52.02 39.86
N GLN B 14 18.59 53.16 40.50
CA GLN B 14 17.62 54.25 40.51
C GLN B 14 17.75 55.06 39.22
N CYS B 15 16.62 55.28 38.56
CA CYS B 15 16.61 56.03 37.32
C CYS B 15 17.00 57.48 37.55
N VAL B 16 17.72 58.04 36.58
CA VAL B 16 18.08 59.44 36.59
C VAL B 16 17.09 60.19 35.70
N ASN B 17 16.42 61.18 36.28
CA ASN B 17 15.38 61.92 35.57
C ASN B 17 15.96 63.16 34.91
N PHE B 18 15.55 63.40 33.67
CA PHE B 18 15.94 64.57 32.91
C PHE B 18 14.71 65.41 32.64
N THR B 19 14.74 66.67 33.08
CA THR B 19 13.59 67.54 32.89
C THR B 19 13.30 67.75 31.41
N THR B 20 14.34 67.95 30.60
CA THR B 20 14.20 68.18 29.17
C THR B 20 14.58 66.91 28.41
N ARG B 21 13.67 66.45 27.56
CA ARG B 21 13.89 65.27 26.73
C ARG B 21 13.67 65.65 25.27
N THR B 22 14.55 65.15 24.40
CA THR B 22 14.48 65.47 22.99
C THR B 22 15.08 64.31 22.20
N GLN B 23 14.74 64.27 20.91
CA GLN B 23 15.29 63.26 20.02
C GLN B 23 15.47 63.88 18.63
N LEU B 24 16.61 63.61 18.03
CA LEU B 24 16.90 64.19 16.72
C LEU B 24 16.03 63.52 15.65
N PRO B 25 15.69 64.24 14.59
CA PRO B 25 14.87 63.63 13.53
C PRO B 25 15.63 62.53 12.82
N PRO B 26 14.94 61.53 12.29
CA PRO B 26 15.62 60.46 11.55
C PRO B 26 16.00 60.91 10.15
N ALA B 27 16.91 60.16 9.56
CA ALA B 27 17.32 60.38 8.17
C ALA B 27 17.31 59.04 7.45
N TYR B 28 17.33 59.09 6.12
CA TYR B 28 17.23 57.90 5.29
C TYR B 28 18.47 57.75 4.41
N THR B 29 18.82 56.50 4.14
CA THR B 29 19.98 56.20 3.32
C THR B 29 19.69 54.93 2.53
N ASN B 30 20.55 54.63 1.56
CA ASN B 30 20.47 53.41 0.79
C ASN B 30 21.34 52.35 1.44
N SER B 31 20.78 51.15 1.62
CA SER B 31 21.51 50.07 2.27
C SER B 31 22.65 49.54 1.42
N PHE B 32 22.69 49.85 0.13
CA PHE B 32 23.70 49.31 -0.79
C PHE B 32 23.55 47.79 -0.77
N THR B 33 24.57 47.03 -0.39
CA THR B 33 24.54 45.57 -0.39
C THR B 33 25.13 45.02 0.90
N ARG B 34 24.63 45.50 2.05
CA ARG B 34 25.08 45.04 3.35
C ARG B 34 23.97 44.31 4.08
N GLY B 35 24.36 43.64 5.16
CA GLY B 35 23.43 42.86 5.97
C GLY B 35 23.46 41.36 5.73
N VAL B 36 24.45 40.84 5.02
CA VAL B 36 24.54 39.40 4.76
C VAL B 36 25.26 38.73 5.93
N TYR B 37 24.63 37.69 6.47
CA TYR B 37 25.18 36.91 7.57
C TYR B 37 25.11 35.43 7.20
N TYR B 38 26.03 34.65 7.74
CA TYR B 38 26.03 33.23 7.47
C TYR B 38 24.74 32.60 7.97
N PRO B 39 23.97 31.91 7.13
CA PRO B 39 22.70 31.35 7.61
C PRO B 39 22.87 30.16 8.53
N ASP B 40 23.83 29.29 8.23
CA ASP B 40 24.00 28.04 8.95
C ASP B 40 25.48 27.85 9.26
N LYS B 41 25.76 26.96 10.21
CA LYS B 41 27.13 26.66 10.59
C LYS B 41 27.79 25.66 9.65
N VAL B 42 27.23 25.47 8.47
CA VAL B 42 27.82 24.57 7.50
C VAL B 42 29.07 25.20 6.90
N PHE B 43 29.95 24.37 6.38
CA PHE B 43 31.10 24.81 5.59
C PHE B 43 30.88 24.42 4.14
N ARG B 44 30.98 25.40 3.25
CA ARG B 44 30.85 25.19 1.82
C ARG B 44 32.02 25.87 1.14
N SER B 45 32.59 25.21 0.13
CA SER B 45 33.81 25.70 -0.52
C SER B 45 33.57 25.92 -2.01
N SER B 46 34.01 27.06 -2.51
CA SER B 46 34.04 27.37 -3.93
C SER B 46 32.75 26.91 -4.62
N VAL B 47 31.63 27.38 -4.09
CA VAL B 47 30.31 26.93 -4.54
C VAL B 47 29.35 28.11 -4.45
N LEU B 48 28.18 27.94 -5.05
CA LEU B 48 27.06 28.84 -4.91
C LEU B 48 25.89 28.10 -4.29
N HIS B 49 25.27 28.68 -3.29
CA HIS B 49 24.17 28.05 -2.58
C HIS B 49 23.02 29.04 -2.44
N SER B 50 21.80 28.54 -2.63
CA SER B 50 20.59 29.37 -2.56
C SER B 50 19.90 29.13 -1.23
N THR B 51 19.65 30.22 -0.50
CA THR B 51 19.03 30.15 0.82
C THR B 51 17.88 31.14 0.90
N GLN B 52 16.72 30.66 1.36
CA GLN B 52 15.56 31.51 1.58
C GLN B 52 15.46 31.77 3.07
N ASP B 53 15.77 33.00 3.49
CA ASP B 53 15.80 33.33 4.91
C ASP B 53 15.55 34.82 5.08
N LEU B 54 15.51 35.27 6.33
CA LEU B 54 15.27 36.66 6.64
C LEU B 54 16.55 37.44 6.37
N PHE B 55 16.55 38.20 5.29
CA PHE B 55 17.69 38.99 4.86
C PHE B 55 17.32 40.46 4.80
N LEU B 56 18.35 41.31 4.75
CA LEU B 56 18.16 42.73 4.53
C LEU B 56 18.21 42.98 3.03
N PRO B 57 17.09 43.27 2.38
CA PRO B 57 17.12 43.36 0.91
C PRO B 57 18.08 44.45 0.45
N PHE B 58 18.77 44.16 -0.66
CA PHE B 58 19.75 45.11 -1.20
C PHE B 58 19.08 46.43 -1.55
N PHE B 59 19.81 47.52 -1.32
CA PHE B 59 19.35 48.85 -1.71
C PHE B 59 18.02 49.17 -1.07
N SER B 60 17.93 48.88 0.23
CA SER B 60 16.73 49.13 1.01
C SER B 60 16.89 50.42 1.78
N ASN B 61 15.79 51.17 1.91
CA ASN B 61 15.80 52.37 2.71
C ASN B 61 16.16 52.04 4.15
N VAL B 62 17.20 52.67 4.66
CA VAL B 62 17.72 52.42 6.00
C VAL B 62 17.57 53.70 6.81
N THR B 63 16.99 53.58 8.00
CA THR B 63 16.73 54.74 8.84
C THR B 63 17.89 54.92 9.82
N TRP B 64 18.59 56.04 9.71
CA TRP B 64 19.79 56.27 10.50
C TRP B 64 19.68 57.59 11.25
N PHE B 65 20.35 57.63 12.40
CA PHE B 65 20.32 58.77 13.29
C PHE B 65 21.69 58.88 13.95
N HIS B 66 21.83 59.86 14.83
CA HIS B 66 23.08 60.09 15.54
C HIS B 66 22.90 59.91 17.04
N LYS B 77 20.36 69.57 27.82
CA LYS B 77 19.33 68.89 27.06
C LYS B 77 19.66 67.41 26.87
N ARG B 78 18.74 66.55 27.30
CA ARG B 78 18.92 65.11 27.18
C ARG B 78 18.33 64.66 25.86
N PHE B 79 19.20 64.23 24.94
CA PHE B 79 18.77 63.72 23.65
C PHE B 79 18.64 62.20 23.74
N ALA B 80 17.41 61.71 23.73
CA ALA B 80 17.12 60.31 23.94
C ALA B 80 16.90 59.59 22.61
N ASN B 81 17.34 58.33 22.55
CA ASN B 81 17.14 57.53 21.36
C ASN B 81 15.68 57.14 21.22
N PRO B 82 15.24 56.80 20.00
CA PRO B 82 13.85 56.41 19.80
C PRO B 82 13.62 54.91 20.03
N VAL B 83 12.35 54.57 20.21
CA VAL B 83 11.94 53.17 20.36
C VAL B 83 11.45 52.70 19.00
N LEU B 84 12.14 51.70 18.44
CA LEU B 84 11.85 51.25 17.09
C LEU B 84 11.20 49.87 17.11
N PRO B 85 10.33 49.56 16.15
CA PRO B 85 9.78 48.20 16.07
C PRO B 85 10.87 47.19 15.80
N PHE B 86 10.57 45.94 16.13
CA PHE B 86 11.49 44.84 15.86
C PHE B 86 11.10 44.04 14.63
N ASN B 87 9.81 43.88 14.37
CA ASN B 87 9.34 43.13 13.21
C ASN B 87 9.91 41.72 13.32
N ASP B 88 10.51 41.17 12.27
CA ASP B 88 11.03 39.81 12.29
C ASP B 88 12.54 39.77 12.54
N GLY B 89 13.13 40.89 12.89
CA GLY B 89 14.57 40.99 13.04
C GLY B 89 15.03 42.36 12.61
N VAL B 90 16.21 42.74 13.08
CA VAL B 90 16.74 44.08 12.84
C VAL B 90 18.23 44.00 12.54
N TYR B 91 18.64 44.75 11.51
CA TYR B 91 20.04 44.97 11.20
C TYR B 91 20.45 46.34 11.72
N PHE B 92 21.45 46.35 12.58
CA PHE B 92 21.85 47.55 13.34
C PHE B 92 23.33 47.80 13.08
N ALA B 93 23.62 48.89 12.39
CA ALA B 93 25.00 49.28 12.08
C ALA B 93 25.39 50.49 12.93
N SER B 94 26.63 50.49 13.41
CA SER B 94 27.13 51.58 14.24
C SER B 94 28.48 52.02 13.72
N THR B 95 28.59 53.29 13.32
CA THR B 95 29.85 53.88 12.88
C THR B 95 30.32 54.84 13.96
N GLU B 96 31.51 54.58 14.52
CA GLU B 96 31.97 55.37 15.65
C GLU B 96 33.48 55.22 15.79
N LYS B 97 34.07 56.15 16.53
CA LYS B 97 35.49 56.05 16.87
C LYS B 97 35.68 55.25 18.15
N SER B 98 35.03 55.68 19.22
CA SER B 98 34.98 54.93 20.46
C SER B 98 33.66 54.16 20.55
N ASN B 99 33.63 53.17 21.44
CA ASN B 99 32.45 52.32 21.60
C ASN B 99 31.38 53.11 22.33
N ILE B 100 30.64 53.92 21.56
CA ILE B 100 29.58 54.75 22.14
C ILE B 100 28.32 53.92 22.36
N ILE B 101 27.89 53.19 21.34
CA ILE B 101 26.72 52.32 21.46
C ILE B 101 27.13 51.11 22.29
N ARG B 102 26.43 50.88 23.39
CA ARG B 102 26.82 49.86 24.36
C ARG B 102 25.80 48.75 24.53
N GLY B 103 24.52 49.00 24.28
CA GLY B 103 23.53 47.97 24.55
C GLY B 103 22.21 48.23 23.88
N TRP B 104 21.32 47.25 24.03
CA TRP B 104 19.99 47.27 23.45
C TRP B 104 19.02 46.64 24.44
N ILE B 105 17.76 47.06 24.35
CA ILE B 105 16.68 46.53 25.18
C ILE B 105 15.57 46.08 24.24
N PHE B 106 15.02 44.90 24.50
CA PHE B 106 14.04 44.28 23.63
C PHE B 106 12.82 43.85 24.43
N GLY B 107 11.67 43.90 23.79
CA GLY B 107 10.43 43.49 24.41
C GLY B 107 9.26 44.07 23.66
N THR B 108 8.07 43.77 24.17
CA THR B 108 6.83 44.29 23.61
C THR B 108 6.34 45.52 24.37
N THR B 109 6.20 45.41 25.69
CA THR B 109 5.82 46.54 26.52
C THR B 109 7.01 47.23 27.16
N LEU B 110 8.16 46.57 27.24
CA LEU B 110 9.36 47.15 27.84
C LEU B 110 9.08 47.62 29.27
N ASP B 111 8.31 46.82 30.01
CA ASP B 111 7.96 47.13 31.38
C ASP B 111 7.93 45.85 32.20
N SER B 112 7.63 45.98 33.49
CA SER B 112 7.55 44.83 34.37
C SER B 112 6.38 43.91 34.04
N LYS B 113 5.41 44.40 33.26
CA LYS B 113 4.26 43.57 32.92
C LYS B 113 4.68 42.32 32.14
N THR B 114 5.62 42.48 31.21
CA THR B 114 6.07 41.39 30.35
C THR B 114 7.58 41.27 30.43
N GLN B 115 8.06 40.06 30.19
CA GLN B 115 9.50 39.81 30.19
C GLN B 115 10.18 40.67 29.13
N SER B 116 11.33 41.22 29.50
CA SER B 116 12.11 42.06 28.60
C SER B 116 13.56 41.64 28.68
N LEU B 117 14.26 41.83 27.57
CA LEU B 117 15.66 41.42 27.42
C LEU B 117 16.55 42.66 27.40
N LEU B 118 17.72 42.53 28.02
CA LEU B 118 18.71 43.60 28.04
C LEU B 118 20.05 42.99 27.68
N ILE B 119 20.65 43.48 26.60
CA ILE B 119 21.97 43.02 26.15
C ILE B 119 22.89 44.22 26.18
N VAL B 120 23.90 44.18 27.04
CA VAL B 120 24.83 45.30 27.19
C VAL B 120 26.25 44.76 27.13
N ASN B 121 27.18 45.63 26.72
CA ASN B 121 28.62 45.32 26.69
C ASN B 121 29.30 46.43 27.49
N ASN B 122 29.38 46.25 28.80
CA ASN B 122 29.99 47.25 29.66
C ASN B 122 31.51 47.16 29.57
N ALA B 123 32.19 48.00 30.35
CA ALA B 123 33.65 47.99 30.34
C ALA B 123 34.21 46.65 30.79
N THR B 124 33.50 45.94 31.66
CA THR B 124 33.99 44.68 32.19
C THR B 124 33.75 43.53 31.21
N ASN B 125 32.48 43.27 30.90
CA ASN B 125 32.11 42.11 30.10
C ASN B 125 30.75 42.36 29.47
N VAL B 126 30.23 41.34 28.79
CA VAL B 126 28.93 41.42 28.13
C VAL B 126 27.89 40.76 29.02
N VAL B 127 26.83 41.49 29.35
CA VAL B 127 25.77 41.03 30.24
C VAL B 127 24.48 40.94 29.45
N ILE B 128 23.84 39.76 29.51
CA ILE B 128 22.57 39.51 28.84
C ILE B 128 21.60 39.01 29.90
N LYS B 129 20.53 39.75 30.12
CA LYS B 129 19.57 39.41 31.15
C LYS B 129 18.15 39.51 30.61
N VAL B 130 17.39 38.43 30.77
CA VAL B 130 15.98 38.40 30.42
C VAL B 130 15.20 38.36 31.72
N CYS B 131 14.52 39.46 32.02
CA CYS B 131 13.82 39.64 33.28
C CYS B 131 12.68 40.61 33.04
N GLU B 132 11.74 40.63 33.97
CA GLU B 132 10.62 41.58 33.90
C GLU B 132 11.12 42.97 34.29
N PHE B 133 11.98 43.51 33.42
CA PHE B 133 12.63 44.78 33.69
C PHE B 133 11.61 45.92 33.66
N GLN B 134 11.88 46.93 34.49
CA GLN B 134 11.15 48.19 34.46
C GLN B 134 12.15 49.25 33.99
N PHE B 135 12.26 49.40 32.67
CA PHE B 135 13.28 50.26 32.10
C PHE B 135 13.04 51.71 32.49
N CYS B 136 14.12 52.45 32.67
CA CYS B 136 14.04 53.87 32.95
C CYS B 136 13.60 54.65 31.72
N ASN B 137 13.02 55.82 31.96
CA ASN B 137 12.59 56.67 30.86
C ASN B 137 13.78 57.08 29.99
N ASP B 138 14.90 57.43 30.62
CA ASP B 138 16.12 57.82 29.92
C ASP B 138 17.26 56.96 30.47
N PRO B 139 17.42 55.74 29.98
CA PRO B 139 18.53 54.90 30.43
C PRO B 139 19.84 55.63 30.27
N PHE B 140 20.67 55.58 31.31
CA PHE B 140 21.89 56.38 31.38
C PHE B 140 23.08 55.51 31.74
N LEU B 141 24.16 55.66 30.98
CA LEU B 141 25.45 55.10 31.32
C LEU B 141 26.46 56.23 31.33
N GLY B 142 27.13 56.40 32.46
CA GLY B 142 28.02 57.53 32.67
C GLY B 142 29.42 57.13 33.06
N VAL B 143 30.41 57.66 32.33
CA VAL B 143 31.82 57.39 32.57
C VAL B 143 32.53 58.70 32.79
N TYR B 144 33.38 58.76 33.80
CA TYR B 144 34.15 59.95 34.13
C TYR B 144 35.62 59.69 33.88
N TYR B 145 36.33 60.74 33.47
CA TYR B 145 37.76 60.63 33.20
C TYR B 145 38.53 60.68 34.51
N HIS B 146 39.32 59.64 34.78
CA HIS B 146 40.15 59.58 35.98
C HIS B 146 41.46 60.28 35.65
N LYS B 147 41.57 61.54 36.07
CA LYS B 147 42.75 62.33 35.73
C LYS B 147 44.01 61.72 36.33
N ASN B 148 43.94 61.25 37.57
CA ASN B 148 45.10 60.63 38.19
C ASN B 148 45.53 59.37 37.44
N ASN B 149 44.56 58.55 37.04
CA ASN B 149 44.85 57.34 36.28
C ASN B 149 44.90 57.60 34.78
N LYS B 150 44.52 58.80 34.32
CA LYS B 150 44.55 59.14 32.90
C LYS B 150 43.77 58.12 32.08
N SER B 151 42.63 57.69 32.60
CA SER B 151 41.80 56.70 31.92
C SER B 151 40.35 56.89 32.35
N TRP B 152 39.44 56.76 31.40
CA TRP B 152 38.02 56.81 31.71
C TRP B 152 37.60 55.57 32.48
N MET B 153 36.68 55.76 33.42
CA MET B 153 36.17 54.66 34.23
C MET B 153 34.67 54.85 34.40
N GLU B 154 33.89 53.87 33.97
CA GLU B 154 32.45 53.94 34.10
C GLU B 154 32.05 53.97 35.56
N SER B 155 31.13 54.86 35.91
CA SER B 155 30.71 55.01 37.29
C SER B 155 29.21 55.23 37.47
N GLU B 156 28.41 55.21 36.40
CA GLU B 156 26.97 55.40 36.51
C GLU B 156 26.25 54.42 35.60
N PHE B 157 25.26 53.72 36.14
CA PHE B 157 24.45 52.78 35.38
C PHE B 157 23.02 52.84 35.91
N ARG B 158 22.15 53.56 35.22
CA ARG B 158 20.76 53.72 35.62
C ARG B 158 19.89 53.44 34.39
N VAL B 159 19.59 52.17 34.15
CA VAL B 159 18.86 51.73 32.97
C VAL B 159 17.45 51.31 33.31
N TYR B 160 17.29 50.46 34.32
CA TYR B 160 15.99 49.95 34.74
C TYR B 160 15.79 50.23 36.21
N SER B 161 14.56 50.63 36.56
CA SER B 161 14.24 50.82 37.97
C SER B 161 14.19 49.50 38.71
N SER B 162 13.69 48.45 38.07
CA SER B 162 13.50 47.18 38.75
C SER B 162 13.68 46.03 37.75
N ALA B 163 13.93 44.84 38.30
CA ALA B 163 14.08 43.63 37.50
C ALA B 163 13.66 42.46 38.38
N ASN B 164 12.55 41.83 38.04
CA ASN B 164 12.00 40.73 38.83
C ASN B 164 11.64 39.56 37.92
N ASN B 165 11.56 38.38 38.52
CA ASN B 165 11.24 37.15 37.81
C ASN B 165 12.17 36.97 36.61
N CYS B 166 13.47 37.11 36.88
CA CYS B 166 14.46 36.93 35.83
C CYS B 166 14.30 35.55 35.20
N THR B 167 14.31 35.52 33.88
CA THR B 167 14.17 34.28 33.15
C THR B 167 15.49 33.79 32.54
N PHE B 168 16.46 34.67 32.34
CA PHE B 168 17.74 34.24 31.81
C PHE B 168 18.84 35.21 32.24
N GLU B 169 20.05 34.68 32.37
CA GLU B 169 21.22 35.49 32.68
C GLU B 169 22.45 34.85 32.04
N TYR B 170 23.31 35.69 31.48
CA TYR B 170 24.56 35.23 30.87
C TYR B 170 25.56 36.38 30.91
N VAL B 171 26.68 36.16 31.58
CA VAL B 171 27.75 37.16 31.68
C VAL B 171 28.99 36.56 31.01
N SER B 172 29.54 37.29 30.04
CA SER B 172 30.71 36.82 29.31
C SER B 172 31.99 37.08 30.10
N PHE B 186 40.05 57.38 10.99
CA PHE B 186 39.97 55.96 11.31
C PHE B 186 38.81 55.68 12.24
N LYS B 187 37.69 55.26 11.67
CA LYS B 187 36.50 54.88 12.43
C LYS B 187 36.33 53.37 12.37
N ASN B 188 35.41 52.89 13.19
CA ASN B 188 35.06 51.48 13.27
C ASN B 188 33.58 51.33 12.94
N LEU B 189 33.27 50.36 12.10
CA LEU B 189 31.90 50.01 11.76
C LEU B 189 31.60 48.64 12.37
N ARG B 190 30.63 48.61 13.28
CA ARG B 190 30.16 47.38 13.91
C ARG B 190 28.75 47.11 13.41
N GLU B 191 28.61 46.03 12.63
CA GLU B 191 27.30 45.58 12.16
C GLU B 191 26.81 44.45 13.05
N PHE B 192 25.52 44.49 13.36
CA PHE B 192 24.88 43.46 14.16
C PHE B 192 23.55 43.08 13.51
N VAL B 193 23.18 41.81 13.66
CA VAL B 193 21.93 41.29 13.13
C VAL B 193 21.26 40.53 14.25
N PHE B 194 20.02 40.92 14.58
CA PHE B 194 19.24 40.30 15.64
C PHE B 194 18.01 39.65 15.03
N LYS B 195 17.86 38.36 15.27
CA LYS B 195 16.77 37.58 14.66
C LYS B 195 16.15 36.69 15.72
N ASN B 196 14.86 36.88 15.98
CA ASN B 196 14.13 36.07 16.94
C ASN B 196 13.27 35.08 16.16
N ILE B 197 13.70 33.83 16.13
CA ILE B 197 13.00 32.78 15.39
C ILE B 197 12.94 31.53 16.25
N ASP B 198 11.74 30.94 16.36
CA ASP B 198 11.56 29.67 17.07
C ASP B 198 12.06 29.79 18.51
N GLY B 199 11.71 30.89 19.17
CA GLY B 199 12.12 31.09 20.54
C GLY B 199 13.60 31.23 20.74
N TYR B 200 14.36 31.39 19.66
CA TYR B 200 15.80 31.56 19.72
C TYR B 200 16.15 32.95 19.22
N PHE B 201 16.95 33.66 19.99
CA PHE B 201 17.44 34.98 19.62
C PHE B 201 18.87 34.83 19.13
N LYS B 202 19.07 35.08 17.84
CA LYS B 202 20.36 34.90 17.18
C LYS B 202 20.96 36.27 16.93
N ILE B 203 22.24 36.42 17.26
CA ILE B 203 22.98 37.64 17.07
C ILE B 203 24.19 37.31 16.21
N TYR B 204 24.28 37.95 15.05
CA TYR B 204 25.47 37.91 14.21
C TYR B 204 26.16 39.25 14.31
N SER B 205 27.48 39.26 14.27
CA SER B 205 28.24 40.50 14.43
C SER B 205 29.42 40.51 13.47
N LYS B 206 29.80 41.72 13.08
CA LYS B 206 30.98 41.93 12.25
C LYS B 206 31.58 43.29 12.61
N HIS B 207 32.91 43.37 12.61
CA HIS B 207 33.63 44.59 12.94
C HIS B 207 34.63 44.88 11.83
N THR B 208 34.60 46.11 11.33
CA THR B 208 35.52 46.51 10.27
C THR B 208 36.11 47.88 10.56
N PRO B 209 37.35 48.12 10.14
CA PRO B 209 37.91 49.48 10.18
C PRO B 209 37.49 50.26 8.94
N ILE B 210 36.64 51.26 9.13
CA ILE B 210 36.11 52.07 8.05
C ILE B 210 36.67 53.48 8.17
N ASN B 211 37.23 53.98 7.07
CA ASN B 211 37.84 55.31 7.04
C ASN B 211 36.86 56.40 6.60
N LEU B 212 35.67 56.03 6.15
CA LEU B 212 34.68 57.03 5.75
C LEU B 212 34.26 57.87 6.94
N VAL B 213 33.92 59.12 6.67
CA VAL B 213 33.59 60.06 7.74
C VAL B 213 32.09 60.09 8.04
N ARG B 214 31.24 59.96 7.02
CA ARG B 214 29.80 60.04 7.23
C ARG B 214 29.10 59.14 6.21
N GLY B 215 27.94 58.64 6.60
CA GLY B 215 27.14 57.80 5.73
C GLY B 215 27.51 56.33 5.85
N LEU B 216 26.58 55.48 5.45
CA LEU B 216 26.80 54.04 5.48
C LEU B 216 27.74 53.65 4.34
N PRO B 217 28.88 53.03 4.62
CA PRO B 217 29.80 52.69 3.54
C PRO B 217 29.19 51.66 2.59
N GLN B 218 29.61 51.73 1.34
CA GLN B 218 29.15 50.81 0.32
C GLN B 218 30.16 49.67 0.22
N GLY B 219 29.69 48.44 0.43
CA GLY B 219 30.55 47.29 0.36
C GLY B 219 29.84 46.05 0.84
N PHE B 220 30.56 44.93 0.73
CA PHE B 220 30.05 43.62 1.09
C PHE B 220 30.95 43.00 2.15
N SER B 221 30.32 42.46 3.20
CA SER B 221 31.06 41.79 4.26
C SER B 221 30.10 40.90 5.02
N ALA B 222 30.37 39.60 5.02
CA ALA B 222 29.51 38.67 5.74
C ALA B 222 29.65 38.88 7.24
N LEU B 223 28.61 38.48 7.97
CA LEU B 223 28.58 38.62 9.43
C LEU B 223 28.68 37.23 10.05
N GLU B 224 29.74 37.01 10.82
CA GLU B 224 29.89 35.75 11.52
C GLU B 224 28.84 35.65 12.63
N PRO B 225 28.36 34.45 12.93
CA PRO B 225 27.44 34.30 14.05
C PRO B 225 28.12 34.63 15.36
N LEU B 226 27.48 35.48 16.16
CA LEU B 226 28.05 35.84 17.45
C LEU B 226 27.54 34.90 18.54
N VAL B 227 26.23 34.80 18.70
CA VAL B 227 25.68 33.91 19.71
C VAL B 227 24.18 33.71 19.51
N ASP B 228 23.70 32.50 19.77
CA ASP B 228 22.27 32.19 19.76
C ASP B 228 21.84 31.81 21.17
N LEU B 229 20.73 32.38 21.62
CA LEU B 229 20.26 32.15 22.98
C LEU B 229 18.83 31.61 22.96
N PRO B 230 18.51 30.64 23.81
CA PRO B 230 17.15 30.10 23.85
C PRO B 230 16.24 30.90 24.77
N ILE B 231 16.15 32.21 24.52
CA ILE B 231 15.36 33.06 25.40
C ILE B 231 13.89 32.72 25.31
N GLY B 232 13.38 32.51 24.10
CA GLY B 232 12.00 32.11 23.93
C GLY B 232 10.99 33.14 24.40
N ILE B 233 11.20 34.40 24.05
CA ILE B 233 10.28 35.47 24.41
C ILE B 233 9.78 36.14 23.14
N ASN B 234 8.73 36.95 23.31
CA ASN B 234 8.13 37.70 22.21
C ASN B 234 8.69 39.11 22.21
N ILE B 235 9.17 39.55 21.05
CA ILE B 235 9.80 40.86 20.89
C ILE B 235 9.13 41.57 19.72
N THR B 236 8.75 42.83 19.93
CA THR B 236 8.21 43.67 18.87
C THR B 236 8.85 45.04 18.77
N ARG B 237 9.52 45.52 19.82
CA ARG B 237 10.18 46.81 19.80
C ARG B 237 11.52 46.69 20.51
N PHE B 238 12.39 47.66 20.26
CA PHE B 238 13.69 47.69 20.92
C PHE B 238 14.21 49.13 20.91
N GLN B 239 15.29 49.36 21.65
CA GLN B 239 15.89 50.67 21.74
C GLN B 239 17.39 50.53 21.88
N THR B 240 18.11 51.57 21.51
CA THR B 240 19.57 51.60 21.57
C THR B 240 20.03 52.35 22.82
N LEU B 241 21.17 51.95 23.35
CA LEU B 241 21.75 52.54 24.53
C LEU B 241 23.13 53.09 24.20
N HIS B 242 23.37 54.34 24.59
CA HIS B 242 24.64 55.01 24.33
C HIS B 242 25.36 55.28 25.63
N ILE B 243 26.64 55.61 25.52
CA ILE B 243 27.49 55.92 26.67
C ILE B 243 27.61 57.42 26.79
N SER B 244 27.67 57.92 28.03
CA SER B 244 27.78 59.34 28.31
C SER B 244 29.11 59.61 28.98
N TYR B 245 29.81 60.63 28.50
CA TYR B 245 31.10 61.02 29.06
C TYR B 245 30.95 62.23 29.97
N ALA B 261 27.28 57.53 14.62
CA ALA B 261 25.95 57.41 14.06
C ALA B 261 25.53 55.94 14.01
N TYR B 262 24.23 55.68 13.93
CA TYR B 262 23.75 54.31 13.83
C TYR B 262 22.57 54.22 12.88
N TYR B 263 22.56 53.15 12.10
CA TYR B 263 21.59 52.88 11.06
C TYR B 263 20.82 51.62 11.41
N VAL B 264 19.53 51.59 11.04
CA VAL B 264 18.64 50.47 11.36
C VAL B 264 17.86 50.08 10.10
N GLY B 265 17.79 48.78 9.85
CA GLY B 265 16.94 48.24 8.81
C GLY B 265 16.22 47.01 9.30
N TYR B 266 15.17 46.63 8.57
CA TYR B 266 14.30 45.53 8.95
C TYR B 266 14.44 44.37 7.96
N LEU B 267 14.68 43.17 8.48
CA LEU B 267 14.83 41.99 7.64
C LEU B 267 13.49 41.55 7.10
N GLN B 268 13.52 40.89 5.95
CA GLN B 268 12.36 40.40 5.25
C GLN B 268 12.68 39.02 4.70
N PRO B 269 11.67 38.18 4.50
CA PRO B 269 11.94 36.86 3.89
C PRO B 269 12.36 37.00 2.44
N ARG B 270 13.63 36.74 2.17
CA ARG B 270 14.20 36.90 0.84
C ARG B 270 15.01 35.66 0.49
N THR B 271 15.11 35.42 -0.81
CA THR B 271 15.96 34.36 -1.33
C THR B 271 17.27 34.99 -1.77
N PHE B 272 18.37 34.38 -1.35
CA PHE B 272 19.71 34.89 -1.64
C PHE B 272 20.58 33.80 -2.24
N LEU B 273 21.43 34.21 -3.19
CA LEU B 273 22.41 33.33 -3.82
C LEU B 273 23.77 33.74 -3.28
N LEU B 274 24.35 32.91 -2.42
CA LEU B 274 25.60 33.20 -1.76
C LEU B 274 26.74 32.45 -2.44
N LYS B 275 27.89 33.10 -2.58
CA LYS B 275 29.07 32.53 -3.22
C LYS B 275 30.14 32.32 -2.17
N TYR B 276 30.37 31.06 -1.81
CA TYR B 276 31.39 30.71 -0.83
C TYR B 276 32.69 30.39 -1.55
N ASN B 277 33.76 31.08 -1.16
CA ASN B 277 35.06 30.91 -1.79
C ASN B 277 35.71 29.63 -1.26
N GLU B 278 36.96 29.39 -1.67
CA GLU B 278 37.63 28.16 -1.28
C GLU B 278 37.76 28.04 0.23
N ASN B 279 37.94 29.16 0.93
CA ASN B 279 38.15 29.15 2.38
C ASN B 279 36.85 29.12 3.16
N GLY B 280 35.72 28.90 2.49
CA GLY B 280 34.46 28.88 3.19
C GLY B 280 33.92 30.24 3.55
N THR B 281 34.45 31.29 2.94
CA THR B 281 33.99 32.65 3.21
C THR B 281 33.01 33.08 2.13
N ILE B 282 31.96 33.78 2.55
CA ILE B 282 30.93 34.26 1.64
C ILE B 282 31.49 35.51 0.95
N THR B 283 32.01 35.33 -0.27
CA THR B 283 32.63 36.44 -0.97
C THR B 283 31.62 37.43 -1.49
N ASP B 284 30.48 36.94 -2.00
CA ASP B 284 29.50 37.81 -2.62
C ASP B 284 28.12 37.20 -2.44
N ALA B 285 27.09 38.04 -2.58
CA ALA B 285 25.71 37.62 -2.44
C ALA B 285 24.85 38.34 -3.48
N VAL B 286 23.80 37.66 -3.92
CA VAL B 286 22.86 38.21 -4.90
C VAL B 286 21.45 38.07 -4.35
N ASP B 287 20.68 39.15 -4.43
CA ASP B 287 19.28 39.14 -4.02
C ASP B 287 18.42 38.86 -5.24
N CYS B 288 17.78 37.69 -5.27
CA CYS B 288 17.04 37.29 -6.47
C CYS B 288 15.98 38.33 -6.84
N ALA B 289 15.20 38.78 -5.85
CA ALA B 289 14.07 39.64 -6.11
C ALA B 289 14.45 41.10 -6.31
N LEU B 290 15.74 41.43 -6.24
CA LEU B 290 16.15 42.82 -6.43
C LEU B 290 15.77 43.31 -7.82
N ASP B 291 16.10 42.53 -8.85
CA ASP B 291 15.88 42.95 -10.22
C ASP B 291 15.76 41.71 -11.08
N PRO B 292 15.24 41.84 -12.29
CA PRO B 292 15.21 40.68 -13.20
C PRO B 292 16.59 40.08 -13.43
N LEU B 293 17.63 40.90 -13.50
CA LEU B 293 18.96 40.33 -13.67
C LEU B 293 19.31 39.40 -12.51
N SER B 294 19.00 39.81 -11.29
CA SER B 294 19.31 38.98 -10.14
C SER B 294 18.48 37.70 -10.13
N GLU B 295 17.22 37.77 -10.55
CA GLU B 295 16.44 36.55 -10.67
C GLU B 295 17.05 35.60 -11.70
N THR B 296 17.52 36.14 -12.83
CA THR B 296 18.19 35.30 -13.80
C THR B 296 19.41 34.63 -13.18
N LYS B 297 20.20 35.39 -12.43
CA LYS B 297 21.36 34.80 -11.78
C LYS B 297 20.96 33.69 -10.82
N CYS B 298 19.91 33.91 -10.03
CA CYS B 298 19.48 32.90 -9.08
C CYS B 298 19.02 31.65 -9.79
N THR B 299 18.29 31.81 -10.89
CA THR B 299 17.84 30.65 -11.66
C THR B 299 19.03 29.88 -12.21
N LEU B 300 20.03 30.58 -12.73
CA LEU B 300 21.16 29.90 -13.33
C LEU B 300 22.18 29.42 -12.31
N LYS B 301 22.00 29.77 -11.04
CA LYS B 301 22.91 29.34 -9.99
C LYS B 301 24.35 29.71 -10.34
N SER B 302 24.55 30.94 -10.80
CA SER B 302 25.88 31.44 -11.12
C SER B 302 25.88 32.93 -10.89
N PHE B 303 27.01 33.45 -10.44
CA PHE B 303 27.23 34.88 -10.56
C PHE B 303 27.69 35.26 -11.96
N THR B 304 27.04 34.68 -12.96
CA THR B 304 27.18 35.09 -14.34
C THR B 304 26.02 34.51 -15.12
N VAL B 305 25.22 35.37 -15.71
CA VAL B 305 24.16 34.97 -16.60
C VAL B 305 24.65 35.18 -18.01
N GLU B 306 24.57 34.13 -18.83
CA GLU B 306 24.93 34.23 -20.24
C GLU B 306 23.82 34.91 -21.03
N LYS B 307 24.19 35.49 -22.16
CA LYS B 307 23.23 36.20 -23.00
C LYS B 307 22.14 35.23 -23.46
N GLY B 308 20.89 35.64 -23.32
CA GLY B 308 19.78 34.81 -23.72
C GLY B 308 18.50 35.22 -23.00
N ILE B 309 17.53 34.30 -23.01
CA ILE B 309 16.21 34.52 -22.42
C ILE B 309 15.93 33.38 -21.46
N TYR B 310 15.44 33.71 -20.27
CA TYR B 310 15.19 32.73 -19.22
C TYR B 310 13.81 32.98 -18.63
N GLN B 311 12.96 31.96 -18.69
CA GLN B 311 11.63 32.08 -18.07
C GLN B 311 11.83 32.15 -16.57
N THR B 312 11.64 33.34 -16.02
CA THR B 312 11.92 33.56 -14.61
C THR B 312 10.77 33.07 -13.73
N SER B 313 9.57 33.59 -13.99
CA SER B 313 8.44 33.36 -13.10
C SER B 313 7.17 33.33 -13.93
N ASN B 314 6.03 33.48 -13.27
CA ASN B 314 4.72 33.48 -13.92
C ASN B 314 3.93 34.65 -13.37
N PHE B 315 3.77 35.69 -14.19
CA PHE B 315 3.02 36.86 -13.77
C PHE B 315 1.53 36.58 -13.87
N ARG B 316 0.86 36.72 -12.73
CA ARG B 316 -0.59 36.67 -12.65
C ARG B 316 -1.06 38.00 -12.13
N VAL B 317 -2.09 38.52 -12.78
CA VAL B 317 -2.70 39.72 -12.27
C VAL B 317 -3.42 39.26 -11.03
N GLN B 318 -3.59 40.13 -10.14
CA GLN B 318 -4.32 39.75 -8.97
C GLN B 318 -5.72 40.31 -9.03
N PRO B 319 -6.68 39.67 -8.36
CA PRO B 319 -8.07 40.07 -8.55
C PRO B 319 -8.33 41.48 -8.04
N THR B 320 -9.03 42.26 -8.85
CA THR B 320 -9.22 43.66 -8.51
C THR B 320 -10.08 43.79 -7.26
N GLU B 321 -10.98 42.83 -7.05
CA GLU B 321 -11.87 42.82 -5.89
C GLU B 321 -12.59 41.48 -5.88
N SER B 322 -13.43 41.29 -4.87
CA SER B 322 -14.27 40.11 -4.74
C SER B 322 -15.71 40.49 -5.01
N ILE B 323 -16.41 39.66 -5.77
CA ILE B 323 -17.82 39.88 -6.10
C ILE B 323 -18.63 38.76 -5.50
N VAL B 324 -19.67 39.12 -4.75
CA VAL B 324 -20.57 38.16 -4.13
C VAL B 324 -21.93 38.34 -4.77
N ARG B 325 -22.46 37.27 -5.35
CA ARG B 325 -23.75 37.30 -6.02
C ARG B 325 -24.58 36.14 -5.47
N PHE B 326 -25.53 36.46 -4.63
CA PHE B 326 -26.51 35.51 -4.11
C PHE B 326 -27.89 35.97 -4.57
N PRO B 327 -28.85 35.08 -4.61
CA PRO B 327 -30.20 35.47 -5.01
C PRO B 327 -30.85 36.31 -3.94
N ASN B 328 -31.86 37.07 -4.36
CA ASN B 328 -32.61 37.82 -3.37
C ASN B 328 -33.41 36.91 -2.46
N ILE B 329 -33.13 35.61 -2.49
CA ILE B 329 -33.69 34.69 -1.51
C ILE B 329 -33.45 35.32 -0.15
N THR B 330 -34.51 35.47 0.62
CA THR B 330 -34.44 36.18 1.88
C THR B 330 -35.16 35.37 2.93
N ASN B 331 -34.97 34.06 2.87
CA ASN B 331 -35.66 33.14 3.75
C ASN B 331 -34.64 32.49 4.67
N LEU B 332 -34.97 32.43 5.94
CA LEU B 332 -34.09 31.87 6.95
C LEU B 332 -34.40 30.38 7.11
N CYS B 333 -33.35 29.58 7.11
CA CYS B 333 -33.54 28.14 7.15
C CYS B 333 -34.06 27.72 8.52
N PRO B 334 -35.18 26.99 8.59
CA PRO B 334 -35.79 26.68 9.91
C PRO B 334 -35.08 25.54 10.63
N PHE B 335 -33.84 25.78 11.01
CA PHE B 335 -33.08 24.81 11.79
C PHE B 335 -33.49 24.77 13.24
N GLY B 336 -34.23 25.78 13.72
CA GLY B 336 -34.64 25.78 15.11
C GLY B 336 -35.50 24.58 15.46
N GLU B 337 -36.44 24.25 14.58
CA GLU B 337 -37.31 23.09 14.80
C GLU B 337 -36.59 21.78 14.62
N VAL B 338 -35.30 21.82 14.31
CA VAL B 338 -34.47 20.61 14.22
C VAL B 338 -33.62 20.45 15.46
N PHE B 339 -32.80 21.45 15.78
CA PHE B 339 -31.93 21.33 16.95
C PHE B 339 -32.71 21.50 18.24
N ASN B 340 -33.73 22.35 18.23
CA ASN B 340 -34.58 22.58 19.39
C ASN B 340 -35.89 21.82 19.33
N ALA B 341 -35.98 20.81 18.47
CA ALA B 341 -37.18 19.97 18.44
C ALA B 341 -37.42 19.37 19.81
N THR B 342 -38.67 19.44 20.26
CA THR B 342 -39.00 18.95 21.60
C THR B 342 -38.69 17.46 21.73
N ARG B 343 -39.06 16.68 20.71
CA ARG B 343 -38.86 15.24 20.73
C ARG B 343 -38.25 14.80 19.40
N PHE B 344 -37.24 13.95 19.49
CA PHE B 344 -36.55 13.41 18.33
C PHE B 344 -37.09 12.03 17.98
N ALA B 345 -36.83 11.62 16.73
CA ALA B 345 -37.30 10.33 16.28
C ALA B 345 -36.34 9.23 16.73
N SER B 346 -36.84 7.99 16.69
CA SER B 346 -36.01 6.86 17.03
C SER B 346 -34.95 6.64 15.94
N VAL B 347 -33.85 6.01 16.33
CA VAL B 347 -32.75 5.82 15.40
C VAL B 347 -33.18 4.94 14.23
N TYR B 348 -33.88 3.84 14.52
CA TYR B 348 -34.36 2.99 13.44
C TYR B 348 -35.33 3.74 12.54
N ALA B 349 -36.09 4.67 13.11
CA ALA B 349 -37.02 5.52 12.37
C ALA B 349 -36.53 6.96 12.37
N TRP B 350 -35.22 7.13 12.22
CA TRP B 350 -34.60 8.45 12.22
C TRP B 350 -35.39 9.41 11.34
N ASN B 351 -35.74 10.56 11.91
CA ASN B 351 -36.51 11.55 11.16
C ASN B 351 -35.61 12.27 10.16
N ARG B 352 -36.21 12.62 9.01
CA ARG B 352 -35.50 13.35 7.97
C ARG B 352 -36.26 14.61 7.64
N LYS B 353 -35.54 15.72 7.55
CA LYS B 353 -36.08 16.99 7.12
C LYS B 353 -35.26 17.51 5.95
N ARG B 354 -35.92 18.25 5.07
CA ARG B 354 -35.28 18.86 3.91
C ARG B 354 -35.21 20.37 4.12
N ILE B 355 -34.04 20.95 3.87
CA ILE B 355 -33.83 22.38 3.91
C ILE B 355 -33.43 22.83 2.51
N SER B 356 -34.16 23.79 1.98
CA SER B 356 -33.90 24.29 0.64
C SER B 356 -34.42 25.72 0.55
N ASN B 357 -33.86 26.47 -0.40
CA ASN B 357 -34.34 27.81 -0.73
C ASN B 357 -34.41 28.70 0.50
N CYS B 358 -33.24 28.91 1.10
CA CYS B 358 -33.15 29.70 2.33
C CYS B 358 -31.68 29.97 2.58
N VAL B 359 -31.42 30.74 3.64
CA VAL B 359 -30.07 31.07 4.06
C VAL B 359 -29.93 30.74 5.54
N ALA B 360 -28.86 30.03 5.88
CA ALA B 360 -28.62 29.57 7.25
C ALA B 360 -27.28 30.10 7.74
N ASP B 361 -27.28 30.69 8.94
CA ASP B 361 -26.06 31.18 9.56
C ASP B 361 -25.50 30.07 10.45
N TYR B 362 -24.45 29.42 9.98
CA TYR B 362 -23.82 28.34 10.72
C TYR B 362 -22.87 28.84 11.79
N SER B 363 -22.60 30.14 11.84
CA SER B 363 -21.71 30.66 12.87
C SER B 363 -22.24 30.31 14.25
N VAL B 364 -23.52 30.57 14.49
CA VAL B 364 -24.12 30.19 15.77
C VAL B 364 -24.07 28.68 15.96
N LEU B 365 -23.98 27.92 14.87
CA LEU B 365 -24.05 26.47 14.98
C LEU B 365 -22.78 25.91 15.62
N TYR B 366 -21.64 26.06 14.95
CA TYR B 366 -20.40 25.52 15.47
C TYR B 366 -19.84 26.34 16.62
N ASN B 367 -20.35 27.54 16.86
CA ASN B 367 -19.93 28.35 17.99
C ASN B 367 -20.67 28.00 19.27
N SER B 368 -21.67 27.13 19.20
CA SER B 368 -22.39 26.70 20.40
C SER B 368 -21.59 25.63 21.13
N ALA B 369 -21.51 25.77 22.44
CA ALA B 369 -20.79 24.82 23.28
C ALA B 369 -21.69 23.68 23.75
N SER B 370 -22.95 23.65 23.34
CA SER B 370 -23.89 22.63 23.80
C SER B 370 -23.73 21.32 23.05
N PHE B 371 -22.87 21.25 22.03
CA PHE B 371 -22.70 20.06 21.22
C PHE B 371 -21.48 19.30 21.70
N SER B 372 -21.69 18.06 22.16
CA SER B 372 -20.58 17.26 22.66
C SER B 372 -19.65 16.86 21.53
N THR B 373 -20.21 16.38 20.42
CA THR B 373 -19.44 15.94 19.27
C THR B 373 -19.87 16.75 18.05
N PHE B 374 -18.89 17.21 17.28
CA PHE B 374 -19.17 18.03 16.10
C PHE B 374 -18.10 17.71 15.07
N LYS B 375 -18.41 16.79 14.16
CA LYS B 375 -17.42 16.31 13.19
C LYS B 375 -17.98 16.47 11.79
N CYS B 376 -17.25 17.18 10.94
CA CYS B 376 -17.64 17.40 9.56
C CYS B 376 -16.73 16.58 8.66
N TYR B 377 -17.34 15.88 7.71
CA TYR B 377 -16.62 15.04 6.76
C TYR B 377 -16.86 15.60 5.36
N GLY B 378 -15.78 15.90 4.67
CA GLY B 378 -15.83 16.61 3.41
C GLY B 378 -15.91 18.12 3.53
N VAL B 379 -15.88 18.66 4.75
CA VAL B 379 -16.12 20.09 4.94
C VAL B 379 -15.76 20.44 6.38
N SER B 380 -15.55 21.78 6.64
CA SER B 380 -15.21 22.37 7.93
C SER B 380 -16.38 23.17 8.50
N PRO B 381 -16.49 23.27 9.83
CA PRO B 381 -17.61 24.04 10.39
C PRO B 381 -17.61 25.50 9.98
N THR B 382 -16.42 26.09 9.85
CA THR B 382 -16.35 27.53 9.62
C THR B 382 -16.82 27.91 8.23
N LYS B 383 -16.49 27.08 7.24
CA LYS B 383 -16.67 27.47 5.85
C LYS B 383 -18.11 27.46 5.38
N LEU B 384 -19.02 26.92 6.19
CA LEU B 384 -20.40 26.77 5.73
C LEU B 384 -20.98 28.12 5.35
N ASN B 385 -20.67 29.16 6.13
CA ASN B 385 -21.21 30.48 5.82
C ASN B 385 -20.76 30.98 4.47
N ASP B 386 -19.68 30.43 3.92
CA ASP B 386 -19.14 30.87 2.63
C ASP B 386 -19.43 29.87 1.52
N LEU B 387 -20.52 29.11 1.65
CA LEU B 387 -20.89 28.11 0.67
C LEU B 387 -22.39 28.10 0.45
N CYS B 388 -22.80 27.63 -0.72
CA CYS B 388 -24.20 27.42 -1.04
C CYS B 388 -24.36 25.98 -1.51
N PHE B 389 -25.52 25.39 -1.22
CA PHE B 389 -25.80 24.02 -1.61
C PHE B 389 -27.21 23.93 -2.17
N THR B 390 -27.40 22.98 -3.08
CA THR B 390 -28.72 22.80 -3.69
C THR B 390 -29.77 22.44 -2.63
N ASN B 391 -29.42 21.52 -1.72
CA ASN B 391 -30.33 21.10 -0.67
C ASN B 391 -29.53 20.60 0.52
N VAL B 392 -30.21 20.49 1.65
CA VAL B 392 -29.63 19.89 2.85
C VAL B 392 -30.64 18.92 3.42
N TYR B 393 -30.16 17.80 3.93
CA TYR B 393 -30.99 16.84 4.63
C TYR B 393 -30.52 16.72 6.07
N ALA B 394 -31.42 16.99 7.00
CA ALA B 394 -31.15 16.87 8.43
C ALA B 394 -31.78 15.59 8.92
N ASP B 395 -30.93 14.63 9.31
CA ASP B 395 -31.38 13.36 9.85
C ASP B 395 -31.17 13.40 11.36
N SER B 396 -32.28 13.42 12.09
CA SER B 396 -32.29 13.56 13.53
C SER B 396 -32.73 12.26 14.18
N PHE B 397 -32.06 11.90 15.27
CA PHE B 397 -32.41 10.68 16.00
C PHE B 397 -31.71 10.71 17.35
N VAL B 398 -31.88 9.64 18.12
CA VAL B 398 -31.33 9.53 19.46
C VAL B 398 -30.66 8.18 19.62
N ILE B 399 -29.46 8.17 20.19
CA ILE B 399 -28.72 6.95 20.46
C ILE B 399 -28.12 7.03 21.85
N ARG B 400 -27.28 6.07 22.21
CA ARG B 400 -26.49 6.15 23.43
C ARG B 400 -25.09 6.66 23.11
N GLY B 401 -24.39 7.08 24.16
CA GLY B 401 -23.08 7.68 23.97
C GLY B 401 -22.11 6.75 23.27
N ASP B 402 -22.08 5.49 23.68
CA ASP B 402 -21.15 4.54 23.08
C ASP B 402 -21.39 4.41 21.58
N GLU B 403 -22.63 4.57 21.14
CA GLU B 403 -22.96 4.44 19.73
C GLU B 403 -22.60 5.68 18.93
N VAL B 404 -22.18 6.76 19.59
CA VAL B 404 -21.87 7.99 18.88
C VAL B 404 -20.82 7.73 17.81
N ARG B 405 -19.79 6.96 18.16
CA ARG B 405 -18.75 6.67 17.19
C ARG B 405 -19.30 5.95 15.96
N GLN B 406 -20.31 5.11 16.14
CA GLN B 406 -20.83 4.36 15.01
C GLN B 406 -21.37 5.26 13.93
N ILE B 407 -21.83 6.46 14.28
CA ILE B 407 -22.39 7.39 13.32
C ILE B 407 -21.20 8.10 12.67
N ALA B 408 -20.66 7.48 11.63
CA ALA B 408 -19.57 8.06 10.85
C ALA B 408 -19.31 7.19 9.63
N PRO B 409 -18.75 7.75 8.56
CA PRO B 409 -18.46 6.93 7.37
C PRO B 409 -17.48 5.82 7.71
N GLY B 410 -17.65 4.69 7.01
CA GLY B 410 -16.78 3.55 7.27
C GLY B 410 -16.89 3.00 8.68
N GLN B 411 -18.12 2.91 9.19
CA GLN B 411 -18.37 2.41 10.53
C GLN B 411 -19.22 1.15 10.45
N THR B 412 -19.08 0.29 11.45
CA THR B 412 -19.86 -0.93 11.55
C THR B 412 -20.45 -1.04 12.94
N GLY B 413 -21.63 -1.63 13.02
CA GLY B 413 -22.27 -1.87 14.29
C GLY B 413 -23.77 -2.03 14.12
N ASN B 414 -24.42 -2.31 15.25
CA ASN B 414 -25.86 -2.48 15.23
C ASN B 414 -26.54 -1.27 14.62
N ILE B 415 -26.19 -0.08 15.09
CA ILE B 415 -26.80 1.14 14.57
C ILE B 415 -26.45 1.31 13.09
N ALA B 416 -25.17 1.18 12.77
CA ALA B 416 -24.74 1.41 11.39
C ALA B 416 -25.34 0.38 10.45
N ASP B 417 -25.37 -0.88 10.87
CA ASP B 417 -25.84 -1.94 9.99
C ASP B 417 -27.35 -1.95 9.83
N TYR B 418 -28.09 -1.75 10.93
CA TYR B 418 -29.52 -2.00 10.94
C TYR B 418 -30.37 -0.76 11.09
N ASN B 419 -29.82 0.35 11.58
CA ASN B 419 -30.62 1.51 11.93
C ASN B 419 -30.36 2.70 11.01
N TYR B 420 -29.10 3.04 10.78
CA TYR B 420 -28.76 4.18 9.96
C TYR B 420 -27.35 4.02 9.45
N LYS B 421 -27.15 4.05 8.14
CA LYS B 421 -25.85 3.89 7.54
C LYS B 421 -25.49 5.13 6.74
N LEU B 422 -24.25 5.55 6.83
CA LEU B 422 -23.73 6.65 6.06
C LEU B 422 -22.91 6.14 4.88
N PRO B 423 -22.93 6.85 3.75
CA PRO B 423 -22.10 6.43 2.62
C PRO B 423 -20.63 6.71 2.89
N ASP B 424 -19.78 5.95 2.20
CA ASP B 424 -18.33 6.14 2.34
C ASP B 424 -17.93 7.54 1.88
N ASP B 425 -18.53 8.02 0.79
CA ASP B 425 -18.27 9.35 0.28
C ASP B 425 -19.16 10.42 0.91
N PHE B 426 -19.64 10.18 2.12
CA PHE B 426 -20.54 11.12 2.78
C PHE B 426 -19.91 12.49 2.87
N THR B 427 -20.72 13.51 2.62
CA THR B 427 -20.33 14.90 2.81
C THR B 427 -21.36 15.58 3.69
N GLY B 428 -20.92 16.08 4.83
CA GLY B 428 -21.82 16.77 5.74
C GLY B 428 -21.18 16.94 7.11
N CYS B 429 -22.05 17.12 8.10
CA CYS B 429 -21.60 17.32 9.47
C CYS B 429 -22.51 16.57 10.42
N VAL B 430 -21.91 15.89 11.39
CA VAL B 430 -22.63 15.17 12.44
C VAL B 430 -22.45 15.94 13.73
N ILE B 431 -23.55 16.20 14.43
CA ILE B 431 -23.54 16.91 15.69
C ILE B 431 -24.33 16.09 16.68
N ALA B 432 -23.67 15.65 17.75
CA ALA B 432 -24.29 14.85 18.80
C ALA B 432 -24.15 15.60 20.13
N TRP B 433 -25.25 15.73 20.85
CA TRP B 433 -25.22 16.36 22.16
C TRP B 433 -26.04 15.53 23.14
N ASN B 434 -25.54 15.43 24.36
CA ASN B 434 -26.28 14.70 25.39
C ASN B 434 -27.65 15.32 25.59
N SER B 435 -28.64 14.46 25.77
CA SER B 435 -30.00 14.87 26.05
C SER B 435 -30.53 14.15 27.26
N ASN B 436 -29.66 13.94 28.26
CA ASN B 436 -30.08 13.21 29.45
C ASN B 436 -31.23 13.92 30.14
N ASN B 437 -31.15 15.25 30.25
CA ASN B 437 -32.21 16.01 30.91
C ASN B 437 -33.52 15.98 30.13
N LEU B 438 -33.49 15.59 28.86
CA LEU B 438 -34.68 15.62 28.01
C LEU B 438 -35.22 14.24 27.68
N ASP B 439 -34.38 13.22 27.65
CA ASP B 439 -34.77 11.92 27.12
C ASP B 439 -34.64 10.80 28.14
N SER B 440 -34.52 11.11 29.42
CA SER B 440 -34.41 10.11 30.46
C SER B 440 -35.59 10.21 31.41
N LYS B 441 -36.23 9.07 31.67
CA LYS B 441 -37.31 8.98 32.64
C LYS B 441 -36.80 8.26 33.88
N VAL B 442 -37.31 8.68 35.04
CA VAL B 442 -36.92 8.06 36.29
C VAL B 442 -37.34 6.60 36.30
N GLY B 443 -38.56 6.30 35.85
CA GLY B 443 -39.01 4.92 35.77
C GLY B 443 -38.52 4.18 34.55
N GLY B 444 -37.89 4.86 33.60
CA GLY B 444 -37.45 4.24 32.37
C GLY B 444 -38.13 4.85 31.16
N ASN B 445 -37.34 5.47 30.27
CA ASN B 445 -37.88 6.05 29.04
C ASN B 445 -37.77 4.99 27.94
N TYR B 446 -38.88 4.33 27.66
CA TYR B 446 -38.94 3.28 26.66
C TYR B 446 -39.41 3.79 25.31
N ASN B 447 -39.62 5.10 25.18
CA ASN B 447 -40.15 5.64 23.93
C ASN B 447 -39.12 5.59 22.82
N TYR B 448 -37.84 5.57 23.16
CA TYR B 448 -36.78 5.54 22.17
C TYR B 448 -36.41 4.10 21.86
N LEU B 449 -36.41 3.75 20.58
CA LEU B 449 -36.17 2.40 20.13
C LEU B 449 -35.09 2.41 19.06
N TYR B 450 -34.58 1.22 18.77
CA TYR B 450 -33.54 1.01 17.79
C TYR B 450 -33.66 -0.41 17.25
N ARG B 451 -33.31 -0.59 15.99
CA ARG B 451 -33.38 -1.91 15.38
C ARG B 451 -32.20 -2.75 15.85
N LEU B 452 -32.47 -4.00 16.19
CA LEU B 452 -31.47 -4.92 16.71
C LEU B 452 -31.15 -6.06 15.78
N PHE B 453 -32.07 -6.47 14.92
CA PHE B 453 -31.87 -7.56 13.99
C PHE B 453 -32.26 -7.14 12.59
N ARG B 454 -31.57 -7.69 11.60
CA ARG B 454 -31.89 -7.45 10.20
C ARG B 454 -31.17 -8.47 9.35
N LYS B 455 -31.78 -8.82 8.22
CA LYS B 455 -31.18 -9.80 7.34
C LYS B 455 -29.89 -9.29 6.72
N SER B 456 -29.83 -7.98 6.48
CA SER B 456 -28.68 -7.38 5.81
C SER B 456 -28.48 -5.97 6.34
N ASN B 457 -27.27 -5.46 6.16
CA ASN B 457 -26.93 -4.13 6.62
C ASN B 457 -27.62 -3.08 5.76
N LEU B 458 -27.84 -1.91 6.35
CA LEU B 458 -28.52 -0.83 5.65
C LEU B 458 -27.62 -0.18 4.61
N LYS B 459 -28.23 0.20 3.48
CA LYS B 459 -27.56 1.04 2.51
C LYS B 459 -27.54 2.48 3.01
N PRO B 460 -26.65 3.32 2.46
CA PRO B 460 -26.58 4.70 2.92
C PRO B 460 -27.93 5.41 2.80
N PHE B 461 -28.29 6.15 3.86
CA PHE B 461 -29.51 6.95 3.88
C PHE B 461 -30.75 6.09 3.62
N GLU B 462 -30.67 4.82 4.00
CA GLU B 462 -31.82 3.92 3.91
C GLU B 462 -32.51 3.86 5.27
N ARG B 463 -33.83 3.99 5.26
CA ARG B 463 -34.65 3.88 6.47
C ARG B 463 -35.53 2.65 6.36
N ASP B 464 -35.51 1.82 7.40
CA ASP B 464 -36.37 0.66 7.51
C ASP B 464 -37.18 0.77 8.80
N ILE B 465 -38.50 0.78 8.67
CA ILE B 465 -39.40 0.88 9.81
C ILE B 465 -40.30 -0.35 9.92
N SER B 466 -39.98 -1.41 9.18
CA SER B 466 -40.78 -2.62 9.24
C SER B 466 -40.68 -3.25 10.63
N THR B 467 -41.79 -3.85 11.06
CA THR B 467 -41.89 -4.48 12.38
C THR B 467 -42.16 -5.98 12.26
N GLU B 468 -41.71 -6.58 11.18
CA GLU B 468 -41.93 -8.01 10.95
C GLU B 468 -40.98 -8.83 11.80
N ILE B 469 -41.49 -9.93 12.38
CA ILE B 469 -40.67 -10.76 13.24
C ILE B 469 -39.45 -11.26 12.48
N TYR B 470 -38.30 -11.19 13.13
CA TYR B 470 -37.04 -11.59 12.52
C TYR B 470 -36.81 -13.07 12.80
N GLN B 471 -36.74 -13.87 11.74
CA GLN B 471 -36.50 -15.30 11.86
C GLN B 471 -35.01 -15.54 11.99
N ALA B 472 -34.58 -16.11 13.12
CA ALA B 472 -33.18 -16.44 13.37
C ALA B 472 -32.97 -17.94 13.52
N GLY B 473 -33.94 -18.75 13.11
CA GLY B 473 -33.86 -20.18 13.30
C GLY B 473 -34.49 -20.94 12.16
N SER B 474 -34.36 -22.27 12.22
CA SER B 474 -34.91 -23.11 11.16
C SER B 474 -36.41 -22.90 11.01
N THR B 475 -37.16 -23.11 12.08
CA THR B 475 -38.60 -22.97 12.01
C THR B 475 -38.96 -21.51 11.74
N PRO B 476 -39.77 -21.22 10.73
CA PRO B 476 -40.13 -19.83 10.45
C PRO B 476 -41.08 -19.28 11.51
N CYS B 477 -41.16 -17.96 11.54
CA CYS B 477 -42.00 -17.24 12.49
C CYS B 477 -43.18 -16.67 11.75
N ASN B 478 -44.38 -17.11 12.11
CA ASN B 478 -45.62 -16.63 11.50
C ASN B 478 -46.17 -15.45 12.28
N GLY B 479 -45.32 -14.45 12.52
CA GLY B 479 -45.72 -13.28 13.29
C GLY B 479 -45.72 -13.49 14.78
N VAL B 480 -45.24 -14.63 15.28
CA VAL B 480 -45.26 -14.96 16.69
C VAL B 480 -43.83 -15.18 17.16
N LYS B 481 -43.49 -14.60 18.31
CA LYS B 481 -42.17 -14.77 18.87
C LYS B 481 -42.03 -16.17 19.45
N GLY B 482 -40.81 -16.50 19.83
CA GLY B 482 -40.52 -17.82 20.38
C GLY B 482 -39.10 -18.21 20.04
N PHE B 483 -38.91 -19.52 19.84
CA PHE B 483 -37.59 -20.05 19.54
C PHE B 483 -37.04 -19.42 18.26
N ASN B 484 -35.98 -18.63 18.40
CA ASN B 484 -35.34 -17.97 17.26
C ASN B 484 -36.35 -17.15 16.48
N CYS B 485 -37.17 -16.40 17.21
CA CYS B 485 -38.19 -15.53 16.60
C CYS B 485 -38.31 -14.29 17.49
N TYR B 486 -37.61 -13.23 17.10
CA TYR B 486 -37.48 -12.04 17.93
C TYR B 486 -38.10 -10.84 17.23
N PHE B 487 -38.58 -9.90 18.05
CA PHE B 487 -39.07 -8.64 17.51
C PHE B 487 -37.87 -7.80 17.05
N PRO B 488 -37.93 -7.20 15.86
CA PRO B 488 -36.74 -6.53 15.32
C PRO B 488 -36.30 -5.29 16.09
N LEU B 489 -37.16 -4.73 16.93
CA LEU B 489 -36.88 -3.46 17.59
C LEU B 489 -36.67 -3.68 19.09
N GLN B 490 -35.80 -2.88 19.68
CA GLN B 490 -35.51 -2.93 21.11
C GLN B 490 -35.46 -1.50 21.63
N SER B 491 -35.76 -1.34 22.92
CA SER B 491 -35.88 -0.02 23.52
C SER B 491 -34.65 0.30 24.36
N TYR B 492 -34.31 1.58 24.40
CA TYR B 492 -33.26 2.06 25.29
C TYR B 492 -33.78 2.19 26.71
N GLY B 493 -32.86 2.07 27.67
CA GLY B 493 -33.22 2.33 29.05
C GLY B 493 -33.45 3.81 29.31
N PHE B 494 -32.46 4.64 29.01
CA PHE B 494 -32.59 6.09 29.16
C PHE B 494 -33.16 6.48 30.51
N GLN B 495 -32.41 6.20 31.57
CA GLN B 495 -32.72 6.70 32.90
C GLN B 495 -31.51 7.48 33.41
N PRO B 496 -31.72 8.43 34.32
CA PRO B 496 -30.62 9.34 34.69
C PRO B 496 -29.46 8.65 35.39
N THR B 497 -29.63 7.44 35.90
CA THR B 497 -28.60 6.78 36.69
C THR B 497 -27.63 5.96 35.85
N TYR B 498 -27.59 6.17 34.53
CA TYR B 498 -26.71 5.42 33.67
C TYR B 498 -25.35 6.10 33.57
N GLY B 499 -24.39 5.36 33.03
CA GLY B 499 -23.13 5.94 32.65
C GLY B 499 -23.26 6.77 31.39
N VAL B 500 -22.26 7.61 31.14
CA VAL B 500 -22.33 8.52 30.01
C VAL B 500 -22.49 7.74 28.71
N GLY B 501 -21.85 6.58 28.62
CA GLY B 501 -21.96 5.76 27.44
C GLY B 501 -23.36 5.24 27.17
N TYR B 502 -24.20 5.19 28.20
CA TYR B 502 -25.57 4.71 28.07
C TYR B 502 -26.59 5.83 28.10
N GLN B 503 -26.18 7.06 28.39
CA GLN B 503 -27.12 8.15 28.47
C GLN B 503 -27.56 8.58 27.07
N PRO B 504 -28.76 9.15 26.94
CA PRO B 504 -29.25 9.52 25.61
C PRO B 504 -28.46 10.68 25.00
N TYR B 505 -28.23 10.58 23.70
CA TYR B 505 -27.62 11.65 22.92
C TYR B 505 -28.46 11.88 21.68
N ARG B 506 -28.78 13.14 21.43
CA ARG B 506 -29.48 13.55 20.22
C ARG B 506 -28.45 13.83 19.14
N VAL B 507 -28.57 13.12 18.02
CA VAL B 507 -27.63 13.19 16.91
C VAL B 507 -28.36 13.72 15.69
N VAL B 508 -27.79 14.76 15.07
CA VAL B 508 -28.31 15.33 13.84
C VAL B 508 -27.20 15.32 12.80
N VAL B 509 -27.50 14.80 11.63
CA VAL B 509 -26.58 14.76 10.51
C VAL B 509 -27.11 15.68 9.42
N LEU B 510 -26.34 16.70 9.10
CA LEU B 510 -26.66 17.62 8.02
C LEU B 510 -25.84 17.21 6.81
N SER B 511 -26.51 16.67 5.79
CA SER B 511 -25.87 16.27 4.56
C SER B 511 -26.20 17.30 3.49
N PHE B 512 -25.16 17.93 2.95
CA PHE B 512 -25.31 18.99 1.96
C PHE B 512 -25.11 18.41 0.57
N GLU B 513 -26.09 18.64 -0.30
CA GLU B 513 -26.05 18.12 -1.67
C GLU B 513 -25.39 19.14 -2.58
N LEU B 514 -24.27 18.78 -3.15
CA LEU B 514 -23.53 19.63 -4.07
C LEU B 514 -23.70 19.03 -5.46
N LEU B 515 -24.79 19.39 -6.12
CA LEU B 515 -25.12 18.91 -7.44
C LEU B 515 -24.96 20.05 -8.44
N HIS B 516 -25.22 19.74 -9.72
CA HIS B 516 -25.19 20.75 -10.75
C HIS B 516 -26.48 21.56 -10.82
N ALA B 517 -27.52 21.13 -10.10
CA ALA B 517 -28.75 21.87 -10.06
C ALA B 517 -28.52 23.19 -9.31
N PRO B 518 -29.41 24.17 -9.49
CA PRO B 518 -29.19 25.48 -8.88
C PRO B 518 -29.07 25.38 -7.36
N ALA B 519 -28.11 26.11 -6.81
CA ALA B 519 -27.97 26.17 -5.37
C ALA B 519 -29.18 26.90 -4.79
N THR B 520 -29.70 26.38 -3.68
CA THR B 520 -30.86 26.96 -3.02
C THR B 520 -30.60 27.26 -1.56
N VAL B 521 -29.62 26.61 -0.94
CA VAL B 521 -29.22 26.88 0.43
C VAL B 521 -27.89 27.63 0.38
N CYS B 522 -27.87 28.84 0.95
CA CYS B 522 -26.65 29.64 1.08
C CYS B 522 -26.46 29.99 2.54
N GLY B 523 -25.30 30.56 2.82
CA GLY B 523 -24.99 31.05 4.13
C GLY B 523 -25.21 32.54 4.21
N PRO B 524 -24.81 33.13 5.31
CA PRO B 524 -24.91 34.59 5.45
C PRO B 524 -23.87 35.27 4.61
N LYS B 525 -23.70 36.59 4.67
CA LYS B 525 -22.84 37.32 3.78
C LYS B 525 -23.63 37.94 2.66
N LYS B 526 -23.55 39.26 2.64
CA LYS B 526 -24.31 40.03 1.68
C LYS B 526 -23.67 39.87 0.32
N SER B 527 -24.43 40.24 -0.71
CA SER B 527 -23.98 40.12 -2.08
C SER B 527 -23.59 41.51 -2.59
N THR B 528 -22.36 41.62 -3.06
CA THR B 528 -21.88 42.92 -3.51
C THR B 528 -22.39 43.20 -4.92
N ASN B 529 -22.20 44.44 -5.35
CA ASN B 529 -22.66 44.83 -6.67
C ASN B 529 -21.85 44.13 -7.75
N LEU B 530 -22.45 44.04 -8.93
CA LEU B 530 -21.82 43.37 -10.06
C LEU B 530 -20.79 44.27 -10.71
N VAL B 531 -19.64 43.71 -11.01
CA VAL B 531 -18.54 44.41 -11.66
C VAL B 531 -18.16 43.65 -12.93
N LYS B 532 -17.93 44.39 -14.01
CA LYS B 532 -17.70 43.79 -15.31
C LYS B 532 -16.42 44.33 -15.93
N ASN B 533 -15.86 43.56 -16.85
CA ASN B 533 -14.68 43.98 -17.61
C ASN B 533 -13.47 44.22 -16.72
N LYS B 534 -13.41 43.51 -15.60
CA LYS B 534 -12.30 43.63 -14.68
C LYS B 534 -12.07 42.27 -14.01
N CYS B 535 -10.82 42.02 -13.62
CA CYS B 535 -10.51 40.80 -12.89
C CYS B 535 -11.07 40.88 -11.48
N VAL B 536 -11.76 39.81 -11.06
CA VAL B 536 -12.46 39.82 -9.79
C VAL B 536 -12.59 38.38 -9.30
N ASN B 537 -12.67 38.25 -7.97
CA ASN B 537 -13.07 37.01 -7.33
C ASN B 537 -14.59 37.03 -7.23
N PHE B 538 -15.24 36.26 -8.09
CA PHE B 538 -16.69 36.17 -8.13
C PHE B 538 -17.16 34.97 -7.30
N ASN B 539 -18.36 35.09 -6.75
CA ASN B 539 -19.01 33.98 -6.06
C ASN B 539 -20.48 34.05 -6.43
N PHE B 540 -20.89 33.17 -7.33
CA PHE B 540 -22.28 33.09 -7.77
C PHE B 540 -22.89 31.87 -7.10
N ASN B 541 -23.83 32.12 -6.18
CA ASN B 541 -24.57 31.05 -5.54
C ASN B 541 -23.65 30.06 -4.84
N GLY B 542 -22.66 30.58 -4.12
CA GLY B 542 -21.69 29.74 -3.46
C GLY B 542 -20.59 29.22 -4.36
N LEU B 543 -20.81 29.19 -5.67
CA LEU B 543 -19.77 28.76 -6.59
C LEU B 543 -18.75 29.88 -6.75
N THR B 544 -17.54 29.64 -6.27
CA THR B 544 -16.49 30.65 -6.25
C THR B 544 -15.58 30.48 -7.44
N GLY B 545 -14.92 31.57 -7.82
CA GLY B 545 -13.90 31.52 -8.84
C GLY B 545 -13.33 32.90 -9.06
N THR B 546 -12.38 32.98 -9.99
CA THR B 546 -11.74 34.24 -10.33
C THR B 546 -11.71 34.39 -11.83
N GLY B 547 -11.98 35.60 -12.31
CA GLY B 547 -12.01 35.82 -13.74
C GLY B 547 -12.51 37.21 -14.07
N VAL B 548 -12.77 37.41 -15.36
CA VAL B 548 -13.35 38.63 -15.90
C VAL B 548 -14.77 38.32 -16.35
N LEU B 549 -15.72 39.11 -15.87
CA LEU B 549 -17.13 38.93 -16.16
C LEU B 549 -17.56 39.92 -17.23
N THR B 550 -18.20 39.42 -18.28
CA THR B 550 -18.63 40.27 -19.39
C THR B 550 -20.04 39.86 -19.80
N GLU B 551 -20.73 40.78 -20.45
CA GLU B 551 -22.06 40.47 -20.96
C GLU B 551 -21.96 39.39 -22.03
N SER B 552 -22.90 38.45 -22.01
CA SER B 552 -22.88 37.30 -22.89
C SER B 552 -24.13 37.27 -23.74
N ASN B 553 -23.97 36.86 -24.99
CA ASN B 553 -25.07 36.73 -25.93
C ASN B 553 -25.66 35.33 -25.94
N LYS B 554 -25.17 34.44 -25.10
CA LYS B 554 -25.65 33.06 -25.11
C LYS B 554 -27.12 32.99 -24.73
N LYS B 555 -27.86 32.13 -25.42
CA LYS B 555 -29.30 32.00 -25.23
C LYS B 555 -29.56 30.93 -24.18
N PHE B 556 -29.34 31.30 -22.92
CA PHE B 556 -29.62 30.39 -21.83
C PHE B 556 -31.10 30.06 -21.78
N LEU B 557 -31.40 28.79 -21.55
CA LEU B 557 -32.77 28.38 -21.36
C LEU B 557 -33.22 28.73 -19.95
N PRO B 558 -34.53 28.87 -19.74
CA PRO B 558 -35.00 29.34 -18.42
C PRO B 558 -34.52 28.48 -17.27
N PHE B 559 -34.41 27.18 -17.48
CA PHE B 559 -33.97 26.26 -16.44
C PHE B 559 -32.46 26.16 -16.33
N GLN B 560 -31.73 26.83 -17.21
CA GLN B 560 -30.27 26.76 -17.23
C GLN B 560 -29.68 27.95 -16.49
N GLN B 561 -28.81 27.68 -15.52
CA GLN B 561 -28.15 28.71 -14.74
C GLN B 561 -26.76 29.02 -15.25
N PHE B 562 -25.97 28.00 -15.56
CA PHE B 562 -24.59 28.20 -15.96
C PHE B 562 -24.20 27.13 -16.98
N GLY B 563 -23.18 27.45 -17.76
CA GLY B 563 -22.68 26.57 -18.78
C GLY B 563 -21.24 26.17 -18.48
N ARG B 564 -20.83 25.04 -19.05
CA ARG B 564 -19.47 24.55 -18.89
C ARG B 564 -18.88 24.27 -20.25
N ASP B 565 -17.56 24.44 -20.35
CA ASP B 565 -16.84 24.18 -21.59
C ASP B 565 -16.42 22.72 -21.63
N ILE B 566 -15.62 22.35 -22.63
CA ILE B 566 -15.16 20.96 -22.75
C ILE B 566 -14.46 20.54 -21.47
N ALA B 567 -13.91 21.49 -20.73
CA ALA B 567 -13.23 21.21 -19.47
C ALA B 567 -14.19 21.09 -18.29
N ASP B 568 -15.51 21.18 -18.53
CA ASP B 568 -16.49 21.15 -17.45
C ASP B 568 -16.35 22.34 -16.51
N THR B 569 -15.62 23.37 -16.93
CA THR B 569 -15.40 24.54 -16.11
C THR B 569 -16.46 25.59 -16.39
N THR B 570 -16.79 26.36 -15.36
CA THR B 570 -17.84 27.36 -15.46
C THR B 570 -17.46 28.41 -16.50
N ASP B 571 -18.10 28.36 -17.66
CA ASP B 571 -17.86 29.34 -18.72
C ASP B 571 -18.83 30.52 -18.67
N ALA B 572 -20.08 30.28 -18.30
CA ALA B 572 -21.05 31.35 -18.22
C ALA B 572 -21.97 31.06 -17.05
N VAL B 573 -22.48 32.13 -16.43
CA VAL B 573 -23.31 32.03 -15.25
C VAL B 573 -24.53 32.93 -15.41
N ARG B 574 -25.53 32.68 -14.59
CA ARG B 574 -26.72 33.51 -14.50
C ARG B 574 -26.69 34.21 -13.15
N ASP B 575 -26.66 35.54 -13.17
CA ASP B 575 -26.62 36.26 -11.91
C ASP B 575 -27.87 35.91 -11.10
N PRO B 576 -27.73 35.40 -9.88
CA PRO B 576 -28.93 35.02 -9.11
C PRO B 576 -29.88 36.18 -8.87
N GLN B 577 -29.35 37.40 -8.72
CA GLN B 577 -30.22 38.55 -8.50
C GLN B 577 -30.88 38.97 -9.81
N THR B 578 -30.08 39.39 -10.79
CA THR B 578 -30.57 39.77 -12.10
C THR B 578 -30.40 38.58 -13.04
N LEU B 579 -31.49 38.15 -13.66
CA LEU B 579 -31.47 36.98 -14.53
C LEU B 579 -30.81 37.35 -15.84
N GLU B 580 -29.48 37.37 -15.83
CA GLU B 580 -28.71 37.69 -17.02
C GLU B 580 -27.51 36.77 -17.10
N ILE B 581 -27.03 36.56 -18.33
CA ILE B 581 -25.96 35.62 -18.60
C ILE B 581 -24.65 36.39 -18.69
N LEU B 582 -23.68 35.98 -17.89
CA LEU B 582 -22.37 36.62 -17.82
C LEU B 582 -21.31 35.58 -18.18
N ASP B 583 -20.51 35.88 -19.19
CA ASP B 583 -19.38 35.04 -19.54
C ASP B 583 -18.20 35.35 -18.63
N ILE B 584 -17.56 34.30 -18.15
CA ILE B 584 -16.38 34.42 -17.28
C ILE B 584 -15.17 33.94 -18.07
N THR B 585 -14.12 34.76 -18.09
CA THR B 585 -12.92 34.40 -18.82
C THR B 585 -11.70 34.47 -17.90
N PRO B 586 -10.65 33.71 -18.19
CA PRO B 586 -9.46 33.77 -17.34
C PRO B 586 -8.90 35.17 -17.29
N CYS B 587 -8.51 35.62 -16.10
CA CYS B 587 -8.14 37.02 -15.94
C CYS B 587 -6.91 37.38 -16.76
N SER B 588 -5.73 36.99 -16.29
CA SER B 588 -4.49 37.32 -16.98
C SER B 588 -3.31 36.56 -16.38
N PHE B 589 -2.67 35.69 -17.14
CA PHE B 589 -1.46 35.04 -16.65
C PHE B 589 -0.52 34.81 -17.81
N GLY B 590 0.77 34.89 -17.51
CA GLY B 590 1.78 34.60 -18.51
C GLY B 590 3.18 34.53 -17.94
N GLY B 591 4.01 33.67 -18.50
CA GLY B 591 5.37 33.55 -18.03
C GLY B 591 6.12 34.86 -18.13
N VAL B 592 6.82 35.23 -17.06
CA VAL B 592 7.73 36.36 -17.08
C VAL B 592 9.12 35.83 -17.33
N SER B 593 9.70 36.21 -18.47
CA SER B 593 11.08 35.89 -18.79
C SER B 593 11.90 37.19 -18.86
N VAL B 594 13.22 37.03 -18.88
CA VAL B 594 14.14 38.16 -18.85
C VAL B 594 15.07 38.06 -20.05
N ILE B 595 14.96 39.00 -20.97
CA ILE B 595 15.94 39.12 -22.05
C ILE B 595 17.12 39.91 -21.49
N THR B 596 18.24 39.23 -21.29
CA THR B 596 19.40 39.84 -20.65
C THR B 596 20.65 39.54 -21.46
N PRO B 597 21.41 40.56 -21.88
CA PRO B 597 22.75 40.29 -22.39
C PRO B 597 23.66 39.86 -21.26
N GLY B 598 24.73 39.16 -21.62
CA GLY B 598 25.66 38.64 -20.63
C GLY B 598 25.95 39.60 -19.49
N THR B 599 25.83 39.12 -18.25
CA THR B 599 26.11 39.97 -17.10
C THR B 599 27.49 40.59 -17.23
N ASN B 600 28.44 39.86 -17.80
CA ASN B 600 29.74 40.44 -18.10
C ASN B 600 29.61 41.63 -19.02
N THR B 601 28.58 41.65 -19.87
CA THR B 601 28.41 42.74 -20.82
C THR B 601 27.71 43.93 -20.18
N SER B 602 26.49 43.74 -19.69
CA SER B 602 25.70 44.83 -19.15
C SER B 602 24.77 44.29 -18.08
N ASN B 603 24.26 45.20 -17.25
CA ASN B 603 23.32 44.85 -16.19
C ASN B 603 21.89 45.25 -16.50
N GLN B 604 21.65 45.91 -17.63
CA GLN B 604 20.29 46.26 -18.03
C GLN B 604 19.63 45.09 -18.77
N VAL B 605 18.39 44.81 -18.42
CA VAL B 605 17.63 43.73 -19.02
C VAL B 605 16.23 44.21 -19.36
N ALA B 606 15.58 43.48 -20.26
CA ALA B 606 14.17 43.68 -20.55
C ALA B 606 13.35 42.52 -20.01
N VAL B 607 12.07 42.78 -19.80
CA VAL B 607 11.15 41.80 -19.24
C VAL B 607 10.07 41.49 -20.26
N LEU B 608 9.84 40.20 -20.48
CA LEU B 608 8.84 39.73 -21.44
C LEU B 608 7.74 39.05 -20.65
N TYR B 609 6.54 39.64 -20.69
CA TYR B 609 5.34 39.00 -20.17
C TYR B 609 4.68 38.28 -21.35
N GLN B 610 4.76 36.95 -21.34
CA GLN B 610 4.28 36.15 -22.46
C GLN B 610 2.76 36.14 -22.50
N GLY B 611 2.20 36.47 -23.66
CA GLY B 611 0.77 36.32 -23.85
C GLY B 611 -0.09 37.16 -22.92
N VAL B 612 0.27 38.42 -22.74
CA VAL B 612 -0.55 39.37 -22.00
C VAL B 612 -0.54 40.70 -22.75
N ASN B 613 -1.70 41.32 -22.82
CA ASN B 613 -1.80 42.63 -23.47
C ASN B 613 -1.01 43.66 -22.67
N CYS B 614 -0.56 44.70 -23.37
CA CYS B 614 0.23 45.73 -22.70
C CYS B 614 -0.69 46.70 -21.96
N THR B 615 -1.61 46.17 -21.16
CA THR B 615 -2.45 47.01 -20.30
C THR B 615 -2.62 46.46 -18.90
N GLU B 616 -2.45 45.16 -18.67
CA GLU B 616 -2.60 44.58 -17.35
C GLU B 616 -1.33 44.69 -16.52
N VAL B 617 -0.23 45.11 -17.12
CA VAL B 617 1.03 45.22 -16.42
C VAL B 617 1.04 46.46 -15.53
N SER B 637 8.62 54.11 -19.31
CA SER B 637 9.67 53.40 -20.04
C SER B 637 9.16 52.97 -21.41
N ASN B 638 9.86 52.02 -22.03
CA ASN B 638 9.48 51.50 -23.35
C ASN B 638 8.59 50.29 -23.17
N VAL B 639 7.44 50.31 -23.85
CA VAL B 639 6.51 49.19 -23.88
C VAL B 639 6.24 48.85 -25.33
N PHE B 640 6.40 47.58 -25.69
CA PHE B 640 6.18 47.14 -27.05
C PHE B 640 5.29 45.91 -27.02
N GLN B 641 4.20 45.94 -27.78
CA GLN B 641 3.21 44.87 -27.77
C GLN B 641 3.47 43.98 -28.97
N THR B 642 3.99 42.79 -28.72
CA THR B 642 4.21 41.79 -29.76
C THR B 642 3.25 40.64 -29.56
N ARG B 643 3.17 39.77 -30.58
CA ARG B 643 2.30 38.60 -30.45
C ARG B 643 2.71 37.72 -29.28
N ALA B 644 3.99 37.72 -28.92
CA ALA B 644 4.42 36.94 -27.77
C ALA B 644 3.84 37.49 -26.48
N GLY B 645 3.57 38.79 -26.43
CA GLY B 645 3.04 39.40 -25.23
C GLY B 645 3.44 40.86 -25.17
N CYS B 646 3.82 41.28 -23.96
CA CYS B 646 4.26 42.65 -23.69
C CYS B 646 5.73 42.66 -23.31
N LEU B 647 6.51 43.47 -24.02
CA LEU B 647 7.95 43.61 -23.80
C LEU B 647 8.23 44.97 -23.18
N ILE B 648 8.95 44.98 -22.06
CA ILE B 648 9.21 46.19 -21.30
C ILE B 648 10.71 46.36 -21.14
N GLY B 649 11.19 47.57 -21.35
CA GLY B 649 12.61 47.84 -21.30
C GLY B 649 13.31 47.69 -22.62
N ALA B 650 12.57 47.39 -23.69
CA ALA B 650 13.14 47.20 -25.02
C ALA B 650 12.69 48.34 -25.92
N GLU B 651 13.64 48.95 -26.62
CA GLU B 651 13.36 49.98 -27.59
C GLU B 651 13.11 49.33 -28.95
N HIS B 652 11.90 49.45 -29.47
CA HIS B 652 11.59 48.88 -30.77
C HIS B 652 12.44 49.54 -31.85
N VAL B 653 12.78 48.76 -32.88
CA VAL B 653 13.60 49.23 -33.97
C VAL B 653 12.94 48.87 -35.30
N ASN B 654 12.91 49.85 -36.21
CA ASN B 654 12.40 49.58 -37.56
C ASN B 654 13.37 48.75 -38.38
N ASN B 655 14.67 48.91 -38.16
CA ASN B 655 15.65 48.12 -38.89
C ASN B 655 15.50 46.65 -38.54
N SER B 656 16.29 45.80 -39.18
CA SER B 656 16.28 44.37 -38.91
C SER B 656 17.70 43.91 -38.70
N TYR B 657 17.87 42.94 -37.79
CA TYR B 657 19.18 42.37 -37.53
C TYR B 657 19.01 40.87 -37.31
N GLU B 658 20.12 40.15 -37.47
CA GLU B 658 20.08 38.71 -37.25
C GLU B 658 19.72 38.43 -35.80
N CYS B 659 18.87 37.43 -35.59
CA CYS B 659 18.37 37.16 -34.26
C CYS B 659 19.52 36.90 -33.31
N ASP B 660 19.56 37.68 -32.23
CA ASP B 660 20.56 37.50 -31.18
C ASP B 660 19.97 36.75 -30.00
N ILE B 661 18.89 37.27 -29.43
CA ILE B 661 18.10 36.58 -28.42
C ILE B 661 16.68 36.42 -28.97
N PRO B 662 16.27 35.21 -29.26
CA PRO B 662 14.90 35.03 -29.78
C PRO B 662 13.83 35.19 -28.71
N ILE B 663 13.10 36.31 -28.76
CA ILE B 663 11.99 36.51 -27.84
C ILE B 663 10.80 35.66 -28.25
N GLY B 664 10.45 35.67 -29.54
CA GLY B 664 9.32 34.91 -30.04
C GLY B 664 8.43 35.66 -31.01
N ALA B 665 7.65 34.92 -31.79
CA ALA B 665 6.77 35.51 -32.79
C ALA B 665 7.57 36.38 -33.76
N GLY B 666 8.77 35.92 -34.11
CA GLY B 666 9.63 36.64 -35.02
C GLY B 666 10.37 37.80 -34.40
N ILE B 667 10.11 38.09 -33.13
CA ILE B 667 10.74 39.21 -32.45
C ILE B 667 12.01 38.72 -31.77
N CYS B 668 13.10 39.41 -32.02
CA CYS B 668 14.39 39.10 -31.45
C CYS B 668 15.02 40.37 -30.90
N ALA B 669 15.76 40.23 -29.81
CA ALA B 669 16.32 41.37 -29.10
C ALA B 669 17.84 41.26 -29.05
N SER B 670 18.49 42.41 -29.07
CA SER B 670 19.94 42.49 -28.98
C SER B 670 20.32 43.75 -28.21
N TYR B 671 21.47 43.69 -27.55
CA TYR B 671 21.97 44.82 -26.76
C TYR B 671 22.94 45.61 -27.63
N GLN B 672 22.53 46.81 -28.01
CA GLN B 672 23.28 47.62 -28.97
C GLN B 672 23.11 49.09 -28.63
N THR B 673 23.99 49.92 -29.19
CA THR B 673 23.91 51.36 -29.00
C THR B 673 22.53 51.90 -29.35
N SER B 686 25.05 54.31 -23.19
CA SER B 686 24.07 54.62 -24.23
C SER B 686 23.46 53.34 -24.79
N GLN B 687 24.26 52.28 -24.81
CA GLN B 687 23.78 51.01 -25.31
C GLN B 687 22.64 50.48 -24.45
N SER B 688 21.60 50.00 -25.11
CA SER B 688 20.41 49.46 -24.45
C SER B 688 19.91 48.28 -25.26
N ILE B 689 18.84 47.66 -24.79
CA ILE B 689 18.26 46.49 -25.44
C ILE B 689 17.23 46.94 -26.45
N ILE B 690 17.34 46.43 -27.67
CA ILE B 690 16.44 46.77 -28.76
C ILE B 690 15.86 45.48 -29.32
N ALA B 691 14.55 45.42 -29.45
CA ALA B 691 13.86 44.30 -30.07
C ALA B 691 13.43 44.70 -31.47
N TYR B 692 13.31 43.71 -32.34
CA TYR B 692 13.02 44.00 -33.73
C TYR B 692 12.53 42.73 -34.41
N THR B 693 12.13 42.91 -35.67
CA THR B 693 11.79 41.79 -36.53
C THR B 693 13.06 41.30 -37.18
N MET B 694 13.49 40.11 -36.78
CA MET B 694 14.76 39.59 -37.26
C MET B 694 14.76 39.42 -38.76
N SER B 695 15.90 39.74 -39.34
CA SER B 695 16.13 39.40 -40.73
C SER B 695 16.50 37.93 -40.83
N LEU B 696 15.81 37.22 -41.72
CA LEU B 696 16.14 35.85 -42.06
C LEU B 696 17.29 35.99 -43.04
N GLY B 697 18.35 35.16 -42.93
CA GLY B 697 19.65 35.46 -43.52
C GLY B 697 19.64 36.73 -44.34
N VAL B 698 20.46 36.73 -45.41
CA VAL B 698 20.79 37.96 -46.11
C VAL B 698 20.10 37.51 -47.37
N GLU B 699 19.12 38.30 -47.76
CA GLU B 699 18.43 38.04 -49.00
C GLU B 699 19.42 38.04 -50.14
N ASN B 700 19.30 37.04 -51.01
CA ASN B 700 20.24 36.86 -52.12
C ASN B 700 19.44 36.23 -53.27
N SER B 701 18.94 37.07 -54.16
CA SER B 701 18.31 36.57 -55.38
C SER B 701 19.38 35.91 -56.24
N VAL B 702 19.16 34.66 -56.62
CA VAL B 702 20.09 33.98 -57.49
C VAL B 702 19.92 34.52 -58.90
N ALA B 703 21.03 34.88 -59.53
CA ALA B 703 20.99 35.43 -60.88
C ALA B 703 20.61 34.33 -61.86
N TYR B 704 19.36 33.90 -61.79
CA TYR B 704 18.92 32.76 -62.59
C TYR B 704 18.45 33.22 -63.96
N SER B 705 19.14 32.76 -65.00
CA SER B 705 18.70 32.93 -66.37
C SER B 705 18.82 31.60 -67.08
N ASN B 706 17.89 31.35 -67.98
CA ASN B 706 17.79 30.02 -68.58
C ASN B 706 19.04 29.60 -69.31
N ASN B 707 20.07 30.45 -69.40
CA ASN B 707 21.29 30.09 -70.08
C ASN B 707 22.54 30.58 -69.36
N SER B 708 22.45 30.83 -68.06
CA SER B 708 23.57 31.36 -67.29
C SER B 708 23.97 30.34 -66.25
N ILE B 709 25.25 29.97 -66.22
CA ILE B 709 25.76 28.99 -65.28
C ILE B 709 26.94 29.61 -64.55
N ALA B 710 26.95 29.48 -63.23
CA ALA B 710 28.06 29.95 -62.41
C ALA B 710 28.94 28.77 -62.03
N ILE B 711 30.19 28.80 -62.48
CA ILE B 711 31.12 27.69 -62.23
C ILE B 711 32.20 28.16 -61.26
N PRO B 712 32.58 27.35 -60.27
CA PRO B 712 33.62 27.76 -59.35
C PRO B 712 35.01 27.64 -59.95
N THR B 713 35.84 28.62 -59.63
CA THR B 713 37.22 28.68 -60.10
C THR B 713 38.21 28.49 -58.95
N ASN B 714 37.74 28.22 -57.75
CA ASN B 714 38.63 28.08 -56.60
C ASN B 714 37.86 27.33 -55.51
N PHE B 715 38.58 26.95 -54.45
CA PHE B 715 38.01 26.10 -53.43
C PHE B 715 38.72 26.34 -52.10
N THR B 716 38.11 25.81 -51.05
CA THR B 716 38.68 25.81 -49.72
C THR B 716 38.51 24.44 -49.09
N ILE B 717 39.50 24.02 -48.32
CA ILE B 717 39.44 22.76 -47.58
C ILE B 717 39.08 23.13 -46.15
N SER B 718 37.78 23.19 -45.89
CA SER B 718 37.31 23.59 -44.59
C SER B 718 37.33 22.38 -43.67
N VAL B 719 37.88 22.57 -42.48
CA VAL B 719 37.78 21.57 -41.42
C VAL B 719 36.78 22.10 -40.40
N THR B 720 35.65 21.42 -40.32
CA THR B 720 34.61 21.73 -39.35
C THR B 720 34.67 20.73 -38.21
N THR B 721 33.96 21.06 -37.13
CA THR B 721 33.93 20.23 -35.94
C THR B 721 32.53 19.73 -35.69
N GLU B 722 32.39 18.43 -35.45
CA GLU B 722 31.10 17.83 -35.09
C GLU B 722 31.31 16.97 -33.85
N ILE B 723 30.53 17.23 -32.81
CA ILE B 723 30.66 16.53 -31.54
C ILE B 723 29.45 15.63 -31.35
N LEU B 724 29.70 14.39 -30.90
CA LEU B 724 28.62 13.47 -30.54
C LEU B 724 28.96 12.82 -29.21
N PRO B 725 28.09 12.93 -28.20
CA PRO B 725 28.20 12.02 -27.06
C PRO B 725 28.07 10.59 -27.57
N VAL B 726 28.79 9.66 -26.93
CA VAL B 726 28.72 8.26 -27.28
C VAL B 726 28.28 7.39 -26.10
N SER B 727 28.62 7.79 -24.89
CA SER B 727 28.15 7.04 -23.73
C SER B 727 27.95 7.97 -22.55
N MET B 728 27.15 7.49 -21.62
CA MET B 728 26.94 8.16 -20.34
C MET B 728 27.61 7.36 -19.25
N THR B 729 27.89 8.03 -18.14
CA THR B 729 28.55 7.38 -17.01
C THR B 729 27.71 6.22 -16.48
N LYS B 730 28.37 5.08 -16.26
CA LYS B 730 27.69 3.89 -15.77
C LYS B 730 27.49 4.03 -14.26
N THR B 731 26.23 4.13 -13.85
CA THR B 731 25.89 4.30 -12.44
C THR B 731 24.95 3.20 -12.01
N SER B 732 25.19 2.63 -10.84
CA SER B 732 24.36 1.56 -10.30
C SER B 732 23.84 1.96 -8.93
N VAL B 733 22.57 1.62 -8.68
CA VAL B 733 21.90 1.98 -7.43
C VAL B 733 21.51 0.71 -6.71
N ASP B 734 21.91 0.61 -5.44
CA ASP B 734 21.40 -0.44 -4.58
C ASP B 734 20.03 -0.02 -4.10
N CYS B 735 19.01 -0.75 -4.55
CA CYS B 735 17.65 -0.46 -4.12
C CYS B 735 17.55 -0.43 -2.60
N THR B 736 18.01 -1.50 -1.95
CA THR B 736 17.82 -1.61 -0.51
C THR B 736 18.58 -0.53 0.23
N MET B 737 19.87 -0.38 -0.07
CA MET B 737 20.67 0.60 0.64
C MET B 737 20.13 2.00 0.40
N TYR B 738 19.74 2.31 -0.82
CA TYR B 738 19.18 3.63 -1.08
C TYR B 738 17.89 3.82 -0.30
N ILE B 739 16.97 2.87 -0.41
CA ILE B 739 15.68 3.01 0.24
C ILE B 739 15.78 2.72 1.72
N CYS B 740 16.42 1.60 2.07
CA CYS B 740 16.48 1.12 3.44
C CYS B 740 17.92 0.96 3.86
N GLY B 741 18.73 1.98 3.59
CA GLY B 741 20.12 1.95 4.00
C GLY B 741 20.27 1.57 5.45
N ASP B 742 20.73 0.35 5.69
CA ASP B 742 21.00 -0.13 7.05
C ASP B 742 19.78 0.04 7.95
N SER B 743 18.71 -0.68 7.60
CA SER B 743 17.54 -0.72 8.47
C SER B 743 16.84 -2.07 8.26
N THR B 744 16.93 -2.93 9.27
CA THR B 744 16.31 -4.24 9.17
C THR B 744 14.79 -4.12 9.06
N GLU B 745 14.17 -3.29 9.90
CA GLU B 745 12.73 -3.11 9.81
C GLU B 745 12.33 -2.56 8.46
N CYS B 746 13.09 -1.56 7.97
CA CYS B 746 12.81 -1.00 6.66
C CYS B 746 13.00 -2.05 5.57
N SER B 747 14.08 -2.83 5.65
CA SER B 747 14.29 -3.86 4.65
C SER B 747 13.14 -4.85 4.64
N ASN B 748 12.67 -5.23 5.83
CA ASN B 748 11.54 -6.17 5.92
C ASN B 748 10.29 -5.58 5.29
N LEU B 749 9.94 -4.35 5.67
CA LEU B 749 8.76 -3.72 5.09
C LEU B 749 8.92 -3.61 3.58
N LEU B 750 10.15 -3.40 3.10
CA LEU B 750 10.40 -3.26 1.68
C LEU B 750 10.25 -4.57 0.94
N LEU B 751 10.53 -5.69 1.62
CA LEU B 751 10.41 -6.99 0.97
C LEU B 751 9.01 -7.22 0.40
N GLN B 752 8.00 -6.56 0.96
CA GLN B 752 6.63 -6.77 0.51
C GLN B 752 6.34 -6.11 -0.83
N TYR B 753 7.25 -5.30 -1.36
CA TYR B 753 7.09 -4.66 -2.66
C TYR B 753 7.59 -5.53 -3.80
N GLY B 754 7.66 -6.84 -3.59
CA GLY B 754 7.90 -7.75 -4.67
C GLY B 754 9.21 -7.49 -5.37
N SER B 755 9.22 -7.79 -6.67
CA SER B 755 10.43 -7.74 -7.47
C SER B 755 10.65 -6.36 -8.07
N PHE B 756 10.40 -5.33 -7.26
CA PHE B 756 10.74 -3.97 -7.66
C PHE B 756 12.25 -3.82 -7.77
N CYS B 757 12.97 -4.32 -6.77
CA CYS B 757 14.41 -4.12 -6.72
C CYS B 757 15.08 -4.80 -7.90
N THR B 758 14.67 -6.04 -8.19
CA THR B 758 15.28 -6.78 -9.27
C THR B 758 15.08 -6.06 -10.60
N GLN B 759 13.86 -5.59 -10.84
CA GLN B 759 13.61 -4.91 -12.11
C GLN B 759 14.43 -3.64 -12.23
N LEU B 760 14.50 -2.86 -11.14
CA LEU B 760 15.26 -1.62 -11.22
C LEU B 760 16.74 -1.90 -11.49
N ASN B 761 17.30 -2.85 -10.75
CA ASN B 761 18.72 -3.15 -10.94
C ASN B 761 18.97 -3.69 -12.33
N ARG B 762 18.06 -4.53 -12.84
CA ARG B 762 18.23 -5.06 -14.18
C ARG B 762 18.23 -3.93 -15.20
N ALA B 763 17.32 -2.98 -15.03
CA ALA B 763 17.28 -1.86 -15.97
C ALA B 763 18.59 -1.10 -15.96
N LEU B 764 19.07 -0.77 -14.77
CA LEU B 764 20.32 -0.01 -14.70
C LEU B 764 21.47 -0.82 -15.30
N THR B 765 21.50 -2.12 -15.03
CA THR B 765 22.57 -2.95 -15.56
C THR B 765 22.53 -2.97 -17.08
N GLY B 766 21.33 -3.09 -17.64
CA GLY B 766 21.20 -2.99 -19.08
C GLY B 766 21.69 -1.65 -19.59
N ILE B 767 21.43 -0.60 -18.83
CA ILE B 767 21.93 0.72 -19.24
C ILE B 767 23.44 0.69 -19.31
N ALA B 768 24.09 0.14 -18.29
CA ALA B 768 25.55 0.11 -18.28
C ALA B 768 26.09 -0.72 -19.44
N VAL B 769 25.48 -1.89 -19.66
CA VAL B 769 25.93 -2.75 -20.74
C VAL B 769 25.74 -2.03 -22.07
N GLU B 770 24.65 -1.29 -22.19
CA GLU B 770 24.40 -0.51 -23.39
C GLU B 770 25.50 0.51 -23.61
N GLN B 771 25.95 1.15 -22.53
CA GLN B 771 27.04 2.11 -22.66
C GLN B 771 28.29 1.43 -23.18
N ASP B 772 28.62 0.27 -22.60
CA ASP B 772 29.78 -0.47 -23.08
C ASP B 772 29.62 -0.81 -24.54
N LYS B 773 28.45 -1.30 -24.93
CA LYS B 773 28.21 -1.71 -26.30
C LYS B 773 28.33 -0.53 -27.24
N ASN B 774 27.82 0.63 -26.84
CA ASN B 774 27.94 1.81 -27.66
C ASN B 774 29.41 2.13 -27.90
N THR B 775 30.19 2.14 -26.83
CA THR B 775 31.60 2.47 -27.01
C THR B 775 32.26 1.47 -27.93
N GLN B 776 31.98 0.18 -27.73
CA GLN B 776 32.60 -0.85 -28.54
C GLN B 776 32.24 -0.66 -30.02
N GLU B 777 30.96 -0.46 -30.30
CA GLU B 777 30.54 -0.32 -31.69
C GLU B 777 31.15 0.91 -32.33
N VAL B 778 31.12 2.04 -31.63
CA VAL B 778 31.58 3.28 -32.25
C VAL B 778 33.08 3.22 -32.50
N PHE B 779 33.85 2.75 -31.51
CA PHE B 779 35.30 2.77 -31.61
C PHE B 779 35.89 1.46 -32.13
N ALA B 780 35.42 0.32 -31.64
CA ALA B 780 36.03 -0.95 -31.99
C ALA B 780 35.51 -1.44 -33.35
N GLN B 781 35.67 -0.59 -34.35
CA GLN B 781 35.34 -0.94 -35.73
C GLN B 781 36.58 -1.36 -36.51
N VAL B 782 37.75 -1.39 -35.87
CA VAL B 782 39.00 -1.75 -36.52
C VAL B 782 39.50 -3.05 -35.89
N LYS B 783 39.85 -4.00 -36.75
CA LYS B 783 40.25 -5.32 -36.28
C LYS B 783 41.65 -5.29 -35.66
N GLN B 784 42.59 -4.63 -36.34
CA GLN B 784 44.00 -4.64 -35.94
C GLN B 784 44.44 -3.22 -35.61
N ILE B 785 45.26 -3.09 -34.58
CA ILE B 785 45.74 -1.78 -34.17
C ILE B 785 46.88 -1.35 -35.08
N TYR B 786 46.54 -0.68 -36.17
CA TYR B 786 47.56 -0.10 -37.01
C TYR B 786 48.24 1.03 -36.26
N LYS B 787 49.46 1.36 -36.69
CA LYS B 787 50.18 2.52 -36.18
C LYS B 787 50.94 3.18 -37.32
N THR B 788 50.97 4.51 -37.32
CA THR B 788 51.62 5.24 -38.39
C THR B 788 53.13 5.00 -38.36
N PRO B 789 53.78 5.02 -39.51
CA PRO B 789 55.24 4.86 -39.54
C PRO B 789 55.94 6.07 -38.95
N PRO B 790 57.18 5.91 -38.49
CA PRO B 790 57.92 7.06 -37.95
C PRO B 790 58.13 8.18 -38.95
N ILE B 791 58.33 7.88 -40.22
CA ILE B 791 58.60 8.89 -41.24
C ILE B 791 57.27 9.54 -41.63
N LYS B 792 57.07 10.79 -41.24
CA LYS B 792 55.85 11.51 -41.53
C LYS B 792 56.06 12.27 -42.84
N ASP B 793 55.82 11.58 -43.95
CA ASP B 793 55.88 12.16 -45.29
C ASP B 793 54.52 11.89 -45.92
N PHE B 794 53.60 12.84 -45.71
CA PHE B 794 52.21 12.68 -46.10
C PHE B 794 51.82 13.66 -47.20
N GLY B 795 52.70 13.84 -48.18
CA GLY B 795 52.39 14.76 -49.25
C GLY B 795 52.29 16.20 -48.80
N GLY B 796 52.89 16.53 -47.66
CA GLY B 796 52.85 17.85 -47.09
C GLY B 796 51.84 18.05 -46.00
N PHE B 797 50.82 17.20 -45.93
CA PHE B 797 49.79 17.35 -44.92
C PHE B 797 50.37 17.07 -43.54
N ASN B 798 49.93 17.84 -42.55
CA ASN B 798 50.50 17.82 -41.22
C ASN B 798 49.44 17.36 -40.24
N PHE B 799 49.57 16.13 -39.76
CA PHE B 799 48.66 15.54 -38.80
C PHE B 799 49.22 15.55 -37.39
N SER B 800 50.32 16.27 -37.16
CA SER B 800 50.98 16.24 -35.86
C SER B 800 50.03 16.60 -34.72
N GLN B 801 49.03 17.44 -34.99
CA GLN B 801 48.13 17.89 -33.93
C GLN B 801 47.07 16.86 -33.61
N ILE B 802 46.91 15.83 -34.44
CA ILE B 802 45.93 14.79 -34.19
C ILE B 802 46.55 13.42 -34.05
N LEU B 803 47.75 13.19 -34.56
CA LEU B 803 48.40 11.91 -34.35
C LEU B 803 48.77 11.77 -32.87
N PRO B 804 48.83 10.55 -32.36
CA PRO B 804 49.07 10.38 -30.93
C PRO B 804 50.41 10.98 -30.54
N ASP B 805 50.46 11.51 -29.32
CA ASP B 805 51.67 12.15 -28.83
C ASP B 805 52.40 11.18 -27.92
N PRO B 806 53.57 10.67 -28.32
CA PRO B 806 54.33 9.82 -27.39
C PRO B 806 54.74 10.54 -26.12
N SER B 807 54.92 11.86 -26.18
CA SER B 807 55.46 12.59 -25.05
C SER B 807 54.57 12.45 -23.82
N LYS B 808 53.27 12.61 -24.00
CA LYS B 808 52.35 12.47 -22.88
C LYS B 808 52.38 11.03 -22.38
N PRO B 809 52.21 10.81 -21.07
CA PRO B 809 52.13 9.42 -20.58
C PRO B 809 51.05 8.62 -21.28
N SER B 810 49.90 9.24 -21.53
CA SER B 810 48.85 8.63 -22.33
C SER B 810 49.07 9.02 -23.79
N LYS B 811 49.06 8.03 -24.68
CA LYS B 811 49.36 8.28 -26.08
C LYS B 811 48.19 9.02 -26.71
N ARG B 812 48.03 10.29 -26.34
CA ARG B 812 46.86 11.08 -26.69
C ARG B 812 47.27 12.21 -27.61
N SER B 813 46.44 12.47 -28.62
CA SER B 813 46.76 13.53 -29.55
C SER B 813 46.57 14.90 -28.92
N PHE B 814 47.17 15.91 -29.55
CA PHE B 814 47.16 17.25 -29.00
C PHE B 814 45.74 17.78 -28.86
N ILE B 815 44.99 17.73 -29.96
CA ILE B 815 43.61 18.21 -29.93
C ILE B 815 42.80 17.43 -28.90
N GLU B 816 43.06 16.13 -28.80
CA GLU B 816 42.33 15.34 -27.81
C GLU B 816 42.68 15.78 -26.40
N ASP B 817 43.94 16.10 -26.15
CA ASP B 817 44.28 16.67 -24.86
C ASP B 817 43.49 17.94 -24.62
N LEU B 818 43.38 18.79 -25.63
CA LEU B 818 42.58 19.99 -25.48
C LEU B 818 41.16 19.65 -25.08
N LEU B 819 40.55 18.70 -25.81
CA LEU B 819 39.16 18.36 -25.56
C LEU B 819 38.99 17.84 -24.14
N PHE B 820 39.87 16.96 -23.70
CA PHE B 820 39.78 16.43 -22.34
C PHE B 820 39.95 17.54 -21.32
N ASN B 821 40.80 18.52 -21.62
CA ASN B 821 40.97 19.63 -20.70
C ASN B 821 39.70 20.46 -20.59
N LYS B 822 39.06 20.74 -21.73
CA LYS B 822 37.90 21.64 -21.71
C LYS B 822 36.74 21.02 -20.94
N VAL B 823 36.43 19.76 -21.21
CA VAL B 823 35.28 19.12 -20.57
C VAL B 823 35.65 18.79 -19.13
N THR B 824 34.76 19.10 -18.21
CA THR B 824 35.02 18.87 -16.80
C THR B 824 34.85 17.40 -16.44
N PHE B 852 27.44 8.19 -3.15
CA PHE B 852 27.97 7.45 -2.02
C PHE B 852 26.90 7.27 -0.95
N ASN B 853 25.67 7.03 -1.41
CA ASN B 853 24.55 6.74 -0.53
C ASN B 853 23.76 5.57 -1.11
N GLY B 854 24.46 4.48 -1.43
CA GLY B 854 23.89 3.42 -2.21
C GLY B 854 24.04 3.61 -3.70
N LEU B 855 24.53 4.77 -4.12
CA LEU B 855 24.75 5.06 -5.53
C LEU B 855 26.24 4.95 -5.82
N THR B 856 26.58 4.01 -6.69
CA THR B 856 27.98 3.73 -7.00
C THR B 856 28.23 4.05 -8.45
N VAL B 857 29.46 4.43 -8.76
CA VAL B 857 29.86 4.78 -10.11
C VAL B 857 30.78 3.68 -10.60
N LEU B 858 30.26 2.79 -11.43
CA LEU B 858 31.09 1.80 -12.05
C LEU B 858 32.05 2.47 -13.04
N PRO B 859 33.20 1.87 -13.28
CA PRO B 859 34.13 2.43 -14.27
C PRO B 859 33.88 1.85 -15.65
N PRO B 860 34.25 2.57 -16.69
CA PRO B 860 34.09 2.03 -18.04
C PRO B 860 35.01 0.85 -18.29
N LEU B 861 34.56 -0.06 -19.16
CA LEU B 861 35.38 -1.19 -19.55
C LEU B 861 36.61 -0.73 -20.31
N LEU B 862 36.41 0.10 -21.33
CA LEU B 862 37.51 0.61 -22.15
C LEU B 862 38.01 1.90 -21.52
N THR B 863 39.26 1.88 -21.04
CA THR B 863 39.80 3.08 -20.43
C THR B 863 40.06 4.14 -21.48
N ASP B 864 40.22 5.37 -21.02
CA ASP B 864 40.48 6.48 -21.92
C ASP B 864 41.70 6.17 -22.79
N GLU B 865 42.69 5.48 -22.21
CA GLU B 865 43.85 5.08 -23.00
C GLU B 865 43.44 4.19 -24.15
N MET B 866 42.51 3.26 -23.88
CA MET B 866 42.11 2.33 -24.91
C MET B 866 41.35 3.04 -26.03
N ILE B 867 40.46 3.95 -25.67
CA ILE B 867 39.76 4.71 -26.70
C ILE B 867 40.75 5.52 -27.51
N ALA B 868 41.74 6.10 -26.83
CA ALA B 868 42.75 6.86 -27.53
C ALA B 868 43.51 5.98 -28.51
N GLN B 869 43.86 4.76 -28.08
CA GLN B 869 44.59 3.87 -28.97
C GLN B 869 43.76 3.46 -30.17
N TYR B 870 42.48 3.15 -29.94
CA TYR B 870 41.60 2.84 -31.06
C TYR B 870 41.56 3.98 -32.03
N THR B 871 41.38 5.19 -31.52
CA THR B 871 41.29 6.36 -32.40
C THR B 871 42.57 6.55 -33.17
N SER B 872 43.70 6.38 -32.50
CA SER B 872 44.98 6.47 -33.17
C SER B 872 45.03 5.47 -34.31
N ALA B 873 44.56 4.25 -34.05
CA ALA B 873 44.59 3.24 -35.08
C ALA B 873 43.74 3.67 -36.27
N LEU B 874 42.56 4.20 -35.99
CA LEU B 874 41.70 4.64 -37.07
C LEU B 874 42.41 5.69 -37.90
N LEU B 875 43.03 6.66 -37.24
CA LEU B 875 43.70 7.71 -37.96
C LEU B 875 44.82 7.15 -38.82
N ALA B 876 45.61 6.25 -38.25
CA ALA B 876 46.73 5.69 -38.99
C ALA B 876 46.23 4.93 -40.20
N GLY B 877 45.23 4.08 -40.02
CA GLY B 877 44.74 3.30 -41.12
C GLY B 877 44.19 4.17 -42.22
N THR B 878 43.39 5.18 -41.85
CA THR B 878 42.84 6.08 -42.84
C THR B 878 43.94 6.78 -43.62
N ILE B 879 44.92 7.34 -42.91
CA ILE B 879 45.96 8.11 -43.57
C ILE B 879 46.78 7.22 -44.50
N THR B 880 47.17 6.04 -44.01
CA THR B 880 48.14 5.20 -44.72
C THR B 880 47.50 4.28 -45.75
N SER B 881 46.20 4.05 -45.67
CA SER B 881 45.58 3.03 -46.50
C SER B 881 44.24 3.47 -47.06
N GLY B 882 43.86 4.73 -46.90
CA GLY B 882 42.58 5.17 -47.43
C GLY B 882 41.43 4.41 -46.80
N TRP B 883 40.34 4.32 -47.55
CA TRP B 883 39.14 3.62 -47.10
C TRP B 883 39.34 2.11 -47.05
N THR B 884 40.45 1.60 -47.58
CA THR B 884 40.58 0.17 -47.80
C THR B 884 40.53 -0.61 -46.50
N PHE B 885 41.17 -0.10 -45.44
CA PHE B 885 41.30 -0.90 -44.23
C PHE B 885 39.96 -1.28 -43.64
N GLY B 886 38.89 -0.54 -43.98
CA GLY B 886 37.58 -0.91 -43.51
C GLY B 886 36.95 -2.07 -44.24
N ALA B 887 37.35 -2.31 -45.49
CA ALA B 887 36.81 -3.40 -46.29
C ALA B 887 37.58 -4.70 -46.10
N GLY B 888 38.77 -4.64 -45.51
CA GLY B 888 39.54 -5.83 -45.24
C GLY B 888 40.94 -5.48 -44.81
N ALA B 889 41.93 -6.19 -45.35
CA ALA B 889 43.31 -5.91 -45.02
C ALA B 889 43.66 -4.48 -45.42
N ALA B 890 44.31 -3.76 -44.52
CA ALA B 890 44.74 -2.41 -44.86
C ALA B 890 45.82 -2.46 -45.91
N LEU B 891 45.63 -1.70 -46.98
CA LEU B 891 46.60 -1.63 -48.07
C LEU B 891 47.22 -0.24 -48.04
N GLN B 892 48.54 -0.19 -47.96
CA GLN B 892 49.23 1.09 -47.97
C GLN B 892 48.98 1.82 -49.29
N ILE B 893 48.99 3.14 -49.23
CA ILE B 893 48.81 3.97 -50.42
C ILE B 893 49.32 5.38 -50.17
N PRO B 894 49.96 6.04 -51.14
CA PRO B 894 50.38 7.43 -50.91
C PRO B 894 49.19 8.31 -50.60
N PHE B 895 49.32 9.07 -49.51
CA PHE B 895 48.21 9.89 -49.06
C PHE B 895 47.85 10.95 -50.09
N ALA B 896 48.82 11.38 -50.89
CA ALA B 896 48.51 12.23 -52.03
C ALA B 896 47.57 11.50 -52.99
N MET B 897 47.88 10.23 -53.26
CA MET B 897 47.00 9.44 -54.09
C MET B 897 45.67 9.16 -53.39
N GLN B 898 45.69 9.04 -52.07
CA GLN B 898 44.43 8.95 -51.32
C GLN B 898 43.57 10.17 -51.59
N MET B 899 44.16 11.34 -51.48
CA MET B 899 43.41 12.58 -51.72
C MET B 899 42.95 12.70 -53.17
N ALA B 900 43.76 12.22 -54.11
CA ALA B 900 43.32 12.20 -55.50
C ALA B 900 42.08 11.34 -55.65
N TYR B 901 42.07 10.17 -55.00
CA TYR B 901 40.87 9.34 -55.02
C TYR B 901 39.68 10.09 -54.40
N ARG B 902 39.91 10.79 -53.29
CA ARG B 902 38.82 11.55 -52.68
C ARG B 902 38.27 12.58 -53.65
N PHE B 903 39.15 13.36 -54.28
CA PHE B 903 38.70 14.37 -55.23
C PHE B 903 37.89 13.73 -56.34
N ASN B 904 38.33 12.57 -56.81
CA ASN B 904 37.51 11.79 -57.74
C ASN B 904 36.15 11.47 -57.13
N GLY B 905 36.10 11.29 -55.81
CA GLY B 905 34.85 10.91 -55.17
C GLY B 905 33.79 11.98 -55.26
N ILE B 906 34.18 13.24 -55.04
CA ILE B 906 33.21 14.33 -55.01
C ILE B 906 32.96 14.86 -56.41
N GLY B 907 33.52 14.17 -57.42
CA GLY B 907 33.34 14.59 -58.78
C GLY B 907 34.37 15.56 -59.30
N VAL B 908 35.52 15.68 -58.65
CA VAL B 908 36.59 16.58 -59.06
C VAL B 908 37.78 15.76 -59.49
N THR B 909 38.21 15.95 -60.74
CA THR B 909 39.29 15.14 -61.32
C THR B 909 40.52 15.15 -60.42
N GLN B 910 41.38 14.14 -60.59
CA GLN B 910 42.52 14.00 -59.71
C GLN B 910 43.62 15.01 -60.00
N ASN B 911 43.79 15.38 -61.27
CA ASN B 911 44.87 16.29 -61.63
C ASN B 911 44.82 17.56 -60.79
N VAL B 912 43.62 18.03 -60.45
CA VAL B 912 43.50 19.23 -59.64
C VAL B 912 44.29 19.07 -58.35
N LEU B 913 44.02 17.98 -57.62
CA LEU B 913 44.74 17.74 -56.38
C LEU B 913 46.23 17.72 -56.63
N TYR B 914 46.65 17.07 -57.72
CA TYR B 914 48.07 17.03 -58.06
C TYR B 914 48.60 18.42 -58.37
N GLU B 915 47.83 19.19 -59.15
CA GLU B 915 48.31 20.50 -59.58
C GLU B 915 48.27 21.53 -58.46
N ASN B 916 47.49 21.25 -57.41
CA ASN B 916 47.35 22.18 -56.28
C ASN B 916 47.62 21.46 -54.97
N GLN B 917 48.52 20.47 -54.99
CA GLN B 917 48.79 19.69 -53.79
C GLN B 917 49.28 20.59 -52.66
N LYS B 918 50.23 21.47 -52.95
CA LYS B 918 50.78 22.33 -51.90
C LYS B 918 49.73 23.28 -51.34
N LEU B 919 48.94 23.89 -52.22
CA LEU B 919 47.90 24.80 -51.76
C LEU B 919 46.92 24.09 -50.86
N ILE B 920 46.49 22.90 -51.28
CA ILE B 920 45.55 22.13 -50.48
C ILE B 920 46.16 21.78 -49.13
N ALA B 921 47.44 21.40 -49.13
CA ALA B 921 48.10 21.07 -47.87
C ALA B 921 48.14 22.27 -46.95
N ASN B 922 48.50 23.44 -47.48
CA ASN B 922 48.57 24.62 -46.65
C ASN B 922 47.20 24.98 -46.09
N GLN B 923 46.17 24.89 -46.92
CA GLN B 923 44.82 25.18 -46.45
C GLN B 923 44.42 24.21 -45.34
N PHE B 924 44.77 22.92 -45.50
CA PHE B 924 44.43 21.94 -44.47
C PHE B 924 45.13 22.27 -43.16
N ASN B 925 46.41 22.60 -43.22
CA ASN B 925 47.12 22.92 -42.00
C ASN B 925 46.52 24.15 -41.34
N SER B 926 46.16 25.14 -42.16
CA SER B 926 45.54 26.33 -41.63
C SER B 926 44.23 25.99 -40.93
N ALA B 927 43.43 25.14 -41.56
CA ALA B 927 42.16 24.76 -40.97
C ALA B 927 42.36 24.01 -39.67
N ILE B 928 43.36 23.14 -39.63
CA ILE B 928 43.61 22.40 -38.40
C ILE B 928 44.04 23.35 -37.29
N GLY B 929 44.90 24.30 -37.62
CA GLY B 929 45.26 25.30 -36.63
C GLY B 929 44.05 26.07 -36.15
N LYS B 930 43.16 26.42 -37.07
CA LYS B 930 41.95 27.13 -36.70
C LYS B 930 41.10 26.30 -35.77
N ILE B 931 40.98 25.01 -36.05
CA ILE B 931 40.23 24.12 -35.18
C ILE B 931 40.85 24.09 -33.80
N GLN B 932 42.18 23.99 -33.74
CA GLN B 932 42.87 24.04 -32.46
C GLN B 932 42.51 25.30 -31.71
N ASP B 933 42.56 26.43 -32.39
CA ASP B 933 42.29 27.71 -31.73
C ASP B 933 40.85 27.77 -31.25
N SER B 934 39.91 27.35 -32.09
CA SER B 934 38.50 27.41 -31.70
C SER B 934 38.24 26.54 -30.49
N LEU B 935 38.78 25.32 -30.48
CA LEU B 935 38.61 24.46 -29.33
C LEU B 935 39.26 25.07 -28.10
N SER B 936 40.45 25.64 -28.27
CA SER B 936 41.18 26.20 -27.13
C SER B 936 40.43 27.37 -26.53
N SER B 937 39.82 28.20 -27.37
CA SER B 937 39.19 29.43 -26.92
C SER B 937 37.76 29.21 -26.45
N THR B 938 36.90 28.72 -27.33
CA THR B 938 35.47 28.61 -27.04
C THR B 938 35.17 27.21 -26.51
N ALA B 939 34.60 27.14 -25.32
CA ALA B 939 34.19 25.89 -24.71
C ALA B 939 32.74 25.54 -24.98
N SER B 940 32.00 26.40 -25.68
CA SER B 940 30.59 26.12 -25.95
C SER B 940 30.42 25.05 -27.01
N ALA B 941 31.45 24.78 -27.82
CA ALA B 941 31.34 23.73 -28.81
C ALA B 941 31.08 22.39 -28.14
N LEU B 942 31.71 22.15 -27.00
CA LEU B 942 31.60 20.90 -26.27
C LEU B 942 30.33 20.81 -25.42
N GLY B 943 29.44 21.81 -25.51
CA GLY B 943 28.22 21.76 -24.74
C GLY B 943 27.49 20.44 -24.94
N LYS B 944 27.41 19.98 -26.18
CA LYS B 944 26.69 18.74 -26.45
C LYS B 944 27.13 17.65 -25.48
N LEU B 945 28.44 17.46 -25.32
CA LEU B 945 28.92 16.50 -24.35
C LEU B 945 28.70 17.01 -22.93
N GLN B 946 29.09 18.26 -22.69
CA GLN B 946 29.01 18.82 -21.35
C GLN B 946 27.61 18.65 -20.79
N ASP B 947 26.61 19.09 -21.54
CA ASP B 947 25.23 18.99 -21.08
C ASP B 947 24.91 17.57 -20.65
N VAL B 948 25.23 16.61 -21.51
CA VAL B 948 24.96 15.21 -21.16
C VAL B 948 25.46 14.94 -19.75
N VAL B 949 26.75 15.19 -19.54
CA VAL B 949 27.34 14.99 -18.21
C VAL B 949 26.47 15.68 -17.17
N ASN B 950 26.29 16.98 -17.34
CA ASN B 950 25.49 17.74 -16.37
C ASN B 950 24.17 17.06 -16.15
N GLN B 951 23.46 16.73 -17.23
CA GLN B 951 22.17 16.09 -17.10
C GLN B 951 22.28 14.92 -16.14
N ASN B 952 23.18 13.99 -16.43
CA ASN B 952 23.36 12.84 -15.55
C ASN B 952 23.64 13.32 -14.13
N ALA B 953 24.65 14.18 -13.99
CA ALA B 953 24.96 14.70 -12.67
C ALA B 953 23.69 15.24 -12.02
N GLN B 954 22.95 16.04 -12.76
CA GLN B 954 21.75 16.65 -12.21
C GLN B 954 20.87 15.57 -11.59
N ALA B 955 20.56 14.53 -12.36
CA ALA B 955 19.68 13.49 -11.86
C ALA B 955 20.21 12.96 -10.53
N LEU B 956 21.49 12.61 -10.49
CA LEU B 956 22.03 12.07 -9.26
C LEU B 956 21.73 12.99 -8.11
N ASN B 957 22.05 14.27 -8.27
CA ASN B 957 21.77 15.22 -7.20
C ASN B 957 20.31 15.12 -6.80
N THR B 958 19.42 15.22 -7.78
CA THR B 958 18.00 15.10 -7.49
C THR B 958 17.73 13.84 -6.70
N LEU B 959 18.20 12.70 -7.22
CA LEU B 959 18.01 11.44 -6.52
C LEU B 959 18.46 11.58 -5.08
N VAL B 960 19.70 12.05 -4.90
CA VAL B 960 20.22 12.21 -3.55
C VAL B 960 19.31 13.15 -2.77
N LYS B 961 18.96 14.28 -3.37
CA LYS B 961 18.14 15.24 -2.63
C LYS B 961 16.80 14.66 -2.25
N GLN B 962 16.30 13.70 -3.01
CA GLN B 962 15.01 13.15 -2.64
C GLN B 962 15.03 12.51 -1.26
N LEU B 963 16.21 12.10 -0.79
CA LEU B 963 16.29 11.47 0.52
C LEU B 963 16.04 12.46 1.65
N SER B 964 15.95 13.75 1.34
CA SER B 964 15.72 14.78 2.34
C SER B 964 14.28 15.26 2.35
N SER B 965 13.37 14.48 1.79
CA SER B 965 11.96 14.84 1.71
C SER B 965 11.16 13.95 2.65
N ASN B 966 10.31 14.58 3.47
CA ASN B 966 9.50 13.79 4.39
C ASN B 966 8.43 13.01 3.65
N PHE B 967 7.94 13.52 2.53
CA PHE B 967 6.85 12.91 1.79
C PHE B 967 5.64 12.67 2.67
N GLY B 968 5.55 13.37 3.81
CA GLY B 968 4.46 13.24 4.74
C GLY B 968 4.85 12.63 6.08
N ALA B 969 5.97 11.93 6.15
CA ALA B 969 6.40 11.34 7.40
C ALA B 969 6.84 12.43 8.38
N ILE B 970 6.92 12.08 9.66
CA ILE B 970 7.29 13.05 10.68
C ILE B 970 8.65 13.65 10.34
N SER B 971 9.54 12.86 9.76
CA SER B 971 10.84 13.33 9.32
C SER B 971 11.33 12.44 8.19
N SER B 972 12.31 12.95 7.45
CA SER B 972 12.92 12.17 6.39
C SER B 972 14.02 11.24 6.91
N VAL B 973 14.46 11.42 8.14
CA VAL B 973 15.53 10.58 8.69
C VAL B 973 14.90 9.33 9.28
N LEU B 974 15.29 8.16 8.75
CA LEU B 974 14.71 6.91 9.21
C LEU B 974 15.16 6.59 10.63
N ASN B 975 16.44 6.81 10.93
CA ASN B 975 16.95 6.46 12.24
C ASN B 975 16.25 7.27 13.33
N ASP B 976 15.93 8.54 13.05
CA ASP B 976 15.23 9.33 14.04
C ASP B 976 13.85 8.74 14.32
N ILE B 977 13.14 8.31 13.29
CA ILE B 977 11.84 7.69 13.51
C ILE B 977 12.00 6.41 14.31
N LEU B 978 12.99 5.59 13.96
CA LEU B 978 13.19 4.33 14.65
C LEU B 978 13.53 4.56 16.11
N SER B 979 14.42 5.51 16.39
CA SER B 979 14.90 5.75 17.75
C SER B 979 13.94 6.60 18.58
N ARG B 980 12.98 7.26 17.95
CA ARG B 980 12.04 8.11 18.66
C ARG B 980 10.65 7.52 18.77
N LEU B 981 10.26 6.64 17.86
CA LEU B 981 8.93 6.03 17.88
C LEU B 981 9.06 4.52 17.85
N ASP B 982 8.12 3.85 18.49
CA ASP B 982 8.13 2.40 18.55
C ASP B 982 7.81 1.81 17.19
N PRO B 983 8.18 0.56 16.96
CA PRO B 983 7.98 -0.04 15.63
C PRO B 983 6.52 0.03 15.20
N PRO B 984 5.56 -0.20 16.10
CA PRO B 984 4.16 -0.03 15.68
C PRO B 984 3.88 1.37 15.16
N GLU B 985 4.44 2.38 15.81
CA GLU B 985 4.30 3.75 15.31
C GLU B 985 5.21 3.99 14.12
N ALA B 986 6.41 3.43 14.15
CA ALA B 986 7.38 3.71 13.09
C ALA B 986 6.89 3.20 11.74
N GLU B 987 6.30 2.01 11.71
CA GLU B 987 5.94 1.39 10.44
C GLU B 987 5.03 2.28 9.62
N VAL B 988 4.12 3.00 10.26
CA VAL B 988 3.19 3.84 9.52
C VAL B 988 3.94 4.87 8.68
N GLN B 989 4.88 5.57 9.32
CA GLN B 989 5.65 6.58 8.60
C GLN B 989 6.61 5.93 7.62
N ILE B 990 7.17 4.78 7.99
CA ILE B 990 8.10 4.10 7.11
C ILE B 990 7.41 3.71 5.83
N ASP B 991 6.12 3.39 5.90
CA ASP B 991 5.38 3.07 4.69
C ASP B 991 5.41 4.25 3.72
N ARG B 992 5.08 5.44 4.21
CA ARG B 992 5.09 6.62 3.36
C ARG B 992 6.50 6.89 2.83
N LEU B 993 7.50 6.79 3.70
CA LEU B 993 8.86 7.07 3.29
C LEU B 993 9.30 6.12 2.19
N ILE B 994 9.03 4.83 2.37
CA ILE B 994 9.39 3.84 1.36
C ILE B 994 8.66 4.14 0.08
N THR B 995 7.37 4.47 0.17
CA THR B 995 6.59 4.73 -1.04
C THR B 995 7.20 5.89 -1.81
N GLY B 996 7.45 7.00 -1.13
CA GLY B 996 7.98 8.16 -1.79
C GLY B 996 9.34 7.91 -2.40
N ARG B 997 10.23 7.25 -1.64
CA ARG B 997 11.57 7.02 -2.16
C ARG B 997 11.56 6.04 -3.31
N LEU B 998 10.71 5.02 -3.25
CA LEU B 998 10.58 4.08 -4.35
C LEU B 998 10.07 4.77 -5.60
N GLN B 999 9.08 5.64 -5.44
CA GLN B 999 8.60 6.42 -6.56
C GLN B 999 9.71 7.28 -7.13
N SER B 1000 10.50 7.88 -6.24
CA SER B 1000 11.62 8.68 -6.70
C SER B 1000 12.58 7.83 -7.51
N LEU B 1001 12.89 6.63 -7.02
CA LEU B 1001 13.83 5.77 -7.71
C LEU B 1001 13.28 5.39 -9.07
N GLN B 1002 12.00 5.05 -9.14
CA GLN B 1002 11.41 4.68 -10.41
C GLN B 1002 11.46 5.86 -11.39
N THR B 1003 11.16 7.06 -10.89
CA THR B 1003 11.25 8.22 -11.75
C THR B 1003 12.66 8.40 -12.27
N TYR B 1004 13.64 8.30 -11.38
CA TYR B 1004 15.02 8.45 -11.82
C TYR B 1004 15.37 7.40 -12.85
N VAL B 1005 14.96 6.17 -12.61
CA VAL B 1005 15.32 5.08 -13.51
C VAL B 1005 14.67 5.28 -14.87
N THR B 1006 13.42 5.73 -14.88
CA THR B 1006 12.74 5.98 -16.14
C THR B 1006 13.43 7.09 -16.91
N GLN B 1007 13.78 8.17 -16.21
CA GLN B 1007 14.50 9.25 -16.86
C GLN B 1007 15.80 8.75 -17.44
N GLN B 1008 16.50 7.92 -16.66
CA GLN B 1008 17.77 7.37 -17.12
C GLN B 1008 17.57 6.51 -18.35
N LEU B 1009 16.52 5.68 -18.35
CA LEU B 1009 16.27 4.83 -19.51
C LEU B 1009 16.02 5.68 -20.74
N ILE B 1010 15.22 6.73 -20.59
CA ILE B 1010 14.91 7.56 -21.76
C ILE B 1010 16.15 8.25 -22.27
N ARG B 1011 16.90 8.86 -21.35
CA ARG B 1011 18.12 9.55 -21.76
C ARG B 1011 19.09 8.59 -22.39
N ALA B 1012 19.12 7.35 -21.89
CA ALA B 1012 19.99 6.35 -22.45
C ALA B 1012 19.55 5.96 -23.85
N ALA B 1013 18.25 5.89 -24.08
CA ALA B 1013 17.77 5.64 -25.43
C ALA B 1013 18.23 6.73 -26.37
N GLU B 1014 18.11 7.98 -25.92
CA GLU B 1014 18.58 9.10 -26.73
C GLU B 1014 20.07 8.96 -27.00
N ILE B 1015 20.82 8.61 -25.95
CA ILE B 1015 22.26 8.46 -26.10
C ILE B 1015 22.59 7.33 -27.04
N ARG B 1016 21.80 6.26 -27.03
CA ARG B 1016 22.09 5.14 -27.91
C ARG B 1016 21.80 5.49 -29.35
N ALA B 1017 20.74 6.26 -29.60
CA ALA B 1017 20.52 6.75 -30.95
C ALA B 1017 21.71 7.59 -31.40
N SER B 1018 22.16 8.47 -30.51
CA SER B 1018 23.32 9.28 -30.85
C SER B 1018 24.52 8.40 -31.12
N ALA B 1019 24.70 7.36 -30.32
CA ALA B 1019 25.86 6.50 -30.47
C ALA B 1019 25.81 5.77 -31.81
N ASN B 1020 24.62 5.31 -32.19
CA ASN B 1020 24.48 4.67 -33.48
C ASN B 1020 24.84 5.66 -34.58
N LEU B 1021 24.41 6.91 -34.44
CA LEU B 1021 24.79 7.91 -35.42
C LEU B 1021 26.31 8.06 -35.46
N ALA B 1022 26.95 8.05 -34.29
CA ALA B 1022 28.39 8.19 -34.26
C ALA B 1022 29.06 7.02 -34.95
N ALA B 1023 28.57 5.81 -34.70
CA ALA B 1023 29.14 4.64 -35.34
C ALA B 1023 28.99 4.74 -36.85
N THR B 1024 27.82 5.18 -37.30
CA THR B 1024 27.60 5.30 -38.74
C THR B 1024 28.56 6.31 -39.33
N LYS B 1025 28.74 7.46 -38.67
CA LYS B 1025 29.63 8.47 -39.20
C LYS B 1025 31.05 7.96 -39.26
N MET B 1026 31.48 7.22 -38.24
CA MET B 1026 32.80 6.60 -38.32
C MET B 1026 32.87 5.67 -39.52
N SER B 1027 31.82 4.89 -39.75
CA SER B 1027 31.86 3.90 -40.82
C SER B 1027 31.89 4.56 -42.19
N GLU B 1028 31.04 5.57 -42.41
CA GLU B 1028 30.80 6.13 -43.74
C GLU B 1028 31.56 7.42 -43.98
N CYS B 1029 31.99 8.09 -42.90
CA CYS B 1029 32.89 9.22 -43.04
C CYS B 1029 34.34 8.79 -42.83
N VAL B 1030 34.63 8.06 -41.76
CA VAL B 1030 36.02 7.75 -41.42
C VAL B 1030 36.53 6.58 -42.24
N LEU B 1031 35.81 5.46 -42.21
CA LEU B 1031 36.26 4.31 -42.99
C LEU B 1031 36.06 4.50 -44.48
N GLY B 1032 35.31 5.52 -44.89
CA GLY B 1032 35.18 5.81 -46.31
C GLY B 1032 34.61 7.19 -46.54
N GLN B 1033 34.52 7.55 -47.81
CA GLN B 1033 34.02 8.86 -48.23
C GLN B 1033 32.53 8.75 -48.49
N SER B 1034 31.74 9.58 -47.82
CA SER B 1034 30.29 9.50 -47.91
C SER B 1034 29.78 10.39 -49.03
N LYS B 1035 28.87 9.86 -49.84
CA LYS B 1035 28.14 10.67 -50.80
C LYS B 1035 27.01 11.44 -50.14
N ARG B 1036 26.63 11.06 -48.94
CA ARG B 1036 25.52 11.71 -48.27
C ARG B 1036 25.80 13.18 -48.08
N VAL B 1037 24.85 14.01 -48.47
CA VAL B 1037 25.02 15.45 -48.39
C VAL B 1037 24.84 15.90 -46.96
N ASP B 1038 25.79 16.69 -46.46
CA ASP B 1038 25.72 17.23 -45.11
C ASP B 1038 25.70 16.15 -44.06
N PHE B 1039 25.99 14.91 -44.43
CA PHE B 1039 26.07 13.83 -43.47
C PHE B 1039 27.36 13.89 -42.66
N CYS B 1040 28.48 14.20 -43.33
CA CYS B 1040 29.79 14.26 -42.68
C CYS B 1040 30.31 15.68 -42.69
N GLY B 1041 29.44 16.65 -42.43
CA GLY B 1041 29.80 18.05 -42.47
C GLY B 1041 29.25 18.73 -43.70
N LYS B 1042 29.12 20.05 -43.64
CA LYS B 1042 28.58 20.82 -44.74
C LYS B 1042 29.58 20.80 -45.90
N GLY B 1043 29.16 20.24 -47.04
CA GLY B 1043 29.91 20.27 -48.28
C GLY B 1043 30.01 18.89 -48.89
N TYR B 1044 30.79 18.79 -49.95
CA TYR B 1044 31.12 17.50 -50.53
C TYR B 1044 32.23 16.90 -49.68
N HIS B 1045 31.89 15.87 -48.90
CA HIS B 1045 32.80 15.41 -47.85
C HIS B 1045 34.07 14.82 -48.46
N LEU B 1046 35.22 15.27 -47.99
CA LEU B 1046 36.50 14.70 -48.41
C LEU B 1046 36.95 13.57 -47.49
N MET B 1047 37.07 13.85 -46.19
CA MET B 1047 37.53 12.83 -45.26
C MET B 1047 37.24 13.29 -43.85
N SER B 1048 37.67 12.47 -42.90
CA SER B 1048 37.30 12.67 -41.51
C SER B 1048 38.44 12.25 -40.62
N PHE B 1049 38.45 12.78 -39.39
CA PHE B 1049 39.41 12.34 -38.38
C PHE B 1049 38.77 12.32 -37.01
N PRO B 1050 38.73 11.18 -36.33
CA PRO B 1050 38.07 11.11 -35.02
C PRO B 1050 39.02 11.42 -33.88
N GLN B 1051 38.44 11.92 -32.79
CA GLN B 1051 39.22 12.25 -31.60
C GLN B 1051 38.41 11.94 -30.36
N SER B 1052 39.00 11.18 -29.45
CA SER B 1052 38.35 10.79 -28.22
C SER B 1052 38.15 11.98 -27.31
N ALA B 1053 36.99 12.04 -26.67
CA ALA B 1053 36.69 13.03 -25.65
C ALA B 1053 35.91 12.32 -24.57
N PRO B 1054 35.93 12.83 -23.35
CA PRO B 1054 35.21 12.15 -22.27
C PRO B 1054 33.78 11.84 -22.65
N HIS B 1055 33.46 10.55 -22.79
CA HIS B 1055 32.11 10.11 -23.07
C HIS B 1055 31.63 10.53 -24.46
N GLY B 1056 32.54 10.62 -25.42
CA GLY B 1056 32.11 11.04 -26.73
C GLY B 1056 33.24 11.13 -27.72
N VAL B 1057 32.87 11.44 -28.94
CA VAL B 1057 33.78 11.47 -30.07
C VAL B 1057 33.57 12.76 -30.84
N VAL B 1058 34.67 13.33 -31.34
CA VAL B 1058 34.60 14.50 -32.20
C VAL B 1058 35.13 14.11 -33.57
N PHE B 1059 34.31 14.31 -34.59
CA PHE B 1059 34.73 14.13 -35.97
C PHE B 1059 35.14 15.47 -36.54
N LEU B 1060 36.41 15.55 -36.94
CA LEU B 1060 36.92 16.70 -37.67
C LEU B 1060 36.66 16.42 -39.14
N HIS B 1061 35.77 17.20 -39.74
CA HIS B 1061 35.29 16.94 -41.08
C HIS B 1061 36.04 17.81 -42.07
N VAL B 1062 36.81 17.18 -42.94
CA VAL B 1062 37.51 17.87 -44.02
C VAL B 1062 36.63 17.81 -45.25
N THR B 1063 36.19 18.98 -45.72
CA THR B 1063 35.28 19.08 -46.84
C THR B 1063 35.78 20.12 -47.84
N TYR B 1064 35.46 19.87 -49.10
CA TYR B 1064 35.82 20.75 -50.21
C TYR B 1064 34.65 21.68 -50.44
N VAL B 1065 34.87 22.98 -50.31
CA VAL B 1065 33.83 23.98 -50.54
C VAL B 1065 34.27 24.85 -51.72
N PRO B 1066 33.56 24.83 -52.86
CA PRO B 1066 33.91 25.75 -53.94
C PRO B 1066 33.89 27.19 -53.42
N ALA B 1067 34.85 27.97 -53.90
CA ALA B 1067 35.17 29.26 -53.29
C ALA B 1067 34.78 30.45 -54.17
N GLN B 1068 35.26 30.48 -55.41
CA GLN B 1068 35.13 31.65 -56.27
C GLN B 1068 34.43 31.23 -57.56
N GLU B 1069 33.32 31.90 -57.86
CA GLU B 1069 32.44 31.52 -58.96
C GLU B 1069 32.41 32.61 -60.03
N LYS B 1070 32.42 32.18 -61.29
CA LYS B 1070 32.31 33.07 -62.43
C LYS B 1070 31.11 32.70 -63.28
N ASN B 1071 30.44 33.71 -63.83
CA ASN B 1071 29.35 33.49 -64.76
C ASN B 1071 29.88 33.04 -66.11
N PHE B 1072 29.07 32.25 -66.80
CA PHE B 1072 29.36 31.87 -68.17
C PHE B 1072 28.07 31.53 -68.88
N THR B 1073 28.13 31.59 -70.21
CA THR B 1073 27.01 31.21 -71.05
C THR B 1073 27.11 29.74 -71.39
N THR B 1074 26.01 29.03 -71.18
CA THR B 1074 25.98 27.58 -71.28
C THR B 1074 24.95 27.14 -72.31
N ALA B 1075 25.30 26.12 -73.08
CA ALA B 1075 24.40 25.50 -74.03
C ALA B 1075 24.27 24.02 -73.69
N PRO B 1076 23.05 23.48 -73.59
CA PRO B 1076 22.92 22.07 -73.21
C PRO B 1076 23.64 21.12 -74.15
N ALA B 1077 23.69 21.43 -75.44
CA ALA B 1077 24.39 20.61 -76.41
C ALA B 1077 25.02 21.53 -77.44
N ILE B 1078 25.57 20.93 -78.50
CA ILE B 1078 26.20 21.69 -79.57
C ILE B 1078 26.05 20.92 -80.87
N CYS B 1079 25.94 21.64 -81.96
CA CYS B 1079 25.83 21.08 -83.30
C CYS B 1079 27.07 21.43 -84.10
N HIS B 1080 27.76 20.41 -84.60
CA HIS B 1080 28.92 20.60 -85.47
C HIS B 1080 28.65 20.16 -86.90
N ASP B 1081 27.98 19.03 -87.09
CA ASP B 1081 27.62 18.51 -88.40
C ASP B 1081 26.14 18.14 -88.43
N GLY B 1082 25.30 18.97 -87.80
CA GLY B 1082 23.88 18.70 -87.72
C GLY B 1082 23.48 17.76 -86.61
N LYS B 1083 24.43 17.20 -85.87
CA LYS B 1083 24.14 16.27 -84.79
C LYS B 1083 24.42 16.96 -83.47
N ALA B 1084 23.45 16.92 -82.56
CA ALA B 1084 23.63 17.55 -81.26
C ALA B 1084 24.70 16.79 -80.47
N HIS B 1085 25.53 17.54 -79.76
CA HIS B 1085 26.62 17.00 -78.97
C HIS B 1085 26.39 17.32 -77.50
N PHE B 1086 26.59 16.33 -76.64
CA PHE B 1086 26.41 16.48 -75.21
C PHE B 1086 27.68 16.10 -74.48
N PRO B 1087 27.96 16.74 -73.33
CA PRO B 1087 29.22 16.46 -72.64
C PRO B 1087 29.17 15.11 -71.94
N ARG B 1088 30.15 14.26 -72.23
CA ARG B 1088 30.22 12.99 -71.54
C ARG B 1088 30.19 13.20 -70.03
N GLU B 1089 31.05 14.08 -69.54
CA GLU B 1089 31.12 14.41 -68.11
C GLU B 1089 31.59 15.84 -67.98
N GLY B 1090 30.67 16.76 -67.74
CA GLY B 1090 31.02 18.16 -67.57
C GLY B 1090 29.86 19.05 -67.98
N VAL B 1091 30.21 20.27 -68.40
CA VAL B 1091 29.23 21.26 -68.79
C VAL B 1091 29.85 22.17 -69.85
N PHE B 1092 29.03 22.60 -70.80
CA PHE B 1092 29.44 23.57 -71.80
C PHE B 1092 29.31 24.98 -71.24
N VAL B 1093 30.35 25.79 -71.43
CA VAL B 1093 30.39 27.17 -70.96
C VAL B 1093 30.98 28.03 -72.07
N SER B 1094 30.76 29.33 -71.94
CA SER B 1094 31.35 30.29 -72.86
C SER B 1094 31.91 31.46 -72.07
N ASN B 1095 33.14 31.86 -72.39
CA ASN B 1095 33.74 33.06 -71.85
C ASN B 1095 33.44 34.29 -72.70
N GLY B 1096 32.40 34.22 -73.52
CA GLY B 1096 32.00 35.34 -74.35
C GLY B 1096 32.07 35.02 -75.84
N THR B 1097 33.14 34.37 -76.26
CA THR B 1097 33.30 34.03 -77.68
C THR B 1097 33.58 32.56 -77.90
N HIS B 1098 34.37 31.92 -77.04
CA HIS B 1098 34.75 30.53 -77.21
C HIS B 1098 33.93 29.64 -76.29
N TRP B 1099 33.75 28.39 -76.70
CA TRP B 1099 33.01 27.40 -75.93
C TRP B 1099 33.99 26.37 -75.37
N PHE B 1100 33.86 26.10 -74.08
CA PHE B 1100 34.68 25.11 -73.41
C PHE B 1100 33.79 24.08 -72.72
N VAL B 1101 34.34 22.88 -72.53
CA VAL B 1101 33.67 21.81 -71.82
C VAL B 1101 34.47 21.56 -70.56
N THR B 1102 33.90 21.92 -69.41
CA THR B 1102 34.61 21.90 -68.14
C THR B 1102 33.82 21.14 -67.10
N GLN B 1103 34.54 20.46 -66.21
CA GLN B 1103 33.88 19.74 -65.12
C GLN B 1103 32.93 20.68 -64.38
N ARG B 1104 32.01 20.08 -63.64
CA ARG B 1104 30.84 20.80 -63.17
C ARG B 1104 31.11 21.59 -61.89
N ASN B 1105 31.99 21.12 -61.02
CA ASN B 1105 32.23 21.75 -59.74
C ASN B 1105 33.58 22.45 -59.65
N PHE B 1106 34.19 22.78 -60.78
CA PHE B 1106 35.45 23.52 -60.78
C PHE B 1106 35.74 23.95 -62.20
N TYR B 1107 36.35 25.13 -62.34
CA TYR B 1107 36.55 25.70 -63.68
C TYR B 1107 37.81 25.13 -64.29
N GLU B 1108 37.65 24.12 -65.14
CA GLU B 1108 38.72 23.60 -65.98
C GLU B 1108 38.21 23.50 -67.41
N PRO B 1109 38.15 24.63 -68.11
CA PRO B 1109 37.70 24.62 -69.51
C PRO B 1109 38.64 23.81 -70.39
N GLN B 1110 38.07 23.19 -71.41
CA GLN B 1110 38.85 22.45 -72.39
C GLN B 1110 38.23 22.64 -73.76
N ILE B 1111 39.08 22.53 -74.78
CA ILE B 1111 38.59 22.60 -76.15
C ILE B 1111 37.67 21.41 -76.39
N ILE B 1112 36.50 21.70 -76.97
CA ILE B 1112 35.54 20.64 -77.23
C ILE B 1112 36.07 19.74 -78.33
N THR B 1113 36.20 18.46 -78.05
CA THR B 1113 36.60 17.48 -79.04
C THR B 1113 35.65 16.31 -78.97
N THR B 1114 35.71 15.46 -80.01
CA THR B 1114 34.85 14.28 -80.03
C THR B 1114 35.08 13.42 -78.80
N ASP B 1115 36.26 13.49 -78.20
CA ASP B 1115 36.53 12.73 -76.99
C ASP B 1115 35.79 13.31 -75.79
N ASN B 1116 35.62 14.62 -75.74
CA ASN B 1116 34.92 15.25 -74.62
C ASN B 1116 33.42 15.04 -74.68
N THR B 1117 32.88 14.74 -75.85
CA THR B 1117 31.45 14.81 -76.10
C THR B 1117 30.97 13.55 -76.79
N PHE B 1118 29.67 13.32 -76.69
CA PHE B 1118 29.00 12.23 -77.39
C PHE B 1118 27.81 12.78 -78.16
N VAL B 1119 27.57 12.23 -79.33
CA VAL B 1119 26.48 12.68 -80.19
C VAL B 1119 25.23 11.88 -79.84
N SER B 1120 24.07 12.55 -79.98
CA SER B 1120 22.79 11.88 -79.76
C SER B 1120 21.75 12.61 -80.60
N GLY B 1121 21.39 12.01 -81.73
CA GLY B 1121 20.34 12.54 -82.57
C GLY B 1121 20.76 13.73 -83.40
N ASN B 1122 19.76 14.31 -84.06
CA ASN B 1122 19.95 15.46 -84.90
C ASN B 1122 19.93 16.73 -84.04
N CYS B 1123 19.74 17.87 -84.69
CA CYS B 1123 19.76 19.17 -84.03
C CYS B 1123 18.46 19.94 -84.21
N ASP B 1124 17.33 19.23 -84.10
CA ASP B 1124 16.01 19.85 -84.23
C ASP B 1124 15.08 19.48 -83.08
N VAL B 1125 15.65 19.04 -81.96
CA VAL B 1125 14.87 18.63 -80.79
C VAL B 1125 15.33 19.37 -79.54
N VAL B 1126 16.65 19.45 -79.32
CA VAL B 1126 17.17 20.06 -78.11
C VAL B 1126 16.77 21.52 -78.03
N ILE B 1127 16.44 21.98 -76.84
CA ILE B 1127 16.03 23.35 -76.58
C ILE B 1127 17.20 24.10 -75.97
N GLY B 1128 17.58 25.21 -76.59
CA GLY B 1128 18.72 25.98 -76.15
C GLY B 1128 20.04 25.56 -76.78
N ILE B 1129 20.04 24.50 -77.60
CA ILE B 1129 21.26 24.09 -78.26
C ILE B 1129 21.83 25.26 -79.05
N VAL B 1130 23.16 25.24 -79.23
CA VAL B 1130 23.85 26.30 -79.93
C VAL B 1130 24.69 25.70 -81.05
N ASN B 1131 25.26 26.58 -81.87
CA ASN B 1131 26.13 26.18 -82.97
C ASN B 1131 27.58 26.35 -82.55
N ASN B 1132 28.39 25.35 -82.86
CA ASN B 1132 29.82 25.41 -82.57
C ASN B 1132 30.49 24.23 -83.26
N THR B 1133 31.82 24.30 -83.35
CA THR B 1133 32.62 23.27 -83.99
C THR B 1133 33.24 22.37 -82.93
N VAL B 1134 33.24 21.07 -83.20
CA VAL B 1134 33.82 20.07 -82.31
C VAL B 1134 35.12 19.58 -82.93
N TYR B 1135 36.23 19.86 -82.27
CA TYR B 1135 37.54 19.50 -82.81
C TYR B 1135 37.68 17.98 -82.93
N ASP B 1136 38.22 17.54 -84.07
CA ASP B 1136 38.46 16.13 -84.32
C ASP B 1136 39.96 15.86 -84.26
N PRO B 1137 40.47 15.16 -83.25
CA PRO B 1137 41.92 14.89 -83.22
C PRO B 1137 42.41 14.11 -84.41
N LEU B 1138 41.55 13.27 -85.02
CA LEU B 1138 42.00 12.38 -86.07
C LEU B 1138 42.31 13.13 -87.36
N GLN B 1139 41.57 14.20 -87.66
CA GLN B 1139 41.76 14.88 -88.94
C GLN B 1139 43.17 15.43 -89.10
N PRO B 1140 43.72 16.20 -88.16
CA PRO B 1140 45.09 16.69 -88.35
C PRO B 1140 46.10 15.57 -88.48
N GLU B 1141 45.91 14.48 -87.74
CA GLU B 1141 46.82 13.34 -87.83
C GLU B 1141 46.77 12.72 -89.23
N LEU B 1142 45.56 12.59 -89.79
CA LEU B 1142 45.45 12.06 -91.14
C LEU B 1142 46.09 12.99 -92.16
N ASP B 1143 45.90 14.30 -91.99
CA ASP B 1143 46.45 15.25 -92.94
C ASP B 1143 47.98 15.12 -93.02
N SER B 1144 48.63 14.99 -91.87
CA SER B 1144 50.08 14.83 -91.83
C SER B 1144 50.46 13.38 -92.06
N SER C 13 -64.65 13.54 -3.33
CA SER C 13 -66.05 13.55 -3.73
C SER C 13 -66.66 12.16 -3.63
N GLN C 14 -67.88 12.01 -4.11
CA GLN C 14 -68.59 10.74 -4.09
C GLN C 14 -68.38 10.04 -5.44
N CYS C 15 -67.98 8.78 -5.38
CA CYS C 15 -67.71 8.02 -6.59
C CYS C 15 -69.01 7.75 -7.35
N VAL C 16 -68.89 7.73 -8.67
CA VAL C 16 -70.00 7.37 -9.55
C VAL C 16 -69.80 5.93 -10.00
N ASN C 17 -70.81 5.09 -9.76
CA ASN C 17 -70.71 3.66 -10.01
C ASN C 17 -71.27 3.35 -11.40
N PHE C 18 -70.55 2.53 -12.15
CA PHE C 18 -70.98 2.07 -13.47
C PHE C 18 -71.22 0.57 -13.40
N THR C 19 -72.44 0.15 -13.75
CA THR C 19 -72.77 -1.27 -13.68
C THR C 19 -71.89 -2.09 -14.63
N THR C 20 -71.68 -1.59 -15.84
CA THR C 20 -70.89 -2.28 -16.85
C THR C 20 -69.53 -1.61 -16.96
N ARG C 21 -68.48 -2.41 -16.81
CA ARG C 21 -67.10 -1.92 -16.93
C ARG C 21 -66.36 -2.76 -17.96
N THR C 22 -65.57 -2.10 -18.79
CA THR C 22 -64.84 -2.77 -19.85
C THR C 22 -63.56 -2.00 -20.13
N GLN C 23 -62.61 -2.68 -20.76
CA GLN C 23 -61.35 -2.07 -21.16
C GLN C 23 -60.95 -2.63 -22.51
N LEU C 24 -60.52 -1.76 -23.41
CA LEU C 24 -60.16 -2.19 -24.75
C LEU C 24 -58.86 -2.99 -24.72
N PRO C 25 -58.67 -3.92 -25.65
CA PRO C 25 -57.43 -4.70 -25.65
C PRO C 25 -56.24 -3.82 -25.91
N PRO C 26 -55.07 -4.17 -25.38
CA PRO C 26 -53.87 -3.37 -25.64
C PRO C 26 -53.37 -3.55 -27.07
N ALA C 27 -52.58 -2.58 -27.52
CA ALA C 27 -51.93 -2.65 -28.81
C ALA C 27 -50.44 -2.36 -28.65
N TYR C 28 -49.66 -2.78 -29.63
CA TYR C 28 -48.20 -2.69 -29.57
C TYR C 28 -47.66 -1.92 -30.77
N THR C 29 -46.61 -1.16 -30.54
CA THR C 29 -45.95 -0.40 -31.60
C THR C 29 -44.47 -0.31 -31.28
N ASN C 30 -43.73 0.40 -32.12
CA ASN C 30 -42.30 0.61 -31.95
C ASN C 30 -42.04 2.03 -31.47
N SER C 31 -41.15 2.15 -30.49
CA SER C 31 -40.82 3.47 -29.94
C SER C 31 -40.02 4.32 -30.92
N PHE C 32 -39.45 3.71 -31.96
CA PHE C 32 -38.59 4.43 -32.89
C PHE C 32 -37.43 5.06 -32.12
N THR C 33 -37.40 6.40 -32.03
CA THR C 33 -36.28 7.11 -31.42
C THR C 33 -36.80 8.26 -30.56
N ARG C 34 -37.82 8.01 -29.76
CA ARG C 34 -38.36 9.04 -28.87
C ARG C 34 -38.04 8.68 -27.42
N GLY C 35 -38.45 9.56 -26.52
CA GLY C 35 -38.16 9.38 -25.10
C GLY C 35 -36.90 10.06 -24.60
N VAL C 36 -36.25 10.89 -25.42
CA VAL C 36 -35.02 11.55 -24.99
C VAL C 36 -35.37 12.84 -24.27
N TYR C 37 -34.74 13.06 -23.13
CA TYR C 37 -34.95 14.26 -22.33
C TYR C 37 -33.64 14.69 -21.71
N TYR C 38 -33.57 15.94 -21.30
CA TYR C 38 -32.33 16.47 -20.74
C TYR C 38 -32.07 15.83 -19.39
N PRO C 39 -30.92 15.19 -19.18
CA PRO C 39 -30.68 14.53 -17.89
C PRO C 39 -30.59 15.52 -16.76
N ASP C 40 -29.94 16.65 -16.99
CA ASP C 40 -29.68 17.62 -15.95
C ASP C 40 -30.04 19.02 -16.44
N LYS C 41 -29.69 20.03 -15.64
CA LYS C 41 -29.90 21.43 -16.00
C LYS C 41 -28.58 22.13 -16.31
N VAL C 42 -27.62 21.39 -16.86
CA VAL C 42 -26.32 21.95 -17.22
C VAL C 42 -26.34 22.31 -18.69
N PHE C 43 -26.21 23.60 -19.00
CA PHE C 43 -26.15 24.00 -20.39
C PHE C 43 -24.87 23.48 -21.02
N ARG C 44 -24.95 23.27 -22.34
CA ARG C 44 -23.81 22.81 -23.12
C ARG C 44 -23.99 23.36 -24.53
N SER C 45 -22.96 23.20 -25.35
CA SER C 45 -23.05 23.69 -26.72
C SER C 45 -22.10 22.91 -27.62
N SER C 46 -22.60 22.55 -28.80
CA SER C 46 -21.79 21.95 -29.86
C SER C 46 -20.84 20.90 -29.31
N VAL C 47 -21.40 19.96 -28.56
CA VAL C 47 -20.61 18.94 -27.87
C VAL C 47 -21.39 17.64 -27.86
N LEU C 48 -20.65 16.53 -27.96
CA LEU C 48 -21.20 15.20 -27.79
C LEU C 48 -20.85 14.73 -26.38
N HIS C 49 -21.87 14.54 -25.55
CA HIS C 49 -21.67 14.20 -24.15
C HIS C 49 -22.36 12.90 -23.83
N SER C 50 -21.69 12.04 -23.06
CA SER C 50 -22.18 10.72 -22.71
C SER C 50 -22.79 10.75 -21.32
N THR C 51 -23.96 10.14 -21.17
CA THR C 51 -24.69 10.14 -19.90
C THR C 51 -25.36 8.80 -19.69
N GLN C 52 -25.17 8.22 -18.51
CA GLN C 52 -25.78 6.94 -18.15
C GLN C 52 -26.87 7.20 -17.12
N ASP C 53 -28.12 6.96 -17.52
CA ASP C 53 -29.27 7.18 -16.64
C ASP C 53 -30.47 6.41 -17.21
N LEU C 54 -31.64 6.64 -16.62
CA LEU C 54 -32.86 5.95 -17.04
C LEU C 54 -33.40 6.62 -18.29
N PHE C 55 -33.45 5.87 -19.39
CA PHE C 55 -33.90 6.38 -20.68
C PHE C 55 -34.83 5.38 -21.34
N LEU C 56 -35.51 5.84 -22.39
CA LEU C 56 -36.35 4.97 -23.20
C LEU C 56 -35.50 4.37 -24.29
N PRO C 57 -35.13 3.09 -24.22
CA PRO C 57 -34.31 2.51 -25.29
C PRO C 57 -35.02 2.63 -26.63
N PHE C 58 -34.25 2.96 -27.67
CA PHE C 58 -34.83 3.20 -28.99
C PHE C 58 -35.42 1.92 -29.56
N PHE C 59 -36.46 2.09 -30.38
CA PHE C 59 -37.08 0.98 -31.08
C PHE C 59 -37.61 -0.06 -30.11
N SER C 60 -37.99 0.38 -28.93
CA SER C 60 -38.53 -0.49 -27.89
C SER C 60 -40.03 -0.69 -28.13
N ASN C 61 -40.54 -1.81 -27.63
CA ASN C 61 -41.97 -2.08 -27.72
C ASN C 61 -42.72 -1.08 -26.85
N VAL C 62 -43.78 -0.51 -27.42
CA VAL C 62 -44.58 0.50 -26.75
C VAL C 62 -46.01 -0.02 -26.68
N THR C 63 -46.59 -0.01 -25.48
CA THR C 63 -47.95 -0.51 -25.28
C THR C 63 -48.89 0.69 -25.27
N TRP C 64 -49.85 0.69 -26.19
CA TRP C 64 -50.71 1.85 -26.38
C TRP C 64 -52.17 1.41 -26.48
N PHE C 65 -53.03 2.34 -26.11
CA PHE C 65 -54.47 2.12 -26.07
C PHE C 65 -55.17 3.39 -26.52
N HIS C 66 -56.50 3.35 -26.51
CA HIS C 66 -57.34 4.46 -26.88
C HIS C 66 -58.20 4.86 -25.68
N ALA C 67 -58.43 6.15 -25.53
CA ALA C 67 -59.21 6.70 -24.42
C ALA C 67 -60.52 7.23 -24.97
N ILE C 68 -61.63 6.62 -24.56
CA ILE C 68 -62.95 7.04 -25.00
C ILE C 68 -63.49 8.10 -24.06
N LYS C 77 -71.96 1.82 -21.75
CA LYS C 77 -70.80 1.02 -21.34
C LYS C 77 -69.66 1.93 -20.88
N ARG C 78 -69.15 1.66 -19.68
CA ARG C 78 -68.05 2.44 -19.10
C ARG C 78 -66.74 1.76 -19.47
N PHE C 79 -65.98 2.38 -20.37
CA PHE C 79 -64.67 1.88 -20.75
C PHE C 79 -63.64 2.49 -19.81
N ALA C 80 -63.21 1.71 -18.82
CA ALA C 80 -62.31 2.20 -17.79
C ALA C 80 -60.86 1.93 -18.19
N ASN C 81 -60.00 2.91 -17.91
CA ASN C 81 -58.59 2.76 -18.22
C ASN C 81 -57.96 1.70 -17.32
N PRO C 82 -56.90 1.04 -17.78
CA PRO C 82 -56.25 0.01 -16.96
C PRO C 82 -55.16 0.57 -16.07
N VAL C 83 -54.90 -0.15 -14.98
CA VAL C 83 -53.82 0.19 -14.05
C VAL C 83 -52.54 -0.43 -14.59
N LEU C 84 -51.53 0.40 -14.85
CA LEU C 84 -50.30 -0.07 -15.44
C LEU C 84 -49.15 0.01 -14.44
N PRO C 85 -48.21 -0.93 -14.48
CA PRO C 85 -47.05 -0.83 -13.58
C PRO C 85 -46.22 0.39 -13.90
N PHE C 86 -45.49 0.86 -12.88
CA PHE C 86 -44.61 2.02 -13.03
C PHE C 86 -43.17 1.62 -13.29
N ASN C 87 -42.71 0.53 -12.67
CA ASN C 87 -41.32 0.07 -12.84
C ASN C 87 -40.43 1.22 -12.39
N ASP C 88 -39.39 1.57 -13.15
CA ASP C 88 -38.47 2.63 -12.76
C ASP C 88 -38.87 4.00 -13.30
N GLY C 89 -39.96 4.08 -14.04
CA GLY C 89 -40.34 5.31 -14.70
C GLY C 89 -41.10 5.00 -15.96
N VAL C 90 -41.89 5.98 -16.41
CA VAL C 90 -42.81 5.77 -17.53
C VAL C 90 -42.71 6.95 -18.49
N TYR C 91 -42.62 6.63 -19.78
CA TYR C 91 -42.72 7.59 -20.87
C TYR C 91 -44.13 7.47 -21.44
N PHE C 92 -44.96 8.49 -21.20
CA PHE C 92 -46.37 8.49 -21.56
C PHE C 92 -46.60 9.54 -22.64
N ALA C 93 -47.13 9.11 -23.77
CA ALA C 93 -47.42 10.01 -24.89
C ALA C 93 -48.91 10.03 -25.15
N SER C 94 -49.43 11.21 -25.51
CA SER C 94 -50.85 11.38 -25.80
C SER C 94 -51.01 12.13 -27.10
N THR C 95 -51.68 11.51 -28.07
CA THR C 95 -52.01 12.14 -29.35
C THR C 95 -53.50 12.43 -29.35
N GLU C 96 -53.86 13.70 -29.44
CA GLU C 96 -55.26 14.08 -29.30
C GLU C 96 -55.48 15.44 -29.95
N LYS C 97 -56.75 15.73 -30.23
CA LYS C 97 -57.13 17.05 -30.73
C LYS C 97 -57.43 17.99 -29.57
N SER C 98 -58.36 17.60 -28.71
CA SER C 98 -58.63 18.31 -27.47
C SER C 98 -57.93 17.58 -26.32
N ASN C 99 -57.75 18.30 -25.20
CA ASN C 99 -57.04 17.76 -24.05
C ASN C 99 -57.93 16.74 -23.35
N ILE C 100 -57.91 15.51 -23.89
CA ILE C 100 -58.71 14.44 -23.30
C ILE C 100 -58.03 13.90 -22.05
N ILE C 101 -56.74 13.55 -22.15
CA ILE C 101 -55.99 13.06 -21.01
C ILE C 101 -55.69 14.24 -20.10
N ARG C 102 -56.06 14.12 -18.82
CA ARG C 102 -55.94 15.23 -17.88
C ARG C 102 -55.02 14.96 -16.71
N GLY C 103 -54.77 13.72 -16.34
CA GLY C 103 -53.94 13.46 -15.19
C GLY C 103 -53.69 11.98 -14.99
N TRP C 104 -53.02 11.67 -13.89
CA TRP C 104 -52.64 10.31 -13.56
C TRP C 104 -52.68 10.12 -12.05
N ILE C 105 -52.68 8.86 -11.63
CA ILE C 105 -52.60 8.48 -10.23
C ILE C 105 -51.46 7.48 -10.09
N PHE C 106 -50.66 7.65 -9.03
CA PHE C 106 -49.48 6.84 -8.83
C PHE C 106 -49.47 6.28 -7.42
N GLY C 107 -48.89 5.09 -7.29
CA GLY C 107 -48.79 4.44 -5.99
C GLY C 107 -48.53 2.96 -6.17
N THR C 108 -48.65 2.24 -5.06
CA THR C 108 -48.49 0.79 -5.04
C THR C 108 -49.82 0.08 -4.81
N THR C 109 -50.52 0.44 -3.73
CA THR C 109 -51.84 -0.12 -3.45
C THR C 109 -52.96 0.74 -4.01
N LEU C 110 -52.70 2.03 -4.27
CA LEU C 110 -53.73 2.93 -4.79
C LEU C 110 -54.96 2.94 -3.90
N ASP C 111 -54.74 2.96 -2.59
CA ASP C 111 -55.81 2.97 -1.61
C ASP C 111 -55.39 3.84 -0.44
N SER C 112 -56.26 3.90 0.57
CA SER C 112 -55.96 4.68 1.77
C SER C 112 -54.89 4.04 2.65
N LYS C 113 -54.56 2.77 2.41
CA LYS C 113 -53.55 2.10 3.23
C LYS C 113 -52.19 2.76 3.06
N THR C 114 -51.82 3.10 1.83
CA THR C 114 -50.51 3.65 1.53
C THR C 114 -50.66 5.00 0.83
N GLN C 115 -49.68 5.86 1.02
CA GLN C 115 -49.70 7.17 0.39
C GLN C 115 -49.73 7.03 -1.13
N SER C 116 -50.60 7.79 -1.77
CA SER C 116 -50.77 7.77 -3.21
C SER C 116 -50.72 9.19 -3.74
N LEU C 117 -50.13 9.34 -4.92
CA LEU C 117 -50.02 10.62 -5.59
C LEU C 117 -51.09 10.75 -6.66
N LEU C 118 -51.55 11.98 -6.87
CA LEU C 118 -52.55 12.27 -7.90
C LEU C 118 -52.17 13.58 -8.57
N ILE C 119 -51.96 13.54 -9.87
CA ILE C 119 -51.68 14.72 -10.68
C ILE C 119 -52.85 14.94 -11.62
N VAL C 120 -53.27 16.19 -11.77
CA VAL C 120 -54.36 16.54 -12.68
C VAL C 120 -54.14 17.95 -13.19
N ASN C 121 -54.65 18.22 -14.39
CA ASN C 121 -54.65 19.56 -14.98
C ASN C 121 -56.09 19.86 -15.38
N ASN C 122 -56.85 20.40 -14.43
CA ASN C 122 -58.24 20.74 -14.70
C ASN C 122 -58.32 22.02 -15.51
N ALA C 123 -59.55 22.45 -15.79
CA ALA C 123 -59.75 23.67 -16.57
C ALA C 123 -59.14 24.88 -15.86
N THR C 124 -59.08 24.86 -14.53
CA THR C 124 -58.56 26.00 -13.79
C THR C 124 -57.03 26.00 -13.76
N ASN C 125 -56.44 24.94 -13.22
CA ASN C 125 -55.00 24.90 -13.00
C ASN C 125 -54.57 23.45 -12.82
N VAL C 126 -53.30 23.27 -12.46
CA VAL C 126 -52.71 21.95 -12.23
C VAL C 126 -52.67 21.69 -10.74
N VAL C 127 -53.24 20.57 -10.31
CA VAL C 127 -53.31 20.18 -8.91
C VAL C 127 -52.55 18.87 -8.74
N ILE C 128 -51.62 18.84 -7.80
CA ILE C 128 -50.80 17.67 -7.51
C ILE C 128 -50.84 17.44 -6.01
N LYS C 129 -51.39 16.29 -5.61
CA LYS C 129 -51.61 16.01 -4.20
C LYS C 129 -51.18 14.59 -3.86
N VAL C 130 -50.39 14.46 -2.81
CA VAL C 130 -49.98 13.16 -2.28
C VAL C 130 -50.70 12.99 -0.95
N CYS C 131 -51.60 12.02 -0.91
CA CYS C 131 -52.45 11.78 0.25
C CYS C 131 -52.82 10.31 0.28
N GLU C 132 -53.40 9.88 1.40
CA GLU C 132 -53.95 8.54 1.52
C GLU C 132 -55.31 8.48 0.82
N PHE C 133 -55.26 8.70 -0.49
CA PHE C 133 -56.48 8.75 -1.29
C PHE C 133 -57.17 7.40 -1.31
N GLN C 134 -58.49 7.43 -1.44
CA GLN C 134 -59.29 6.25 -1.72
C GLN C 134 -59.86 6.43 -3.12
N PHE C 135 -59.10 6.01 -4.12
CA PHE C 135 -59.50 6.21 -5.50
C PHE C 135 -60.78 5.47 -5.81
N CYS C 136 -61.62 6.08 -6.65
CA CYS C 136 -62.85 5.45 -7.08
C CYS C 136 -62.56 4.30 -8.05
N ASN C 137 -63.54 3.40 -8.19
CA ASN C 137 -63.39 2.30 -9.12
C ASN C 137 -63.25 2.81 -10.56
N ASP C 138 -64.05 3.79 -10.94
CA ASP C 138 -64.02 4.39 -12.28
C ASP C 138 -63.91 5.90 -12.13
N PRO C 139 -62.69 6.41 -11.94
CA PRO C 139 -62.53 7.87 -11.82
C PRO C 139 -63.16 8.58 -13.01
N PHE C 140 -63.96 9.61 -12.73
CA PHE C 140 -64.77 10.26 -13.73
C PHE C 140 -64.53 11.76 -13.72
N LEU C 141 -64.25 12.31 -14.90
CA LEU C 141 -64.15 13.75 -15.11
C LEU C 141 -65.14 14.10 -16.21
N GLY C 142 -66.17 14.86 -15.87
CA GLY C 142 -67.26 15.13 -16.79
C GLY C 142 -67.49 16.60 -17.05
N VAL C 143 -67.60 16.95 -18.33
CA VAL C 143 -67.87 18.32 -18.76
C VAL C 143 -69.13 18.32 -19.59
N TYR C 144 -69.82 19.45 -19.58
CA TYR C 144 -71.05 19.63 -20.36
C TYR C 144 -70.92 20.89 -21.20
N TYR C 145 -71.57 20.87 -22.36
CA TYR C 145 -71.53 22.00 -23.26
C TYR C 145 -72.55 23.04 -22.83
N HIS C 146 -72.09 24.26 -22.56
CA HIS C 146 -72.95 25.36 -22.17
C HIS C 146 -73.46 26.02 -23.45
N LYS C 147 -74.68 25.67 -23.85
CA LYS C 147 -75.21 26.19 -25.11
C LYS C 147 -75.34 27.70 -25.09
N ASN C 148 -75.80 28.26 -23.96
CA ASN C 148 -75.92 29.71 -23.85
C ASN C 148 -74.55 30.38 -23.96
N ASN C 149 -73.55 29.82 -23.29
CA ASN C 149 -72.19 30.35 -23.36
C ASN C 149 -71.38 29.78 -24.51
N LYS C 150 -71.90 28.77 -25.21
CA LYS C 150 -71.22 28.16 -26.34
C LYS C 150 -69.81 27.74 -25.96
N SER C 151 -69.67 27.15 -24.78
CA SER C 151 -68.37 26.71 -24.28
C SER C 151 -68.57 25.58 -23.29
N TRP C 152 -67.75 24.54 -23.43
CA TRP C 152 -67.79 23.44 -22.48
C TRP C 152 -67.29 23.90 -21.12
N MET C 153 -67.92 23.37 -20.07
CA MET C 153 -67.55 23.71 -18.70
C MET C 153 -67.59 22.46 -17.86
N GLU C 154 -66.46 22.14 -17.22
CA GLU C 154 -66.39 20.96 -16.38
C GLU C 154 -67.32 21.09 -15.19
N SER C 155 -68.06 20.02 -14.90
CA SER C 155 -69.02 20.04 -13.79
C SER C 155 -69.04 18.75 -12.99
N GLU C 156 -68.19 17.77 -13.29
CA GLU C 156 -68.20 16.51 -12.55
C GLU C 156 -66.76 16.07 -12.29
N PHE C 157 -66.45 15.77 -11.03
CA PHE C 157 -65.13 15.29 -10.65
C PHE C 157 -65.32 14.27 -9.53
N ARG C 158 -65.24 12.98 -9.87
CA ARG C 158 -65.42 11.89 -8.91
C ARG C 158 -64.27 10.91 -9.12
N VAL C 159 -63.15 11.17 -8.45
CA VAL C 159 -61.93 10.38 -8.61
C VAL C 159 -61.64 9.54 -7.37
N TYR C 160 -61.63 10.17 -6.20
CA TYR C 160 -61.33 9.51 -4.94
C TYR C 160 -62.51 9.68 -4.01
N SER C 161 -62.87 8.60 -3.31
CA SER C 161 -63.91 8.70 -2.30
C SER C 161 -63.44 9.51 -1.10
N SER C 162 -62.17 9.37 -0.72
CA SER C 162 -61.66 10.03 0.48
C SER C 162 -60.19 10.36 0.29
N ALA C 163 -59.73 11.32 1.08
CA ALA C 163 -58.32 11.72 1.08
C ALA C 163 -57.98 12.16 2.50
N ASN C 164 -57.15 11.37 3.18
CA ASN C 164 -56.79 11.62 4.57
C ASN C 164 -55.28 11.63 4.71
N ASN C 165 -54.80 12.38 5.70
CA ASN C 165 -53.38 12.49 6.00
C ASN C 165 -52.58 12.85 4.75
N CYS C 166 -52.98 13.97 4.14
CA CYS C 166 -52.28 14.46 2.96
C CYS C 166 -50.82 14.74 3.29
N THR C 167 -49.93 14.29 2.42
CA THR C 167 -48.51 14.52 2.59
C THR C 167 -47.96 15.64 1.71
N PHE C 168 -48.63 15.95 0.60
CA PHE C 168 -48.17 17.03 -0.26
C PHE C 168 -49.35 17.63 -1.00
N GLU C 169 -49.25 18.93 -1.30
CA GLU C 169 -50.23 19.62 -2.10
C GLU C 169 -49.55 20.76 -2.84
N TYR C 170 -49.84 20.87 -4.14
CA TYR C 170 -49.34 21.99 -4.93
C TYR C 170 -50.32 22.27 -6.06
N VAL C 171 -50.74 23.51 -6.18
CA VAL C 171 -51.67 23.94 -7.23
C VAL C 171 -50.99 25.01 -8.06
N SER C 172 -50.95 24.80 -9.38
CA SER C 172 -50.39 25.79 -10.28
C SER C 172 -51.37 26.96 -10.44
N GLN C 173 -50.89 28.02 -11.08
CA GLN C 173 -51.73 29.19 -11.33
C GLN C 173 -52.85 28.84 -12.30
N PHE C 186 -54.62 18.02 -37.94
CA PHE C 186 -53.81 18.75 -36.97
C PHE C 186 -54.08 18.25 -35.56
N LYS C 187 -53.24 17.34 -35.09
CA LYS C 187 -53.33 16.80 -33.74
C LYS C 187 -52.19 17.36 -32.90
N ASN C 188 -52.29 17.12 -31.60
CA ASN C 188 -51.29 17.55 -30.63
C ASN C 188 -50.71 16.31 -29.97
N LEU C 189 -49.39 16.28 -29.89
CA LEU C 189 -48.66 15.22 -29.20
C LEU C 189 -48.06 15.80 -27.94
N ARG C 190 -48.51 15.30 -26.79
CA ARG C 190 -47.97 15.69 -25.50
C ARG C 190 -47.23 14.49 -24.92
N GLU C 191 -45.91 14.62 -24.79
CA GLU C 191 -45.07 13.59 -24.23
C GLU C 191 -44.68 13.98 -22.81
N PHE C 192 -44.65 12.99 -21.92
CA PHE C 192 -44.28 13.21 -20.53
C PHE C 192 -43.42 12.05 -20.07
N VAL C 193 -42.47 12.36 -19.18
CA VAL C 193 -41.59 11.36 -18.60
C VAL C 193 -41.67 11.50 -17.09
N PHE C 194 -41.97 10.39 -16.42
CA PHE C 194 -42.15 10.35 -14.98
C PHE C 194 -41.11 9.41 -14.38
N LYS C 195 -40.27 9.95 -13.50
CA LYS C 195 -39.15 9.21 -12.94
C LYS C 195 -39.12 9.40 -11.43
N ASN C 196 -39.28 8.30 -10.69
CA ASN C 196 -39.23 8.32 -9.23
C ASN C 196 -37.85 7.83 -8.81
N ILE C 197 -36.96 8.77 -8.49
CA ILE C 197 -35.59 8.44 -8.09
C ILE C 197 -35.24 9.26 -6.86
N ASP C 198 -34.71 8.60 -5.84
CA ASP C 198 -34.25 9.26 -4.62
C ASP C 198 -35.37 10.06 -3.97
N GLY C 199 -36.57 9.48 -3.94
CA GLY C 199 -37.70 10.17 -3.37
C GLY C 199 -38.17 11.38 -4.14
N TYR C 200 -37.61 11.60 -5.33
CA TYR C 200 -37.96 12.72 -6.18
C TYR C 200 -38.73 12.20 -7.38
N PHE C 201 -39.94 12.69 -7.56
CA PHE C 201 -40.73 12.42 -8.74
C PHE C 201 -40.45 13.55 -9.73
N LYS C 202 -39.66 13.25 -10.76
CA LYS C 202 -39.30 14.21 -11.77
C LYS C 202 -40.22 14.01 -12.98
N ILE C 203 -40.79 15.11 -13.44
CA ILE C 203 -41.68 15.12 -14.59
C ILE C 203 -41.02 16.02 -15.63
N TYR C 204 -40.79 15.44 -16.81
CA TYR C 204 -40.32 16.19 -17.98
C TYR C 204 -41.46 16.20 -18.99
N SER C 205 -41.62 17.31 -19.69
CA SER C 205 -42.76 17.47 -20.58
C SER C 205 -42.31 18.04 -21.92
N LYS C 206 -43.07 17.70 -22.96
CA LYS C 206 -42.87 18.27 -24.29
C LYS C 206 -44.21 18.28 -25.00
N HIS C 207 -44.44 19.31 -25.81
CA HIS C 207 -45.68 19.46 -26.55
C HIS C 207 -45.34 19.85 -27.98
N THR C 208 -45.94 19.13 -28.94
CA THR C 208 -45.67 19.38 -30.35
C THR C 208 -46.96 19.27 -31.15
N PRO C 209 -47.03 19.96 -32.29
CA PRO C 209 -48.12 19.69 -33.23
C PRO C 209 -47.76 18.57 -34.20
N ILE C 210 -48.54 17.49 -34.20
CA ILE C 210 -48.29 16.33 -35.05
C ILE C 210 -49.45 16.19 -36.01
N ASN C 211 -49.14 16.06 -37.30
CA ASN C 211 -50.15 15.92 -38.33
C ASN C 211 -50.53 14.46 -38.61
N LEU C 212 -49.82 13.50 -38.03
CA LEU C 212 -50.16 12.11 -38.22
C LEU C 212 -51.52 11.81 -37.59
N VAL C 213 -52.22 10.84 -38.17
CA VAL C 213 -53.58 10.50 -37.76
C VAL C 213 -53.60 9.37 -36.75
N ARG C 214 -52.73 8.38 -36.90
CA ARG C 214 -52.71 7.23 -36.00
C ARG C 214 -51.28 6.73 -35.87
N GLY C 215 -51.00 6.11 -34.73
CA GLY C 215 -49.68 5.56 -34.51
C GLY C 215 -48.73 6.57 -33.89
N LEU C 216 -47.73 6.04 -33.19
CA LEU C 216 -46.74 6.90 -32.53
C LEU C 216 -45.83 7.52 -33.58
N PRO C 217 -45.72 8.84 -33.65
CA PRO C 217 -44.92 9.45 -34.72
C PRO C 217 -43.45 9.11 -34.59
N GLN C 218 -42.79 9.04 -35.74
CA GLN C 218 -41.36 8.77 -35.81
C GLN C 218 -40.63 10.09 -35.98
N GLY C 219 -39.83 10.45 -34.98
CA GLY C 219 -39.11 11.70 -35.01
C GLY C 219 -38.33 11.88 -33.72
N PHE C 220 -37.59 12.99 -33.68
CA PHE C 220 -36.71 13.29 -32.56
C PHE C 220 -37.08 14.64 -31.96
N SER C 221 -37.24 14.65 -30.64
CA SER C 221 -37.57 15.89 -29.92
C SER C 221 -37.23 15.69 -28.45
N ALA C 222 -36.33 16.50 -27.93
CA ALA C 222 -35.96 16.40 -26.53
C ALA C 222 -37.09 16.87 -25.65
N LEU C 223 -37.19 16.27 -24.47
CA LEU C 223 -38.21 16.61 -23.50
C LEU C 223 -37.57 17.46 -22.41
N GLU C 224 -38.02 18.70 -22.30
CA GLU C 224 -37.49 19.57 -21.28
C GLU C 224 -38.07 19.17 -19.92
N PRO C 225 -37.30 19.35 -18.84
CA PRO C 225 -37.86 19.10 -17.50
C PRO C 225 -39.04 20.00 -17.24
N LEU C 226 -40.03 19.46 -16.51
CA LEU C 226 -41.18 20.23 -16.09
C LEU C 226 -41.10 20.60 -14.61
N VAL C 227 -40.98 19.61 -13.73
CA VAL C 227 -40.87 19.88 -12.31
C VAL C 227 -40.43 18.63 -11.55
N ASP C 228 -39.69 18.82 -10.47
CA ASP C 228 -39.31 17.74 -9.57
C ASP C 228 -39.98 17.95 -8.23
N LEU C 229 -40.55 16.88 -7.68
CA LEU C 229 -41.27 16.95 -6.43
C LEU C 229 -40.63 15.99 -5.43
N PRO C 230 -40.17 16.46 -4.28
CA PRO C 230 -39.60 15.52 -3.28
C PRO C 230 -40.67 14.77 -2.51
N ILE C 231 -41.51 14.02 -3.24
CA ILE C 231 -42.62 13.33 -2.60
C ILE C 231 -42.10 12.24 -1.66
N GLY C 232 -41.09 11.49 -2.09
CA GLY C 232 -40.52 10.46 -1.25
C GLY C 232 -41.49 9.34 -0.91
N ILE C 233 -42.21 8.83 -1.90
CA ILE C 233 -43.10 7.70 -1.72
C ILE C 233 -42.68 6.59 -2.69
N ASN C 234 -43.27 5.42 -2.50
CA ASN C 234 -43.01 4.25 -3.34
C ASN C 234 -44.11 4.14 -4.39
N ILE C 235 -43.71 3.99 -5.65
CA ILE C 235 -44.64 3.91 -6.76
C ILE C 235 -44.32 2.67 -7.58
N THR C 236 -45.34 1.86 -7.84
CA THR C 236 -45.20 0.67 -8.68
C THR C 236 -46.27 0.56 -9.75
N ARG C 237 -47.41 1.23 -9.59
CA ARG C 237 -48.48 1.19 -10.58
C ARG C 237 -49.03 2.60 -10.77
N PHE C 238 -49.66 2.80 -11.93
CA PHE C 238 -50.30 4.08 -12.20
C PHE C 238 -51.41 3.85 -13.22
N GLN C 239 -52.35 4.79 -13.26
CA GLN C 239 -53.47 4.73 -14.20
C GLN C 239 -53.71 6.11 -14.79
N THR C 240 -54.26 6.12 -16.00
CA THR C 240 -54.50 7.35 -16.73
C THR C 240 -55.89 7.89 -16.40
N LEU C 241 -56.04 9.21 -16.49
CA LEU C 241 -57.29 9.90 -16.22
C LEU C 241 -57.72 10.66 -17.47
N HIS C 242 -58.95 10.42 -17.91
CA HIS C 242 -59.49 11.02 -19.12
C HIS C 242 -60.70 11.88 -18.77
N ILE C 243 -61.09 12.70 -19.74
CA ILE C 243 -62.24 13.60 -19.60
C ILE C 243 -63.43 12.98 -20.31
N SER C 244 -64.62 13.19 -19.76
CA SER C 244 -65.86 12.67 -20.32
C SER C 244 -66.72 13.82 -20.80
N TYR C 245 -67.14 13.76 -22.05
CA TYR C 245 -68.02 14.78 -22.63
C TYR C 245 -69.47 14.36 -22.53
N ALA C 261 -55.53 8.92 -28.63
CA ALA C 261 -54.86 7.68 -28.24
C ALA C 261 -53.67 8.00 -27.34
N TYR C 262 -53.18 7.01 -26.60
CA TYR C 262 -52.00 7.23 -25.78
C TYR C 262 -51.14 5.97 -25.79
N TYR C 263 -49.85 6.18 -25.54
CA TYR C 263 -48.83 5.16 -25.59
C TYR C 263 -48.00 5.24 -24.32
N VAL C 264 -47.46 4.09 -23.90
CA VAL C 264 -46.68 4.00 -22.68
C VAL C 264 -45.47 3.11 -22.92
N GLY C 265 -44.32 3.55 -22.40
CA GLY C 265 -43.12 2.74 -22.40
C GLY C 265 -42.41 2.82 -21.08
N TYR C 266 -41.56 1.82 -20.83
CA TYR C 266 -40.80 1.71 -19.57
C TYR C 266 -39.34 2.06 -19.83
N LEU C 267 -38.80 2.96 -19.02
CA LEU C 267 -37.39 3.32 -19.13
C LEU C 267 -36.51 2.27 -18.46
N GLN C 268 -35.26 2.26 -18.88
CA GLN C 268 -34.27 1.30 -18.42
C GLN C 268 -32.95 2.03 -18.21
N PRO C 269 -32.06 1.47 -17.39
CA PRO C 269 -30.72 2.06 -17.25
C PRO C 269 -29.89 1.92 -18.52
N ARG C 270 -29.58 3.04 -19.17
CA ARG C 270 -28.92 3.03 -20.46
C ARG C 270 -27.95 4.19 -20.55
N THR C 271 -26.99 4.06 -21.44
CA THR C 271 -26.02 5.11 -21.73
C THR C 271 -26.34 5.74 -23.07
N PHE C 272 -26.37 7.06 -23.11
CA PHE C 272 -26.78 7.82 -24.27
C PHE C 272 -25.74 8.87 -24.61
N LEU C 273 -25.48 9.02 -25.91
CA LEU C 273 -24.61 10.06 -26.44
C LEU C 273 -25.50 11.16 -26.98
N LEU C 274 -25.53 12.30 -26.31
CA LEU C 274 -26.38 13.42 -26.67
C LEU C 274 -25.56 14.49 -27.38
N LYS C 275 -26.11 15.03 -28.47
CA LYS C 275 -25.42 16.01 -29.30
C LYS C 275 -26.07 17.36 -29.08
N TYR C 276 -25.42 18.20 -28.27
CA TYR C 276 -25.88 19.55 -28.03
C TYR C 276 -25.36 20.46 -29.14
N ASN C 277 -26.27 21.16 -29.79
CA ASN C 277 -25.91 22.05 -30.89
C ASN C 277 -25.46 23.40 -30.34
N GLU C 278 -25.34 24.39 -31.22
CA GLU C 278 -24.86 25.70 -30.81
C GLU C 278 -25.76 26.31 -29.74
N ASN C 279 -27.08 26.25 -29.97
CA ASN C 279 -28.02 26.81 -29.01
C ASN C 279 -28.15 25.98 -27.75
N GLY C 280 -27.52 24.80 -27.70
CA GLY C 280 -27.62 23.93 -26.55
C GLY C 280 -28.75 22.94 -26.61
N THR C 281 -29.66 23.09 -27.58
CA THR C 281 -30.71 22.11 -27.76
C THR C 281 -30.11 20.79 -28.23
N ILE C 282 -30.57 19.69 -27.66
CA ILE C 282 -30.08 18.37 -28.06
C ILE C 282 -30.63 18.08 -29.45
N THR C 283 -29.75 18.11 -30.45
CA THR C 283 -30.19 17.87 -31.82
C THR C 283 -30.44 16.40 -32.11
N ASP C 284 -29.67 15.50 -31.49
CA ASP C 284 -29.82 14.08 -31.75
C ASP C 284 -29.20 13.30 -30.60
N ALA C 285 -29.55 12.02 -30.53
CA ALA C 285 -29.05 11.13 -29.48
C ALA C 285 -28.78 9.75 -30.06
N VAL C 286 -27.83 9.05 -29.44
CA VAL C 286 -27.44 7.70 -29.84
C VAL C 286 -27.50 6.81 -28.61
N ASP C 287 -28.17 5.67 -28.74
CA ASP C 287 -28.26 4.68 -27.68
C ASP C 287 -27.15 3.67 -27.86
N CYS C 288 -26.15 3.70 -26.97
CA CYS C 288 -24.98 2.85 -27.16
C CYS C 288 -25.37 1.38 -27.27
N ALA C 289 -26.15 0.87 -26.32
CA ALA C 289 -26.45 -0.54 -26.24
C ALA C 289 -27.55 -0.97 -27.19
N LEU C 290 -28.04 -0.07 -28.05
CA LEU C 290 -29.07 -0.45 -28.99
C LEU C 290 -28.54 -1.49 -29.96
N ASP C 291 -27.28 -1.34 -30.35
CA ASP C 291 -26.70 -2.16 -31.39
C ASP C 291 -25.20 -1.95 -31.38
N PRO C 292 -24.44 -2.88 -31.95
CA PRO C 292 -22.99 -2.68 -32.00
C PRO C 292 -22.58 -1.37 -32.65
N LEU C 293 -23.28 -0.93 -33.70
CA LEU C 293 -22.88 0.31 -34.34
C LEU C 293 -22.96 1.47 -33.36
N SER C 294 -24.04 1.53 -32.58
CA SER C 294 -24.17 2.60 -31.60
C SER C 294 -23.13 2.47 -30.50
N GLU C 295 -22.76 1.24 -30.14
CA GLU C 295 -21.70 1.06 -29.17
C GLU C 295 -20.39 1.65 -29.68
N THR C 296 -20.09 1.43 -30.97
CA THR C 296 -18.91 2.04 -31.57
C THR C 296 -19.02 3.56 -31.52
N LYS C 297 -20.19 4.09 -31.90
CA LYS C 297 -20.37 5.54 -31.91
C LYS C 297 -20.10 6.12 -30.52
N CYS C 298 -20.62 5.47 -29.48
CA CYS C 298 -20.33 5.92 -28.13
C CYS C 298 -18.87 5.75 -27.79
N THR C 299 -18.23 4.72 -28.35
CA THR C 299 -16.79 4.55 -28.12
C THR C 299 -16.01 5.75 -28.60
N LEU C 300 -16.30 6.22 -29.81
CA LEU C 300 -15.55 7.32 -30.37
C LEU C 300 -16.13 8.68 -30.01
N LYS C 301 -17.21 8.72 -29.26
CA LYS C 301 -17.84 9.99 -28.86
C LYS C 301 -18.18 10.83 -30.10
N SER C 302 -18.67 10.15 -31.13
CA SER C 302 -19.00 10.81 -32.40
C SER C 302 -20.33 10.29 -32.90
N PHE C 303 -21.08 11.16 -33.53
CA PHE C 303 -22.21 10.71 -34.34
C PHE C 303 -21.71 10.27 -35.70
N THR C 304 -20.64 9.49 -35.71
CA THR C 304 -20.12 8.92 -36.92
C THR C 304 -18.99 7.99 -36.58
N VAL C 305 -18.94 6.83 -37.24
CA VAL C 305 -17.81 5.91 -37.15
C VAL C 305 -17.29 5.71 -38.56
N GLU C 306 -15.99 5.85 -38.73
CA GLU C 306 -15.36 5.63 -40.02
C GLU C 306 -14.99 4.16 -40.17
N LYS C 307 -14.78 3.73 -41.41
CA LYS C 307 -14.51 2.32 -41.64
C LYS C 307 -13.24 1.90 -40.92
N GLY C 308 -13.29 0.75 -40.28
CA GLY C 308 -12.18 0.24 -39.50
C GLY C 308 -12.68 -0.68 -38.39
N ILE C 309 -11.72 -1.20 -37.63
CA ILE C 309 -12.00 -2.14 -36.54
C ILE C 309 -11.61 -1.47 -35.25
N TYR C 310 -12.51 -1.47 -34.28
CA TYR C 310 -12.31 -0.79 -33.02
C TYR C 310 -12.54 -1.78 -31.88
N GLN C 311 -11.59 -1.84 -30.96
CA GLN C 311 -11.78 -2.67 -29.78
C GLN C 311 -12.92 -2.08 -28.98
N THR C 312 -14.04 -2.78 -28.93
CA THR C 312 -15.18 -2.31 -28.15
C THR C 312 -15.12 -2.82 -26.71
N SER C 313 -15.34 -4.11 -26.51
CA SER C 313 -15.58 -4.63 -25.17
C SER C 313 -14.75 -5.89 -24.94
N ASN C 314 -15.03 -6.57 -23.84
CA ASN C 314 -14.35 -7.81 -23.48
C ASN C 314 -15.38 -8.85 -23.08
N PHE C 315 -15.45 -9.94 -23.83
CA PHE C 315 -16.39 -11.01 -23.55
C PHE C 315 -15.76 -12.03 -22.61
N ARG C 316 -16.47 -12.35 -21.53
CA ARG C 316 -16.02 -13.31 -20.53
C ARG C 316 -17.14 -14.29 -20.22
N VAL C 317 -16.89 -15.57 -20.45
CA VAL C 317 -17.82 -16.63 -20.08
C VAL C 317 -17.67 -16.87 -18.58
N GLN C 318 -18.60 -17.63 -17.99
CA GLN C 318 -18.64 -17.82 -16.54
C GLN C 318 -18.89 -19.29 -16.29
N PRO C 319 -18.42 -19.84 -15.18
CA PRO C 319 -18.58 -21.28 -14.95
C PRO C 319 -20.05 -21.68 -14.87
N THR C 320 -20.36 -22.85 -15.40
CA THR C 320 -21.73 -23.33 -15.39
C THR C 320 -22.14 -23.82 -14.00
N GLU C 321 -21.22 -24.46 -13.29
CA GLU C 321 -21.55 -25.08 -12.01
C GLU C 321 -20.26 -25.25 -11.20
N SER C 322 -20.42 -25.76 -9.98
CA SER C 322 -19.31 -26.02 -9.07
C SER C 322 -19.14 -27.51 -8.88
N ILE C 323 -17.88 -27.96 -8.85
CA ILE C 323 -17.54 -29.36 -8.64
C ILE C 323 -16.67 -29.46 -7.39
N VAL C 324 -17.07 -30.34 -6.48
CA VAL C 324 -16.34 -30.56 -5.24
C VAL C 324 -16.00 -32.04 -5.15
N ARG C 325 -14.71 -32.35 -5.05
CA ARG C 325 -14.25 -33.73 -4.98
C ARG C 325 -13.18 -33.86 -3.91
N PHE C 326 -13.29 -34.90 -3.10
CA PHE C 326 -12.36 -35.20 -2.02
C PHE C 326 -12.08 -36.69 -2.01
N PRO C 327 -11.15 -37.14 -1.16
CA PRO C 327 -10.94 -38.59 -1.00
C PRO C 327 -12.16 -39.19 -0.32
N ASN C 328 -13.13 -39.64 -1.14
CA ASN C 328 -14.53 -39.73 -0.78
C ASN C 328 -14.72 -40.14 0.67
N ILE C 329 -14.17 -41.28 1.06
CA ILE C 329 -14.05 -41.65 2.46
C ILE C 329 -12.66 -42.23 2.65
N THR C 330 -11.85 -41.56 3.48
CA THR C 330 -10.63 -42.17 3.96
C THR C 330 -10.95 -43.42 4.75
N ASN C 331 -11.90 -43.32 5.68
CA ASN C 331 -12.49 -44.48 6.32
C ASN C 331 -13.92 -44.14 6.70
N LEU C 332 -14.83 -45.09 6.52
CA LEU C 332 -16.20 -44.90 6.95
C LEU C 332 -16.26 -44.94 8.47
N CYS C 333 -16.84 -43.91 9.07
CA CYS C 333 -17.01 -43.90 10.51
C CYS C 333 -18.11 -44.91 10.88
N PRO C 334 -17.83 -45.87 11.77
CA PRO C 334 -18.82 -46.95 12.04
C PRO C 334 -19.90 -46.51 13.02
N PHE C 335 -20.77 -45.60 12.56
CA PHE C 335 -21.87 -45.15 13.39
C PHE C 335 -22.98 -46.19 13.51
N GLY C 336 -23.17 -47.01 12.47
CA GLY C 336 -24.21 -48.01 12.53
C GLY C 336 -24.00 -49.02 13.64
N GLU C 337 -22.73 -49.35 13.92
CA GLU C 337 -22.45 -50.32 14.98
C GLU C 337 -23.00 -49.88 16.32
N VAL C 338 -23.16 -48.58 16.53
CA VAL C 338 -23.69 -48.07 17.79
C VAL C 338 -25.21 -47.98 17.74
N PHE C 339 -25.76 -47.29 16.74
CA PHE C 339 -27.20 -47.13 16.65
C PHE C 339 -27.90 -48.45 16.35
N ASN C 340 -27.36 -49.23 15.41
CA ASN C 340 -27.97 -50.47 14.99
C ASN C 340 -27.56 -51.66 15.84
N ALA C 341 -26.87 -51.42 16.95
CA ALA C 341 -26.53 -52.53 17.85
C ALA C 341 -27.80 -53.20 18.35
N THR C 342 -27.83 -54.53 18.29
CA THR C 342 -29.02 -55.27 18.69
C THR C 342 -29.32 -55.10 20.17
N ARG C 343 -28.28 -54.95 20.99
CA ARG C 343 -28.44 -54.84 22.44
C ARG C 343 -27.66 -53.63 22.93
N PHE C 344 -28.28 -52.86 23.82
CA PHE C 344 -27.68 -51.68 24.42
C PHE C 344 -27.27 -51.97 25.86
N ALA C 345 -26.32 -51.19 26.34
CA ALA C 345 -25.83 -51.34 27.70
C ALA C 345 -26.68 -50.53 28.67
N SER C 346 -26.61 -50.91 29.95
CA SER C 346 -27.32 -50.20 30.98
C SER C 346 -26.82 -48.77 31.10
N VAL C 347 -27.68 -47.88 31.59
CA VAL C 347 -27.31 -46.48 31.72
C VAL C 347 -26.12 -46.32 32.67
N TYR C 348 -26.13 -47.05 33.79
CA TYR C 348 -25.00 -46.98 34.71
C TYR C 348 -23.74 -47.52 34.07
N ALA C 349 -23.87 -48.45 33.14
CA ALA C 349 -22.76 -49.03 32.40
C ALA C 349 -22.84 -48.64 30.93
N TRP C 350 -23.20 -47.37 30.69
CA TRP C 350 -23.34 -46.87 29.34
C TRP C 350 -22.09 -47.16 28.53
N ASN C 351 -22.28 -47.70 27.33
CA ASN C 351 -21.16 -48.02 26.47
C ASN C 351 -20.64 -46.76 25.80
N ARG C 352 -19.33 -46.74 25.55
CA ARG C 352 -18.69 -45.66 24.81
C ARG C 352 -17.86 -46.22 23.68
N LYS C 353 -17.98 -45.61 22.51
CA LYS C 353 -17.15 -45.96 21.35
C LYS C 353 -16.39 -44.71 20.91
N ARG C 354 -15.09 -44.88 20.72
CA ARG C 354 -14.23 -43.80 20.25
C ARG C 354 -14.07 -43.91 18.74
N ILE C 355 -14.40 -42.85 18.02
CA ILE C 355 -14.35 -42.81 16.57
C ILE C 355 -13.27 -41.82 16.16
N SER C 356 -12.34 -42.27 15.32
CA SER C 356 -11.27 -41.41 14.84
C SER C 356 -10.76 -41.97 13.52
N ASN C 357 -10.17 -41.09 12.72
CA ASN C 357 -9.56 -41.48 11.45
C ASN C 357 -10.58 -42.14 10.52
N CYS C 358 -11.65 -41.38 10.26
CA CYS C 358 -12.74 -41.84 9.41
C CYS C 358 -13.55 -40.64 8.99
N VAL C 359 -14.36 -40.83 7.94
CA VAL C 359 -15.21 -39.78 7.41
C VAL C 359 -16.62 -40.00 7.96
N ALA C 360 -17.13 -39.01 8.69
CA ALA C 360 -18.40 -39.13 9.37
C ALA C 360 -19.50 -38.52 8.51
N ASP C 361 -20.40 -39.36 8.01
CA ASP C 361 -21.53 -38.91 7.18
C ASP C 361 -22.73 -38.71 8.10
N TYR C 362 -22.91 -37.47 8.55
CA TYR C 362 -24.00 -37.15 9.47
C TYR C 362 -25.35 -37.07 8.76
N SER C 363 -25.36 -36.68 7.49
CA SER C 363 -26.62 -36.52 6.77
C SER C 363 -27.39 -37.83 6.69
N VAL C 364 -26.74 -38.89 6.22
CA VAL C 364 -27.39 -40.19 6.17
C VAL C 364 -27.70 -40.68 7.58
N LEU C 365 -26.82 -40.36 8.54
CA LEU C 365 -27.02 -40.82 9.91
C LEU C 365 -28.32 -40.28 10.49
N TYR C 366 -28.63 -39.01 10.24
CA TYR C 366 -29.79 -38.38 10.85
C TYR C 366 -31.08 -38.65 10.09
N ASN C 367 -31.01 -39.27 8.92
CA ASN C 367 -32.19 -39.58 8.14
C ASN C 367 -32.41 -41.09 7.99
N SER C 368 -31.75 -41.89 8.83
CA SER C 368 -31.87 -43.34 8.74
C SER C 368 -33.13 -43.82 9.46
N ALA C 369 -33.22 -43.57 10.76
CA ALA C 369 -34.33 -44.02 11.59
C ALA C 369 -35.13 -42.84 12.09
N SER C 370 -36.26 -43.14 12.70
CA SER C 370 -37.13 -42.12 13.29
C SER C 370 -36.73 -41.93 14.76
N PHE C 371 -36.31 -40.72 15.09
CA PHE C 371 -35.84 -40.39 16.43
C PHE C 371 -36.88 -39.57 17.16
N SER C 372 -37.27 -40.04 18.35
CA SER C 372 -38.23 -39.32 19.17
C SER C 372 -37.62 -38.09 19.84
N THR C 373 -36.29 -37.99 19.88
CA THR C 373 -35.62 -36.84 20.47
C THR C 373 -34.31 -36.63 19.74
N PHE C 374 -34.03 -35.38 19.37
CA PHE C 374 -32.82 -35.04 18.62
C PHE C 374 -32.48 -33.59 18.98
N LYS C 375 -31.55 -33.42 19.91
CA LYS C 375 -31.20 -32.09 20.41
C LYS C 375 -29.69 -31.93 20.41
N CYS C 376 -29.21 -30.86 19.76
CA CYS C 376 -27.79 -30.56 19.68
C CYS C 376 -27.49 -29.27 20.42
N TYR C 377 -26.32 -29.22 21.04
CA TYR C 377 -25.88 -28.09 21.84
C TYR C 377 -24.47 -27.71 21.42
N GLY C 378 -24.26 -26.43 21.11
CA GLY C 378 -22.97 -25.94 20.70
C GLY C 378 -22.61 -26.22 19.26
N VAL C 379 -23.50 -26.86 18.50
CA VAL C 379 -23.25 -27.15 17.09
C VAL C 379 -24.56 -27.54 16.43
N SER C 380 -24.73 -27.15 15.17
CA SER C 380 -25.95 -27.53 14.48
C SER C 380 -25.78 -28.90 13.81
N PRO C 381 -26.87 -29.66 13.67
CA PRO C 381 -26.73 -30.97 13.01
C PRO C 381 -26.18 -30.88 11.59
N THR C 382 -26.57 -29.84 10.85
CA THR C 382 -26.18 -29.72 9.45
C THR C 382 -24.76 -29.21 9.26
N LYS C 383 -24.19 -28.54 10.26
CA LYS C 383 -22.85 -28.00 10.15
C LYS C 383 -21.76 -29.04 10.36
N LEU C 384 -22.11 -30.21 10.92
CA LEU C 384 -21.10 -31.21 11.24
C LEU C 384 -20.39 -31.71 9.99
N ASN C 385 -21.08 -31.76 8.85
CA ASN C 385 -20.44 -32.18 7.60
C ASN C 385 -19.31 -31.24 7.21
N ASP C 386 -19.28 -30.02 7.74
CA ASP C 386 -18.23 -29.05 7.44
C ASP C 386 -17.18 -28.98 8.53
N LEU C 387 -17.39 -29.64 9.66
CA LEU C 387 -16.48 -29.54 10.80
C LEU C 387 -15.61 -30.79 10.91
N CYS C 388 -14.38 -30.57 11.37
CA CYS C 388 -13.44 -31.64 11.66
C CYS C 388 -13.10 -31.63 13.14
N PHE C 389 -12.85 -32.82 13.69
CA PHE C 389 -12.59 -32.96 15.11
C PHE C 389 -11.49 -33.98 15.35
N THR C 390 -10.79 -33.82 16.47
CA THR C 390 -9.74 -34.77 16.83
C THR C 390 -10.33 -36.16 17.05
N ASN C 391 -11.44 -36.26 17.76
CA ASN C 391 -12.06 -37.54 18.04
C ASN C 391 -13.56 -37.33 18.21
N VAL C 392 -14.29 -38.44 18.19
CA VAL C 392 -15.72 -38.43 18.49
C VAL C 392 -15.99 -39.55 19.49
N TYR C 393 -16.98 -39.33 20.34
CA TYR C 393 -17.40 -40.32 21.33
C TYR C 393 -18.89 -40.57 21.18
N ALA C 394 -19.24 -41.84 20.97
CA ALA C 394 -20.64 -42.26 20.86
C ALA C 394 -20.96 -43.04 22.13
N ASP C 395 -21.78 -42.45 22.99
CA ASP C 395 -22.18 -43.05 24.24
C ASP C 395 -23.61 -43.57 24.10
N SER C 396 -23.76 -44.88 24.20
CA SER C 396 -25.02 -45.54 23.95
C SER C 396 -25.51 -46.21 25.23
N PHE C 397 -26.82 -46.13 25.46
CA PHE C 397 -27.42 -46.76 26.63
C PHE C 397 -28.93 -46.74 26.49
N VAL C 398 -29.62 -47.20 27.54
CA VAL C 398 -31.07 -47.27 27.58
C VAL C 398 -31.56 -46.71 28.90
N ILE C 399 -32.64 -45.93 28.85
CA ILE C 399 -33.22 -45.29 30.03
C ILE C 399 -34.74 -45.31 29.90
N ARG C 400 -35.41 -44.70 30.88
CA ARG C 400 -36.84 -44.51 30.80
C ARG C 400 -37.18 -43.36 29.85
N GLY C 401 -38.41 -43.35 29.37
CA GLY C 401 -38.87 -42.23 28.57
C GLY C 401 -38.86 -40.93 29.35
N ASP C 402 -39.37 -40.96 30.59
CA ASP C 402 -39.37 -39.78 31.42
C ASP C 402 -37.95 -39.32 31.77
N GLU C 403 -36.99 -40.23 31.77
CA GLU C 403 -35.61 -39.88 32.10
C GLU C 403 -34.85 -39.31 30.91
N VAL C 404 -35.45 -39.31 29.73
CA VAL C 404 -34.77 -38.76 28.55
C VAL C 404 -34.47 -37.28 28.74
N ARG C 405 -35.35 -36.56 29.43
CA ARG C 405 -35.12 -35.14 29.65
C ARG C 405 -33.85 -34.89 30.44
N GLN C 406 -33.45 -35.83 31.29
CA GLN C 406 -32.26 -35.64 32.11
C GLN C 406 -30.99 -35.65 31.27
N ILE C 407 -31.05 -36.10 30.03
CA ILE C 407 -29.86 -36.19 29.17
C ILE C 407 -29.76 -34.86 28.42
N ALA C 408 -29.12 -33.89 29.07
CA ALA C 408 -28.89 -32.58 28.48
C ALA C 408 -27.99 -31.79 29.43
N PRO C 409 -27.36 -30.73 28.94
CA PRO C 409 -26.49 -29.93 29.81
C PRO C 409 -27.27 -29.34 30.97
N GLY C 410 -26.62 -29.25 32.13
CA GLY C 410 -27.22 -28.62 33.28
C GLY C 410 -28.42 -29.35 33.85
N GLN C 411 -28.54 -30.65 33.60
CA GLN C 411 -29.66 -31.44 34.10
C GLN C 411 -29.26 -32.17 35.37
N THR C 412 -30.25 -32.42 36.23
CA THR C 412 -30.04 -33.12 37.49
C THR C 412 -31.10 -34.20 37.63
N GLY C 413 -30.75 -35.23 38.39
CA GLY C 413 -31.62 -36.35 38.60
C GLY C 413 -30.82 -37.62 38.80
N ASN C 414 -31.53 -38.72 39.02
CA ASN C 414 -30.87 -39.99 39.27
C ASN C 414 -29.96 -40.37 38.11
N ILE C 415 -30.49 -40.30 36.88
CA ILE C 415 -29.69 -40.64 35.70
C ILE C 415 -28.56 -39.63 35.53
N ALA C 416 -28.88 -38.34 35.65
CA ALA C 416 -27.87 -37.31 35.46
C ALA C 416 -26.79 -37.38 36.54
N ASP C 417 -27.19 -37.67 37.78
CA ASP C 417 -26.27 -37.57 38.92
C ASP C 417 -25.46 -38.84 39.15
N TYR C 418 -26.07 -40.02 39.02
CA TYR C 418 -25.43 -41.26 39.41
C TYR C 418 -25.16 -42.22 38.27
N ASN C 419 -25.73 -41.99 37.09
CA ASN C 419 -25.58 -42.92 35.97
C ASN C 419 -24.79 -42.32 34.82
N TYR C 420 -25.18 -41.13 34.36
CA TYR C 420 -24.53 -40.51 33.21
C TYR C 420 -24.70 -39.01 33.31
N LYS C 421 -23.58 -38.28 33.34
CA LYS C 421 -23.60 -36.83 33.51
C LYS C 421 -22.95 -36.16 32.31
N LEU C 422 -23.60 -35.10 31.81
CA LEU C 422 -23.08 -34.29 30.72
C LEU C 422 -22.55 -32.97 31.25
N PRO C 423 -21.49 -32.43 30.66
CA PRO C 423 -21.00 -31.12 31.11
C PRO C 423 -21.97 -30.01 30.72
N ASP C 424 -21.97 -28.95 31.52
CA ASP C 424 -22.83 -27.81 31.22
C ASP C 424 -22.47 -27.18 29.88
N ASP C 425 -21.19 -27.23 29.51
CA ASP C 425 -20.72 -26.72 28.22
C ASP C 425 -20.61 -27.84 27.19
N PHE C 426 -21.47 -28.84 27.27
CA PHE C 426 -21.42 -29.95 26.33
C PHE C 426 -21.59 -29.46 24.91
N THR C 427 -20.70 -29.92 24.03
CA THR C 427 -20.74 -29.59 22.61
C THR C 427 -20.96 -30.88 21.85
N GLY C 428 -22.22 -31.13 21.46
CA GLY C 428 -22.54 -32.35 20.76
C GLY C 428 -24.05 -32.54 20.73
N CYS C 429 -24.45 -33.74 20.29
CA CYS C 429 -25.87 -34.03 20.06
C CYS C 429 -26.31 -35.21 20.90
N VAL C 430 -27.62 -35.23 21.19
CA VAL C 430 -28.27 -36.32 21.90
C VAL C 430 -29.44 -36.79 21.06
N ILE C 431 -29.50 -38.09 20.79
CA ILE C 431 -30.58 -38.71 20.03
C ILE C 431 -31.17 -39.83 20.85
N ALA C 432 -32.49 -39.88 20.92
CA ALA C 432 -33.18 -40.92 21.68
C ALA C 432 -34.37 -41.40 20.87
N TRP C 433 -34.59 -42.71 20.90
CA TRP C 433 -35.75 -43.30 20.22
C TRP C 433 -36.30 -44.43 21.07
N ASN C 434 -37.62 -44.56 21.07
CA ASN C 434 -38.28 -45.61 21.83
C ASN C 434 -37.85 -46.98 21.31
N SER C 435 -37.54 -47.89 22.24
CA SER C 435 -37.15 -49.25 21.91
C SER C 435 -38.05 -50.26 22.62
N ASN C 436 -39.34 -49.94 22.77
CA ASN C 436 -40.25 -50.86 23.44
C ASN C 436 -40.30 -52.19 22.73
N ASN C 437 -40.36 -52.17 21.40
CA ASN C 437 -40.38 -53.40 20.62
C ASN C 437 -39.06 -54.16 20.69
N LEU C 438 -37.99 -53.52 21.18
CA LEU C 438 -36.67 -54.15 21.23
C LEU C 438 -36.21 -54.46 22.64
N ASP C 439 -36.66 -53.70 23.64
CA ASP C 439 -36.12 -53.81 25.00
C ASP C 439 -37.19 -54.14 26.03
N SER C 440 -38.33 -54.66 25.60
CA SER C 440 -39.41 -55.02 26.50
C SER C 440 -39.68 -56.52 26.41
N LYS C 441 -39.76 -57.16 27.57
CA LYS C 441 -40.13 -58.56 27.68
C LYS C 441 -41.53 -58.68 28.28
N VAL C 442 -42.27 -59.69 27.82
CA VAL C 442 -43.62 -59.90 28.34
C VAL C 442 -43.58 -60.24 29.82
N GLY C 443 -42.65 -61.10 30.22
CA GLY C 443 -42.50 -61.44 31.62
C GLY C 443 -41.72 -60.44 32.45
N GLY C 444 -41.11 -59.44 31.81
CA GLY C 444 -40.30 -58.46 32.50
C GLY C 444 -38.85 -58.50 32.07
N ASN C 445 -38.38 -57.43 31.44
CA ASN C 445 -37.00 -57.34 30.99
C ASN C 445 -36.19 -56.70 32.11
N TYR C 446 -35.48 -57.53 32.87
CA TYR C 446 -34.65 -57.06 33.98
C TYR C 446 -33.21 -56.89 33.58
N ASN C 447 -32.89 -57.01 32.28
CA ASN C 447 -31.52 -56.96 31.83
C ASN C 447 -30.95 -55.54 31.87
N TYR C 448 -31.81 -54.53 31.76
CA TYR C 448 -31.38 -53.14 31.80
C TYR C 448 -31.45 -52.63 33.23
N LEU C 449 -30.35 -52.02 33.69
CA LEU C 449 -30.24 -51.54 35.05
C LEU C 449 -29.82 -50.07 35.05
N TYR C 450 -29.88 -49.48 36.23
CA TYR C 450 -29.44 -48.11 36.45
C TYR C 450 -29.03 -47.96 37.90
N ARG C 451 -28.08 -47.05 38.14
CA ARG C 451 -27.62 -46.79 39.50
C ARG C 451 -28.64 -45.94 40.22
N LEU C 452 -28.97 -46.34 41.45
CA LEU C 452 -29.96 -45.65 42.26
C LEU C 452 -29.37 -44.93 43.46
N PHE C 453 -28.23 -45.38 43.97
CA PHE C 453 -27.60 -44.79 45.13
C PHE C 453 -26.13 -44.51 44.84
N ARG C 454 -25.63 -43.39 45.36
CA ARG C 454 -24.23 -43.03 45.20
C ARG C 454 -23.91 -41.95 46.22
N LYS C 455 -22.64 -41.92 46.66
CA LYS C 455 -22.24 -40.94 47.66
C LYS C 455 -22.24 -39.52 47.10
N SER C 456 -21.96 -39.37 45.81
CA SER C 456 -21.89 -38.04 45.20
C SER C 456 -22.31 -38.13 43.74
N ASN C 457 -22.65 -36.99 43.17
CA ASN C 457 -23.07 -36.92 41.78
C ASN C 457 -21.89 -37.20 40.86
N LEU C 458 -22.19 -37.73 39.68
CA LEU C 458 -21.16 -38.07 38.72
C LEU C 458 -20.58 -36.83 38.07
N LYS C 459 -19.26 -36.84 37.85
CA LYS C 459 -18.61 -35.80 37.06
C LYS C 459 -18.92 -36.03 35.60
N PRO C 460 -18.74 -35.02 34.76
CA PRO C 460 -19.05 -35.17 33.33
C PRO C 460 -18.30 -36.34 32.71
N PHE C 461 -19.01 -37.16 31.95
CA PHE C 461 -18.43 -38.28 31.24
C PHE C 461 -17.73 -39.25 32.19
N GLU C 462 -18.22 -39.32 33.43
CA GLU C 462 -17.72 -40.27 34.40
C GLU C 462 -18.62 -41.51 34.44
N ARG C 463 -17.99 -42.68 34.40
CA ARG C 463 -18.71 -43.96 34.44
C ARG C 463 -18.39 -44.67 35.74
N ASP C 464 -19.43 -45.11 36.45
CA ASP C 464 -19.30 -45.85 37.69
C ASP C 464 -20.01 -47.18 37.54
N ILE C 465 -19.25 -48.27 37.63
CA ILE C 465 -19.78 -49.62 37.51
C ILE C 465 -19.58 -50.44 38.78
N SER C 466 -19.21 -49.79 39.88
CA SER C 466 -19.01 -50.50 41.13
C SER C 466 -20.32 -51.06 41.65
N THR C 467 -20.25 -52.23 42.30
CA THR C 467 -21.40 -52.90 42.85
C THR C 467 -21.30 -53.04 44.37
N GLU C 468 -20.60 -52.11 45.01
CA GLU C 468 -20.43 -52.16 46.45
C GLU C 468 -21.69 -51.67 47.15
N ILE C 469 -22.05 -52.36 48.24
CA ILE C 469 -23.26 -52.01 48.96
C ILE C 469 -23.18 -50.56 49.42
N TYR C 470 -24.27 -49.82 49.24
CA TYR C 470 -24.33 -48.42 49.60
C TYR C 470 -24.85 -48.28 51.02
N GLN C 471 -24.04 -47.69 51.90
CA GLN C 471 -24.39 -47.50 53.29
C GLN C 471 -25.19 -46.22 53.44
N ALA C 472 -26.42 -46.33 53.94
CA ALA C 472 -27.29 -45.17 54.15
C ALA C 472 -27.67 -45.01 55.62
N GLY C 473 -26.96 -45.66 56.52
CA GLY C 473 -27.31 -45.65 57.92
C GLY C 473 -26.09 -45.64 58.81
N SER C 474 -26.33 -45.57 60.11
CA SER C 474 -25.24 -45.56 61.08
C SER C 474 -24.39 -46.81 60.96
N THR C 475 -25.00 -47.98 61.14
CA THR C 475 -24.26 -49.23 61.10
C THR C 475 -23.72 -49.44 59.69
N PRO C 476 -22.43 -49.73 59.53
CA PRO C 476 -21.90 -49.97 58.17
C PRO C 476 -22.34 -51.31 57.62
N CYS C 477 -22.20 -51.44 56.31
CA CYS C 477 -22.59 -52.65 55.58
C CYS C 477 -21.33 -53.39 55.13
N ASN C 478 -21.17 -54.60 55.61
CA ASN C 478 -20.02 -55.44 55.23
C ASN C 478 -20.37 -56.33 54.03
N GLY C 479 -20.88 -55.72 52.97
CA GLY C 479 -21.26 -56.47 51.79
C GLY C 479 -22.60 -57.15 51.87
N VAL C 480 -23.37 -56.91 52.94
CA VAL C 480 -24.65 -57.57 53.16
C VAL C 480 -25.73 -56.50 53.27
N LYS C 481 -26.87 -56.75 52.61
CA LYS C 481 -27.98 -55.83 52.67
C LYS C 481 -28.69 -55.93 54.02
N GLY C 482 -29.61 -55.01 54.25
CA GLY C 482 -30.33 -54.96 55.51
C GLY C 482 -30.73 -53.53 55.82
N PHE C 483 -30.78 -53.24 57.11
CA PHE C 483 -31.17 -51.91 57.58
C PHE C 483 -30.23 -50.85 57.01
N ASN C 484 -30.75 -49.98 56.15
CA ASN C 484 -29.96 -48.92 55.53
C ASN C 484 -28.74 -49.49 54.82
N CYS C 485 -28.95 -50.58 54.06
CA CYS C 485 -27.88 -51.22 53.28
C CYS C 485 -28.53 -51.76 52.00
N TYR C 486 -28.42 -51.00 50.92
CA TYR C 486 -29.07 -51.33 49.67
C TYR C 486 -28.04 -51.53 48.56
N PHE C 487 -28.41 -52.36 47.59
CA PHE C 487 -27.58 -52.56 46.41
C PHE C 487 -27.62 -51.29 45.55
N PRO C 488 -26.48 -50.83 45.04
CA PRO C 488 -26.46 -49.55 44.31
C PRO C 488 -27.19 -49.58 42.98
N LEU C 489 -27.52 -50.76 42.44
CA LEU C 489 -28.14 -50.88 41.13
C LEU C 489 -29.57 -51.37 41.27
N GLN C 490 -30.43 -50.89 40.36
CA GLN C 490 -31.83 -51.32 40.30
C GLN C 490 -32.17 -51.59 38.85
N SER C 491 -33.20 -52.41 38.64
CA SER C 491 -33.57 -52.87 37.31
C SER C 491 -34.85 -52.19 36.83
N TYR C 492 -34.89 -51.91 35.54
CA TYR C 492 -36.09 -51.39 34.91
C TYR C 492 -37.11 -52.52 34.72
N GLY C 493 -38.39 -52.14 34.69
CA GLY C 493 -39.42 -53.10 34.36
C GLY C 493 -39.41 -53.45 32.88
N PHE C 494 -39.53 -52.43 32.03
CA PHE C 494 -39.47 -52.61 30.58
C PHE C 494 -40.39 -53.74 30.11
N GLN C 495 -41.69 -53.56 30.26
CA GLN C 495 -42.69 -54.45 29.71
C GLN C 495 -43.61 -53.64 28.81
N PRO C 496 -44.22 -54.26 27.79
CA PRO C 496 -44.98 -53.48 26.80
C PRO C 496 -46.20 -52.78 27.37
N THR C 497 -46.68 -53.15 28.54
CA THR C 497 -47.91 -52.60 29.10
C THR C 497 -47.68 -51.33 29.92
N TYR C 498 -46.53 -50.70 29.77
CA TYR C 498 -46.24 -49.48 30.51
C TYR C 498 -46.69 -48.26 29.73
N GLY C 499 -46.71 -47.12 30.42
CA GLY C 499 -46.89 -45.85 29.76
C GLY C 499 -45.63 -45.42 29.03
N VAL C 500 -45.79 -44.43 28.16
CA VAL C 500 -44.65 -44.00 27.33
C VAL C 500 -43.51 -43.53 28.21
N GLY C 501 -43.81 -42.92 29.35
CA GLY C 501 -42.77 -42.45 30.25
C GLY C 501 -41.96 -43.56 30.86
N TYR C 502 -42.51 -44.78 30.92
CA TYR C 502 -41.83 -45.91 31.51
C TYR C 502 -41.28 -46.88 30.47
N GLN C 503 -41.60 -46.68 29.19
CA GLN C 503 -41.11 -47.56 28.16
C GLN C 503 -39.63 -47.29 27.91
N PRO C 504 -38.88 -48.31 27.47
CA PRO C 504 -37.44 -48.12 27.25
C PRO C 504 -37.19 -47.16 26.09
N TYR C 505 -36.13 -46.37 26.24
CA TYR C 505 -35.66 -45.47 25.20
C TYR C 505 -34.16 -45.66 25.04
N ARG C 506 -33.72 -45.90 23.80
CA ARG C 506 -32.31 -46.03 23.48
C ARG C 506 -31.75 -44.65 23.14
N VAL C 507 -30.68 -44.28 23.84
CA VAL C 507 -30.09 -42.95 23.73
C VAL C 507 -28.65 -43.11 23.26
N VAL C 508 -28.29 -42.33 22.24
CA VAL C 508 -26.93 -42.22 21.74
C VAL C 508 -26.52 -40.76 21.81
N VAL C 509 -25.41 -40.49 22.47
CA VAL C 509 -24.88 -39.14 22.64
C VAL C 509 -23.58 -39.06 21.86
N LEU C 510 -23.52 -38.11 20.92
CA LEU C 510 -22.32 -37.86 20.14
C LEU C 510 -21.62 -36.63 20.69
N SER C 511 -20.39 -36.84 21.18
CA SER C 511 -19.54 -35.77 21.68
C SER C 511 -18.34 -35.61 20.75
N PHE C 512 -17.91 -34.36 20.57
CA PHE C 512 -16.83 -34.05 19.62
C PHE C 512 -15.64 -33.52 20.40
N GLU C 513 -14.59 -34.33 20.49
CA GLU C 513 -13.36 -33.96 21.18
C GLU C 513 -12.48 -33.21 20.20
N LEU C 514 -12.31 -31.91 20.42
CA LEU C 514 -11.48 -31.05 19.58
C LEU C 514 -10.32 -30.54 20.42
N LEU C 515 -9.13 -31.10 20.18
CA LEU C 515 -7.93 -30.76 20.92
C LEU C 515 -7.00 -29.96 20.02
N HIS C 516 -5.86 -29.55 20.58
CA HIS C 516 -4.81 -28.92 19.79
C HIS C 516 -3.99 -30.00 19.09
N ALA C 517 -4.71 -30.82 18.36
CA ALA C 517 -4.18 -32.01 17.72
C ALA C 517 -4.89 -32.13 16.38
N PRO C 518 -4.30 -32.87 15.42
CA PRO C 518 -4.94 -32.96 14.11
C PRO C 518 -6.35 -33.54 14.23
N ALA C 519 -7.29 -32.94 13.48
CA ALA C 519 -8.58 -33.58 13.32
C ALA C 519 -8.40 -34.89 12.57
N THR C 520 -9.06 -35.93 13.06
CA THR C 520 -9.03 -37.23 12.40
C THR C 520 -10.40 -37.61 11.84
N VAL C 521 -11.43 -36.83 12.14
CA VAL C 521 -12.79 -37.06 11.65
C VAL C 521 -13.27 -35.80 10.95
N CYS C 522 -13.74 -35.96 9.71
CA CYS C 522 -14.27 -34.86 8.92
C CYS C 522 -15.49 -35.35 8.16
N GLY C 523 -16.25 -34.38 7.64
CA GLY C 523 -17.44 -34.67 6.88
C GLY C 523 -17.13 -35.15 5.48
N PRO C 524 -18.07 -35.85 4.89
CA PRO C 524 -17.88 -36.33 3.51
C PRO C 524 -17.55 -35.23 2.52
N LYS C 525 -17.80 -33.99 2.91
CA LYS C 525 -17.49 -32.84 2.08
C LYS C 525 -18.27 -32.89 0.78
N LYS C 526 -19.52 -33.36 0.88
CA LYS C 526 -20.50 -33.25 -0.19
C LYS C 526 -19.91 -33.72 -1.52
N SER C 527 -19.61 -35.01 -1.57
CA SER C 527 -18.98 -35.59 -2.75
C SER C 527 -19.86 -35.34 -3.96
N THR C 528 -19.39 -34.50 -4.89
CA THR C 528 -20.12 -34.16 -6.09
C THR C 528 -19.54 -34.91 -7.29
N ASN C 529 -20.37 -35.06 -8.31
CA ASN C 529 -19.94 -35.76 -9.50
C ASN C 529 -18.90 -34.95 -10.25
N LEU C 530 -18.12 -35.64 -11.08
CA LEU C 530 -17.11 -35.01 -11.90
C LEU C 530 -17.71 -34.58 -13.24
N VAL C 531 -17.34 -33.39 -13.68
CA VAL C 531 -17.80 -32.84 -14.95
C VAL C 531 -16.58 -32.46 -15.77
N LYS C 532 -16.59 -32.86 -17.04
CA LYS C 532 -15.46 -32.62 -17.93
C LYS C 532 -15.92 -31.82 -19.14
N ASN C 533 -14.96 -31.14 -19.76
CA ASN C 533 -15.20 -30.38 -20.99
C ASN C 533 -16.30 -29.35 -20.79
N LYS C 534 -16.27 -28.68 -19.64
CA LYS C 534 -17.21 -27.60 -19.38
C LYS C 534 -16.63 -26.69 -18.30
N CYS C 535 -16.76 -25.39 -18.50
CA CYS C 535 -16.21 -24.42 -17.57
C CYS C 535 -16.92 -24.50 -16.23
N VAL C 536 -16.23 -24.99 -15.21
CA VAL C 536 -16.81 -25.22 -13.90
C VAL C 536 -15.90 -24.65 -12.83
N ASN C 537 -16.49 -24.39 -11.66
CA ASN C 537 -15.75 -23.99 -10.46
C ASN C 537 -15.45 -25.26 -9.67
N PHE C 538 -14.21 -25.72 -9.76
CA PHE C 538 -13.80 -26.98 -9.17
C PHE C 538 -13.07 -26.73 -7.84
N ASN C 539 -13.09 -27.76 -6.99
CA ASN C 539 -12.37 -27.74 -5.73
C ASN C 539 -11.93 -29.16 -5.43
N PHE C 540 -10.64 -29.43 -5.56
CA PHE C 540 -10.06 -30.74 -5.34
C PHE C 540 -9.24 -30.72 -4.06
N ASN C 541 -9.72 -31.40 -3.03
CA ASN C 541 -9.00 -31.53 -1.78
C ASN C 541 -8.63 -30.16 -1.21
N GLY C 542 -9.57 -29.23 -1.27
CA GLY C 542 -9.36 -27.89 -0.77
C GLY C 542 -8.71 -26.95 -1.76
N LEU C 543 -8.14 -27.47 -2.84
CA LEU C 543 -7.55 -26.63 -3.88
C LEU C 543 -8.66 -26.14 -4.79
N THR C 544 -8.99 -24.85 -4.70
CA THR C 544 -10.06 -24.27 -5.48
C THR C 544 -9.54 -23.74 -6.81
N GLY C 545 -10.44 -23.62 -7.77
CA GLY C 545 -10.10 -23.01 -9.03
C GLY C 545 -11.30 -23.02 -9.96
N THR C 546 -11.12 -22.42 -11.12
CA THR C 546 -12.15 -22.38 -12.15
C THR C 546 -11.52 -22.74 -13.49
N GLY C 547 -12.17 -23.62 -14.23
CA GLY C 547 -11.64 -24.02 -15.51
C GLY C 547 -12.40 -25.21 -16.06
N VAL C 548 -11.83 -25.78 -17.13
CA VAL C 548 -12.37 -26.94 -17.81
C VAL C 548 -11.46 -28.12 -17.51
N LEU C 549 -12.06 -29.22 -17.06
CA LEU C 549 -11.35 -30.45 -16.73
C LEU C 549 -11.41 -31.40 -17.91
N THR C 550 -10.25 -31.91 -18.32
CA THR C 550 -10.16 -32.81 -19.46
C THR C 550 -9.33 -34.03 -19.07
N GLU C 551 -9.65 -35.17 -19.69
CA GLU C 551 -8.82 -36.35 -19.49
C GLU C 551 -7.39 -36.06 -19.94
N SER C 552 -6.43 -36.47 -19.14
CA SER C 552 -5.03 -36.13 -19.35
C SER C 552 -4.19 -37.38 -19.57
N ASN C 553 -3.15 -37.24 -20.37
CA ASN C 553 -2.19 -38.30 -20.62
C ASN C 553 -0.94 -38.18 -19.76
N LYS C 554 -0.90 -37.19 -18.86
CA LYS C 554 0.27 -36.99 -18.03
C LYS C 554 0.47 -38.18 -17.09
N LYS C 555 1.72 -38.57 -16.92
CA LYS C 555 2.08 -39.74 -16.12
C LYS C 555 2.48 -39.27 -14.73
N PHE C 556 1.48 -38.92 -13.93
CA PHE C 556 1.72 -38.54 -12.56
C PHE C 556 2.35 -39.69 -11.79
N LEU C 557 3.27 -39.37 -10.89
CA LEU C 557 3.79 -40.36 -9.98
C LEU C 557 2.74 -40.67 -8.91
N PRO C 558 2.83 -41.84 -8.26
CA PRO C 558 1.74 -42.24 -7.36
C PRO C 558 1.45 -41.23 -6.26
N PHE C 559 2.48 -40.59 -5.70
CA PHE C 559 2.29 -39.68 -4.58
C PHE C 559 1.99 -38.25 -5.02
N GLN C 560 2.24 -37.92 -6.27
CA GLN C 560 2.06 -36.55 -6.75
C GLN C 560 0.60 -36.29 -7.08
N GLN C 561 0.10 -35.12 -6.66
CA GLN C 561 -1.31 -34.78 -6.77
C GLN C 561 -1.57 -33.74 -7.85
N PHE C 562 -0.93 -32.58 -7.75
CA PHE C 562 -1.17 -31.48 -8.67
C PHE C 562 -0.09 -31.44 -9.73
N GLY C 563 -0.37 -30.71 -10.81
CA GLY C 563 0.61 -30.46 -11.84
C GLY C 563 0.77 -28.98 -12.11
N ARG C 564 1.94 -28.43 -11.79
CA ARG C 564 2.20 -27.01 -11.98
C ARG C 564 3.14 -26.78 -13.16
N ASP C 565 3.31 -25.51 -13.51
CA ASP C 565 4.10 -25.11 -14.67
C ASP C 565 4.94 -23.89 -14.27
N ILE C 566 5.65 -23.32 -15.24
CA ILE C 566 6.44 -22.13 -14.97
C ILE C 566 5.57 -21.05 -14.34
N ALA C 567 4.29 -21.01 -14.73
CA ALA C 567 3.37 -20.07 -14.11
C ALA C 567 3.08 -20.39 -12.65
N ASP C 568 3.51 -21.55 -12.18
CA ASP C 568 3.26 -21.96 -10.79
C ASP C 568 1.77 -22.03 -10.51
N THR C 569 1.00 -22.35 -11.54
CA THR C 569 -0.44 -22.52 -11.42
C THR C 569 -0.77 -23.98 -11.69
N THR C 570 -1.78 -24.49 -11.00
CA THR C 570 -2.13 -25.90 -11.11
C THR C 570 -2.62 -26.22 -12.52
N ASP C 571 -1.80 -26.89 -13.31
CA ASP C 571 -2.16 -27.29 -14.67
C ASP C 571 -2.96 -28.58 -14.69
N ALA C 572 -2.60 -29.55 -13.86
CA ALA C 572 -3.29 -30.82 -13.80
C ALA C 572 -3.47 -31.22 -12.34
N VAL C 573 -4.48 -32.07 -12.11
CA VAL C 573 -4.81 -32.55 -10.78
C VAL C 573 -5.06 -34.05 -10.85
N ARG C 574 -5.06 -34.68 -9.69
CA ARG C 574 -5.45 -36.08 -9.54
C ARG C 574 -6.76 -36.11 -8.78
N ASP C 575 -7.77 -36.74 -9.36
CA ASP C 575 -9.06 -36.83 -8.69
C ASP C 575 -8.90 -37.63 -7.40
N PRO C 576 -9.24 -37.07 -6.24
CA PRO C 576 -9.01 -37.80 -4.99
C PRO C 576 -9.75 -39.12 -4.89
N GLN C 577 -10.95 -39.21 -5.47
CA GLN C 577 -11.67 -40.47 -5.40
C GLN C 577 -11.15 -41.47 -6.43
N THR C 578 -11.30 -41.16 -7.70
CA THR C 578 -10.77 -42.00 -8.76
C THR C 578 -9.37 -41.50 -9.12
N LEU C 579 -8.37 -42.37 -8.98
CA LEU C 579 -6.98 -41.97 -9.18
C LEU C 579 -6.75 -41.78 -10.68
N GLU C 580 -7.20 -40.62 -11.17
CA GLU C 580 -7.01 -40.25 -12.56
C GLU C 580 -6.52 -38.81 -12.64
N ILE C 581 -5.84 -38.50 -13.73
CA ILE C 581 -5.22 -37.21 -13.93
C ILE C 581 -6.09 -36.39 -14.88
N LEU C 582 -6.42 -35.18 -14.48
CA LEU C 582 -7.24 -34.27 -15.25
C LEU C 582 -6.47 -32.98 -15.51
N ASP C 583 -6.37 -32.61 -16.79
CA ASP C 583 -5.80 -31.33 -17.16
C ASP C 583 -6.81 -30.21 -16.95
N ILE C 584 -6.33 -29.10 -16.42
CA ILE C 584 -7.15 -27.93 -16.12
C ILE C 584 -6.81 -26.85 -17.14
N THR C 585 -7.83 -26.36 -17.85
CA THR C 585 -7.65 -25.29 -18.80
C THR C 585 -8.46 -24.07 -18.39
N PRO C 586 -7.88 -22.87 -18.38
CA PRO C 586 -8.67 -21.70 -18.01
C PRO C 586 -9.83 -21.48 -18.98
N CYS C 587 -10.94 -21.01 -18.44
CA CYS C 587 -12.14 -20.82 -19.24
C CYS C 587 -11.84 -19.71 -20.26
N SER C 588 -12.78 -19.45 -21.15
CA SER C 588 -12.49 -18.70 -22.37
C SER C 588 -12.95 -17.27 -22.24
N PHE C 589 -12.11 -16.36 -22.72
CA PHE C 589 -12.47 -14.94 -22.79
C PHE C 589 -11.68 -14.31 -23.91
N GLY C 590 -12.12 -13.12 -24.31
CA GLY C 590 -11.35 -12.39 -25.30
C GLY C 590 -12.01 -11.08 -25.67
N GLY C 591 -11.24 -10.24 -26.35
CA GLY C 591 -11.76 -8.96 -26.80
C GLY C 591 -12.86 -9.11 -27.81
N VAL C 592 -13.69 -8.07 -27.91
CA VAL C 592 -14.87 -8.04 -28.77
C VAL C 592 -14.82 -6.76 -29.57
N SER C 593 -14.50 -6.87 -30.85
CA SER C 593 -14.38 -5.73 -31.74
C SER C 593 -15.50 -5.73 -32.77
N VAL C 594 -15.63 -4.61 -33.48
CA VAL C 594 -16.74 -4.39 -34.40
C VAL C 594 -16.16 -4.02 -35.76
N ILE C 595 -16.23 -4.96 -36.71
CA ILE C 595 -15.91 -4.63 -38.09
C ILE C 595 -17.13 -3.90 -38.64
N THR C 596 -17.01 -2.59 -38.83
CA THR C 596 -18.14 -1.77 -39.26
C THR C 596 -17.74 -0.90 -40.45
N PRO C 597 -18.47 -0.95 -41.54
CA PRO C 597 -18.28 0.05 -42.59
C PRO C 597 -18.75 1.40 -42.09
N GLY C 598 -18.23 2.45 -42.72
CA GLY C 598 -18.55 3.80 -42.31
C GLY C 598 -20.04 4.00 -42.08
N THR C 599 -20.38 4.60 -40.93
CA THR C 599 -21.79 4.86 -40.64
C THR C 599 -22.43 5.67 -41.75
N ASN C 600 -21.66 6.57 -42.35
CA ASN C 600 -22.14 7.29 -43.52
C ASN C 600 -22.51 6.33 -44.64
N THR C 601 -21.91 5.14 -44.66
CA THR C 601 -22.20 4.16 -45.71
C THR C 601 -23.35 3.22 -45.33
N SER C 602 -23.27 2.59 -44.15
CA SER C 602 -24.25 1.59 -43.77
C SER C 602 -24.29 1.48 -42.26
N ASN C 603 -25.35 0.84 -41.76
CA ASN C 603 -25.47 0.50 -40.34
C ASN C 603 -25.41 -0.99 -40.09
N GLN C 604 -25.02 -1.80 -41.07
CA GLN C 604 -24.77 -3.21 -40.85
C GLN C 604 -23.32 -3.43 -40.46
N VAL C 605 -23.10 -4.15 -39.36
CA VAL C 605 -21.77 -4.41 -38.84
C VAL C 605 -21.65 -5.88 -38.46
N ALA C 606 -20.42 -6.32 -38.27
CA ALA C 606 -20.13 -7.66 -37.79
C ALA C 606 -19.30 -7.58 -36.52
N VAL C 607 -19.33 -8.64 -35.73
CA VAL C 607 -18.67 -8.70 -34.43
C VAL C 607 -17.59 -9.78 -34.49
N LEU C 608 -16.38 -9.43 -34.07
CA LEU C 608 -15.25 -10.35 -34.00
C LEU C 608 -14.92 -10.59 -32.53
N TYR C 609 -15.06 -11.84 -32.09
CA TYR C 609 -14.64 -12.25 -30.75
C TYR C 609 -13.26 -12.89 -30.88
N GLN C 610 -12.23 -12.14 -30.51
CA GLN C 610 -10.86 -12.57 -30.76
C GLN C 610 -10.47 -13.71 -29.83
N GLY C 611 -9.87 -14.76 -30.42
CA GLY C 611 -9.30 -15.81 -29.61
C GLY C 611 -10.31 -16.63 -28.84
N VAL C 612 -11.54 -16.73 -29.33
CA VAL C 612 -12.56 -17.53 -28.68
C VAL C 612 -13.15 -18.48 -29.72
N ASN C 613 -13.36 -19.73 -29.31
CA ASN C 613 -13.99 -20.71 -30.19
C ASN C 613 -15.44 -20.32 -30.47
N CYS C 614 -15.95 -20.78 -31.60
CA CYS C 614 -17.34 -20.50 -31.95
C CYS C 614 -18.25 -21.48 -31.23
N THR C 615 -18.06 -21.63 -29.91
CA THR C 615 -18.86 -22.56 -29.14
C THR C 615 -19.36 -21.91 -27.86
N GLU C 616 -18.58 -20.98 -27.31
CA GLU C 616 -18.96 -20.27 -26.12
C GLU C 616 -19.75 -19.00 -26.42
N VAL C 617 -19.87 -18.64 -27.70
CA VAL C 617 -20.57 -17.42 -28.08
C VAL C 617 -22.06 -17.70 -28.00
N PRO C 618 -22.84 -16.96 -27.21
CA PRO C 618 -24.29 -17.21 -27.16
C PRO C 618 -24.96 -17.09 -28.52
N VAL C 619 -24.41 -16.27 -29.41
CA VAL C 619 -24.95 -16.06 -30.75
C VAL C 619 -26.48 -15.98 -30.73
N SER C 637 -26.19 -14.60 -37.68
CA SER C 637 -26.53 -15.89 -38.27
C SER C 637 -25.28 -16.58 -38.80
N ASN C 638 -24.62 -15.98 -39.78
CA ASN C 638 -23.38 -16.53 -40.29
C ASN C 638 -22.32 -16.57 -39.19
N VAL C 639 -21.56 -17.65 -39.15
CA VAL C 639 -20.49 -17.82 -38.17
C VAL C 639 -19.26 -18.34 -38.88
N PHE C 640 -18.10 -17.83 -38.49
CA PHE C 640 -16.84 -18.25 -39.08
C PHE C 640 -15.81 -18.40 -37.97
N GLN C 641 -15.20 -19.57 -37.88
CA GLN C 641 -14.20 -19.84 -36.86
C GLN C 641 -12.81 -19.59 -37.43
N THR C 642 -12.46 -18.31 -37.53
CA THR C 642 -11.16 -17.94 -38.04
C THR C 642 -10.09 -18.11 -36.96
N ARG C 643 -8.84 -18.15 -37.38
CA ARG C 643 -7.74 -18.27 -36.42
C ARG C 643 -7.70 -17.10 -35.46
N ALA C 644 -8.20 -15.94 -35.86
CA ALA C 644 -8.24 -14.80 -34.95
C ALA C 644 -9.33 -14.94 -33.89
N GLY C 645 -10.33 -15.77 -34.16
CA GLY C 645 -11.44 -15.93 -33.23
C GLY C 645 -12.71 -16.25 -34.00
N CYS C 646 -13.84 -15.99 -33.34
CA CYS C 646 -15.15 -16.26 -33.91
C CYS C 646 -15.75 -14.99 -34.50
N LEU C 647 -16.09 -15.03 -35.78
CA LEU C 647 -16.65 -13.90 -36.51
C LEU C 647 -18.13 -14.13 -36.78
N ILE C 648 -18.95 -13.14 -36.45
CA ILE C 648 -20.39 -13.21 -36.58
C ILE C 648 -20.87 -12.01 -37.38
N GLY C 649 -21.87 -12.23 -38.21
CA GLY C 649 -22.35 -11.17 -39.08
C GLY C 649 -21.55 -11.02 -40.35
N ALA C 650 -20.59 -11.88 -40.59
CA ALA C 650 -19.77 -11.84 -41.79
C ALA C 650 -20.05 -13.07 -42.63
N GLU C 651 -20.12 -12.85 -43.94
CA GLU C 651 -20.35 -13.93 -44.89
C GLU C 651 -19.00 -14.37 -45.44
N HIS C 652 -18.56 -15.56 -45.05
CA HIS C 652 -17.31 -16.08 -45.56
C HIS C 652 -17.36 -16.15 -47.08
N VAL C 653 -16.31 -15.64 -47.72
CA VAL C 653 -16.20 -15.65 -49.17
C VAL C 653 -14.91 -16.34 -49.56
N ASN C 654 -15.00 -17.27 -50.50
CA ASN C 654 -13.80 -17.90 -51.03
C ASN C 654 -12.97 -16.90 -51.82
N ASN C 655 -13.62 -16.07 -52.62
CA ASN C 655 -12.90 -15.11 -53.44
C ASN C 655 -12.06 -14.20 -52.57
N SER C 656 -10.85 -13.88 -53.05
CA SER C 656 -9.90 -13.07 -52.31
C SER C 656 -9.78 -11.71 -52.98
N TYR C 657 -9.88 -10.66 -52.18
CA TYR C 657 -9.71 -9.29 -52.64
C TYR C 657 -8.55 -8.66 -51.86
N GLU C 658 -8.27 -7.40 -52.16
CA GLU C 658 -7.31 -6.66 -51.38
C GLU C 658 -7.85 -6.40 -49.98
N CYS C 659 -6.99 -6.47 -48.98
CA CYS C 659 -7.42 -6.25 -47.62
C CYS C 659 -8.02 -4.86 -47.47
N ASP C 660 -9.20 -4.79 -46.87
CA ASP C 660 -9.88 -3.52 -46.65
C ASP C 660 -9.96 -3.15 -45.18
N ILE C 661 -10.55 -4.00 -44.36
CA ILE C 661 -10.56 -3.85 -42.91
C ILE C 661 -9.82 -5.04 -42.32
N PRO C 662 -8.58 -4.86 -41.90
CA PRO C 662 -7.80 -6.03 -41.46
C PRO C 662 -8.33 -6.63 -40.18
N ILE C 663 -8.94 -7.81 -40.29
CA ILE C 663 -9.37 -8.54 -39.10
C ILE C 663 -8.18 -9.19 -38.42
N GLY C 664 -7.49 -10.06 -39.13
CA GLY C 664 -6.32 -10.72 -38.58
C GLY C 664 -6.22 -12.14 -39.10
N ALA C 665 -5.03 -12.72 -38.87
CA ALA C 665 -4.74 -14.08 -39.31
C ALA C 665 -4.97 -14.23 -40.81
N GLY C 666 -4.63 -13.21 -41.58
CA GLY C 666 -4.79 -13.24 -43.01
C GLY C 666 -6.19 -13.00 -43.49
N ILE C 667 -7.13 -12.76 -42.57
CA ILE C 667 -8.52 -12.55 -42.92
C ILE C 667 -8.82 -11.06 -42.85
N CYS C 668 -9.41 -10.54 -43.92
CA CYS C 668 -9.85 -9.16 -43.98
C CYS C 668 -11.30 -9.13 -44.44
N ALA C 669 -12.05 -8.18 -43.90
CA ALA C 669 -13.46 -8.05 -44.20
C ALA C 669 -13.71 -6.76 -44.98
N SER C 670 -14.71 -6.81 -45.86
CA SER C 670 -15.08 -5.66 -46.67
C SER C 670 -16.59 -5.66 -46.87
N TYR C 671 -17.15 -4.47 -47.00
CA TYR C 671 -18.58 -4.31 -47.23
C TYR C 671 -18.80 -4.21 -48.73
N GLN C 672 -19.46 -5.22 -49.30
CA GLN C 672 -19.63 -5.30 -50.75
C GLN C 672 -20.86 -6.13 -51.05
N THR C 673 -21.33 -6.02 -52.30
CA THR C 673 -22.49 -6.77 -52.76
C THR C 673 -22.31 -8.26 -52.54
N SER C 686 -28.54 -5.30 -50.72
CA SER C 686 -27.99 -6.60 -51.06
C SER C 686 -26.56 -6.72 -50.56
N GLN C 687 -25.91 -5.58 -50.33
CA GLN C 687 -24.54 -5.58 -49.85
C GLN C 687 -24.46 -6.10 -48.41
N SER C 688 -23.31 -6.65 -48.07
CA SER C 688 -23.10 -7.25 -46.77
C SER C 688 -21.60 -7.24 -46.47
N ILE C 689 -21.25 -7.70 -45.28
CA ILE C 689 -19.87 -7.75 -44.83
C ILE C 689 -19.32 -9.14 -45.13
N ILE C 690 -18.30 -9.21 -45.97
CA ILE C 690 -17.71 -10.45 -46.42
C ILE C 690 -16.30 -10.54 -45.89
N ALA C 691 -15.97 -11.65 -45.23
CA ALA C 691 -14.63 -11.92 -44.73
C ALA C 691 -13.95 -12.88 -45.70
N TYR C 692 -12.74 -12.51 -46.12
CA TYR C 692 -12.02 -13.28 -47.12
C TYR C 692 -10.54 -13.28 -46.74
N THR C 693 -9.84 -14.31 -47.16
CA THR C 693 -8.39 -14.33 -47.05
C THR C 693 -7.84 -13.30 -48.03
N MET C 694 -7.30 -12.22 -47.48
CA MET C 694 -6.76 -11.17 -48.33
C MET C 694 -5.71 -11.71 -49.27
N SER C 695 -5.74 -11.20 -50.50
CA SER C 695 -4.70 -11.54 -51.46
C SER C 695 -3.54 -10.57 -51.27
N LEU C 696 -2.36 -11.11 -51.04
CA LEU C 696 -1.13 -10.32 -51.08
C LEU C 696 -0.75 -10.25 -52.54
N GLY C 697 -0.05 -9.17 -52.90
CA GLY C 697 -0.18 -8.59 -54.23
C GLY C 697 -0.03 -9.55 -55.41
N VAL C 698 -0.60 -9.16 -56.58
CA VAL C 698 -0.78 -10.05 -57.73
C VAL C 698 0.50 -10.82 -58.01
N GLU C 699 0.41 -12.15 -57.94
CA GLU C 699 1.59 -12.97 -58.12
C GLU C 699 2.07 -12.82 -59.56
N ASN C 700 3.38 -12.74 -59.72
CA ASN C 700 3.97 -12.41 -61.01
C ASN C 700 5.23 -13.25 -61.19
N SER C 701 5.10 -14.38 -61.85
CA SER C 701 6.27 -15.15 -62.23
C SER C 701 7.10 -14.34 -63.22
N VAL C 702 8.29 -13.93 -62.80
CA VAL C 702 9.15 -13.16 -63.69
C VAL C 702 9.65 -14.05 -64.82
N ALA C 703 9.56 -13.56 -66.04
CA ALA C 703 10.04 -14.30 -67.18
C ALA C 703 11.55 -14.41 -67.09
N TYR C 704 12.04 -15.18 -66.13
CA TYR C 704 13.47 -15.28 -65.92
C TYR C 704 14.07 -16.38 -66.78
N SER C 705 15.13 -16.04 -67.50
CA SER C 705 15.92 -17.00 -68.24
C SER C 705 17.33 -16.48 -68.29
N ASN C 706 18.26 -17.38 -68.59
CA ASN C 706 19.67 -16.99 -68.53
C ASN C 706 20.09 -16.11 -69.70
N ASN C 707 19.20 -15.81 -70.66
CA ASN C 707 19.58 -14.96 -71.78
C ASN C 707 18.45 -14.01 -72.18
N SER C 708 17.58 -13.64 -71.26
CA SER C 708 16.47 -12.73 -71.55
C SER C 708 16.59 -11.53 -70.64
N ILE C 709 16.65 -10.34 -71.24
CA ILE C 709 16.74 -9.09 -70.50
C ILE C 709 15.59 -8.20 -70.94
N ALA C 710 14.85 -7.66 -69.97
CA ALA C 710 13.78 -6.72 -70.24
C ALA C 710 14.27 -5.31 -69.95
N ILE C 711 14.25 -4.46 -70.96
CA ILE C 711 14.74 -3.09 -70.81
C ILE C 711 13.58 -2.13 -70.97
N PRO C 712 13.48 -1.07 -70.17
CA PRO C 712 12.44 -0.08 -70.40
C PRO C 712 12.74 0.77 -71.62
N THR C 713 11.68 1.07 -72.37
CA THR C 713 11.75 1.97 -73.50
C THR C 713 11.07 3.30 -73.23
N ASN C 714 10.26 3.39 -72.18
CA ASN C 714 9.54 4.61 -71.82
C ASN C 714 9.76 4.82 -70.32
N PHE C 715 9.07 5.79 -69.74
CA PHE C 715 9.19 6.03 -68.30
C PHE C 715 8.07 6.93 -67.86
N THR C 716 8.12 7.31 -66.58
CA THR C 716 7.20 8.27 -66.03
C THR C 716 7.88 9.03 -64.90
N ILE C 717 7.47 10.28 -64.73
CA ILE C 717 7.98 11.14 -63.67
C ILE C 717 6.87 11.19 -62.61
N SER C 718 6.97 10.30 -61.63
CA SER C 718 5.94 10.22 -60.60
C SER C 718 6.29 11.17 -59.47
N VAL C 719 5.32 11.96 -59.04
CA VAL C 719 5.49 12.84 -57.88
C VAL C 719 4.67 12.22 -56.77
N THR C 720 5.37 11.56 -55.85
CA THR C 720 4.76 10.97 -54.68
C THR C 720 4.74 11.96 -53.51
N THR C 721 4.01 11.60 -52.47
CA THR C 721 3.89 12.44 -51.29
C THR C 721 4.33 11.67 -50.06
N GLU C 722 5.24 12.27 -49.29
CA GLU C 722 5.67 11.72 -48.01
C GLU C 722 5.52 12.82 -46.98
N ILE C 723 4.94 12.49 -45.83
CA ILE C 723 4.62 13.48 -44.81
C ILE C 723 5.36 13.11 -43.53
N LEU C 724 6.00 14.10 -42.91
CA LEU C 724 6.75 13.88 -41.67
C LEU C 724 6.38 14.92 -40.63
N PRO C 725 5.91 14.53 -39.44
CA PRO C 725 5.78 15.49 -38.36
C PRO C 725 7.16 15.99 -37.97
N VAL C 726 7.24 17.27 -37.58
CA VAL C 726 8.51 17.90 -37.24
C VAL C 726 8.53 18.45 -35.83
N SER C 727 7.38 18.93 -35.35
CA SER C 727 7.33 19.33 -33.95
C SER C 727 5.90 19.25 -33.44
N MET C 728 5.78 18.89 -32.19
CA MET C 728 4.50 18.78 -31.53
C MET C 728 4.16 20.12 -30.89
N THR C 729 3.07 20.14 -30.13
CA THR C 729 2.65 21.35 -29.44
C THR C 729 3.53 21.59 -28.22
N LYS C 730 4.05 22.80 -28.11
CA LYS C 730 4.91 23.17 -26.99
C LYS C 730 4.01 23.54 -25.83
N THR C 731 3.96 22.69 -24.82
CA THR C 731 3.08 22.87 -23.68
C THR C 731 3.91 22.93 -22.41
N SER C 732 3.56 23.87 -21.54
CA SER C 732 4.08 23.88 -20.18
C SER C 732 2.93 23.68 -19.21
N VAL C 733 3.12 22.75 -18.27
CA VAL C 733 2.22 22.55 -17.16
C VAL C 733 2.84 23.23 -15.95
N ASP C 734 2.18 24.26 -15.44
CA ASP C 734 2.63 24.82 -14.18
C ASP C 734 2.27 23.79 -13.12
N CYS C 735 3.21 22.88 -12.86
CA CYS C 735 2.95 21.79 -11.94
C CYS C 735 2.38 22.33 -10.64
N THR C 736 3.00 23.36 -10.10
CA THR C 736 2.49 23.97 -8.88
C THR C 736 1.08 24.50 -9.07
N MET C 737 0.81 25.14 -10.20
CA MET C 737 -0.59 25.48 -10.45
C MET C 737 -1.40 24.21 -10.66
N TYR C 738 -0.95 23.34 -11.56
CA TYR C 738 -1.78 22.21 -11.93
C TYR C 738 -2.27 21.47 -10.70
N ILE C 739 -1.33 21.08 -9.83
CA ILE C 739 -1.70 20.34 -8.63
C ILE C 739 -2.20 21.27 -7.55
N CYS C 740 -1.71 22.50 -7.54
CA CYS C 740 -1.93 23.44 -6.43
C CYS C 740 -2.35 24.78 -7.00
N GLY C 741 -3.35 24.75 -7.89
CA GLY C 741 -3.72 25.95 -8.56
C GLY C 741 -3.96 27.11 -7.61
N ASP C 742 -3.08 28.11 -7.66
CA ASP C 742 -3.26 29.37 -6.95
C ASP C 742 -3.52 29.18 -5.45
N SER C 743 -2.79 28.24 -4.84
CA SER C 743 -2.94 27.92 -3.43
C SER C 743 -1.59 27.95 -2.76
N THR C 744 -1.44 28.81 -1.76
CA THR C 744 -0.19 28.88 -1.02
C THR C 744 0.04 27.63 -0.18
N GLU C 745 -0.97 27.22 0.60
CA GLU C 745 -0.79 26.05 1.45
C GLU C 745 -0.48 24.82 0.60
N CYS C 746 -1.20 24.64 -0.51
CA CYS C 746 -0.96 23.48 -1.35
C CYS C 746 0.45 23.53 -1.90
N SER C 747 0.89 24.69 -2.36
CA SER C 747 2.25 24.79 -2.90
C SER C 747 3.29 24.48 -1.83
N ASN C 748 3.05 24.94 -0.60
CA ASN C 748 3.97 24.63 0.48
C ASN C 748 4.04 23.14 0.73
N LEU C 749 2.90 22.47 0.76
CA LEU C 749 2.92 21.01 0.89
C LEU C 749 3.67 20.38 -0.29
N LEU C 750 3.46 20.92 -1.49
CA LEU C 750 4.10 20.37 -2.68
C LEU C 750 5.60 20.51 -2.60
N LEU C 751 6.09 21.54 -1.91
CA LEU C 751 7.53 21.66 -1.74
C LEU C 751 8.10 20.44 -1.02
N GLN C 752 7.32 19.82 -0.13
CA GLN C 752 7.81 18.67 0.60
C GLN C 752 8.22 17.55 -0.35
N TYR C 753 7.67 17.57 -1.57
CA TYR C 753 7.98 16.57 -2.57
C TYR C 753 9.27 16.85 -3.30
N GLY C 754 10.18 17.62 -2.70
CA GLY C 754 11.53 17.68 -3.20
C GLY C 754 11.64 18.48 -4.44
N SER C 755 11.89 17.79 -5.55
CA SER C 755 12.07 18.45 -6.83
C SER C 755 11.09 17.91 -7.86
N PHE C 756 9.96 17.38 -7.41
CA PHE C 756 9.09 16.72 -8.37
C PHE C 756 8.53 17.70 -9.38
N CYS C 757 7.91 18.79 -8.90
CA CYS C 757 7.39 19.78 -9.83
C CYS C 757 8.53 20.42 -10.62
N THR C 758 9.61 20.78 -9.94
CA THR C 758 10.70 21.43 -10.62
C THR C 758 11.28 20.54 -11.70
N GLN C 759 11.49 19.27 -11.40
CA GLN C 759 12.10 18.39 -12.40
C GLN C 759 11.14 18.13 -13.55
N LEU C 760 9.85 17.96 -13.27
CA LEU C 760 8.89 17.80 -14.35
C LEU C 760 8.86 19.05 -15.24
N ASN C 761 8.91 20.23 -14.63
CA ASN C 761 8.94 21.45 -15.41
C ASN C 761 10.20 21.52 -16.25
N ARG C 762 11.33 21.11 -15.67
CA ARG C 762 12.57 21.09 -16.42
C ARG C 762 12.45 20.15 -17.61
N ALA C 763 11.83 19.00 -17.41
CA ALA C 763 11.66 18.05 -18.50
C ALA C 763 10.79 18.65 -19.60
N LEU C 764 9.68 19.25 -19.23
CA LEU C 764 8.82 19.85 -20.24
C LEU C 764 9.53 20.98 -20.95
N THR C 765 10.34 21.74 -20.21
CA THR C 765 11.12 22.81 -20.81
C THR C 765 12.09 22.25 -21.84
N GLY C 766 12.76 21.16 -21.49
CA GLY C 766 13.63 20.51 -22.46
C GLY C 766 12.85 20.04 -23.66
N ILE C 767 11.63 19.55 -23.44
CA ILE C 767 10.82 19.10 -24.56
C ILE C 767 10.55 20.27 -25.50
N ALA C 768 10.18 21.41 -24.95
CA ALA C 768 9.88 22.57 -25.78
C ALA C 768 11.13 23.03 -26.52
N VAL C 769 12.25 23.09 -25.82
CA VAL C 769 13.49 23.51 -26.45
C VAL C 769 13.86 22.53 -27.56
N GLU C 770 13.61 21.24 -27.32
CA GLU C 770 13.89 20.23 -28.34
C GLU C 770 12.98 20.43 -29.54
N GLN C 771 11.72 20.80 -29.31
CA GLN C 771 10.83 21.09 -30.43
C GLN C 771 11.40 22.22 -31.27
N ASP C 772 11.85 23.28 -30.60
CA ASP C 772 12.42 24.40 -31.33
C ASP C 772 13.67 23.97 -32.09
N LYS C 773 14.51 23.18 -31.43
CA LYS C 773 15.70 22.68 -32.09
C LYS C 773 15.33 21.84 -33.30
N ASN C 774 14.27 21.05 -33.18
CA ASN C 774 13.82 20.24 -34.30
C ASN C 774 13.40 21.12 -35.46
N THR C 775 12.58 22.14 -35.18
CA THR C 775 12.15 23.03 -36.24
C THR C 775 13.36 23.67 -36.90
N GLN C 776 14.29 24.16 -36.09
CA GLN C 776 15.48 24.80 -36.63
C GLN C 776 16.26 23.83 -37.51
N GLU C 777 16.52 22.63 -37.01
CA GLU C 777 17.33 21.68 -37.75
C GLU C 777 16.67 21.32 -39.07
N VAL C 778 15.36 21.07 -39.04
CA VAL C 778 14.68 20.61 -40.24
C VAL C 778 14.63 21.72 -41.28
N PHE C 779 14.37 22.96 -40.86
CA PHE C 779 14.17 24.05 -41.80
C PHE C 779 15.40 24.92 -41.98
N ALA C 780 16.08 25.32 -40.90
CA ALA C 780 17.18 26.27 -41.01
C ALA C 780 18.44 25.58 -41.52
N GLN C 781 18.28 24.87 -42.63
CA GLN C 781 19.39 24.16 -43.26
C GLN C 781 20.07 25.00 -44.31
N VAL C 782 19.60 26.22 -44.56
CA VAL C 782 20.12 27.08 -45.62
C VAL C 782 20.58 28.38 -44.99
N LYS C 783 21.82 28.78 -45.30
CA LYS C 783 22.40 29.98 -44.70
C LYS C 783 21.63 31.24 -45.11
N GLN C 784 21.33 31.37 -46.40
CA GLN C 784 20.74 32.57 -46.95
C GLN C 784 19.26 32.34 -47.28
N ILE C 785 18.56 33.44 -47.58
CA ILE C 785 17.18 33.37 -48.04
C ILE C 785 17.13 33.84 -49.48
N TYR C 786 17.25 32.90 -50.42
CA TYR C 786 17.10 33.24 -51.82
C TYR C 786 15.63 33.47 -52.13
N LYS C 787 15.37 34.15 -53.25
CA LYS C 787 14.02 34.32 -53.76
C LYS C 787 14.04 34.16 -55.27
N THR C 788 13.12 33.36 -55.79
CA THR C 788 13.15 33.02 -57.21
C THR C 788 12.95 34.27 -58.07
N PRO C 789 13.55 34.32 -59.25
CA PRO C 789 13.36 35.47 -60.13
C PRO C 789 11.92 35.56 -60.61
N PRO C 790 11.47 36.74 -61.03
CA PRO C 790 10.10 36.85 -61.55
C PRO C 790 9.83 36.02 -62.79
N ILE C 791 10.84 35.84 -63.65
CA ILE C 791 10.65 35.12 -64.91
C ILE C 791 10.68 33.62 -64.61
N LYS C 792 9.57 32.94 -64.88
CA LYS C 792 9.46 31.50 -64.63
C LYS C 792 9.71 30.72 -65.92
N ASP C 793 10.90 30.93 -66.49
CA ASP C 793 11.31 30.24 -67.70
C ASP C 793 12.13 29.00 -67.35
N PHE C 794 11.48 28.08 -66.65
CA PHE C 794 12.14 26.90 -66.09
C PHE C 794 12.12 25.72 -67.06
N GLY C 795 12.01 25.96 -68.36
CA GLY C 795 12.02 24.88 -69.32
C GLY C 795 10.79 24.01 -69.21
N GLY C 796 9.62 24.62 -69.34
CA GLY C 796 8.37 23.90 -69.29
C GLY C 796 7.88 23.63 -67.88
N PHE C 797 8.80 23.30 -66.98
CA PHE C 797 8.41 22.92 -65.63
C PHE C 797 7.70 24.08 -64.95
N ASN C 798 6.57 23.76 -64.32
CA ASN C 798 5.65 24.77 -63.81
C ASN C 798 5.54 24.57 -62.29
N PHE C 799 6.22 25.42 -61.54
CA PHE C 799 6.23 25.35 -60.10
C PHE C 799 5.26 26.32 -59.47
N SER C 800 4.38 26.93 -60.26
CA SER C 800 3.52 27.97 -59.76
C SER C 800 2.71 27.49 -58.56
N GLN C 801 2.38 26.21 -58.52
CA GLN C 801 1.52 25.71 -57.46
C GLN C 801 2.29 25.40 -56.18
N ILE C 802 3.61 25.32 -56.25
CA ILE C 802 4.43 25.09 -55.07
C ILE C 802 5.23 26.31 -54.66
N LEU C 803 5.50 27.23 -55.57
CA LEU C 803 6.17 28.46 -55.21
C LEU C 803 5.21 29.33 -54.39
N PRO C 804 5.74 30.19 -53.53
CA PRO C 804 4.86 30.96 -52.65
C PRO C 804 3.93 31.85 -53.45
N ASP C 805 2.75 32.08 -52.89
CA ASP C 805 1.76 32.91 -53.56
C ASP C 805 1.90 34.34 -53.08
N PRO C 806 2.27 35.30 -53.95
CA PRO C 806 2.30 36.70 -53.51
C PRO C 806 0.95 37.20 -53.02
N SER C 807 -0.14 36.73 -53.62
CA SER C 807 -1.46 37.20 -53.23
C SER C 807 -1.75 36.88 -51.77
N LYS C 808 -1.38 35.69 -51.32
CA LYS C 808 -1.56 35.33 -49.93
C LYS C 808 -0.77 36.30 -49.07
N PRO C 809 -1.38 36.90 -48.03
CA PRO C 809 -0.59 37.78 -47.17
C PRO C 809 0.62 37.06 -46.59
N SER C 810 0.45 35.79 -46.24
CA SER C 810 1.58 34.94 -45.92
C SER C 810 2.21 34.44 -47.22
N LYS C 811 3.54 34.44 -47.25
CA LYS C 811 4.26 34.00 -48.44
C LYS C 811 4.12 32.48 -48.53
N ARG C 812 2.89 32.00 -48.73
CA ARG C 812 2.58 30.59 -48.68
C ARG C 812 2.13 30.14 -50.06
N SER C 813 2.67 29.03 -50.53
CA SER C 813 2.31 28.51 -51.83
C SER C 813 0.94 27.85 -51.75
N PHE C 814 0.44 27.44 -52.92
CA PHE C 814 -0.92 26.90 -53.00
C PHE C 814 -1.05 25.59 -52.24
N ILE C 815 -0.13 24.65 -52.49
CA ILE C 815 -0.21 23.34 -51.85
C ILE C 815 -0.21 23.49 -50.35
N GLU C 816 0.65 24.37 -49.82
CA GLU C 816 0.73 24.55 -48.39
C GLU C 816 -0.55 25.15 -47.84
N ASP C 817 -1.17 26.07 -48.59
CA ASP C 817 -2.46 26.56 -48.16
C ASP C 817 -3.45 25.41 -48.03
N LEU C 818 -3.47 24.53 -49.02
CA LEU C 818 -4.33 23.36 -48.92
C LEU C 818 -4.00 22.58 -47.66
N LEU C 819 -2.72 22.32 -47.44
CA LEU C 819 -2.32 21.46 -46.34
C LEU C 819 -2.74 22.05 -45.00
N PHE C 820 -2.51 23.34 -44.81
CA PHE C 820 -2.87 23.98 -43.55
C PHE C 820 -4.38 24.02 -43.38
N ASN C 821 -5.12 24.17 -44.49
CA ASN C 821 -6.57 24.11 -44.40
C ASN C 821 -7.05 22.74 -43.95
N LYS C 822 -6.44 21.68 -44.49
CA LYS C 822 -6.91 20.33 -44.18
C LYS C 822 -6.72 20.02 -42.70
N VAL C 823 -5.47 20.02 -42.24
CA VAL C 823 -5.18 19.65 -40.87
C VAL C 823 -5.79 20.66 -39.92
N THR C 824 -6.34 20.17 -38.81
CA THR C 824 -6.98 21.01 -37.81
C THR C 824 -6.19 21.02 -36.51
N PHE C 852 -5.28 26.47 -18.85
CA PHE C 852 -6.25 27.14 -17.99
C PHE C 852 -6.11 26.64 -16.55
N ASN C 853 -5.67 25.40 -16.41
CA ASN C 853 -5.38 24.80 -15.12
C ASN C 853 -3.87 24.64 -14.93
N GLY C 854 -3.13 25.66 -15.32
CA GLY C 854 -1.69 25.58 -15.43
C GLY C 854 -1.21 25.08 -16.78
N LEU C 855 -2.13 24.83 -17.71
CA LEU C 855 -1.80 24.26 -19.01
C LEU C 855 -1.68 25.38 -20.03
N THR C 856 -0.45 25.73 -20.39
CA THR C 856 -0.17 26.86 -21.26
C THR C 856 0.48 26.38 -22.53
N VAL C 857 0.14 27.04 -23.64
CA VAL C 857 0.70 26.73 -24.95
C VAL C 857 1.61 27.87 -25.34
N LEU C 858 2.88 27.62 -25.32
CA LEU C 858 3.86 28.60 -25.75
C LEU C 858 3.86 28.67 -27.28
N PRO C 859 3.89 29.87 -27.86
CA PRO C 859 3.93 29.96 -29.31
C PRO C 859 5.27 29.52 -29.85
N PRO C 860 5.32 29.06 -31.10
CA PRO C 860 6.59 28.57 -31.65
C PRO C 860 7.59 29.69 -31.89
N LEU C 861 8.87 29.31 -31.82
CA LEU C 861 9.93 30.27 -32.08
C LEU C 861 9.87 30.78 -33.51
N LEU C 862 9.76 29.88 -34.48
CA LEU C 862 9.63 30.25 -35.87
C LEU C 862 8.16 30.28 -36.23
N THR C 863 7.69 31.40 -36.77
CA THR C 863 6.31 31.49 -37.19
C THR C 863 6.09 30.76 -38.51
N ASP C 864 4.86 30.27 -38.68
CA ASP C 864 4.55 29.53 -39.90
C ASP C 864 4.85 30.36 -41.13
N GLU C 865 4.70 31.68 -41.02
CA GLU C 865 5.22 32.55 -42.07
C GLU C 865 6.70 32.29 -42.28
N MET C 866 7.46 32.17 -41.20
CA MET C 866 8.89 32.01 -41.34
C MET C 866 9.24 30.62 -41.85
N ILE C 867 8.48 29.61 -41.45
CA ILE C 867 8.69 28.30 -42.04
C ILE C 867 8.41 28.36 -43.53
N ALA C 868 7.33 29.04 -43.91
CA ALA C 868 7.00 29.14 -45.32
C ALA C 868 8.12 29.82 -46.09
N GLN C 869 8.67 30.90 -45.53
CA GLN C 869 9.76 31.58 -46.22
C GLN C 869 10.99 30.69 -46.31
N TYR C 870 11.34 29.99 -45.23
CA TYR C 870 12.46 29.07 -45.31
C TYR C 870 12.24 28.07 -46.44
N THR C 871 11.03 27.53 -46.51
CA THR C 871 10.71 26.57 -47.54
C THR C 871 10.83 27.18 -48.92
N SER C 872 10.38 28.42 -49.04
CA SER C 872 10.47 29.09 -50.32
C SER C 872 11.92 29.24 -50.73
N ALA C 873 12.77 29.59 -49.77
CA ALA C 873 14.19 29.73 -50.05
C ALA C 873 14.75 28.39 -50.52
N LEU C 874 14.38 27.33 -49.83
CA LEU C 874 14.84 26.01 -50.24
C LEU C 874 14.43 25.72 -51.67
N LEU C 875 13.17 25.99 -52.00
CA LEU C 875 12.70 25.72 -53.35
C LEU C 875 13.46 26.55 -54.37
N ALA C 876 13.66 27.83 -54.06
CA ALA C 876 14.34 28.69 -55.02
C ALA C 876 15.77 28.23 -55.26
N GLY C 877 16.48 27.92 -54.19
CA GLY C 877 17.84 27.44 -54.35
C GLY C 877 17.88 26.14 -55.13
N THR C 878 16.98 25.23 -54.81
CA THR C 878 16.93 23.96 -55.52
C THR C 878 16.66 24.17 -56.99
N ILE C 879 15.73 25.07 -57.30
CA ILE C 879 15.31 25.27 -58.69
C ILE C 879 16.41 25.97 -59.49
N THR C 880 17.01 27.00 -58.90
CA THR C 880 17.89 27.89 -59.64
C THR C 880 19.34 27.42 -59.67
N SER C 881 19.77 26.68 -58.65
CA SER C 881 21.16 26.33 -58.49
C SER C 881 21.40 24.84 -58.38
N GLY C 882 20.37 24.06 -58.09
CA GLY C 882 20.55 22.62 -57.90
C GLY C 882 21.08 22.32 -56.52
N TRP C 883 21.93 21.30 -56.43
CA TRP C 883 22.43 20.82 -55.15
C TRP C 883 23.55 21.68 -54.61
N THR C 884 24.04 22.63 -55.39
CA THR C 884 25.24 23.36 -55.01
C THR C 884 25.00 24.24 -53.78
N PHE C 885 23.85 24.91 -53.71
CA PHE C 885 23.65 25.89 -52.66
C PHE C 885 23.77 25.27 -51.28
N GLY C 886 23.54 23.96 -51.15
CA GLY C 886 23.70 23.32 -49.87
C GLY C 886 25.14 23.16 -49.44
N ALA C 887 26.06 23.05 -50.40
CA ALA C 887 27.47 22.89 -50.08
C ALA C 887 28.10 24.24 -49.75
N GLY C 888 28.05 25.18 -50.69
CA GLY C 888 28.50 26.52 -50.43
C GLY C 888 27.59 27.57 -51.03
N ALA C 889 28.16 28.58 -51.66
CA ALA C 889 27.36 29.65 -52.25
C ALA C 889 26.50 29.10 -53.39
N ALA C 890 25.25 29.52 -53.42
CA ALA C 890 24.34 29.03 -54.45
C ALA C 890 24.84 29.49 -55.81
N LEU C 891 25.18 28.52 -56.66
CA LEU C 891 25.57 28.79 -58.03
C LEU C 891 24.37 28.53 -58.93
N GLN C 892 23.93 29.56 -59.65
CA GLN C 892 22.78 29.39 -60.52
C GLN C 892 23.10 28.38 -61.61
N ILE C 893 22.05 27.82 -62.20
CA ILE C 893 22.21 26.94 -63.36
C ILE C 893 20.86 26.70 -64.02
N PRO C 894 20.79 26.62 -65.35
CA PRO C 894 19.48 26.39 -66.00
C PRO C 894 18.89 25.05 -65.57
N PHE C 895 17.62 25.10 -65.17
CA PHE C 895 16.99 23.93 -64.60
C PHE C 895 16.96 22.76 -65.56
N ALA C 896 16.96 23.04 -66.87
CA ALA C 896 17.09 21.98 -67.85
C ALA C 896 18.42 21.25 -67.66
N MET C 897 19.51 22.00 -67.50
CA MET C 897 20.79 21.37 -67.26
C MET C 897 20.80 20.64 -65.91
N GLN C 898 20.11 21.18 -64.91
CA GLN C 898 20.05 20.53 -63.61
C GLN C 898 19.36 19.18 -63.72
N MET C 899 18.23 19.14 -64.43
CA MET C 899 17.56 17.87 -64.65
C MET C 899 18.44 16.92 -65.46
N ALA C 900 19.20 17.44 -66.40
CA ALA C 900 20.14 16.58 -67.13
C ALA C 900 21.15 15.96 -66.18
N TYR C 901 21.70 16.76 -65.27
CA TYR C 901 22.66 16.23 -64.32
C TYR C 901 22.01 15.17 -63.44
N ARG C 902 20.77 15.40 -63.02
CA ARG C 902 20.09 14.40 -62.20
C ARG C 902 19.82 13.11 -62.98
N PHE C 903 19.44 13.24 -64.25
CA PHE C 903 19.26 12.06 -65.09
C PHE C 903 20.55 11.25 -65.14
N ASN C 904 21.68 11.95 -65.31
CA ASN C 904 22.97 11.27 -65.14
C ASN C 904 23.07 10.63 -63.76
N GLY C 905 22.53 11.31 -62.74
CA GLY C 905 22.68 10.85 -61.37
C GLY C 905 21.98 9.53 -61.11
N ILE C 906 20.79 9.34 -61.69
CA ILE C 906 20.11 8.05 -61.57
C ILE C 906 20.65 7.00 -62.53
N GLY C 907 21.57 7.38 -63.43
CA GLY C 907 22.12 6.49 -64.41
C GLY C 907 21.56 6.65 -65.81
N VAL C 908 20.71 7.63 -66.06
CA VAL C 908 20.11 7.84 -67.37
C VAL C 908 20.89 8.93 -68.10
N THR C 909 21.26 8.64 -69.35
CA THR C 909 22.01 9.59 -70.14
C THR C 909 21.28 10.92 -70.22
N GLN C 910 22.05 12.00 -70.29
CA GLN C 910 21.46 13.34 -70.29
C GLN C 910 20.69 13.63 -71.57
N ASN C 911 21.21 13.18 -72.72
CA ASN C 911 20.53 13.49 -73.98
C ASN C 911 19.09 13.00 -73.97
N VAL C 912 18.80 11.95 -73.22
CA VAL C 912 17.42 11.52 -73.03
C VAL C 912 16.57 12.65 -72.48
N LEU C 913 17.06 13.30 -71.43
CA LEU C 913 16.30 14.37 -70.80
C LEU C 913 15.98 15.46 -71.82
N TYR C 914 17.00 15.91 -72.54
CA TYR C 914 16.77 16.97 -73.52
C TYR C 914 15.79 16.50 -74.58
N GLU C 915 16.04 15.33 -75.17
CA GLU C 915 15.22 14.86 -76.27
C GLU C 915 13.77 14.65 -75.86
N ASN C 916 13.50 14.48 -74.57
CA ASN C 916 12.13 14.32 -74.11
C ASN C 916 11.68 15.47 -73.23
N GLN C 917 12.43 16.57 -73.21
CA GLN C 917 12.20 17.67 -72.27
C GLN C 917 10.73 18.07 -72.18
N LYS C 918 10.10 18.37 -73.31
CA LYS C 918 8.72 18.82 -73.28
C LYS C 918 7.82 17.77 -72.65
N LEU C 919 7.99 16.51 -73.06
CA LEU C 919 7.21 15.42 -72.50
C LEU C 919 7.40 15.34 -71.00
N ILE C 920 8.66 15.41 -70.57
CA ILE C 920 8.99 15.30 -69.17
C ILE C 920 8.31 16.42 -68.40
N ALA C 921 8.40 17.64 -68.93
CA ALA C 921 7.74 18.78 -68.30
C ALA C 921 6.24 18.55 -68.17
N ASN C 922 5.61 18.11 -69.25
CA ASN C 922 4.17 17.87 -69.22
C ASN C 922 3.82 16.86 -68.16
N GLN C 923 4.57 15.77 -68.12
CA GLN C 923 4.36 14.76 -67.08
C GLN C 923 4.48 15.37 -65.70
N PHE C 924 5.54 16.16 -65.49
CA PHE C 924 5.76 16.76 -64.18
C PHE C 924 4.56 17.61 -63.79
N ASN C 925 4.09 18.45 -64.73
CA ASN C 925 2.94 19.29 -64.45
C ASN C 925 1.73 18.45 -64.09
N SER C 926 1.47 17.43 -64.89
CA SER C 926 0.34 16.56 -64.64
C SER C 926 0.42 16.01 -63.23
N ALA C 927 1.60 15.50 -62.87
CA ALA C 927 1.79 14.91 -61.56
C ALA C 927 1.52 15.93 -60.46
N ILE C 928 2.05 17.14 -60.62
CA ILE C 928 1.81 18.16 -59.61
C ILE C 928 0.31 18.41 -59.47
N GLY C 929 -0.37 18.58 -60.60
CA GLY C 929 -1.81 18.74 -60.54
C GLY C 929 -2.48 17.60 -59.82
N LYS C 930 -2.03 16.38 -60.10
CA LYS C 930 -2.62 15.21 -59.47
C LYS C 930 -2.41 15.24 -57.97
N ILE C 931 -1.21 15.65 -57.54
CA ILE C 931 -0.93 15.81 -56.12
C ILE C 931 -1.90 16.82 -55.51
N GLN C 932 -2.09 17.94 -56.22
CA GLN C 932 -3.06 18.93 -55.76
C GLN C 932 -4.40 18.29 -55.52
N ASP C 933 -4.87 17.52 -56.49
CA ASP C 933 -6.19 16.94 -56.40
C ASP C 933 -6.24 15.93 -55.25
N SER C 934 -5.21 15.09 -55.14
CA SER C 934 -5.19 14.09 -54.09
C SER C 934 -5.29 14.74 -52.72
N LEU C 935 -4.57 15.84 -52.53
CA LEU C 935 -4.63 16.53 -51.24
C LEU C 935 -6.01 17.15 -51.03
N SER C 936 -6.57 17.78 -52.06
CA SER C 936 -7.84 18.47 -51.89
C SER C 936 -8.95 17.50 -51.56
N SER C 937 -8.97 16.35 -52.21
CA SER C 937 -10.06 15.39 -52.02
C SER C 937 -9.88 14.61 -50.74
N THR C 938 -8.79 13.87 -50.63
CA THR C 938 -8.56 12.97 -49.50
C THR C 938 -7.67 13.63 -48.47
N ALA C 939 -8.08 13.56 -47.20
CA ALA C 939 -7.32 14.10 -46.08
C ALA C 939 -6.72 13.01 -45.21
N SER C 940 -7.00 11.73 -45.49
CA SER C 940 -6.41 10.67 -44.70
C SER C 940 -4.89 10.66 -44.82
N ALA C 941 -4.36 11.21 -45.91
CA ALA C 941 -2.91 11.26 -46.08
C ALA C 941 -2.25 12.03 -44.94
N LEU C 942 -2.91 13.08 -44.47
CA LEU C 942 -2.40 13.90 -43.38
C LEU C 942 -2.54 13.25 -42.03
N GLY C 943 -3.01 12.00 -42.00
CA GLY C 943 -3.20 11.32 -40.73
C GLY C 943 -1.94 11.35 -39.88
N LYS C 944 -0.81 10.97 -40.48
CA LYS C 944 0.47 11.01 -39.78
C LYS C 944 0.53 12.29 -38.95
N LEU C 945 0.27 13.42 -39.60
CA LEU C 945 0.26 14.69 -38.89
C LEU C 945 -0.91 14.76 -37.93
N GLN C 946 -2.13 14.65 -38.45
CA GLN C 946 -3.31 14.78 -37.60
C GLN C 946 -3.22 13.83 -36.43
N ASP C 947 -2.93 12.56 -36.71
CA ASP C 947 -2.72 11.58 -35.65
C ASP C 947 -1.89 12.18 -34.53
N VAL C 948 -0.66 12.59 -34.86
CA VAL C 948 0.20 13.18 -33.86
C VAL C 948 -0.57 14.18 -33.03
N VAL C 949 -1.14 15.18 -33.70
CA VAL C 949 -1.83 16.26 -32.98
C VAL C 949 -2.85 15.67 -32.04
N ASN C 950 -3.70 14.77 -32.56
CA ASN C 950 -4.74 14.20 -31.73
C ASN C 950 -4.16 13.65 -30.44
N GLN C 951 -3.11 12.83 -30.57
CA GLN C 951 -2.51 12.24 -29.38
C GLN C 951 -2.23 13.31 -28.36
N ASN C 952 -1.52 14.36 -28.77
CA ASN C 952 -1.24 15.46 -27.88
C ASN C 952 -2.53 15.93 -27.21
N ALA C 953 -3.48 16.38 -28.02
CA ALA C 953 -4.74 16.83 -27.45
C ALA C 953 -5.29 15.75 -26.54
N GLN C 954 -5.33 14.51 -27.04
CA GLN C 954 -5.86 13.43 -26.23
C GLN C 954 -5.26 13.45 -24.84
N ALA C 955 -3.93 13.44 -24.77
CA ALA C 955 -3.28 13.39 -23.47
C ALA C 955 -3.79 14.51 -22.58
N LEU C 956 -3.76 15.75 -23.10
CA LEU C 956 -4.17 16.87 -22.27
C LEU C 956 -5.55 16.62 -21.70
N ASN C 957 -6.48 16.18 -22.56
CA ASN C 957 -7.81 15.90 -22.07
C ASN C 957 -7.74 14.92 -20.91
N THR C 958 -7.06 13.80 -21.11
CA THR C 958 -6.81 12.89 -20.01
C THR C 958 -6.27 13.66 -18.81
N LEU C 959 -5.16 14.37 -19.01
CA LEU C 959 -4.60 15.16 -17.92
C LEU C 959 -5.66 16.07 -17.34
N VAL C 960 -6.40 16.76 -18.21
CA VAL C 960 -7.45 17.64 -17.72
C VAL C 960 -8.51 16.84 -17.01
N LYS C 961 -8.93 15.72 -17.62
CA LYS C 961 -9.96 14.91 -16.99
C LYS C 961 -9.47 14.34 -15.67
N GLN C 962 -8.18 14.04 -15.59
CA GLN C 962 -7.63 13.61 -14.32
C GLN C 962 -7.87 14.65 -13.24
N LEU C 963 -7.95 15.93 -13.58
CA LEU C 963 -8.29 16.90 -12.55
C LEU C 963 -9.70 16.68 -12.07
N SER C 964 -10.56 16.26 -12.97
CA SER C 964 -11.93 15.97 -12.59
C SER C 964 -12.05 14.60 -11.95
N SER C 965 -10.92 13.90 -11.78
CA SER C 965 -10.93 12.60 -11.13
C SER C 965 -10.56 12.75 -9.67
N ASN C 966 -11.36 12.15 -8.80
CA ASN C 966 -11.18 12.34 -7.37
C ASN C 966 -9.94 11.66 -6.85
N PHE C 967 -9.48 10.60 -7.52
CA PHE C 967 -8.41 9.80 -6.99
C PHE C 967 -8.74 9.34 -5.58
N GLY C 968 -10.02 9.05 -5.34
CA GLY C 968 -10.47 8.64 -4.03
C GLY C 968 -10.91 9.76 -3.13
N ALA C 969 -10.59 11.00 -3.47
CA ALA C 969 -10.83 12.11 -2.56
C ALA C 969 -12.28 12.59 -2.65
N ILE C 970 -12.68 13.37 -1.65
CA ILE C 970 -14.07 13.82 -1.56
C ILE C 970 -14.49 14.54 -2.84
N SER C 971 -13.60 15.35 -3.40
CA SER C 971 -13.96 16.21 -4.52
C SER C 971 -12.82 16.23 -5.51
N SER C 972 -13.10 16.73 -6.71
CA SER C 972 -12.09 16.84 -7.75
C SER C 972 -11.53 18.25 -7.90
N VAL C 973 -11.91 19.20 -7.05
CA VAL C 973 -11.46 20.58 -7.14
C VAL C 973 -10.82 20.99 -5.82
N LEU C 974 -9.59 21.51 -5.90
CA LEU C 974 -8.92 21.99 -4.70
C LEU C 974 -9.72 23.09 -4.04
N ASN C 975 -10.11 24.10 -4.80
CA ASN C 975 -10.82 25.23 -4.22
C ASN C 975 -11.99 24.75 -3.38
N ASP C 976 -12.73 23.76 -3.87
CA ASP C 976 -13.79 23.16 -3.09
C ASP C 976 -13.27 22.71 -1.73
N ILE C 977 -12.20 21.92 -1.73
CA ILE C 977 -11.77 21.32 -0.47
C ILE C 977 -11.25 22.39 0.47
N LEU C 978 -10.38 23.27 -0.02
CA LEU C 978 -9.83 24.31 0.84
C LEU C 978 -10.92 25.18 1.43
N SER C 979 -11.86 25.65 0.60
CA SER C 979 -13.00 26.40 1.10
C SER C 979 -13.93 25.54 1.96
N ARG C 980 -13.81 24.21 1.90
CA ARG C 980 -14.66 23.32 2.68
C ARG C 980 -13.96 22.73 3.90
N LEU C 981 -12.80 22.12 3.71
CA LEU C 981 -12.11 21.40 4.76
C LEU C 981 -10.97 22.23 5.34
N ASP C 982 -10.74 22.08 6.64
CA ASP C 982 -9.64 22.76 7.30
C ASP C 982 -8.32 22.08 6.96
N PRO C 983 -7.19 22.76 7.14
CA PRO C 983 -5.90 22.19 6.72
C PRO C 983 -5.66 20.83 7.34
N PRO C 984 -5.83 20.68 8.67
CA PRO C 984 -5.56 19.37 9.27
C PRO C 984 -6.40 18.26 8.67
N GLU C 985 -7.66 18.54 8.34
CA GLU C 985 -8.51 17.55 7.68
C GLU C 985 -8.36 17.59 6.17
N ALA C 986 -8.24 18.79 5.61
CA ALA C 986 -8.16 18.95 4.17
C ALA C 986 -6.83 18.45 3.64
N GLU C 987 -5.78 18.50 4.46
CA GLU C 987 -4.50 17.98 4.00
C GLU C 987 -4.60 16.52 3.64
N VAL C 988 -5.29 15.71 4.45
CA VAL C 988 -5.31 14.29 4.16
C VAL C 988 -5.95 14.06 2.79
N GLN C 989 -7.14 14.62 2.59
CA GLN C 989 -7.80 14.61 1.28
C GLN C 989 -6.92 15.27 0.22
N ILE C 990 -6.34 16.41 0.57
CA ILE C 990 -5.35 17.03 -0.29
C ILE C 990 -4.19 16.08 -0.50
N ASP C 991 -3.80 15.33 0.57
CA ASP C 991 -2.62 14.47 0.42
C ASP C 991 -2.86 13.42 -0.67
N ARG C 992 -4.01 12.76 -0.64
CA ARG C 992 -4.36 11.83 -1.71
C ARG C 992 -4.44 12.54 -3.05
N LEU C 993 -5.05 13.74 -3.09
CA LEU C 993 -5.14 14.43 -4.37
C LEU C 993 -3.75 14.67 -4.93
N ILE C 994 -2.84 15.15 -4.10
CA ILE C 994 -1.49 15.40 -4.57
C ILE C 994 -0.87 14.10 -5.07
N THR C 995 -1.02 13.02 -4.32
CA THR C 995 -0.44 11.77 -4.79
C THR C 995 -0.98 11.42 -6.17
N GLY C 996 -2.31 11.44 -6.30
CA GLY C 996 -2.93 11.01 -7.53
C GLY C 996 -2.60 11.92 -8.70
N ARG C 997 -2.77 13.22 -8.52
CA ARG C 997 -2.54 14.14 -9.61
C ARG C 997 -1.07 14.18 -9.97
N LEU C 998 -0.20 14.06 -8.98
CA LEU C 998 1.23 13.99 -9.26
C LEU C 998 1.55 12.75 -10.07
N GLN C 999 0.96 11.60 -9.73
CA GLN C 999 1.21 10.40 -10.50
C GLN C 999 0.66 10.55 -11.91
N SER C 1000 -0.52 11.15 -12.05
CA SER C 1000 -1.06 11.40 -13.37
C SER C 1000 -0.16 12.32 -14.16
N LEU C 1001 0.36 13.35 -13.50
CA LEU C 1001 1.26 14.28 -14.15
C LEU C 1001 2.54 13.57 -14.58
N GLN C 1002 3.08 12.71 -13.71
CA GLN C 1002 4.27 11.97 -14.06
C GLN C 1002 4.01 11.07 -15.25
N THR C 1003 2.86 10.41 -15.26
CA THR C 1003 2.50 9.56 -16.39
C THR C 1003 2.42 10.37 -17.66
N TYR C 1004 1.74 11.51 -17.60
CA TYR C 1004 1.64 12.36 -18.77
C TYR C 1004 3.00 12.84 -19.22
N VAL C 1005 3.83 13.24 -18.28
CA VAL C 1005 5.15 13.75 -18.61
C VAL C 1005 6.00 12.66 -19.23
N THR C 1006 5.90 11.45 -18.70
CA THR C 1006 6.69 10.35 -19.22
C THR C 1006 6.25 10.00 -20.64
N GLN C 1007 4.94 9.90 -20.86
CA GLN C 1007 4.46 9.63 -22.20
C GLN C 1007 4.81 10.76 -23.14
N GLN C 1008 4.76 12.00 -22.66
CA GLN C 1008 5.17 13.12 -23.46
C GLN C 1008 6.63 13.01 -23.83
N LEU C 1009 7.45 12.56 -22.89
CA LEU C 1009 8.87 12.38 -23.18
C LEU C 1009 9.07 11.32 -24.24
N ILE C 1010 8.36 10.20 -24.11
CA ILE C 1010 8.52 9.13 -25.09
C ILE C 1010 8.09 9.63 -26.46
N ARG C 1011 6.95 10.30 -26.52
CA ARG C 1011 6.48 10.85 -27.77
C ARG C 1011 7.45 11.90 -28.27
N ALA C 1012 8.12 12.59 -27.38
CA ALA C 1012 9.13 13.56 -27.79
C ALA C 1012 10.31 12.86 -28.43
N ALA C 1013 10.71 11.73 -27.87
CA ALA C 1013 11.76 10.95 -28.49
C ALA C 1013 11.33 10.49 -29.88
N GLU C 1014 10.10 10.02 -29.99
CA GLU C 1014 9.58 9.60 -31.28
C GLU C 1014 9.59 10.75 -32.26
N ILE C 1015 9.11 11.90 -31.82
CA ILE C 1015 9.04 13.07 -32.67
C ILE C 1015 10.43 13.52 -33.06
N ARG C 1016 11.39 13.43 -32.16
CA ARG C 1016 12.75 13.84 -32.49
C ARG C 1016 13.35 12.92 -33.53
N ALA C 1017 13.11 11.61 -33.40
CA ALA C 1017 13.58 10.70 -34.43
C ALA C 1017 12.96 11.04 -35.76
N SER C 1018 11.66 11.32 -35.76
CA SER C 1018 11.01 11.72 -37.00
C SER C 1018 11.65 12.98 -37.54
N ALA C 1019 11.95 13.93 -36.68
CA ALA C 1019 12.50 15.19 -37.13
C ALA C 1019 13.87 14.99 -37.72
N ASN C 1020 14.67 14.13 -37.11
CA ASN C 1020 15.99 13.86 -37.65
C ASN C 1020 15.90 13.20 -39.00
N LEU C 1021 14.95 12.27 -39.17
CA LEU C 1021 14.74 11.71 -40.50
C LEU C 1021 14.36 12.79 -41.49
N ALA C 1022 13.50 13.72 -41.06
CA ALA C 1022 13.08 14.79 -41.95
C ALA C 1022 14.26 15.66 -42.33
N ALA C 1023 15.11 15.99 -41.37
CA ALA C 1023 16.29 16.78 -41.67
C ALA C 1023 17.20 16.04 -42.62
N THR C 1024 17.35 14.74 -42.42
CA THR C 1024 18.19 13.95 -43.30
C THR C 1024 17.65 13.99 -44.72
N LYS C 1025 16.33 13.86 -44.88
CA LYS C 1025 15.76 13.93 -46.22
C LYS C 1025 15.97 15.33 -46.80
N MET C 1026 15.79 16.36 -45.99
CA MET C 1026 15.99 17.72 -46.47
C MET C 1026 17.42 17.90 -46.97
N SER C 1027 18.39 17.36 -46.24
CA SER C 1027 19.78 17.51 -46.62
C SER C 1027 20.15 16.61 -47.79
N GLU C 1028 19.46 15.48 -47.92
CA GLU C 1028 19.79 14.44 -48.90
C GLU C 1028 18.76 14.37 -50.02
N CYS C 1029 17.47 14.40 -49.68
CA CYS C 1029 16.46 14.42 -50.72
C CYS C 1029 16.37 15.80 -51.36
N VAL C 1030 16.50 16.86 -50.56
CA VAL C 1030 16.22 18.20 -51.07
C VAL C 1030 17.49 18.88 -51.56
N LEU C 1031 18.48 19.01 -50.70
CA LEU C 1031 19.69 19.73 -51.11
C LEU C 1031 20.51 19.00 -52.16
N GLY C 1032 20.20 17.74 -52.45
CA GLY C 1032 20.92 16.98 -53.46
C GLY C 1032 20.11 15.77 -53.88
N GLN C 1033 20.70 14.97 -54.77
CA GLN C 1033 20.07 13.76 -55.27
C GLN C 1033 20.61 12.57 -54.50
N SER C 1034 19.72 11.81 -53.89
CA SER C 1034 20.11 10.70 -53.02
C SER C 1034 20.19 9.41 -53.82
N LYS C 1035 21.27 8.67 -53.64
CA LYS C 1035 21.40 7.35 -54.26
C LYS C 1035 20.77 6.26 -53.42
N ARG C 1036 20.32 6.58 -52.21
CA ARG C 1036 19.65 5.58 -51.39
C ARG C 1036 18.37 5.14 -52.07
N VAL C 1037 18.05 3.86 -51.92
CA VAL C 1037 16.87 3.28 -52.54
C VAL C 1037 15.68 3.47 -51.60
N ASP C 1038 14.60 4.02 -52.13
CA ASP C 1038 13.35 4.22 -51.40
C ASP C 1038 13.50 5.16 -50.22
N PHE C 1039 14.57 5.92 -50.15
CA PHE C 1039 14.72 6.91 -49.08
C PHE C 1039 13.99 8.21 -49.44
N CYS C 1040 14.02 8.59 -50.72
CA CYS C 1040 13.36 9.80 -51.21
C CYS C 1040 12.24 9.44 -52.17
N GLY C 1041 11.46 8.42 -51.81
CA GLY C 1041 10.32 8.00 -52.60
C GLY C 1041 10.65 6.85 -53.53
N LYS C 1042 9.62 6.06 -53.83
CA LYS C 1042 9.84 4.86 -54.62
C LYS C 1042 10.42 5.23 -55.98
N GLY C 1043 11.38 4.43 -56.43
CA GLY C 1043 12.03 4.64 -57.71
C GLY C 1043 13.38 5.29 -57.57
N TYR C 1044 14.02 5.47 -58.71
CA TYR C 1044 15.27 6.21 -58.77
C TYR C 1044 14.95 7.69 -58.61
N HIS C 1045 15.42 8.28 -57.53
CA HIS C 1045 14.99 9.62 -57.16
C HIS C 1045 15.62 10.67 -58.08
N LEU C 1046 14.80 11.61 -58.54
CA LEU C 1046 15.29 12.77 -59.27
C LEU C 1046 15.51 13.96 -58.35
N MET C 1047 14.45 14.40 -57.68
CA MET C 1047 14.56 15.58 -56.81
C MET C 1047 13.35 15.63 -55.90
N SER C 1048 13.24 16.74 -55.18
CA SER C 1048 12.19 16.84 -54.19
C SER C 1048 11.83 18.31 -54.00
N PHE C 1049 10.64 18.54 -53.43
CA PHE C 1049 10.21 19.89 -53.07
C PHE C 1049 9.52 19.85 -51.70
N PRO C 1050 9.99 20.64 -50.75
CA PRO C 1050 9.36 20.64 -49.43
C PRO C 1050 8.23 21.64 -49.34
N GLN C 1051 7.32 21.36 -48.42
CA GLN C 1051 6.19 22.25 -48.17
C GLN C 1051 5.83 22.19 -46.69
N SER C 1052 5.90 23.34 -46.04
CA SER C 1052 5.45 23.46 -44.65
C SER C 1052 3.99 23.09 -44.51
N ALA C 1053 3.69 22.37 -43.43
CA ALA C 1053 2.36 22.07 -42.94
C ALA C 1053 2.39 22.28 -41.43
N PRO C 1054 1.24 22.46 -40.80
CA PRO C 1054 1.25 22.66 -39.34
C PRO C 1054 2.08 21.59 -38.67
N HIS C 1055 3.15 21.98 -38.01
CA HIS C 1055 3.92 21.07 -37.17
C HIS C 1055 4.71 20.05 -37.99
N GLY C 1056 4.97 20.33 -39.26
CA GLY C 1056 5.66 19.30 -40.02
C GLY C 1056 5.87 19.68 -41.47
N VAL C 1057 6.39 18.72 -42.22
CA VAL C 1057 6.81 18.93 -43.59
C VAL C 1057 6.14 17.91 -44.50
N VAL C 1058 6.06 18.28 -45.78
CA VAL C 1058 5.61 17.40 -46.83
C VAL C 1058 6.65 17.42 -47.93
N PHE C 1059 7.26 16.27 -48.20
CA PHE C 1059 8.22 16.15 -49.29
C PHE C 1059 7.49 15.58 -50.50
N LEU C 1060 7.45 16.38 -51.57
CA LEU C 1060 7.00 15.93 -52.88
C LEU C 1060 8.20 15.33 -53.59
N HIS C 1061 8.15 14.03 -53.83
CA HIS C 1061 9.29 13.32 -54.38
C HIS C 1061 9.08 13.08 -55.87
N VAL C 1062 9.91 13.73 -56.68
CA VAL C 1062 9.94 13.50 -58.12
C VAL C 1062 10.91 12.36 -58.39
N THR C 1063 10.36 11.22 -58.80
CA THR C 1063 11.11 9.99 -59.01
C THR C 1063 10.85 9.45 -60.41
N TYR C 1064 11.87 8.82 -60.97
CA TYR C 1064 11.82 8.26 -62.31
C TYR C 1064 11.43 6.80 -62.18
N VAL C 1065 10.29 6.44 -62.76
CA VAL C 1065 9.82 5.05 -62.74
C VAL C 1065 9.80 4.55 -64.17
N PRO C 1066 10.60 3.55 -64.53
CA PRO C 1066 10.45 2.95 -65.85
C PRO C 1066 9.04 2.47 -66.07
N ALA C 1067 8.55 2.65 -67.30
CA ALA C 1067 7.14 2.51 -67.62
C ALA C 1067 6.87 1.31 -68.52
N GLN C 1068 7.56 1.21 -69.65
CA GLN C 1068 7.26 0.21 -70.67
C GLN C 1068 8.52 -0.60 -70.97
N GLU C 1069 8.38 -1.93 -70.95
CA GLU C 1069 9.49 -2.85 -71.00
C GLU C 1069 9.40 -3.74 -72.24
N LYS C 1070 10.58 -4.08 -72.78
CA LYS C 1070 10.68 -4.96 -73.94
C LYS C 1070 11.71 -6.05 -73.67
N ASN C 1071 11.39 -7.27 -74.11
CA ASN C 1071 12.32 -8.37 -74.04
C ASN C 1071 13.41 -8.23 -75.09
N PHE C 1072 14.59 -8.77 -74.78
CA PHE C 1072 15.69 -8.84 -75.73
C PHE C 1072 16.61 -9.98 -75.32
N THR C 1073 17.39 -10.43 -76.30
CA THR C 1073 18.43 -11.43 -76.06
C THR C 1073 19.69 -10.69 -75.66
N THR C 1074 20.30 -11.12 -74.55
CA THR C 1074 21.44 -10.45 -73.97
C THR C 1074 22.62 -11.41 -73.89
N ALA C 1075 23.83 -10.87 -74.13
CA ALA C 1075 25.05 -11.65 -74.06
C ALA C 1075 26.05 -10.92 -73.15
N PRO C 1076 26.66 -11.62 -72.19
CA PRO C 1076 27.57 -10.92 -71.27
C PRO C 1076 28.76 -10.27 -71.97
N ALA C 1077 29.23 -10.84 -73.07
CA ALA C 1077 30.32 -10.25 -73.82
C ALA C 1077 30.14 -10.61 -75.30
N ILE C 1078 31.10 -10.22 -76.12
CA ILE C 1078 31.06 -10.47 -77.56
C ILE C 1078 32.47 -10.70 -78.05
N CYS C 1079 32.59 -11.58 -79.05
CA CYS C 1079 33.86 -11.89 -79.68
C CYS C 1079 33.86 -11.34 -81.10
N HIS C 1080 34.89 -10.58 -81.44
CA HIS C 1080 35.06 -10.02 -82.77
C HIS C 1080 36.22 -10.68 -83.51
N ASP C 1081 37.38 -10.75 -82.88
CA ASP C 1081 38.56 -11.41 -83.44
C ASP C 1081 39.13 -12.39 -82.43
N GLY C 1082 38.27 -13.13 -81.75
CA GLY C 1082 38.67 -14.04 -80.70
C GLY C 1082 38.79 -13.40 -79.33
N LYS C 1083 38.63 -12.09 -79.23
CA LYS C 1083 38.76 -11.36 -77.98
C LYS C 1083 37.36 -11.00 -77.49
N ALA C 1084 37.08 -11.33 -76.23
CA ALA C 1084 35.78 -10.98 -75.66
C ALA C 1084 35.68 -9.48 -75.46
N HIS C 1085 34.46 -8.97 -75.62
CA HIS C 1085 34.19 -7.53 -75.51
C HIS C 1085 33.09 -7.34 -74.48
N PHE C 1086 33.29 -6.37 -73.58
CA PHE C 1086 32.33 -6.05 -72.55
C PHE C 1086 31.95 -4.58 -72.64
N PRO C 1087 30.73 -4.22 -72.26
CA PRO C 1087 30.30 -2.83 -72.43
C PRO C 1087 30.96 -1.92 -71.41
N ARG C 1088 31.55 -0.83 -71.89
CA ARG C 1088 32.07 0.16 -70.96
C ARG C 1088 30.99 0.61 -69.99
N GLU C 1089 29.84 1.02 -70.53
CA GLU C 1089 28.72 1.47 -69.71
C GLU C 1089 27.44 1.16 -70.48
N GLY C 1090 26.82 0.04 -70.15
CA GLY C 1090 25.59 -0.36 -70.80
C GLY C 1090 25.44 -1.86 -70.78
N VAL C 1091 24.59 -2.36 -71.67
CA VAL C 1091 24.30 -3.78 -71.78
C VAL C 1091 24.05 -4.11 -73.24
N PHE C 1092 24.52 -5.28 -73.67
CA PHE C 1092 24.26 -5.77 -75.01
C PHE C 1092 22.87 -6.40 -75.06
N VAL C 1093 22.09 -6.04 -76.07
CA VAL C 1093 20.77 -6.60 -76.31
C VAL C 1093 20.66 -6.94 -77.78
N SER C 1094 19.67 -7.75 -78.11
CA SER C 1094 19.41 -8.11 -79.49
C SER C 1094 17.93 -8.08 -79.77
N ASN C 1095 17.54 -7.36 -80.81
CA ASN C 1095 16.16 -7.33 -81.26
C ASN C 1095 15.79 -8.55 -82.10
N GLY C 1096 16.63 -9.59 -82.08
CA GLY C 1096 16.34 -10.81 -82.79
C GLY C 1096 17.43 -11.20 -83.77
N THR C 1097 18.01 -10.22 -84.46
CA THR C 1097 19.02 -10.50 -85.48
C THR C 1097 20.27 -9.66 -85.27
N HIS C 1098 20.10 -8.45 -84.73
CA HIS C 1098 21.20 -7.52 -84.55
C HIS C 1098 21.48 -7.31 -83.07
N TRP C 1099 22.73 -6.93 -82.78
CA TRP C 1099 23.18 -6.68 -81.41
C TRP C 1099 23.46 -5.19 -81.25
N PHE C 1100 22.87 -4.59 -80.23
CA PHE C 1100 23.10 -3.20 -79.89
C PHE C 1100 23.61 -3.12 -78.45
N VAL C 1101 24.25 -2.01 -78.13
CA VAL C 1101 24.71 -1.73 -76.78
C VAL C 1101 23.91 -0.54 -76.30
N THR C 1102 23.05 -0.77 -75.30
CA THR C 1102 22.10 0.22 -74.82
C THR C 1102 22.21 0.37 -73.31
N GLN C 1103 21.93 1.57 -72.83
CA GLN C 1103 21.99 1.83 -71.41
C GLN C 1103 20.96 0.98 -70.67
N ARG C 1104 21.21 0.75 -69.39
CA ARG C 1104 20.52 -0.30 -68.65
C ARG C 1104 19.08 0.09 -68.27
N ASN C 1105 18.83 1.34 -67.91
CA ASN C 1105 17.50 1.73 -67.44
C ASN C 1105 16.65 2.45 -68.49
N PHE C 1106 17.09 2.48 -69.75
CA PHE C 1106 16.27 3.03 -70.82
C PHE C 1106 16.74 2.46 -72.15
N TYR C 1107 15.82 1.91 -72.92
CA TYR C 1107 16.20 1.28 -74.17
C TYR C 1107 16.67 2.35 -75.14
N GLU C 1108 17.97 2.36 -75.43
CA GLU C 1108 18.53 3.22 -76.47
C GLU C 1108 19.66 2.45 -77.16
N PRO C 1109 19.31 1.60 -78.13
CA PRO C 1109 20.35 0.79 -78.78
C PRO C 1109 21.34 1.63 -79.53
N GLN C 1110 22.57 1.13 -79.64
CA GLN C 1110 23.61 1.79 -80.39
C GLN C 1110 24.53 0.75 -81.00
N ILE C 1111 25.04 1.06 -82.20
CA ILE C 1111 25.96 0.14 -82.87
C ILE C 1111 27.18 -0.08 -81.99
N ILE C 1112 27.57 -1.33 -81.85
CA ILE C 1112 28.71 -1.68 -81.01
C ILE C 1112 29.99 -1.31 -81.75
N THR C 1113 30.70 -0.32 -81.23
CA THR C 1113 31.97 0.09 -81.78
C THR C 1113 33.06 -0.18 -80.76
N THR C 1114 34.31 0.02 -81.19
CA THR C 1114 35.42 -0.10 -80.26
C THR C 1114 35.27 0.86 -79.09
N ASP C 1115 34.53 1.95 -79.28
CA ASP C 1115 34.37 2.92 -78.21
C ASP C 1115 33.38 2.43 -77.15
N ASN C 1116 32.28 1.82 -77.58
CA ASN C 1116 31.27 1.39 -76.61
C ASN C 1116 31.80 0.28 -75.72
N THR C 1117 32.74 -0.51 -76.21
CA THR C 1117 33.12 -1.75 -75.56
C THR C 1117 34.63 -1.76 -75.31
N PHE C 1118 35.04 -2.55 -74.31
CA PHE C 1118 36.43 -2.77 -73.98
C PHE C 1118 36.73 -4.26 -73.98
N VAL C 1119 37.93 -4.61 -74.40
CA VAL C 1119 38.32 -6.01 -74.53
C VAL C 1119 38.97 -6.47 -73.24
N SER C 1120 38.87 -7.78 -72.98
CA SER C 1120 39.57 -8.38 -71.85
C SER C 1120 39.77 -9.86 -72.16
N GLY C 1121 41.00 -10.24 -72.49
CA GLY C 1121 41.32 -11.62 -72.75
C GLY C 1121 40.69 -12.15 -74.03
N ASN C 1122 40.78 -13.47 -74.16
CA ASN C 1122 40.19 -14.17 -75.29
C ASN C 1122 38.73 -14.47 -74.99
N CYS C 1123 38.14 -15.40 -75.74
CA CYS C 1123 36.74 -15.74 -75.59
C CYS C 1123 36.52 -17.17 -75.11
N ASP C 1124 37.50 -17.77 -74.43
CA ASP C 1124 37.40 -19.15 -73.97
C ASP C 1124 37.07 -19.25 -72.48
N VAL C 1125 36.70 -18.15 -71.85
CA VAL C 1125 36.43 -18.10 -70.41
C VAL C 1125 34.99 -17.71 -70.13
N VAL C 1126 34.46 -16.75 -70.88
CA VAL C 1126 33.13 -16.22 -70.62
C VAL C 1126 32.08 -17.30 -70.87
N ILE C 1127 30.98 -17.23 -70.14
CA ILE C 1127 29.85 -18.16 -70.26
C ILE C 1127 28.70 -17.40 -70.89
N GLY C 1128 28.20 -17.90 -72.02
CA GLY C 1128 27.13 -17.25 -72.74
C GLY C 1128 27.56 -16.20 -73.72
N ILE C 1129 28.87 -16.06 -73.96
CA ILE C 1129 29.35 -15.09 -74.93
C ILE C 1129 28.80 -15.44 -76.31
N VAL C 1130 28.70 -14.43 -77.17
CA VAL C 1130 28.15 -14.61 -78.51
C VAL C 1130 29.09 -13.97 -79.52
N ASN C 1131 29.02 -14.47 -80.76
CA ASN C 1131 29.78 -13.92 -81.86
C ASN C 1131 29.05 -12.73 -82.46
N ASN C 1132 29.81 -11.68 -82.79
CA ASN C 1132 29.24 -10.50 -83.43
C ASN C 1132 30.36 -9.58 -83.87
N THR C 1133 30.07 -8.81 -84.90
CA THR C 1133 31.01 -7.82 -85.41
C THR C 1133 30.99 -6.58 -84.52
N VAL C 1134 32.17 -6.08 -84.18
CA VAL C 1134 32.32 -4.86 -83.39
C VAL C 1134 32.90 -3.79 -84.31
N TYR C 1135 32.15 -2.71 -84.50
CA TYR C 1135 32.53 -1.70 -85.47
C TYR C 1135 33.80 -0.97 -85.03
N ASP C 1136 34.55 -0.49 -86.02
CA ASP C 1136 35.76 0.30 -85.79
C ASP C 1136 35.66 1.58 -86.62
N PRO C 1137 35.45 2.74 -85.99
CA PRO C 1137 35.34 3.98 -86.78
C PRO C 1137 36.58 4.27 -87.61
N LEU C 1138 37.76 3.85 -87.14
CA LEU C 1138 39.00 4.25 -87.82
C LEU C 1138 39.16 3.56 -89.17
N GLN C 1139 38.59 2.37 -89.35
CA GLN C 1139 38.80 1.64 -90.59
C GLN C 1139 38.26 2.38 -91.80
N PRO C 1140 37.00 2.82 -91.83
CA PRO C 1140 36.53 3.57 -92.99
C PRO C 1140 37.32 4.85 -93.21
N GLU C 1141 37.74 5.51 -92.13
CA GLU C 1141 38.50 6.74 -92.28
C GLU C 1141 39.83 6.49 -92.96
N LEU C 1142 40.52 5.41 -92.56
CA LEU C 1142 41.78 5.06 -93.23
C LEU C 1142 41.55 4.59 -94.66
N ASP C 1143 40.40 3.97 -94.92
CA ASP C 1143 40.10 3.53 -96.27
C ASP C 1143 40.06 4.73 -97.23
N SER C 1144 39.43 5.81 -96.81
CA SER C 1144 39.37 7.02 -97.63
C SER C 1144 40.48 7.98 -97.22
N VAL D 2 -65.98 -54.69 33.12
CA VAL D 2 -65.82 -55.76 32.16
C VAL D 2 -66.11 -57.09 32.83
N GLN D 3 -66.23 -58.15 32.01
CA GLN D 3 -66.58 -59.47 32.52
C GLN D 3 -65.68 -60.52 31.89
N LEU D 4 -65.38 -61.56 32.66
CA LEU D 4 -64.63 -62.72 32.19
C LEU D 4 -65.41 -63.98 32.55
N VAL D 5 -65.51 -64.91 31.61
CA VAL D 5 -66.27 -66.14 31.78
C VAL D 5 -65.37 -67.32 31.48
N GLU D 6 -65.35 -68.30 32.38
CA GLU D 6 -64.53 -69.49 32.22
C GLU D 6 -65.32 -70.59 31.53
N SER D 7 -64.61 -71.49 30.85
CA SER D 7 -65.24 -72.60 30.15
C SER D 7 -64.26 -73.76 30.09
N GLY D 8 -64.79 -74.98 30.21
CA GLY D 8 -63.98 -76.16 30.11
C GLY D 8 -64.57 -77.32 30.89
N PRO D 9 -64.09 -78.54 30.64
CA PRO D 9 -64.59 -79.69 31.41
C PRO D 9 -64.32 -79.50 32.90
N GLY D 10 -65.29 -79.92 33.71
CA GLY D 10 -65.17 -79.86 35.15
C GLY D 10 -64.47 -81.04 35.77
N LEU D 11 -64.12 -82.06 34.99
CA LEU D 11 -63.42 -83.23 35.48
C LEU D 11 -62.22 -83.51 34.60
N VAL D 12 -61.09 -83.80 35.23
CA VAL D 12 -59.86 -84.19 34.54
C VAL D 12 -59.27 -85.39 35.26
N LYS D 13 -59.00 -86.45 34.51
CA LYS D 13 -58.40 -87.63 35.11
C LYS D 13 -56.93 -87.34 35.43
N PRO D 14 -56.37 -88.02 36.44
CA PRO D 14 -54.97 -87.76 36.81
C PRO D 14 -54.03 -88.06 35.66
N SER D 15 -52.91 -87.34 35.64
CA SER D 15 -51.86 -87.52 34.63
C SER D 15 -52.37 -87.20 33.23
N GLU D 16 -53.31 -86.28 33.12
CA GLU D 16 -53.84 -85.83 31.84
C GLU D 16 -53.86 -84.31 31.82
N THR D 17 -53.97 -83.75 30.61
CA THR D 17 -53.95 -82.30 30.45
C THR D 17 -55.30 -81.70 30.82
N LEU D 18 -55.25 -80.62 31.59
CA LEU D 18 -56.44 -79.86 31.96
C LEU D 18 -56.50 -78.60 31.10
N SER D 19 -57.56 -78.48 30.31
CA SER D 19 -57.72 -77.37 29.39
C SER D 19 -58.84 -76.46 29.86
N LEU D 20 -58.60 -75.15 29.81
CA LEU D 20 -59.61 -74.16 30.15
C LEU D 20 -59.50 -72.99 29.19
N THR D 21 -60.63 -72.33 28.93
CA THR D 21 -60.67 -71.18 28.04
C THR D 21 -61.47 -70.08 28.71
N CYS D 22 -60.89 -68.88 28.79
CA CYS D 22 -61.55 -67.71 29.33
C CYS D 22 -61.94 -66.77 28.19
N THR D 23 -63.20 -66.40 28.15
CA THR D 23 -63.74 -65.47 27.16
C THR D 23 -64.15 -64.21 27.88
N VAL D 24 -63.63 -63.09 27.43
CA VAL D 24 -63.97 -61.79 28.00
C VAL D 24 -64.97 -61.10 27.08
N SER D 25 -65.87 -60.34 27.67
CA SER D 25 -66.60 -59.35 26.90
C SER D 25 -66.94 -58.16 27.81
N GLY D 26 -65.97 -57.25 27.91
CA GLY D 26 -66.25 -55.87 28.28
C GLY D 26 -65.30 -54.93 27.58
N GLY D 27 -64.43 -55.49 26.74
CA GLY D 27 -63.31 -54.76 26.19
C GLY D 27 -62.62 -55.49 25.06
N SER D 28 -61.29 -55.44 25.05
CA SER D 28 -60.49 -56.03 23.99
C SER D 28 -59.25 -56.66 24.62
N ILE D 29 -58.88 -57.85 24.13
CA ILE D 29 -57.65 -58.49 24.61
C ILE D 29 -56.44 -57.97 23.84
N SER D 30 -56.65 -57.46 22.63
CA SER D 30 -55.57 -56.89 21.83
C SER D 30 -55.07 -55.55 22.35
N SER D 31 -55.61 -55.05 23.46
CA SER D 31 -55.15 -53.78 24.00
C SER D 31 -53.73 -53.93 24.55
N SER D 32 -52.91 -52.91 24.29
CA SER D 32 -51.52 -52.90 24.77
C SER D 32 -51.40 -52.17 26.10
N SER D 33 -52.26 -52.51 27.04
CA SER D 33 -52.21 -51.92 28.38
C SER D 33 -52.50 -52.95 29.47
N HIS D 34 -52.81 -54.19 29.08
CA HIS D 34 -53.32 -55.16 30.04
C HIS D 34 -52.82 -56.55 29.72
N TYR D 35 -52.59 -57.32 30.78
CA TYR D 35 -52.33 -58.75 30.71
C TYR D 35 -53.59 -59.53 31.08
N TRP D 36 -53.59 -60.82 30.75
CA TRP D 36 -54.70 -61.71 31.06
C TRP D 36 -54.14 -62.94 31.74
N GLY D 37 -54.52 -63.17 33.00
CA GLY D 37 -53.89 -64.18 33.82
C GLY D 37 -54.90 -65.19 34.34
N TRP D 38 -54.36 -66.25 34.92
CA TRP D 38 -55.14 -67.30 35.57
C TRP D 38 -54.69 -67.45 37.01
N ILE D 39 -55.64 -67.53 37.93
CA ILE D 39 -55.34 -67.68 39.36
C ILE D 39 -56.22 -68.79 39.90
N ARG D 40 -55.60 -69.78 40.54
CA ARG D 40 -56.33 -70.92 41.07
C ARG D 40 -56.21 -70.95 42.58
N GLN D 41 -57.22 -71.54 43.21
CA GLN D 41 -57.15 -71.79 44.64
C GLN D 41 -57.86 -73.12 44.96
N PRO D 42 -57.19 -74.03 45.67
CA PRO D 42 -57.87 -75.25 46.11
C PRO D 42 -58.97 -74.91 47.09
N PRO D 43 -59.95 -75.81 47.29
CA PRO D 43 -61.01 -75.53 48.26
C PRO D 43 -60.43 -75.31 49.65
N GLY D 44 -60.81 -74.19 50.27
CA GLY D 44 -60.34 -73.89 51.61
C GLY D 44 -58.88 -73.52 51.70
N LYS D 45 -58.28 -73.07 50.61
CA LYS D 45 -56.87 -72.70 50.58
C LYS D 45 -56.73 -71.30 49.98
N GLY D 46 -55.48 -70.85 49.84
CA GLY D 46 -55.19 -69.51 49.37
C GLY D 46 -55.09 -69.44 47.86
N LEU D 47 -54.86 -68.23 47.36
CA LEU D 47 -54.75 -67.97 45.94
C LEU D 47 -53.36 -68.34 45.43
N GLU D 48 -53.31 -68.80 44.19
CA GLU D 48 -52.05 -69.15 43.53
C GLU D 48 -52.11 -68.68 42.09
N TRP D 49 -51.32 -67.68 41.75
CA TRP D 49 -51.24 -67.22 40.37
C TRP D 49 -50.56 -68.28 39.52
N ILE D 50 -51.17 -68.62 38.39
CA ILE D 50 -50.66 -69.66 37.52
C ILE D 50 -49.77 -69.03 36.46
N GLY D 51 -50.36 -68.15 35.65
CA GLY D 51 -49.64 -67.51 34.57
C GLY D 51 -50.42 -66.38 33.94
N SER D 52 -49.69 -65.42 33.38
CA SER D 52 -50.26 -64.27 32.70
C SER D 52 -49.74 -64.21 31.27
N ILE D 53 -50.62 -63.92 30.33
CA ILE D 53 -50.29 -63.85 28.91
C ILE D 53 -50.56 -62.44 28.41
N TYR D 54 -49.69 -62.00 27.50
CA TYR D 54 -49.84 -60.76 26.76
C TYR D 54 -50.43 -61.06 25.39
N TYR D 55 -50.87 -60.00 24.71
CA TYR D 55 -51.61 -60.20 23.47
C TYR D 55 -50.74 -60.74 22.35
N SER D 56 -49.45 -60.38 22.28
CA SER D 56 -48.67 -60.74 21.11
C SER D 56 -48.53 -62.25 20.96
N GLU D 57 -47.66 -62.88 21.75
CA GLU D 57 -47.76 -64.32 21.97
C GLU D 57 -47.31 -64.73 23.36
N SER D 58 -46.34 -63.99 23.91
CA SER D 58 -45.55 -64.49 25.03
C SER D 58 -46.32 -64.39 26.34
N ALA D 59 -45.78 -65.07 27.36
CA ALA D 59 -46.42 -65.14 28.67
C ALA D 59 -45.38 -65.52 29.71
N TYR D 60 -45.75 -65.35 30.98
CA TYR D 60 -44.90 -65.77 32.10
C TYR D 60 -45.75 -66.48 33.15
N TYR D 61 -45.20 -67.54 33.72
CA TYR D 61 -45.94 -68.48 34.56
C TYR D 61 -45.27 -68.61 35.93
N ASN D 62 -45.79 -69.57 36.73
CA ASN D 62 -45.27 -69.80 38.08
C ASN D 62 -43.94 -70.55 38.02
N PRO D 63 -43.02 -70.32 38.97
CA PRO D 63 -41.74 -71.04 38.94
C PRO D 63 -41.81 -72.47 39.44
N SER D 64 -43.02 -73.01 39.59
CA SER D 64 -43.20 -74.38 40.05
C SER D 64 -44.05 -75.17 39.06
N LEU D 65 -45.02 -74.51 38.44
CA LEU D 65 -45.90 -75.16 37.46
C LEU D 65 -45.48 -74.89 36.02
N LYS D 66 -44.31 -74.30 35.80
CA LYS D 66 -43.94 -73.89 34.44
C LYS D 66 -43.66 -75.09 33.55
N SER D 67 -43.16 -76.19 34.10
CA SER D 67 -42.83 -77.35 33.29
C SER D 67 -44.09 -77.92 32.64
N ARG D 68 -45.17 -78.04 33.40
CA ARG D 68 -46.40 -78.68 32.94
C ARG D 68 -47.52 -77.68 32.67
N VAL D 69 -47.19 -76.47 32.22
CA VAL D 69 -48.19 -75.44 31.96
C VAL D 69 -47.85 -74.71 30.67
N THR D 70 -48.89 -74.32 29.94
CA THR D 70 -48.76 -73.48 28.76
C THR D 70 -50.00 -72.61 28.64
N MET D 71 -49.84 -71.45 28.01
CA MET D 71 -50.96 -70.54 27.79
C MET D 71 -51.00 -70.13 26.33
N SER D 72 -52.22 -69.88 25.83
CA SER D 72 -52.43 -69.50 24.45
C SER D 72 -53.43 -68.36 24.42
N ILE D 73 -53.45 -67.63 23.31
CA ILE D 73 -54.37 -66.50 23.17
C ILE D 73 -54.99 -66.54 21.78
N ASP D 74 -56.14 -65.89 21.65
CA ASP D 74 -56.86 -65.81 20.38
C ASP D 74 -57.58 -64.47 20.37
N THR D 75 -56.97 -63.49 19.70
CA THR D 75 -57.58 -62.16 19.62
C THR D 75 -58.87 -62.20 18.79
N SER D 76 -58.88 -63.02 17.74
CA SER D 76 -60.05 -63.09 16.87
C SER D 76 -61.29 -63.46 17.67
N LYS D 77 -61.20 -64.53 18.46
CA LYS D 77 -62.30 -64.92 19.33
C LYS D 77 -62.28 -64.17 20.65
N ASN D 78 -61.28 -63.32 20.88
CA ASN D 78 -61.22 -62.50 22.08
C ASN D 78 -61.24 -63.36 23.34
N GLN D 79 -60.31 -64.31 23.41
CA GLN D 79 -60.29 -65.23 24.53
C GLN D 79 -58.92 -65.85 24.66
N PHE D 80 -58.57 -66.24 25.88
CA PHE D 80 -57.26 -66.82 26.16
C PHE D 80 -57.43 -68.11 26.95
N SER D 81 -56.58 -69.09 26.64
CA SER D 81 -56.74 -70.43 27.15
C SER D 81 -55.50 -70.86 27.92
N LEU D 82 -55.70 -71.92 28.71
CA LEU D 82 -54.72 -72.45 29.64
C LEU D 82 -54.69 -73.97 29.51
N LYS D 83 -53.49 -74.54 29.52
CA LYS D 83 -53.27 -75.97 29.49
C LYS D 83 -52.34 -76.34 30.63
N LEU D 84 -52.74 -77.33 31.43
CA LEU D 84 -51.97 -77.80 32.58
C LEU D 84 -51.75 -79.29 32.40
N ASN D 85 -50.55 -79.65 31.93
CA ASN D 85 -50.24 -81.03 31.61
C ASN D 85 -50.00 -81.84 32.88
N SER D 86 -50.19 -83.16 32.77
CA SER D 86 -49.93 -84.09 33.85
C SER D 86 -50.57 -83.61 35.16
N VAL D 87 -51.88 -83.48 35.12
CA VAL D 87 -52.61 -82.97 36.29
C VAL D 87 -52.64 -84.05 37.36
N THR D 88 -52.19 -83.69 38.56
CA THR D 88 -52.24 -84.55 39.73
C THR D 88 -53.51 -84.23 40.53
N ALA D 89 -53.66 -84.90 41.67
CA ALA D 89 -54.80 -84.65 42.54
C ALA D 89 -54.71 -83.34 43.31
N ALA D 90 -53.56 -82.67 43.28
CA ALA D 90 -53.36 -81.40 43.97
C ALA D 90 -53.88 -80.21 43.18
N ASP D 91 -54.34 -80.43 41.94
CA ASP D 91 -54.89 -79.38 41.09
C ASP D 91 -56.39 -79.21 41.26
N THR D 92 -57.00 -79.95 42.18
CA THR D 92 -58.43 -79.84 42.45
C THR D 92 -58.70 -78.46 43.04
N ALA D 93 -59.24 -77.55 42.24
CA ALA D 93 -59.29 -76.16 42.66
C ALA D 93 -60.28 -75.38 41.81
N VAL D 94 -60.56 -74.15 42.24
CA VAL D 94 -61.34 -73.19 41.46
C VAL D 94 -60.35 -72.28 40.72
N TYR D 95 -60.54 -72.18 39.41
CA TYR D 95 -59.69 -71.39 38.53
C TYR D 95 -60.47 -70.16 38.07
N TYR D 96 -59.95 -68.97 38.36
CA TYR D 96 -60.45 -67.72 37.83
C TYR D 96 -59.49 -67.22 36.76
N CYS D 97 -60.04 -66.44 35.83
CA CYS D 97 -59.25 -65.70 34.84
C CYS D 97 -59.48 -64.22 35.07
N ALA D 98 -58.40 -63.48 35.23
CA ALA D 98 -58.45 -62.08 35.68
C ALA D 98 -57.69 -61.18 34.70
N ARG D 99 -57.94 -59.89 34.87
CA ARG D 99 -57.37 -58.83 34.06
C ARG D 99 -56.29 -58.11 34.85
N VAL D 100 -55.09 -58.03 34.29
CA VAL D 100 -53.90 -57.58 35.00
C VAL D 100 -53.43 -56.25 34.41
N THR D 101 -52.98 -55.36 35.29
CA THR D 101 -52.45 -54.06 34.88
C THR D 101 -51.09 -53.91 35.56
N GLU D 102 -50.03 -53.80 34.75
CA GLU D 102 -48.66 -53.72 35.24
C GLU D 102 -48.04 -52.41 34.75
N PRO D 103 -48.29 -51.29 35.42
CA PRO D 103 -47.81 -50.01 34.85
C PRO D 103 -46.34 -49.68 35.08
N ARG D 104 -45.78 -49.85 36.29
CA ARG D 104 -44.43 -49.33 36.50
C ARG D 104 -43.32 -50.38 36.51
N TRP D 105 -43.15 -51.09 37.64
CA TRP D 105 -42.34 -52.31 37.65
C TRP D 105 -43.03 -53.39 38.48
N THR D 106 -43.26 -53.05 39.75
CA THR D 106 -43.81 -53.97 40.76
C THR D 106 -45.31 -53.82 40.95
N SER D 107 -45.93 -52.86 40.28
CA SER D 107 -47.37 -52.66 40.37
C SER D 107 -48.03 -53.67 39.45
N CYS D 108 -48.64 -54.71 40.04
CA CYS D 108 -49.23 -55.79 39.27
C CYS D 108 -50.47 -56.25 40.04
N TYR D 109 -51.62 -55.69 39.68
CA TYR D 109 -52.87 -55.96 40.35
C TYR D 109 -53.89 -56.50 39.36
N PHE D 110 -54.79 -57.35 39.87
CA PHE D 110 -55.83 -57.98 39.06
C PHE D 110 -57.07 -57.10 39.16
N ASP D 111 -57.30 -56.29 38.12
CA ASP D 111 -58.34 -55.27 38.18
C ASP D 111 -59.72 -55.88 38.37
N TYR D 112 -60.18 -56.66 37.39
CA TYR D 112 -61.49 -57.31 37.45
C TYR D 112 -61.31 -58.81 37.31
N TRP D 113 -61.85 -59.56 38.26
CA TRP D 113 -61.78 -61.01 38.24
C TRP D 113 -62.99 -61.61 37.55
N GLY D 114 -62.84 -62.86 37.12
CA GLY D 114 -63.94 -63.66 36.68
C GLY D 114 -64.48 -64.52 37.82
N GLN D 115 -65.69 -65.05 37.60
CA GLN D 115 -66.31 -65.85 38.66
C GLN D 115 -65.55 -67.15 38.91
N GLY D 116 -64.98 -67.73 37.85
CA GLY D 116 -64.17 -68.92 38.04
C GLY D 116 -64.98 -70.19 37.94
N THR D 117 -64.29 -71.27 37.57
CA THR D 117 -64.90 -72.58 37.46
C THR D 117 -64.13 -73.58 38.31
N LEU D 118 -64.85 -74.52 38.90
CA LEU D 118 -64.25 -75.51 39.80
C LEU D 118 -63.93 -76.75 38.99
N VAL D 119 -62.64 -77.07 38.90
CA VAL D 119 -62.18 -78.30 38.27
C VAL D 119 -61.68 -79.23 39.36
N THR D 120 -62.34 -80.38 39.50
CA THR D 120 -61.94 -81.41 40.44
C THR D 120 -61.32 -82.57 39.67
N VAL D 121 -60.07 -82.88 39.98
CA VAL D 121 -59.33 -83.92 39.30
C VAL D 121 -59.38 -85.17 40.17
N SER D 122 -60.04 -86.20 39.66
CA SER D 122 -60.15 -87.47 40.37
C SER D 122 -60.40 -88.57 39.35
N SER D 123 -60.17 -89.81 39.77
CA SER D 123 -60.37 -90.96 38.88
C SER D 123 -61.65 -91.69 39.25
N GLU E 1 -35.27 -66.02 49.04
CA GLU E 1 -36.59 -65.80 48.37
C GLU E 1 -37.43 -64.79 49.13
N ILE E 2 -38.17 -63.96 48.40
CA ILE E 2 -39.08 -63.00 49.02
C ILE E 2 -40.33 -63.74 49.47
N VAL E 3 -40.41 -64.04 50.76
CA VAL E 3 -41.55 -64.78 51.30
C VAL E 3 -42.54 -63.78 51.89
N MET E 4 -43.82 -64.06 51.68
CA MET E 4 -44.90 -63.20 52.16
C MET E 4 -45.45 -63.78 53.45
N THR E 5 -45.62 -62.94 54.47
CA THR E 5 -46.24 -63.38 55.72
C THR E 5 -47.32 -62.38 56.13
N GLN E 6 -48.58 -62.82 56.12
CA GLN E 6 -49.68 -62.02 56.63
C GLN E 6 -49.94 -62.34 58.09
N SER E 7 -50.59 -61.41 58.78
CA SER E 7 -50.91 -61.55 60.18
C SER E 7 -52.14 -60.71 60.50
N PRO E 8 -53.04 -61.20 61.35
CA PRO E 8 -53.08 -62.54 61.91
C PRO E 8 -53.84 -63.52 61.02
N ALA E 9 -53.77 -64.81 61.31
CA ALA E 9 -54.53 -65.79 60.53
C ALA E 9 -56.03 -65.53 60.65
N THR E 10 -56.51 -65.26 61.86
CA THR E 10 -57.90 -64.94 62.11
C THR E 10 -57.97 -63.66 62.93
N LEU E 11 -58.93 -62.79 62.58
CA LEU E 11 -59.11 -61.51 63.26
C LEU E 11 -60.54 -61.43 63.75
N SER E 12 -60.72 -61.21 65.04
CA SER E 12 -62.04 -61.20 65.68
C SER E 12 -62.35 -59.77 66.10
N LEU E 13 -63.24 -59.12 65.35
CA LEU E 13 -63.70 -57.78 65.67
C LEU E 13 -65.17 -57.66 65.29
N SER E 14 -65.84 -56.70 65.90
CA SER E 14 -67.26 -56.47 65.69
C SER E 14 -67.48 -55.22 64.87
N PRO E 15 -68.64 -55.09 64.22
CA PRO E 15 -68.90 -53.88 63.42
C PRO E 15 -68.80 -52.62 64.26
N GLY E 16 -68.23 -51.58 63.67
CA GLY E 16 -68.01 -50.31 64.34
C GLY E 16 -66.57 -50.08 64.76
N GLU E 17 -65.79 -51.14 64.91
CA GLU E 17 -64.38 -51.03 65.26
C GLU E 17 -63.55 -50.86 63.99
N ARG E 18 -62.23 -50.83 64.15
CA ARG E 18 -61.31 -50.71 63.03
C ARG E 18 -60.34 -51.88 63.04
N ALA E 19 -60.09 -52.46 61.88
CA ALA E 19 -59.24 -53.63 61.76
C ALA E 19 -57.91 -53.25 61.11
N THR E 20 -56.85 -53.95 61.53
CA THR E 20 -55.48 -53.68 61.08
C THR E 20 -54.83 -55.01 60.68
N LEU E 21 -54.75 -55.28 59.39
CA LEU E 21 -54.10 -56.48 58.88
C LEU E 21 -52.67 -56.15 58.46
N SER E 22 -51.73 -57.02 58.79
CA SER E 22 -50.31 -56.80 58.51
C SER E 22 -49.84 -57.75 57.42
N CYS E 23 -49.05 -57.23 56.47
CA CYS E 23 -48.49 -58.04 55.37
C CYS E 23 -47.02 -57.67 55.24
N ARG E 24 -46.15 -58.43 55.91
CA ARG E 24 -44.73 -58.14 55.87
C ARG E 24 -44.03 -59.07 54.89
N THR E 25 -43.18 -58.49 54.04
CA THR E 25 -42.33 -59.26 53.16
C THR E 25 -41.07 -59.68 53.91
N SER E 26 -40.31 -60.58 53.29
CA SER E 26 -39.06 -61.00 53.88
C SER E 26 -38.10 -59.81 53.96
N GLN E 27 -36.97 -60.04 54.63
CA GLN E 27 -35.93 -59.03 54.68
C GLN E 27 -35.34 -58.91 53.27
N SER E 28 -35.95 -58.03 52.47
CA SER E 28 -35.72 -57.99 51.03
C SER E 28 -36.21 -56.66 50.45
N VAL E 29 -36.44 -56.63 49.14
CA VAL E 29 -36.77 -55.39 48.44
C VAL E 29 -38.09 -54.82 48.97
N THR E 30 -38.39 -53.58 48.58
CA THR E 30 -39.57 -52.86 49.03
C THR E 30 -40.11 -52.06 47.86
N SER E 31 -41.43 -52.07 47.71
CA SER E 31 -42.08 -51.29 46.66
C SER E 31 -43.59 -51.20 46.89
N TYR E 32 -44.37 -51.89 46.05
CA TYR E 32 -45.82 -51.79 46.08
C TYR E 32 -46.43 -53.07 46.62
N LEU E 33 -47.73 -53.00 46.91
CA LEU E 33 -48.48 -54.14 47.42
C LEU E 33 -49.94 -53.95 47.04
N ALA E 34 -50.62 -55.08 46.85
CA ALA E 34 -52.05 -55.08 46.51
C ALA E 34 -52.82 -55.84 47.58
N TRP E 35 -53.96 -55.29 47.99
CA TRP E 35 -54.85 -55.93 48.94
C TRP E 35 -56.14 -56.32 48.23
N TYR E 36 -56.59 -57.55 48.47
CA TYR E 36 -57.79 -58.10 47.86
C TYR E 36 -58.71 -58.67 48.94
N GLN E 37 -60.01 -58.61 48.67
CA GLN E 37 -61.04 -59.13 49.57
C GLN E 37 -61.78 -60.26 48.86
N GLN E 38 -62.03 -61.35 49.60
CA GLN E 38 -62.73 -62.51 49.06
C GLN E 38 -63.74 -63.00 50.09
N ARG E 39 -65.02 -62.95 49.73
CA ARG E 39 -66.09 -63.51 50.52
C ARG E 39 -66.34 -64.96 50.09
N PRO E 40 -66.98 -65.75 50.94
CA PRO E 40 -67.23 -67.15 50.59
C PRO E 40 -67.98 -67.28 49.28
N GLY E 41 -67.48 -68.14 48.40
CA GLY E 41 -68.15 -68.43 47.15
C GLY E 41 -68.01 -67.37 46.08
N GLN E 42 -67.22 -66.33 46.32
CA GLN E 42 -67.04 -65.25 45.35
C GLN E 42 -65.56 -65.12 44.99
N ALA E 43 -65.30 -64.65 43.77
CA ALA E 43 -63.93 -64.40 43.35
C ALA E 43 -63.36 -63.24 44.16
N PRO E 44 -62.05 -63.27 44.44
CA PRO E 44 -61.46 -62.18 45.22
C PRO E 44 -61.64 -60.84 44.53
N ARG E 45 -61.93 -59.81 45.33
CA ARG E 45 -62.18 -58.47 44.84
C ARG E 45 -60.99 -57.58 45.17
N LEU E 46 -60.56 -56.80 44.18
CA LEU E 46 -59.42 -55.90 44.40
C LEU E 46 -59.84 -54.76 45.31
N LEU E 47 -59.09 -54.58 46.41
CA LEU E 47 -59.36 -53.51 47.37
C LEU E 47 -58.40 -52.33 47.19
N ILE E 48 -57.10 -52.59 47.10
CA ILE E 48 -56.09 -51.54 47.11
C ILE E 48 -54.93 -51.95 46.21
N TYR E 49 -54.41 -51.00 45.43
CA TYR E 49 -53.23 -51.21 44.60
C TYR E 49 -52.21 -50.11 44.83
N ASP E 50 -50.98 -50.35 44.35
CA ASP E 50 -49.84 -49.45 44.53
C ASP E 50 -49.71 -48.99 45.99
N ALA E 51 -49.99 -49.93 46.88
CA ALA E 51 -49.65 -49.87 48.30
C ALA E 51 -50.46 -48.84 49.09
N SER E 52 -51.11 -47.90 48.40
CA SER E 52 -52.35 -47.35 48.93
C SER E 52 -53.12 -46.63 47.82
N ASP E 53 -53.99 -47.34 47.11
CA ASP E 53 -54.91 -46.72 46.19
C ASP E 53 -56.21 -47.51 46.18
N ARG E 54 -57.28 -46.88 46.65
CA ARG E 54 -58.58 -47.54 46.66
C ARG E 54 -59.01 -47.87 45.25
N ALA E 55 -59.42 -49.12 45.03
CA ALA E 55 -59.86 -49.55 43.71
C ALA E 55 -61.18 -48.87 43.35
N THR E 56 -61.60 -49.07 42.10
CA THR E 56 -62.83 -48.45 41.62
C THR E 56 -64.02 -49.03 42.36
N GLY E 57 -64.57 -48.26 43.30
CA GLY E 57 -65.72 -48.68 44.07
C GLY E 57 -65.44 -49.11 45.50
N ILE E 58 -64.34 -48.69 46.09
CA ILE E 58 -63.97 -49.06 47.46
C ILE E 58 -64.33 -47.91 48.38
N PRO E 59 -65.05 -48.16 49.48
CA PRO E 59 -65.40 -47.06 50.38
C PRO E 59 -64.17 -46.43 51.03
N ALA E 60 -64.35 -45.22 51.55
CA ALA E 60 -63.26 -44.48 52.14
C ALA E 60 -62.72 -45.13 53.41
N ARG E 61 -63.47 -46.04 54.03
CA ARG E 61 -63.01 -46.66 55.26
C ARG E 61 -61.82 -47.59 55.05
N PHE E 62 -61.55 -47.99 53.81
CA PHE E 62 -60.38 -48.81 53.51
C PHE E 62 -59.19 -47.92 53.24
N SER E 63 -58.03 -48.30 53.79
CA SER E 63 -56.81 -47.55 53.56
C SER E 63 -55.62 -48.48 53.67
N GLY E 64 -54.51 -48.04 53.09
CA GLY E 64 -53.29 -48.82 53.14
C GLY E 64 -52.12 -48.00 53.63
N SER E 65 -51.36 -48.56 54.58
CA SER E 65 -50.13 -47.93 55.05
C SER E 65 -48.97 -48.44 54.19
N GLY E 66 -48.80 -47.81 53.03
CA GLY E 66 -47.78 -48.26 52.13
C GLY E 66 -46.44 -47.68 52.50
N SER E 67 -45.62 -48.53 53.12
CA SER E 67 -44.35 -48.16 53.71
C SER E 67 -43.39 -49.29 53.40
N GLY E 68 -42.30 -49.42 54.15
CA GLY E 68 -41.19 -50.27 53.77
C GLY E 68 -41.40 -51.72 53.35
N THR E 69 -41.04 -52.62 54.26
CA THR E 69 -41.03 -54.05 54.00
C THR E 69 -42.45 -54.37 54.47
N ASP E 70 -42.81 -53.91 55.67
CA ASP E 70 -44.12 -54.22 56.22
C ASP E 70 -45.19 -53.27 55.69
N PHE E 71 -46.34 -53.85 55.37
CA PHE E 71 -47.49 -53.09 54.89
C PHE E 71 -48.67 -53.37 55.81
N THR E 72 -49.70 -52.54 55.70
CA THR E 72 -50.82 -52.65 56.61
C THR E 72 -52.09 -52.18 55.91
N LEU E 73 -53.13 -53.01 55.94
CA LEU E 73 -54.45 -52.66 55.47
C LEU E 73 -55.30 -52.29 56.69
N THR E 74 -55.98 -51.14 56.61
CA THR E 74 -56.77 -50.63 57.72
C THR E 74 -58.20 -50.42 57.26
N ILE E 75 -59.14 -50.93 58.06
CA ILE E 75 -60.57 -50.78 57.82
C ILE E 75 -61.11 -49.92 58.96
N SER E 76 -61.47 -48.69 58.65
CA SER E 76 -61.90 -47.74 59.67
C SER E 76 -63.14 -48.20 60.43
N ASN E 77 -64.26 -48.33 59.73
CA ASN E 77 -65.55 -48.65 60.34
C ASN E 77 -66.03 -49.98 59.77
N LEU E 78 -65.82 -51.05 60.52
CA LEU E 78 -66.27 -52.38 60.11
C LEU E 78 -67.77 -52.41 59.90
N GLU E 79 -68.20 -52.59 58.67
CA GLU E 79 -69.59 -52.80 58.35
C GLU E 79 -69.94 -54.28 58.41
N PRO E 80 -71.22 -54.63 58.52
CA PRO E 80 -71.58 -56.05 58.63
C PRO E 80 -71.03 -56.90 57.50
N GLU E 81 -71.00 -56.38 56.27
CA GLU E 81 -70.56 -57.13 55.11
C GLU E 81 -69.08 -56.93 54.79
N ASP E 82 -68.27 -56.53 55.78
CA ASP E 82 -66.85 -56.34 55.58
C ASP E 82 -66.02 -57.45 56.20
N PHE E 83 -66.64 -58.55 56.61
CA PHE E 83 -65.95 -59.67 57.25
C PHE E 83 -65.75 -60.76 56.22
N ALA E 84 -64.52 -60.90 55.74
CA ALA E 84 -64.17 -61.88 54.71
C ALA E 84 -62.68 -62.16 54.82
N VAL E 85 -62.12 -62.84 53.81
CA VAL E 85 -60.71 -63.20 53.81
C VAL E 85 -59.95 -62.19 52.97
N TYR E 86 -58.83 -61.70 53.50
CA TYR E 86 -58.06 -60.64 52.84
C TYR E 86 -56.67 -61.17 52.49
N TYR E 87 -56.28 -60.97 51.23
CA TYR E 87 -55.02 -61.47 50.71
C TYR E 87 -54.17 -60.30 50.21
N CYS E 88 -52.90 -60.29 50.60
CA CYS E 88 -51.95 -59.33 50.04
C CYS E 88 -51.08 -60.00 48.99
N GLN E 89 -50.78 -59.25 47.93
CA GLN E 89 -50.12 -59.77 46.74
C GLN E 89 -49.03 -58.80 46.32
N LEU E 90 -47.83 -59.33 46.12
CA LEU E 90 -46.66 -58.60 45.65
C LEU E 90 -46.32 -59.08 44.24
N ARG E 91 -45.41 -58.34 43.58
CA ARG E 91 -44.85 -58.77 42.29
C ARG E 91 -43.35 -58.49 42.33
N SER E 92 -42.59 -59.50 42.76
CA SER E 92 -41.14 -59.38 42.84
C SER E 92 -40.50 -59.94 41.57
N ASN E 93 -39.17 -59.91 41.53
CA ASN E 93 -38.45 -60.45 40.38
C ASN E 93 -38.63 -61.96 40.30
N TRP E 94 -38.42 -62.65 41.41
CA TRP E 94 -38.54 -64.10 41.46
C TRP E 94 -38.83 -64.55 42.90
N PRO E 95 -39.98 -65.19 43.16
CA PRO E 95 -41.05 -65.56 42.23
C PRO E 95 -41.96 -64.39 41.90
N PRO E 96 -42.44 -64.30 40.66
CA PRO E 96 -43.35 -63.21 40.31
C PRO E 96 -44.76 -63.48 40.83
N ILE E 97 -45.41 -62.41 41.28
CA ILE E 97 -46.78 -62.47 41.76
C ILE E 97 -46.89 -63.48 42.91
N THR E 98 -46.38 -63.11 44.07
CA THR E 98 -46.54 -63.92 45.28
C THR E 98 -47.79 -63.47 46.03
N PHE E 99 -48.51 -64.43 46.60
CA PHE E 99 -49.74 -64.17 47.31
C PHE E 99 -49.56 -64.45 48.80
N GLY E 100 -50.24 -63.65 49.63
CA GLY E 100 -50.19 -63.84 51.06
C GLY E 100 -51.01 -65.03 51.51
N GLN E 101 -50.79 -65.43 52.76
CA GLN E 101 -51.49 -66.58 53.32
C GLN E 101 -52.95 -66.29 53.62
N GLY E 102 -53.32 -65.01 53.71
CA GLY E 102 -54.72 -64.65 53.91
C GLY E 102 -55.08 -64.44 55.37
N THR E 103 -55.88 -63.41 55.63
CA THR E 103 -56.36 -63.10 56.98
C THR E 103 -57.88 -63.24 56.99
N ARG E 104 -58.38 -64.10 57.87
CA ARG E 104 -59.82 -64.32 58.00
C ARG E 104 -60.37 -63.34 59.03
N LEU E 105 -61.30 -62.50 58.59
CA LEU E 105 -61.92 -61.50 59.46
C LEU E 105 -63.34 -61.95 59.79
N GLU E 106 -63.60 -62.18 61.07
CA GLU E 106 -64.89 -62.68 61.55
C GLU E 106 -65.42 -61.78 62.66
N THR E 107 -66.71 -61.94 62.96
CA THR E 107 -67.40 -61.12 63.95
C THR E 107 -67.28 -61.76 65.32
N LYS E 108 -66.68 -61.04 66.27
CA LYS E 108 -66.59 -61.50 67.65
C LYS E 108 -67.90 -61.28 68.38
N VAL F 2 16.02 1.18 87.68
CA VAL F 2 17.35 1.77 87.77
C VAL F 2 17.43 2.66 89.00
N GLN F 3 18.65 3.09 89.35
CA GLN F 3 18.88 3.90 90.54
C GLN F 3 19.80 5.05 90.21
N LEU F 4 19.58 6.18 90.88
CA LEU F 4 20.44 7.36 90.79
C LEU F 4 20.81 7.80 92.21
N VAL F 5 22.08 8.13 92.41
CA VAL F 5 22.59 8.51 93.73
C VAL F 5 23.29 9.85 93.61
N GLU F 6 22.96 10.77 94.50
CA GLU F 6 23.55 12.09 94.50
C GLU F 6 24.77 12.13 95.42
N SER F 7 25.68 13.06 95.12
CA SER F 7 26.89 13.20 95.92
C SER F 7 27.37 14.65 95.82
N GLY F 8 27.88 15.17 96.93
CA GLY F 8 28.42 16.51 96.97
C GLY F 8 28.34 17.11 98.35
N PRO F 9 29.07 18.20 98.58
CA PRO F 9 28.99 18.87 99.90
C PRO F 9 27.56 19.31 100.19
N GLY F 10 27.16 19.16 101.46
CA GLY F 10 25.86 19.59 101.91
C GLY F 10 25.77 21.04 102.31
N LEU F 11 26.89 21.76 102.32
CA LEU F 11 26.93 23.17 102.67
C LEU F 11 27.67 23.94 101.59
N VAL F 12 27.11 25.08 101.20
CA VAL F 12 27.73 25.99 100.25
C VAL F 12 27.59 27.41 100.79
N LYS F 13 28.71 28.12 100.89
CA LYS F 13 28.66 29.50 101.34
C LYS F 13 28.06 30.38 100.25
N PRO F 14 27.43 31.49 100.62
CA PRO F 14 26.81 32.35 99.61
C PRO F 14 27.85 32.89 98.63
N SER F 15 27.39 33.15 97.40
CA SER F 15 28.23 33.70 96.35
C SER F 15 29.38 32.76 95.98
N GLU F 16 29.15 31.46 96.10
CA GLU F 16 30.13 30.45 95.71
C GLU F 16 29.43 29.37 94.88
N THR F 17 30.24 28.60 94.15
CA THR F 17 29.71 27.59 93.26
C THR F 17 29.27 26.36 94.05
N LEU F 18 28.08 25.85 93.71
CA LEU F 18 27.54 24.63 94.30
C LEU F 18 27.73 23.50 93.29
N SER F 19 28.50 22.49 93.67
CA SER F 19 28.80 21.37 92.80
C SER F 19 28.11 20.10 93.30
N LEU F 20 27.50 19.36 92.37
CA LEU F 20 26.88 18.08 92.69
C LEU F 20 27.16 17.10 91.57
N THR F 21 27.23 15.82 91.92
CA THR F 21 27.48 14.75 90.96
C THR F 21 26.49 13.64 91.20
N CYS F 22 25.80 13.22 90.15
CA CYS F 22 24.85 12.11 90.18
C CYS F 22 25.46 10.91 89.48
N THR F 23 25.49 9.78 90.19
CA THR F 23 26.01 8.53 89.67
C THR F 23 24.84 7.57 89.53
N VAL F 24 24.64 7.04 88.35
CA VAL F 24 23.58 6.07 88.11
C VAL F 24 24.20 4.68 88.07
N SER F 25 23.44 3.70 88.55
CA SER F 25 23.75 2.32 88.23
C SER F 25 22.44 1.53 88.16
N GLY F 26 21.80 1.57 87.00
CA GLY F 26 20.87 0.55 86.58
C GLY F 26 20.93 0.35 85.08
N GLY F 27 21.82 1.10 84.43
CA GLY F 27 21.82 1.20 82.98
C GLY F 27 23.06 1.86 82.42
N SER F 28 22.87 2.72 81.42
CA SER F 28 23.98 3.39 80.75
C SER F 28 23.55 4.83 80.46
N ILE F 29 24.49 5.76 80.65
CA ILE F 29 24.22 7.15 80.32
C ILE F 29 24.51 7.41 78.84
N SER F 30 25.35 6.59 78.21
CA SER F 30 25.65 6.72 76.80
C SER F 30 24.51 6.28 75.90
N SER F 31 23.37 5.87 76.45
CA SER F 31 22.24 5.45 75.63
C SER F 31 21.65 6.65 74.90
N SER F 32 21.30 6.44 73.64
CA SER F 32 20.70 7.50 72.81
C SER F 32 19.18 7.44 72.84
N SER F 33 18.62 7.33 74.05
CA SER F 33 17.17 7.32 74.21
C SER F 33 16.73 8.12 75.43
N HIS F 34 17.68 8.65 76.20
CA HIS F 34 17.36 9.23 77.50
C HIS F 34 18.23 10.45 77.78
N TYR F 35 17.62 11.42 78.45
CA TYR F 35 18.30 12.57 79.04
C TYR F 35 18.50 12.33 80.54
N TRP F 36 19.39 13.13 81.12
CA TRP F 36 19.66 13.08 82.56
C TRP F 36 19.56 14.49 83.11
N GLY F 37 18.62 14.73 84.02
CA GLY F 37 18.30 16.07 84.46
C GLY F 37 18.44 16.21 85.96
N TRP F 38 18.36 17.47 86.40
CA TRP F 38 18.39 17.84 87.81
C TRP F 38 17.13 18.63 88.13
N ILE F 39 16.47 18.28 89.24
CA ILE F 39 15.26 18.96 89.68
C ILE F 39 15.42 19.28 91.16
N ARG F 40 15.23 20.54 91.52
CA ARG F 40 15.39 20.98 92.90
C ARG F 40 14.06 21.48 93.43
N GLN F 41 13.91 21.37 94.75
CA GLN F 41 12.76 21.97 95.42
C GLN F 41 13.19 22.49 96.79
N PRO F 42 12.91 23.75 97.11
CA PRO F 42 13.18 24.24 98.46
C PRO F 42 12.30 23.53 99.47
N PRO F 43 12.66 23.54 100.75
CA PRO F 43 11.82 22.90 101.77
C PRO F 43 10.43 23.52 101.79
N GLY F 44 9.42 22.66 101.68
CA GLY F 44 8.04 23.12 101.70
C GLY F 44 7.61 23.88 100.48
N LYS F 45 8.27 23.68 99.34
CA LYS F 45 7.96 24.36 98.10
C LYS F 45 7.81 23.34 96.98
N GLY F 46 7.55 23.84 95.76
CA GLY F 46 7.32 22.99 94.63
C GLY F 46 8.60 22.60 93.90
N LEU F 47 8.42 21.78 92.86
CA LEU F 47 9.54 21.31 92.06
C LEU F 47 9.98 22.35 91.04
N GLU F 48 11.27 22.36 90.76
CA GLU F 48 11.85 23.29 89.79
C GLU F 48 12.93 22.55 89.00
N TRP F 49 12.66 22.31 87.72
CA TRP F 49 13.66 21.68 86.87
C TRP F 49 14.82 22.64 86.61
N ILE F 50 16.03 22.16 86.79
CA ILE F 50 17.22 23.00 86.65
C ILE F 50 17.74 22.88 85.23
N GLY F 51 18.12 21.67 84.85
CA GLY F 51 18.68 21.43 83.53
C GLY F 51 18.80 19.96 83.21
N SER F 52 18.74 19.64 81.92
CA SER F 52 18.87 18.28 81.42
C SER F 52 20.02 18.22 80.42
N ILE F 53 20.82 17.15 80.52
CA ILE F 53 21.99 16.96 79.69
C ILE F 53 21.82 15.67 78.90
N TYR F 54 22.29 15.71 77.66
CA TYR F 54 22.38 14.56 76.77
C TYR F 54 23.81 14.00 76.81
N TYR F 55 23.97 12.79 76.26
CA TYR F 55 25.24 12.10 76.41
C TYR F 55 26.39 12.77 75.64
N SER F 56 26.11 13.36 74.47
CA SER F 56 27.22 13.82 73.65
C SER F 56 28.01 14.93 74.33
N GLU F 57 27.50 16.16 74.35
CA GLU F 57 27.99 17.15 75.30
C GLU F 57 26.90 18.12 75.75
N SER F 58 25.95 18.42 74.87
CA SER F 58 25.09 19.58 75.02
C SER F 58 24.00 19.35 76.06
N ALA F 59 23.36 20.44 76.47
CA ALA F 59 22.32 20.41 77.49
C ALA F 59 21.45 21.65 77.36
N TYR F 60 20.31 21.62 78.04
CA TYR F 60 19.42 22.77 78.12
C TYR F 60 18.94 22.97 79.55
N TYR F 61 18.87 24.23 79.98
CA TYR F 61 18.66 24.60 81.37
C TYR F 61 17.43 25.50 81.52
N ASN F 62 17.24 26.03 82.73
CA ASN F 62 16.10 26.89 83.03
C ASN F 62 16.34 28.30 82.45
N PRO F 63 15.28 29.01 82.04
CA PRO F 63 15.48 30.36 81.49
C PRO F 63 15.73 31.43 82.54
N SER F 64 15.99 31.03 83.78
CA SER F 64 16.26 31.97 84.86
C SER F 64 17.59 31.69 85.52
N LEU F 65 17.95 30.40 85.62
CA LEU F 65 19.22 29.99 86.22
C LEU F 65 20.30 29.68 85.18
N LYS F 66 20.06 30.01 83.91
CA LYS F 66 21.01 29.62 82.87
C LYS F 66 22.31 30.39 82.97
N SER F 67 22.26 31.64 83.43
CA SER F 67 23.48 32.44 83.54
C SER F 67 24.47 31.81 84.51
N ARG F 68 24.00 31.37 85.67
CA ARG F 68 24.84 30.86 86.73
C ARG F 68 24.75 29.33 86.87
N VAL F 69 24.53 28.60 85.78
CA VAL F 69 24.41 27.15 85.83
C VAL F 69 25.16 26.53 84.66
N THR F 70 25.75 25.37 84.91
CA THR F 70 26.38 24.57 83.87
C THR F 70 26.24 23.10 84.25
N MET F 71 26.23 22.24 83.24
CA MET F 71 26.15 20.81 83.46
C MET F 71 27.24 20.11 82.67
N SER F 72 27.73 18.99 83.22
CA SER F 72 28.79 18.22 82.59
C SER F 72 28.41 16.75 82.67
N ILE F 73 29.04 15.93 81.83
CA ILE F 73 28.77 14.50 81.81
C ILE F 73 30.08 13.74 81.72
N ASP F 74 30.05 12.48 82.16
CA ASP F 74 31.22 11.61 82.11
C ASP F 74 30.70 10.19 81.88
N THR F 75 30.74 9.75 80.62
CA THR F 75 30.28 8.40 80.29
C THR F 75 31.19 7.34 80.91
N SER F 76 32.50 7.62 80.97
CA SER F 76 33.43 6.65 81.51
C SER F 76 33.07 6.27 82.94
N LYS F 77 32.87 7.27 83.79
CA LYS F 77 32.42 7.03 85.16
C LYS F 77 30.91 6.87 85.26
N ASN F 78 30.19 7.04 84.16
CA ASN F 78 28.74 6.83 84.12
C ASN F 78 28.04 7.73 85.13
N GLN F 79 28.31 9.04 85.02
CA GLN F 79 27.74 9.99 85.96
C GLN F 79 27.74 11.39 85.36
N PHE F 80 26.81 12.21 85.80
CA PHE F 80 26.66 13.56 85.30
C PHE F 80 26.60 14.55 86.45
N SER F 81 27.21 15.71 86.25
CA SER F 81 27.41 16.67 87.33
C SER F 81 26.76 18.00 86.98
N LEU F 82 26.58 18.80 88.03
CA LEU F 82 25.89 20.08 87.98
C LEU F 82 26.71 21.11 88.75
N LYS F 83 26.83 22.31 88.19
CA LYS F 83 27.50 23.43 88.82
C LYS F 83 26.55 24.61 88.81
N LEU F 84 26.36 25.23 89.98
CA LEU F 84 25.47 26.38 90.14
C LEU F 84 26.31 27.51 90.73
N ASN F 85 26.73 28.44 89.88
CA ASN F 85 27.61 29.52 90.29
C ASN F 85 26.83 30.58 91.07
N SER F 86 27.56 31.32 91.91
CA SER F 86 27.01 32.43 92.69
C SER F 86 25.72 32.02 93.39
N VAL F 87 25.85 31.03 94.27
CA VAL F 87 24.69 30.50 94.99
C VAL F 87 24.25 31.52 96.04
N THR F 88 22.97 31.90 96.00
CA THR F 88 22.37 32.76 96.99
C THR F 88 21.67 31.91 98.05
N ALA F 89 21.01 32.57 98.99
CA ALA F 89 20.29 31.86 100.04
C ALA F 89 18.99 31.22 99.54
N ALA F 90 18.56 31.53 98.33
CA ALA F 90 17.34 30.96 97.76
C ALA F 90 17.56 29.59 97.13
N ASP F 91 18.80 29.10 97.11
CA ASP F 91 19.12 27.79 96.57
C ASP F 91 19.09 26.70 97.64
N THR F 92 18.70 27.04 98.86
CA THR F 92 18.60 26.07 99.95
C THR F 92 17.47 25.11 99.61
N ALA F 93 17.83 23.89 99.17
CA ALA F 93 16.82 23.01 98.60
C ALA F 93 17.34 21.58 98.55
N VAL F 94 16.41 20.66 98.25
CA VAL F 94 16.75 19.27 97.97
C VAL F 94 16.85 19.12 96.45
N TYR F 95 17.98 18.57 96.00
CA TYR F 95 18.26 18.36 94.59
C TYR F 95 18.19 16.87 94.29
N TYR F 96 17.32 16.49 93.36
CA TYR F 96 17.27 15.15 92.81
C TYR F 96 17.84 15.15 91.40
N CYS F 97 18.37 14.00 90.99
CA CYS F 97 18.80 13.78 89.62
C CYS F 97 17.93 12.66 89.05
N ALA F 98 17.30 12.92 87.91
CA ALA F 98 16.28 12.05 87.35
C ALA F 98 16.61 11.68 85.91
N ARG F 99 15.91 10.66 85.44
CA ARG F 99 16.06 10.10 84.11
C ARG F 99 14.90 10.55 83.24
N VAL F 100 15.19 11.16 82.10
CA VAL F 100 14.21 11.84 81.28
C VAL F 100 14.07 11.10 79.96
N THR F 101 12.83 11.04 79.47
CA THR F 101 12.51 10.39 78.20
C THR F 101 11.68 11.38 77.40
N GLU F 102 12.20 11.79 76.24
CA GLU F 102 11.56 12.79 75.38
C GLU F 102 11.31 12.19 74.01
N PRO F 103 10.23 11.42 73.83
CA PRO F 103 10.07 10.72 72.55
C PRO F 103 9.51 11.54 71.38
N ARG F 104 8.46 12.34 71.56
CA ARG F 104 7.86 12.96 70.37
C ARG F 104 8.20 14.44 70.17
N TRP F 105 7.51 15.35 70.89
CA TRP F 105 7.95 16.74 71.00
C TRP F 105 7.82 17.23 72.43
N THR F 106 6.58 17.19 72.93
CA THR F 106 6.20 17.73 74.23
C THR F 106 6.16 16.67 75.32
N SER F 107 6.39 15.41 74.97
CA SER F 107 6.41 14.32 75.95
C SER F 107 7.78 14.34 76.62
N CYS F 108 7.83 14.78 77.87
CA CYS F 108 9.09 14.91 78.60
C CYS F 108 8.78 14.61 80.06
N TYR F 109 8.97 13.34 80.44
CA TYR F 109 8.67 12.87 81.78
C TYR F 109 9.93 12.30 82.42
N PHE F 110 9.98 12.39 83.75
CA PHE F 110 11.11 11.89 84.53
C PHE F 110 10.77 10.49 84.99
N ASP F 111 11.33 9.50 84.29
CA ASP F 111 10.94 8.11 84.48
C ASP F 111 11.22 7.64 85.90
N TYR F 112 12.49 7.59 86.28
CA TYR F 112 12.90 7.17 87.62
C TYR F 112 13.70 8.28 88.28
N TRP F 113 13.26 8.69 89.46
CA TRP F 113 13.92 9.74 90.21
C TRP F 113 14.96 9.15 91.17
N GLY F 114 15.89 10.01 91.58
CA GLY F 114 16.80 9.69 92.66
C GLY F 114 16.26 10.22 93.98
N GLN F 115 16.86 9.71 95.07
CA GLN F 115 16.40 10.12 96.39
C GLN F 115 16.69 11.59 96.65
N GLY F 116 17.81 12.09 96.14
CA GLY F 116 18.10 13.50 96.28
C GLY F 116 18.88 13.82 97.54
N THR F 117 19.64 14.92 97.48
CA THR F 117 20.43 15.37 98.60
C THR F 117 20.05 16.81 98.94
N LEU F 118 20.06 17.14 100.23
CA LEU F 118 19.66 18.45 100.70
C LEU F 118 20.91 19.31 100.82
N VAL F 119 20.97 20.38 100.04
CA VAL F 119 22.03 21.37 100.13
C VAL F 119 21.45 22.64 100.73
N THR F 120 21.95 23.01 101.90
CA THR F 120 21.54 24.25 102.56
C THR F 120 22.68 25.25 102.44
N VAL F 121 22.39 26.40 101.85
CA VAL F 121 23.37 27.44 101.60
C VAL F 121 23.20 28.48 102.70
N SER F 122 24.22 28.63 103.54
CA SER F 122 24.21 29.61 104.61
C SER F 122 25.65 29.92 104.99
N SER F 123 25.83 31.04 105.68
CA SER F 123 27.17 31.46 106.11
C SER F 123 27.36 31.19 107.60
N GLU G 1 3.45 33.97 78.08
CA GLU G 1 4.12 32.75 78.64
C GLU G 1 3.08 31.68 78.99
N ILE G 2 3.44 30.42 78.78
CA ILE G 2 2.56 29.31 79.15
C ILE G 2 2.68 29.10 80.65
N VAL G 3 1.70 29.59 81.41
CA VAL G 3 1.70 29.47 82.86
C VAL G 3 0.85 28.28 83.26
N MET G 4 1.32 27.55 84.28
CA MET G 4 0.63 26.36 84.78
C MET G 4 -0.16 26.73 86.02
N THR G 5 -1.43 26.32 86.07
CA THR G 5 -2.24 26.54 87.27
C THR G 5 -2.92 25.23 87.66
N GLN G 6 -2.56 24.69 88.83
CA GLN G 6 -3.25 23.53 89.38
C GLN G 6 -4.34 23.96 90.34
N SER G 7 -5.30 23.07 90.56
CA SER G 7 -6.41 23.33 91.43
C SER G 7 -6.94 22.00 91.99
N PRO G 8 -7.35 21.95 93.27
CA PRO G 8 -7.20 23.01 94.27
C PRO G 8 -5.87 22.92 95.00
N ALA G 9 -5.54 23.95 95.79
CA ALA G 9 -4.30 23.88 96.57
C ALA G 9 -4.34 22.73 97.56
N THR G 10 -5.47 22.54 98.24
CA THR G 10 -5.66 21.45 99.18
C THR G 10 -6.96 20.74 98.84
N LEU G 11 -6.94 19.41 98.92
CA LEU G 11 -8.10 18.58 98.61
C LEU G 11 -8.38 17.68 99.81
N SER G 12 -9.60 17.76 100.32
CA SER G 12 -10.00 17.04 101.53
C SER G 12 -10.99 15.94 101.14
N LEU G 13 -10.50 14.69 101.12
CA LEU G 13 -11.35 13.55 100.83
C LEU G 13 -10.88 12.38 101.69
N SER G 14 -11.78 11.42 101.88
CA SER G 14 -11.51 10.25 102.70
C SER G 14 -11.35 9.01 101.82
N PRO G 15 -10.69 7.96 102.34
CA PRO G 15 -10.53 6.75 101.55
C PRO G 15 -11.87 6.18 101.10
N GLY G 16 -11.91 5.68 99.87
CA GLY G 16 -13.11 5.14 99.27
C GLY G 16 -13.76 6.07 98.26
N GLU G 17 -13.48 7.36 98.34
CA GLU G 17 -14.02 8.32 97.40
C GLU G 17 -13.10 8.42 96.19
N ARG G 18 -13.41 9.34 95.27
CA ARG G 18 -12.60 9.58 94.09
C ARG G 18 -12.20 11.05 94.03
N ALA G 19 -10.94 11.29 93.72
CA ALA G 19 -10.39 12.65 93.69
C ALA G 19 -10.19 13.10 92.26
N THR G 20 -10.37 14.41 92.04
CA THR G 20 -10.27 15.03 90.71
C THR G 20 -9.41 16.29 90.82
N LEU G 21 -8.15 16.19 90.40
CA LEU G 21 -7.23 17.31 90.40
C LEU G 21 -7.20 17.94 89.02
N SER G 22 -7.19 19.28 88.95
CA SER G 22 -7.23 20.00 87.68
C SER G 22 -5.90 20.68 87.44
N CYS G 23 -5.40 20.60 86.20
CA CYS G 23 -4.13 21.23 85.80
C CYS G 23 -4.38 21.94 84.46
N ARG G 24 -4.72 23.23 84.52
CA ARG G 24 -5.00 23.98 83.31
C ARG G 24 -3.79 24.83 82.92
N THR G 25 -3.44 24.78 81.64
CA THR G 25 -2.42 25.64 81.08
C THR G 25 -3.03 26.98 80.69
N SER G 26 -2.16 27.94 80.40
CA SER G 26 -2.64 29.23 79.96
C SER G 26 -3.38 29.09 78.63
N GLN G 27 -4.02 30.19 78.20
CA GLN G 27 -4.66 30.21 76.90
C GLN G 27 -3.56 30.14 75.84
N SER G 28 -3.18 28.92 75.48
CA SER G 28 -1.97 28.66 74.72
C SER G 28 -2.01 27.27 74.10
N VAL G 29 -0.86 26.73 73.73
CA VAL G 29 -0.77 25.47 72.99
C VAL G 29 -1.33 24.34 73.84
N THR G 30 -1.53 23.18 73.21
CA THR G 30 -2.12 22.01 73.85
C THR G 30 -1.40 20.78 73.33
N SER G 31 -1.09 19.85 74.25
CA SER G 31 -0.46 18.60 73.86
C SER G 31 -0.50 17.59 75.01
N TYR G 32 0.64 17.31 75.61
CA TYR G 32 0.76 16.27 76.63
C TYR G 32 0.96 16.88 78.01
N LEU G 33 0.84 16.02 79.03
CA LEU G 33 1.03 16.44 80.41
C LEU G 33 1.46 15.22 81.22
N ALA G 34 2.25 15.48 82.26
CA ALA G 34 2.74 14.44 83.15
C ALA G 34 2.26 14.71 84.56
N TRP G 35 1.81 13.67 85.25
CA TRP G 35 1.38 13.76 86.64
C TRP G 35 2.35 12.97 87.51
N TYR G 36 2.77 13.58 88.61
CA TYR G 36 3.72 13.00 89.55
C TYR G 36 3.16 13.05 90.96
N GLN G 37 3.53 12.05 91.77
CA GLN G 37 3.11 11.96 93.17
C GLN G 37 4.35 12.05 94.07
N GLN G 38 4.24 12.82 95.14
CA GLN G 38 5.33 13.01 96.08
C GLN G 38 4.79 12.95 97.50
N ARG G 39 5.25 11.95 98.26
CA ARG G 39 4.95 11.83 99.67
C ARG G 39 6.02 12.52 100.49
N PRO G 40 5.72 12.87 101.74
CA PRO G 40 6.71 13.57 102.57
C PRO G 40 8.02 12.80 102.66
N GLY G 41 9.13 13.49 102.41
CA GLY G 41 10.44 12.91 102.55
C GLY G 41 10.88 12.00 101.43
N GLN G 42 10.08 11.88 100.36
CA GLN G 42 10.40 11.02 99.24
C GLN G 42 10.46 11.83 97.96
N ALA G 43 11.27 11.35 97.02
CA ALA G 43 11.34 11.99 95.72
C ALA G 43 10.01 11.80 94.97
N PRO G 44 9.61 12.78 94.15
CA PRO G 44 8.36 12.63 93.42
C PRO G 44 8.38 11.39 92.52
N ARG G 45 7.24 10.70 92.49
CA ARG G 45 7.08 9.47 91.72
C ARG G 45 6.22 9.76 90.50
N LEU G 46 6.65 9.25 89.36
CA LEU G 46 5.90 9.46 88.12
C LEU G 46 4.62 8.62 88.15
N LEU G 47 3.49 9.29 87.96
CA LEU G 47 2.18 8.63 87.92
C LEU G 47 1.67 8.42 86.51
N ILE G 48 1.70 9.46 85.69
CA ILE G 48 1.06 9.43 84.37
C ILE G 48 1.91 10.24 83.39
N TYR G 49 2.07 9.73 82.16
CA TYR G 49 2.73 10.47 81.10
C TYR G 49 1.88 10.47 79.83
N ASP G 50 2.26 11.34 78.89
CA ASP G 50 1.54 11.54 77.63
C ASP G 50 0.03 11.71 77.87
N ALA G 51 -0.28 12.40 78.96
CA ALA G 51 -1.58 12.97 79.25
C ALA G 51 -2.64 11.93 79.58
N SER G 52 -2.40 10.65 79.25
CA SER G 52 -2.96 9.57 80.06
C SER G 52 -2.22 8.27 79.76
N ASP G 53 -1.16 7.98 80.50
CA ASP G 53 -0.52 6.68 80.46
C ASP G 53 0.02 6.34 81.84
N ARG G 54 -0.54 5.32 82.47
CA ARG G 54 -0.08 4.90 83.79
C ARG G 54 1.38 4.46 83.70
N ALA G 55 2.20 4.99 84.61
CA ALA G 55 3.61 4.63 84.63
C ALA G 55 3.78 3.18 85.07
N THR G 56 5.02 2.69 84.99
CA THR G 56 5.30 1.31 85.34
C THR G 56 5.07 1.10 86.83
N GLY G 57 3.97 0.45 87.18
CA GLY G 57 3.64 0.17 88.55
C GLY G 57 2.56 1.04 89.16
N ILE G 58 1.70 1.65 88.36
CA ILE G 58 0.63 2.53 88.84
C ILE G 58 -0.67 1.74 88.84
N PRO G 59 -1.42 1.71 89.94
CA PRO G 59 -2.68 0.96 89.95
C PRO G 59 -3.69 1.54 88.96
N ALA G 60 -4.70 0.71 88.63
CA ALA G 60 -5.70 1.10 87.65
C ALA G 60 -6.57 2.25 88.13
N ARG G 61 -6.60 2.53 89.44
CA ARG G 61 -7.45 3.60 89.94
C ARG G 61 -6.99 4.98 89.51
N PHE G 62 -5.75 5.11 89.05
CA PHE G 62 -5.25 6.37 88.53
C PHE G 62 -5.58 6.49 87.05
N SER G 63 -6.04 7.67 86.65
CA SER G 63 -6.36 7.91 85.26
C SER G 63 -6.19 9.39 84.94
N GLY G 64 -6.02 9.68 83.66
CA GLY G 64 -5.86 11.05 83.22
C GLY G 64 -6.81 11.41 82.09
N SER G 65 -7.48 12.55 82.24
CA SER G 65 -8.34 13.09 81.18
C SER G 65 -7.50 13.99 80.28
N GLY G 66 -6.79 13.35 79.36
CA GLY G 66 -5.91 14.11 78.50
C GLY G 66 -6.67 14.72 77.34
N SER G 67 -6.92 16.02 77.49
CA SER G 67 -7.78 16.78 76.58
C SER G 67 -7.11 18.13 76.39
N GLY G 68 -7.85 19.16 75.97
CA GLY G 68 -7.25 20.39 75.49
C GLY G 68 -7.14 21.42 76.59
N THR G 69 -6.06 22.20 76.53
CA THR G 69 -5.71 23.15 77.57
C THR G 69 -5.80 22.52 78.96
N ASP G 70 -7.02 22.29 79.44
CA ASP G 70 -7.21 21.77 80.79
C ASP G 70 -7.04 20.26 80.82
N PHE G 71 -6.34 19.79 81.85
CA PHE G 71 -6.12 18.37 82.08
C PHE G 71 -6.65 18.01 83.47
N THR G 72 -6.82 16.72 83.72
CA THR G 72 -7.42 16.28 84.96
C THR G 72 -6.87 14.92 85.34
N LEU G 73 -6.38 14.80 86.57
CA LEU G 73 -5.97 13.53 87.15
C LEU G 73 -7.09 13.03 88.04
N THR G 74 -7.47 11.76 87.88
CA THR G 74 -8.58 11.18 88.62
C THR G 74 -8.08 9.95 89.36
N ILE G 75 -8.43 9.87 90.63
CA ILE G 75 -8.11 8.75 91.50
C ILE G 75 -9.44 8.10 91.86
N SER G 76 -9.69 6.91 91.30
CA SER G 76 -10.98 6.25 91.49
C SER G 76 -11.26 5.93 92.95
N ASN G 77 -10.45 5.07 93.56
CA ASN G 77 -10.67 4.59 94.93
C ASN G 77 -9.48 5.02 95.77
N LEU G 78 -9.67 6.10 96.54
CA LEU G 78 -8.63 6.61 97.43
C LEU G 78 -8.24 5.55 98.46
N GLU G 79 -7.02 5.07 98.38
CA GLU G 79 -6.48 4.18 99.40
C GLU G 79 -5.80 4.99 100.49
N PRO G 80 -5.56 4.38 101.66
CA PRO G 80 -4.94 5.15 102.76
C PRO G 80 -3.62 5.81 102.37
N GLU G 81 -2.80 5.14 101.57
CA GLU G 81 -1.48 5.64 101.21
C GLU G 81 -1.48 6.43 99.90
N ASP G 82 -2.63 6.95 99.48
CA ASP G 82 -2.73 7.73 98.25
C ASP G 82 -2.85 9.23 98.52
N PHE G 83 -2.64 9.66 99.76
CA PHE G 83 -2.77 11.07 100.12
C PHE G 83 -1.37 11.69 100.18
N ALA G 84 -1.04 12.49 99.17
CA ALA G 84 0.27 13.11 99.05
C ALA G 84 0.11 14.34 98.17
N VAL G 85 1.24 14.91 97.74
CA VAL G 85 1.23 16.11 96.92
C VAL G 85 1.41 15.71 95.47
N TYR G 86 0.58 16.27 94.59
CA TYR G 86 0.57 15.89 93.17
C TYR G 86 0.94 17.09 92.32
N TYR G 87 1.90 16.88 91.42
CA TYR G 87 2.43 17.93 90.56
C TYR G 87 2.21 17.57 89.11
N CYS G 88 1.69 18.52 88.32
CA CYS G 88 1.62 18.34 86.88
C CYS G 88 2.73 19.12 86.19
N GLN G 89 3.27 18.52 85.12
CA GLN G 89 4.46 19.01 84.45
C GLN G 89 4.24 18.97 82.95
N LEU G 90 4.51 20.10 82.29
CA LEU G 90 4.43 20.25 80.85
C LEU G 90 5.84 20.43 80.29
N ARG G 91 5.96 20.36 78.96
CA ARG G 91 7.22 20.70 78.28
C ARG G 91 6.86 21.54 77.05
N SER G 92 6.84 22.86 77.23
CA SER G 92 6.52 23.78 76.15
C SER G 92 7.81 24.26 75.49
N ASN G 93 7.67 25.14 74.49
CA ASN G 93 8.83 25.69 73.81
C ASN G 93 9.63 26.58 74.75
N TRP G 94 8.97 27.50 75.43
CA TRP G 94 9.62 28.43 76.34
C TRP G 94 8.61 28.92 77.38
N PRO G 95 8.82 28.65 78.67
CA PRO G 95 9.94 27.93 79.28
C PRO G 95 9.79 26.42 79.16
N PRO G 96 10.91 25.71 78.96
CA PRO G 96 10.83 24.24 78.88
C PRO G 96 10.67 23.61 80.26
N ILE G 97 9.86 22.55 80.32
CA ILE G 97 9.65 21.80 81.55
C ILE G 97 9.13 22.72 82.65
N THR G 98 7.87 23.13 82.54
CA THR G 98 7.21 23.89 83.60
C THR G 98 6.52 22.95 84.56
N PHE G 99 6.58 23.27 85.85
CA PHE G 99 5.98 22.45 86.89
C PHE G 99 4.80 23.17 87.52
N GLY G 100 3.79 22.38 87.90
CA GLY G 100 2.61 22.93 88.55
C GLY G 100 2.88 23.33 89.99
N GLN G 101 1.93 24.08 90.55
CA GLN G 101 2.07 24.55 91.92
C GLN G 101 1.85 23.44 92.94
N GLY G 102 1.22 22.34 92.54
CA GLY G 102 1.04 21.22 93.43
C GLY G 102 -0.29 21.22 94.16
N THR G 103 -0.91 20.03 94.27
CA THR G 103 -2.16 19.86 94.98
C THR G 103 -1.93 18.93 96.16
N ARG G 104 -2.23 19.41 97.36
CA ARG G 104 -2.06 18.62 98.58
C ARG G 104 -3.35 17.85 98.85
N LEU G 105 -3.24 16.52 98.87
CA LEU G 105 -4.38 15.65 99.11
C LEU G 105 -4.28 15.10 100.53
N GLU G 106 -5.27 15.42 101.37
CA GLU G 106 -5.30 15.02 102.75
C GLU G 106 -6.61 14.34 103.09
N THR G 107 -6.64 13.66 104.23
CA THR G 107 -7.80 12.89 104.67
C THR G 107 -8.73 13.78 105.49
N LYS G 108 -9.96 13.93 105.03
CA LYS G 108 -10.96 14.69 105.76
C LYS G 108 -11.55 13.85 106.89
N VAL H 2 -22.46 1.13 53.38
CA VAL H 2 -23.43 2.13 53.79
C VAL H 2 -24.53 1.48 54.61
N GLN H 3 -25.37 2.30 55.24
CA GLN H 3 -26.42 1.80 56.12
C GLN H 3 -27.73 2.53 55.86
N LEU H 4 -28.84 1.82 56.02
CA LEU H 4 -30.17 2.39 55.94
C LEU H 4 -30.96 1.98 57.18
N VAL H 5 -31.69 2.93 57.75
CA VAL H 5 -32.45 2.71 58.97
C VAL H 5 -33.90 3.11 58.73
N GLU H 6 -34.82 2.24 59.08
CA GLU H 6 -36.24 2.50 58.91
C GLU H 6 -36.81 3.15 60.17
N SER H 7 -37.89 3.90 59.99
CA SER H 7 -38.54 4.57 61.10
C SER H 7 -40.02 4.75 60.76
N GLY H 8 -40.87 4.60 61.77
CA GLY H 8 -42.29 4.81 61.59
C GLY H 8 -43.10 3.98 62.55
N PRO H 9 -44.37 4.30 62.72
CA PRO H 9 -45.22 3.51 63.62
C PRO H 9 -45.27 2.05 63.18
N GLY H 10 -45.22 1.15 64.16
CA GLY H 10 -45.32 -0.26 63.90
C GLY H 10 -46.74 -0.79 63.80
N LEU H 11 -47.73 0.05 64.06
CA LEU H 11 -49.13 -0.31 63.95
C LEU H 11 -49.85 0.68 63.08
N VAL H 12 -50.68 0.18 62.17
CA VAL H 12 -51.53 1.01 61.32
C VAL H 12 -52.92 0.39 61.31
N LYS H 13 -53.93 1.20 61.65
CA LYS H 13 -55.28 0.70 61.62
C LYS H 13 -55.73 0.49 60.18
N PRO H 14 -56.66 -0.43 59.94
CA PRO H 14 -57.11 -0.67 58.56
C PRO H 14 -57.72 0.58 57.94
N SER H 15 -57.60 0.68 56.61
CA SER H 15 -58.17 1.79 55.85
C SER H 15 -57.55 3.12 56.25
N GLU H 16 -56.29 3.10 56.67
CA GLU H 16 -55.55 4.32 57.01
C GLU H 16 -54.18 4.27 56.35
N THR H 17 -53.56 5.44 56.24
CA THR H 17 -52.28 5.57 55.57
C THR H 17 -51.16 5.04 56.46
N LEU H 18 -50.27 4.25 55.88
CA LEU H 18 -49.09 3.73 56.56
C LEU H 18 -47.88 4.54 56.09
N SER H 19 -47.25 5.25 57.00
CA SER H 19 -46.12 6.11 56.70
C SER H 19 -44.84 5.51 57.24
N LEU H 20 -43.78 5.55 56.43
CA LEU H 20 -42.46 5.11 56.85
C LEU H 20 -41.40 6.05 56.28
N THR H 21 -40.28 6.17 56.99
CA THR H 21 -39.18 7.03 56.56
C THR H 21 -37.88 6.26 56.73
N CYS H 22 -37.10 6.20 55.66
CA CYS H 22 -35.79 5.56 55.66
C CYS H 22 -34.72 6.64 55.65
N THR H 23 -33.82 6.58 56.63
CA THR H 23 -32.71 7.50 56.74
C THR H 23 -31.44 6.72 56.48
N VAL H 24 -30.67 7.17 55.52
CA VAL H 24 -29.39 6.54 55.18
C VAL H 24 -28.27 7.33 55.81
N SER H 25 -27.21 6.63 56.21
CA SER H 25 -25.95 7.30 56.46
C SER H 25 -24.81 6.34 56.12
N GLY H 26 -24.45 6.30 54.85
CA GLY H 26 -23.14 5.87 54.42
C GLY H 26 -22.68 6.64 53.20
N GLY H 27 -23.51 7.58 52.76
CA GLY H 27 -23.32 8.22 51.48
C GLY H 27 -24.19 9.45 51.30
N SER H 28 -24.74 9.60 50.10
CA SER H 28 -25.57 10.74 49.74
C SER H 28 -26.73 10.27 48.89
N ILE H 29 -27.92 10.80 49.15
CA ILE H 29 -29.08 10.47 48.33
C ILE H 29 -29.13 11.35 47.09
N SER H 30 -28.48 12.51 47.12
CA SER H 30 -28.42 13.40 45.96
C SER H 30 -27.48 12.89 44.88
N SER H 31 -26.88 11.72 45.04
CA SER H 31 -26.00 11.18 44.01
C SER H 31 -26.80 10.77 42.79
N SER H 32 -26.27 11.06 41.61
CA SER H 32 -26.92 10.71 40.35
C SER H 32 -26.41 9.37 39.82
N SER H 33 -26.39 8.36 40.67
CA SER H 33 -25.98 7.02 40.24
C SER H 33 -26.83 5.94 40.89
N HIS H 34 -27.75 6.32 41.77
CA HIS H 34 -28.46 5.35 42.59
C HIS H 34 -29.91 5.77 42.82
N TYR H 35 -30.77 4.75 42.87
CA TYR H 35 -32.15 4.88 43.29
C TYR H 35 -32.28 4.42 44.75
N TRP H 36 -33.41 4.77 45.36
CA TRP H 36 -33.71 4.38 46.73
C TRP H 36 -35.11 3.78 46.75
N GLY H 37 -35.21 2.49 47.09
CA GLY H 37 -36.45 1.76 46.95
C GLY H 37 -36.90 1.17 48.28
N TRP H 38 -38.13 0.67 48.26
CA TRP H 38 -38.73 -0.02 49.39
C TRP H 38 -39.16 -1.40 48.94
N ILE H 39 -38.87 -2.42 49.75
CA ILE H 39 -39.24 -3.80 49.45
C ILE H 39 -39.85 -4.39 50.71
N ARG H 40 -41.07 -4.93 50.58
CA ARG H 40 -41.78 -5.49 51.71
C ARG H 40 -41.94 -6.99 51.51
N GLN H 41 -42.08 -7.69 52.63
CA GLN H 41 -42.44 -9.10 52.58
C GLN H 41 -43.32 -9.44 53.78
N PRO H 42 -44.49 -10.03 53.57
CA PRO H 42 -45.28 -10.50 54.71
C PRO H 42 -44.54 -11.60 55.46
N PRO H 43 -44.91 -11.86 56.72
CA PRO H 43 -44.24 -12.94 57.47
C PRO H 43 -44.39 -14.27 56.75
N GLY H 44 -43.26 -14.95 56.55
CA GLY H 44 -43.28 -16.24 55.90
C GLY H 44 -43.63 -16.21 54.43
N LYS H 45 -43.44 -15.06 53.77
CA LYS H 45 -43.75 -14.91 52.35
C LYS H 45 -42.54 -14.34 51.64
N GLY H 46 -42.69 -14.12 50.33
CA GLY H 46 -41.61 -13.66 49.49
C GLY H 46 -41.47 -12.14 49.50
N LEU H 47 -40.46 -11.68 48.76
CA LEU H 47 -40.19 -10.25 48.66
C LEU H 47 -41.12 -9.60 47.63
N GLU H 48 -41.44 -8.33 47.89
CA GLU H 48 -42.29 -7.56 46.99
C GLU H 48 -41.73 -6.14 46.93
N TRP H 49 -41.18 -5.77 45.77
CA TRP H 49 -40.74 -4.40 45.58
C TRP H 49 -41.94 -3.48 45.49
N ILE H 50 -41.91 -2.39 46.27
CA ILE H 50 -43.03 -1.46 46.34
C ILE H 50 -42.80 -0.35 45.33
N GLY H 51 -41.71 0.39 45.52
CA GLY H 51 -41.41 1.53 44.68
C GLY H 51 -40.01 2.04 44.89
N SER H 52 -39.46 2.66 43.85
CA SER H 52 -38.13 3.25 43.88
C SER H 52 -38.23 4.73 43.49
N ILE H 53 -37.49 5.57 44.21
CA ILE H 53 -37.49 7.00 43.99
C ILE H 53 -36.08 7.45 43.63
N TYR H 54 -36.02 8.43 42.73
CA TYR H 54 -34.80 9.10 42.34
C TYR H 54 -34.67 10.41 43.12
N TYR H 55 -33.48 11.01 43.07
CA TYR H 55 -33.23 12.18 43.90
C TYR H 55 -34.04 13.40 43.45
N SER H 56 -34.29 13.56 42.15
CA SER H 56 -34.88 14.82 41.70
C SER H 56 -36.27 15.01 42.29
N GLU H 57 -37.28 14.31 41.77
CA GLU H 57 -38.53 14.13 42.51
C GLU H 57 -39.18 12.79 42.22
N SER H 58 -39.02 12.29 40.99
CA SER H 58 -39.92 11.27 40.47
C SER H 58 -39.60 9.89 41.04
N ALA H 59 -40.54 8.97 40.81
CA ALA H 59 -40.42 7.60 41.30
C ALA H 59 -41.32 6.70 40.46
N TYR H 60 -41.06 5.40 40.55
CA TYR H 60 -41.91 4.40 39.91
C TYR H 60 -42.23 3.29 40.90
N TYR H 61 -43.47 2.82 40.86
CA TYR H 61 -44.04 1.95 41.90
C TYR H 61 -44.53 0.65 41.27
N ASN H 62 -45.20 -0.17 42.08
CA ASN H 62 -45.72 -1.44 41.63
C ASN H 62 -46.97 -1.21 40.78
N PRO H 63 -47.24 -2.07 39.79
CA PRO H 63 -48.46 -1.89 38.97
C PRO H 63 -49.73 -2.33 39.67
N SER H 64 -49.65 -2.60 40.97
CA SER H 64 -50.82 -3.04 41.74
C SER H 64 -51.04 -2.13 42.94
N LEU H 65 -49.96 -1.63 43.54
CA LEU H 65 -50.05 -0.74 44.68
C LEU H 65 -49.89 0.72 44.28
N LYS H 66 -49.86 1.03 42.98
CA LYS H 66 -49.57 2.39 42.56
C LYS H 66 -50.70 3.35 42.94
N SER H 67 -51.95 2.87 42.94
CA SER H 67 -53.08 3.73 43.26
C SER H 67 -52.97 4.26 44.68
N ARG H 68 -52.66 3.39 45.64
CA ARG H 68 -52.63 3.74 47.06
C ARG H 68 -51.21 3.85 47.60
N VAL H 69 -50.25 4.27 46.77
CA VAL H 69 -48.87 4.41 47.21
C VAL H 69 -48.29 5.71 46.66
N THR H 70 -47.44 6.34 47.47
CA THR H 70 -46.69 7.51 47.04
C THR H 70 -45.34 7.48 47.76
N MET H 71 -44.34 8.10 47.13
CA MET H 71 -43.01 8.18 47.72
C MET H 71 -42.53 9.62 47.67
N SER H 72 -41.71 9.98 48.66
CA SER H 72 -41.19 11.33 48.78
C SER H 72 -39.72 11.23 49.14
N ILE H 73 -38.97 12.32 48.90
CA ILE H 73 -37.55 12.35 49.19
C ILE H 73 -37.21 13.68 49.85
N ASP H 74 -36.10 13.68 50.60
CA ASP H 74 -35.61 14.88 51.28
C ASP H 74 -34.09 14.80 51.29
N THR H 75 -33.45 15.50 50.35
CA THR H 75 -31.99 15.50 50.30
C THR H 75 -31.39 16.21 51.51
N SER H 76 -32.06 17.27 51.97
CA SER H 76 -31.54 18.02 53.11
C SER H 76 -31.35 17.12 54.32
N LYS H 77 -32.40 16.37 54.68
CA LYS H 77 -32.30 15.41 55.76
C LYS H 77 -31.73 14.07 55.31
N ASN H 78 -31.47 13.91 54.02
CA ASN H 78 -30.84 12.70 53.50
C ASN H 78 -31.66 11.47 53.84
N GLN H 79 -32.93 11.51 53.45
CA GLN H 79 -33.82 10.40 53.77
C GLN H 79 -35.03 10.43 52.84
N PHE H 80 -35.62 9.27 52.62
CA PHE H 80 -36.75 9.13 51.72
C PHE H 80 -37.88 8.37 52.41
N SER H 81 -39.10 8.78 52.13
CA SER H 81 -40.26 8.28 52.84
C SER H 81 -41.25 7.64 51.88
N LEU H 82 -42.17 6.89 52.48
CA LEU H 82 -43.15 6.07 51.79
C LEU H 82 -44.50 6.25 52.47
N LYS H 83 -45.56 6.38 51.66
CA LYS H 83 -46.92 6.46 52.13
C LYS H 83 -47.74 5.40 51.40
N LEU H 84 -48.47 4.59 52.16
CA LEU H 84 -49.31 3.53 51.61
C LEU H 84 -50.73 3.78 52.10
N ASN H 85 -51.56 4.39 51.25
CA ASN H 85 -52.90 4.77 51.65
C ASN H 85 -53.81 3.55 51.72
N SER H 86 -54.87 3.68 52.50
CA SER H 86 -55.90 2.65 52.65
C SER H 86 -55.25 1.28 52.90
N VAL H 87 -54.51 1.20 54.00
CA VAL H 87 -53.81 -0.02 54.35
C VAL H 87 -54.83 -1.07 54.79
N THR H 88 -54.82 -2.22 54.12
CA THR H 88 -55.64 -3.36 54.49
C THR H 88 -54.84 -4.28 55.40
N ALA H 89 -55.46 -5.41 55.77
CA ALA H 89 -54.77 -6.39 56.61
C ALA H 89 -53.70 -7.17 55.86
N ALA H 90 -53.64 -7.06 54.53
CA ALA H 90 -52.64 -7.74 53.74
C ALA H 90 -51.30 -7.00 53.70
N ASP H 91 -51.23 -5.82 54.29
CA ASP H 91 -50.00 -5.04 54.37
C ASP H 91 -49.17 -5.36 55.60
N THR H 92 -49.61 -6.32 56.40
CA THR H 92 -48.88 -6.74 57.59
C THR H 92 -47.58 -7.40 57.14
N ALA H 93 -46.46 -6.69 57.26
CA ALA H 93 -45.23 -7.17 56.64
C ALA H 93 -44.03 -6.45 57.22
N VAL H 94 -42.85 -6.97 56.88
CA VAL H 94 -41.59 -6.29 57.18
C VAL H 94 -41.16 -5.51 55.96
N TYR H 95 -40.90 -4.23 56.15
CA TYR H 95 -40.53 -3.31 55.09
C TYR H 95 -39.06 -2.95 55.23
N TYR H 96 -38.27 -3.22 54.18
CA TYR H 96 -36.89 -2.79 54.08
C TYR H 96 -36.79 -1.63 53.10
N CYS H 97 -35.78 -0.78 53.30
CA CYS H 97 -35.43 0.25 52.34
C CYS H 97 -34.01 -0.04 51.85
N ALA H 98 -33.86 -0.12 50.53
CA ALA H 98 -32.64 -0.60 49.90
C ALA H 98 -32.13 0.42 48.88
N ARG H 99 -30.87 0.21 48.51
CA ARG H 99 -30.14 1.08 47.58
C ARG H 99 -30.04 0.38 46.24
N VAL H 100 -30.45 1.07 45.19
CA VAL H 100 -30.65 0.48 43.87
C VAL H 100 -29.64 1.07 42.90
N THR H 101 -29.12 0.23 42.01
CA THR H 101 -28.16 0.64 40.98
C THR H 101 -28.65 0.08 39.66
N GLU H 102 -29.01 0.97 38.73
CA GLU H 102 -29.60 0.61 37.43
C GLU H 102 -28.69 1.11 36.32
N PRO H 103 -27.63 0.38 35.98
CA PRO H 103 -26.68 0.94 35.00
C PRO H 103 -27.08 0.85 33.53
N ARG H 104 -27.57 -0.31 33.03
CA ARG H 104 -27.79 -0.39 31.58
C ARG H 104 -29.24 -0.30 31.12
N TRP H 105 -29.99 -1.39 31.19
CA TRP H 105 -31.45 -1.34 31.03
C TRP H 105 -32.15 -2.20 32.07
N THR H 106 -31.85 -3.50 32.04
CA THR H 106 -32.50 -4.50 32.87
C THR H 106 -31.68 -4.84 34.11
N SER H 107 -30.50 -4.25 34.26
CA SER H 107 -29.66 -4.47 35.42
C SER H 107 -30.17 -3.59 36.55
N CYS H 108 -30.85 -4.19 37.52
CA CYS H 108 -31.48 -3.45 38.61
C CYS H 108 -31.36 -4.32 39.86
N TYR H 109 -30.33 -4.05 40.65
CA TYR H 109 -30.04 -4.82 41.85
C TYR H 109 -30.01 -3.91 43.07
N PHE H 110 -30.42 -4.46 44.21
CA PHE H 110 -30.44 -3.74 45.47
C PHE H 110 -29.10 -3.98 46.15
N ASP H 111 -28.21 -3.00 46.07
CA ASP H 111 -26.83 -3.19 46.51
C ASP H 111 -26.78 -3.52 48.00
N TYR H 112 -27.20 -2.58 48.83
CA TYR H 112 -27.18 -2.73 50.28
C TYR H 112 -28.60 -2.53 50.81
N TRP H 113 -29.07 -3.49 51.59
CA TRP H 113 -30.40 -3.43 52.19
C TRP H 113 -30.33 -2.84 53.59
N GLY H 114 -31.48 -2.39 54.07
CA GLY H 114 -31.66 -2.03 55.45
C GLY H 114 -32.24 -3.21 56.23
N GLN H 115 -32.15 -3.12 57.56
CA GLN H 115 -32.64 -4.21 58.40
C GLN H 115 -34.15 -4.33 58.28
N GLY H 116 -34.85 -3.23 58.14
CA GLY H 116 -36.30 -3.28 57.95
C GLY H 116 -37.06 -3.23 59.26
N THR H 117 -38.29 -2.73 59.17
CA THR H 117 -39.18 -2.63 60.32
C THR H 117 -40.47 -3.37 60.02
N LEU H 118 -41.02 -4.00 61.06
CA LEU H 118 -42.23 -4.80 60.93
C LEU H 118 -43.42 -3.92 61.26
N VAL H 119 -44.29 -3.69 60.28
CA VAL H 119 -45.53 -2.97 60.47
C VAL H 119 -46.66 -3.99 60.37
N THR H 120 -47.39 -4.16 61.48
CA THR H 120 -48.55 -5.04 61.53
C THR H 120 -49.79 -4.17 61.56
N VAL H 121 -50.67 -4.37 60.58
CA VAL H 121 -51.89 -3.60 60.43
C VAL H 121 -53.03 -4.43 60.99
N SER H 122 -53.62 -3.97 62.10
CA SER H 122 -54.74 -4.66 62.73
C SER H 122 -55.52 -3.64 63.53
N SER H 123 -56.75 -4.02 63.87
CA SER H 123 -57.62 -3.14 64.65
C SER H 123 -57.71 -3.61 66.10
N GLU I 1 -47.66 -11.53 30.27
CA GLU I 1 -46.82 -10.99 31.38
C GLU I 1 -45.59 -11.87 31.61
N ILE I 2 -44.47 -11.23 31.94
CA ILE I 2 -43.24 -11.95 32.25
C ILE I 2 -43.35 -12.50 33.67
N VAL I 3 -43.65 -13.79 33.80
CA VAL I 3 -43.82 -14.43 35.10
C VAL I 3 -42.52 -15.14 35.47
N MET I 4 -42.16 -15.06 36.74
CA MET I 4 -40.94 -15.66 37.27
C MET I 4 -41.28 -16.99 37.92
N THR I 5 -40.50 -18.03 37.61
CA THR I 5 -40.69 -19.32 38.27
C THR I 5 -39.34 -19.86 38.74
N GLN I 6 -39.16 -19.97 40.05
CA GLN I 6 -37.99 -20.60 40.63
C GLN I 6 -38.26 -22.08 40.89
N SER I 7 -37.17 -22.85 41.00
CA SER I 7 -37.24 -24.27 41.24
C SER I 7 -35.97 -24.73 41.92
N PRO I 8 -36.05 -25.66 42.89
CA PRO I 8 -37.27 -26.19 43.50
C PRO I 8 -37.71 -25.34 44.70
N ALA I 9 -38.91 -25.60 45.21
CA ALA I 9 -39.37 -24.86 46.39
C ALA I 9 -38.46 -25.13 47.58
N THR I 10 -38.10 -26.40 47.78
CA THR I 10 -37.20 -26.79 48.86
C THR I 10 -36.08 -27.64 48.29
N LEU I 11 -34.86 -27.41 48.77
CA LEU I 11 -33.69 -28.12 48.29
C LEU I 11 -32.99 -28.74 49.50
N SER I 12 -32.82 -30.06 49.46
CA SER I 12 -32.27 -30.81 50.58
C SER I 12 -30.88 -31.30 50.19
N LEU I 13 -29.86 -30.65 50.73
CA LEU I 13 -28.48 -31.05 50.49
C LEU I 13 -27.68 -30.82 51.77
N SER I 14 -26.57 -31.54 51.89
CA SER I 14 -25.71 -31.46 53.06
C SER I 14 -24.43 -30.69 52.73
N PRO I 15 -23.75 -30.15 53.74
CA PRO I 15 -22.51 -29.41 53.47
C PRO I 15 -21.50 -30.28 52.73
N GLY I 16 -20.79 -29.66 51.80
CA GLY I 16 -19.80 -30.33 50.98
C GLY I 16 -20.27 -30.61 49.56
N GLU I 17 -21.58 -30.65 49.34
CA GLU I 17 -22.14 -30.88 48.02
C GLU I 17 -22.26 -29.55 47.28
N ARG I 18 -22.87 -29.58 46.09
CA ARG I 18 -23.11 -28.39 45.31
C ARG I 18 -24.59 -28.30 44.97
N ALA I 19 -25.15 -27.09 45.09
CA ALA I 19 -26.56 -26.86 44.87
C ALA I 19 -26.78 -26.11 43.56
N THR I 20 -27.91 -26.41 42.91
CA THR I 20 -28.27 -25.83 41.61
C THR I 20 -29.72 -25.36 41.68
N LEU I 21 -29.92 -24.05 41.83
CA LEU I 21 -31.24 -23.45 41.84
C LEU I 21 -31.55 -22.92 40.45
N SER I 22 -32.78 -23.13 39.98
CA SER I 22 -33.20 -22.71 38.64
C SER I 22 -34.18 -21.55 38.74
N CYS I 23 -34.00 -20.54 37.88
CA CYS I 23 -34.90 -19.38 37.84
C CYS I 23 -35.23 -19.11 36.37
N ARG I 24 -36.35 -19.69 35.91
CA ARG I 24 -36.74 -19.52 34.51
C ARG I 24 -37.82 -18.45 34.37
N THR I 25 -37.63 -17.58 33.40
CA THR I 25 -38.63 -16.58 33.06
C THR I 25 -39.63 -17.18 32.07
N SER I 26 -40.73 -16.47 31.88
CA SER I 26 -41.72 -16.90 30.91
C SER I 26 -41.11 -16.93 29.51
N GLN I 27 -41.87 -17.49 28.57
CA GLN I 27 -41.44 -17.46 27.17
C GLN I 27 -41.49 -16.02 26.70
N SER I 28 -40.39 -15.31 26.89
CA SER I 28 -40.35 -13.86 26.77
C SER I 28 -38.92 -13.36 26.63
N VAL I 29 -38.70 -12.08 26.91
CA VAL I 29 -37.41 -11.43 26.68
C VAL I 29 -36.34 -12.11 27.54
N THR I 30 -35.08 -11.75 27.29
CA THR I 30 -33.93 -12.34 27.96
C THR I 30 -32.89 -11.26 28.17
N SER I 31 -32.32 -11.21 29.37
CA SER I 31 -31.28 -10.22 29.69
C SER I 31 -30.54 -10.59 30.97
N TYR I 32 -30.76 -9.82 32.04
CA TYR I 32 -30.01 -9.98 33.28
C TYR I 32 -30.91 -10.54 34.38
N LEU I 33 -30.26 -10.98 35.45
CA LEU I 33 -30.95 -11.54 36.61
C LEU I 33 -30.09 -11.33 37.83
N ALA I 34 -30.75 -11.19 38.99
CA ALA I 34 -30.09 -10.98 40.26
C ALA I 34 -30.46 -12.12 41.21
N TRP I 35 -29.49 -12.61 41.97
CA TRP I 35 -29.70 -13.62 42.98
C TRP I 35 -29.41 -13.03 44.35
N TYR I 36 -30.33 -13.27 45.30
CA TYR I 36 -30.23 -12.75 46.66
C TYR I 36 -30.38 -13.89 47.66
N GLN I 37 -29.71 -13.74 48.80
CA GLN I 37 -29.77 -14.70 49.90
C GLN I 37 -30.40 -14.04 51.12
N GLN I 38 -31.31 -14.75 51.77
CA GLN I 38 -31.99 -14.25 52.96
C GLN I 38 -32.04 -15.35 54.00
N ARG I 39 -31.40 -15.11 55.15
CA ARG I 39 -31.46 -15.98 56.30
C ARG I 39 -32.58 -15.54 57.22
N PRO I 40 -33.06 -16.43 58.10
CA PRO I 40 -34.18 -16.08 58.98
C PRO I 40 -33.86 -14.83 59.81
N GLY I 41 -34.79 -13.88 59.81
CA GLY I 41 -34.66 -12.69 60.62
C GLY I 41 -33.72 -11.64 60.10
N GLN I 42 -33.16 -11.82 58.90
CA GLN I 42 -32.24 -10.87 58.31
C GLN I 42 -32.77 -10.38 56.97
N ALA I 43 -32.39 -9.16 56.61
CA ALA I 43 -32.76 -8.62 55.32
C ALA I 43 -32.04 -9.39 54.20
N PRO I 44 -32.68 -9.55 53.05
CA PRO I 44 -32.04 -10.30 51.96
C PRO I 44 -30.71 -9.67 51.56
N ARG I 45 -29.73 -10.52 51.28
CA ARG I 45 -28.38 -10.11 50.93
C ARG I 45 -28.13 -10.34 49.45
N LEU I 46 -27.53 -9.36 48.79
CA LEU I 46 -27.25 -9.49 47.36
C LEU I 46 -26.11 -10.47 47.14
N LEU I 47 -26.37 -11.49 46.33
CA LEU I 47 -25.36 -12.49 45.97
C LEU I 47 -24.75 -12.25 44.60
N ILE I 48 -25.59 -12.07 43.58
CA ILE I 48 -25.13 -12.03 42.19
C ILE I 48 -25.96 -11.01 41.42
N TYR I 49 -25.31 -10.22 40.57
CA TYR I 49 -25.99 -9.28 39.70
C TYR I 49 -25.50 -9.45 38.25
N ASP I 50 -26.24 -8.83 37.33
CA ASP I 50 -26.00 -8.92 35.89
C ASP I 50 -25.78 -10.37 35.46
N ALA I 51 -26.55 -11.25 36.08
CA ALA I 51 -26.75 -12.63 35.66
C ALA I 51 -25.52 -13.50 35.86
N SER I 52 -24.35 -12.91 36.05
CA SER I 52 -23.32 -13.54 36.87
C SER I 52 -22.27 -12.51 37.27
N ASP I 53 -22.45 -11.86 38.41
CA ASP I 53 -21.41 -11.05 39.02
C ASP I 53 -21.52 -11.15 40.53
N ARG I 54 -20.53 -11.77 41.15
CA ARG I 54 -20.52 -11.90 42.60
C ARG I 54 -20.54 -10.52 43.24
N ALA I 55 -21.46 -10.32 44.18
CA ALA I 55 -21.54 -9.05 44.88
C ALA I 55 -20.30 -8.85 45.75
N THR I 56 -20.17 -7.64 46.30
CA THR I 56 -19.00 -7.31 47.09
C THR I 56 -18.97 -8.15 48.36
N GLY I 57 -18.10 -9.13 48.41
CA GLY I 57 -17.95 -9.99 49.55
C GLY I 57 -18.55 -11.38 49.42
N ILE I 58 -18.79 -11.86 48.20
CA ILE I 58 -19.39 -13.17 47.96
C ILE I 58 -18.27 -14.16 47.68
N PRO I 59 -18.22 -15.31 48.38
CA PRO I 59 -17.14 -16.27 48.12
C PRO I 59 -17.19 -16.81 46.71
N ALA I 60 -16.06 -17.40 46.30
CA ALA I 60 -15.93 -17.93 44.95
C ALA I 60 -16.84 -19.12 44.68
N ARG I 61 -17.37 -19.76 45.72
CA ARG I 61 -18.20 -20.94 45.51
C ARG I 61 -19.55 -20.61 44.90
N PHE I 62 -19.97 -19.33 44.93
CA PHE I 62 -21.21 -18.91 44.28
C PHE I 62 -20.93 -18.58 42.82
N SER I 63 -21.85 -18.99 41.94
CA SER I 63 -21.71 -18.68 40.52
C SER I 63 -23.09 -18.66 39.88
N GLY I 64 -23.16 -18.02 38.72
CA GLY I 64 -24.40 -17.94 37.98
C GLY I 64 -24.25 -18.34 36.54
N SER I 65 -25.14 -19.21 36.07
CA SER I 65 -25.19 -19.58 34.66
C SER I 65 -26.11 -18.62 33.92
N GLY I 66 -25.55 -17.47 33.56
CA GLY I 66 -26.36 -16.47 32.92
C GLY I 66 -26.49 -16.75 31.45
N SER I 67 -27.66 -17.29 31.09
CA SER I 67 -27.97 -17.74 29.74
C SER I 67 -29.40 -17.31 29.46
N GLY I 68 -30.07 -17.93 28.49
CA GLY I 68 -31.30 -17.38 27.94
C GLY I 68 -32.52 -17.95 28.63
N THR I 69 -33.54 -17.10 28.77
CA THR I 69 -34.74 -17.42 29.52
C THR I 69 -34.40 -18.01 30.89
N ASP I 70 -33.93 -19.25 30.92
CA ASP I 70 -33.62 -19.91 32.18
C ASP I 70 -32.25 -19.50 32.70
N PHE I 71 -32.18 -19.29 34.01
CA PHE I 71 -30.95 -18.98 34.71
C PHE I 71 -30.73 -20.00 35.80
N THR I 72 -29.52 -20.01 36.35
CA THR I 72 -29.17 -21.01 37.34
C THR I 72 -28.12 -20.45 38.29
N LEU I 73 -28.42 -20.51 39.58
CA LEU I 73 -27.47 -20.19 40.64
C LEU I 73 -26.84 -21.48 41.14
N THR I 74 -25.51 -21.51 41.22
CA THR I 74 -24.77 -22.71 41.60
C THR I 74 -23.91 -22.39 42.81
N ILE I 75 -23.96 -23.27 43.79
CA ILE I 75 -23.15 -23.17 45.01
C ILE I 75 -22.22 -24.36 45.02
N SER I 76 -20.92 -24.12 44.81
CA SER I 76 -19.95 -25.19 44.69
C SER I 76 -19.85 -26.05 45.94
N ASN I 77 -19.41 -25.46 47.04
CA ASN I 77 -19.15 -26.18 48.29
C ASN I 77 -20.07 -25.62 49.38
N LEU I 78 -21.17 -26.32 49.64
CA LEU I 78 -22.12 -25.91 50.66
C LEU I 78 -21.46 -25.84 52.02
N GLU I 79 -21.35 -24.65 52.57
CA GLU I 79 -20.89 -24.45 53.93
C GLU I 79 -22.06 -24.51 54.89
N PRO I 80 -21.79 -24.73 56.19
CA PRO I 80 -22.91 -24.83 57.14
C PRO I 80 -23.84 -23.62 57.13
N GLU I 81 -23.30 -22.41 56.96
CA GLU I 81 -24.09 -21.19 57.00
C GLU I 81 -24.57 -20.75 55.62
N ASP I 82 -24.64 -21.67 54.66
CA ASP I 82 -25.11 -21.35 53.31
C ASP I 82 -26.52 -21.86 53.04
N PHE I 83 -27.23 -22.32 54.06
CA PHE I 83 -28.57 -22.85 53.92
C PHE I 83 -29.56 -21.77 54.33
N ALA I 84 -30.20 -21.16 53.33
CA ALA I 84 -31.14 -20.07 53.55
C ALA I 84 -32.09 -20.02 52.35
N VAL I 85 -32.86 -18.95 52.25
CA VAL I 85 -33.83 -18.78 51.16
C VAL I 85 -33.22 -17.91 50.08
N TYR I 86 -33.33 -18.34 48.83
CA TYR I 86 -32.72 -17.63 47.71
C TYR I 86 -33.79 -17.15 46.75
N TYR I 87 -33.72 -15.86 46.40
CA TYR I 87 -34.70 -15.22 45.53
C TYR I 87 -34.00 -14.69 44.29
N CYS I 88 -34.59 -14.95 43.12
CA CYS I 88 -34.12 -14.34 41.89
C CYS I 88 -35.04 -13.19 41.47
N GLN I 89 -34.43 -12.14 40.96
CA GLN I 89 -35.13 -10.89 40.67
C GLN I 89 -34.73 -10.36 39.31
N LEU I 90 -35.72 -9.99 38.50
CA LEU I 90 -35.55 -9.42 37.18
C LEU I 90 -36.03 -7.97 37.19
N ARG I 91 -35.76 -7.26 36.08
CA ARG I 91 -36.32 -5.92 35.87
C ARG I 91 -36.79 -5.84 34.42
N SER I 92 -38.06 -6.18 34.19
CA SER I 92 -38.62 -6.14 32.86
C SER I 92 -39.29 -4.80 32.60
N ASN I 93 -39.86 -4.64 31.40
CA ASN I 93 -40.61 -3.44 31.09
C ASN I 93 -41.85 -3.33 31.96
N TRP I 94 -42.66 -4.39 31.99
CA TRP I 94 -43.88 -4.39 32.75
C TRP I 94 -44.25 -5.82 33.11
N PRO I 95 -44.32 -6.18 34.42
CA PRO I 95 -44.08 -5.31 35.58
C PRO I 95 -42.60 -5.09 35.84
N PRO I 96 -42.23 -3.92 36.33
CA PRO I 96 -40.83 -3.68 36.69
C PRO I 96 -40.47 -4.33 38.01
N ILE I 97 -39.25 -4.87 38.08
CA ILE I 97 -38.72 -5.47 39.30
C ILE I 97 -39.63 -6.60 39.78
N THR I 98 -39.58 -7.73 39.10
CA THR I 98 -40.30 -8.93 39.54
C THR I 98 -39.38 -9.80 40.40
N PHE I 99 -39.96 -10.39 41.45
CA PHE I 99 -39.23 -11.23 42.39
C PHE I 99 -39.64 -12.68 42.23
N GLY I 100 -38.68 -13.58 42.43
CA GLY I 100 -38.95 -14.99 42.38
C GLY I 100 -39.68 -15.49 43.62
N GLN I 101 -40.24 -16.69 43.50
CA GLN I 101 -40.99 -17.28 44.61
C GLN I 101 -40.07 -17.72 45.74
N GLY I 102 -38.78 -17.91 45.48
CA GLY I 102 -37.84 -18.27 46.52
C GLY I 102 -37.60 -19.75 46.62
N THR I 103 -36.35 -20.14 46.87
CA THR I 103 -35.95 -21.53 47.04
C THR I 103 -35.37 -21.71 48.43
N ARG I 104 -35.96 -22.60 49.22
CA ARG I 104 -35.51 -22.87 50.58
C ARG I 104 -34.45 -23.97 50.54
N LEU I 105 -33.26 -23.65 51.01
CA LEU I 105 -32.14 -24.60 51.04
C LEU I 105 -31.91 -25.05 52.48
N GLU I 106 -32.06 -26.35 52.71
CA GLU I 106 -31.94 -26.93 54.05
C GLU I 106 -30.96 -28.10 54.03
N THR I 107 -30.55 -28.51 55.23
CA THR I 107 -29.57 -29.57 55.39
C THR I 107 -30.28 -30.92 55.47
N LYS I 108 -29.97 -31.82 54.53
CA LYS I 108 -30.52 -33.17 54.56
C LYS I 108 -29.74 -34.04 55.53
#